data_6M04
#
_entry.id   6M04
#
_cell.length_a   1.00
_cell.length_b   1.00
_cell.length_c   1.00
_cell.angle_alpha   90.00
_cell.angle_beta   90.00
_cell.angle_gamma   90.00
#
_symmetry.space_group_name_H-M   'P 1'
#
_entity_poly.entity_id   1
_entity_poly.type   'polypeptide(L)'
_entity_poly.pdbx_seq_one_letter_code
;MFTLAEVASLNDIQPTYRILKPWWDVFMDYLAVVMLMVAIFAGTMQLTKDQVVCLPVLPSPVNSKAHTPPGNAEVTTNIP
KMEAATNQDQDGRTTNDISFGTSAVTPDIPLRATYPRTDFALPNQEAKKEKKDPTGRKTNLDFQQYVFINQMCYHLALPW
YSKYFPYLALIHTIILMVSSNFWFKYPKTCSKVEHFVSILGKCFESPWTTKALSETACEDSEENKQRITGAQTLPKHVST
SSDEGSPSASTPMINKTGFKFSAEKPVIEVPSMTILDKKDGEQAKALFEKVRKFRAHVEDSDLIYKLYVVQTVIKTAKFI
FILCYTANFVNAISFEHVCKPKVEHLIGYEVFECTHNMAYMLKKLLISYISIICVYGFICLYTLFWLFRIPLKEYSFEKV
REESSFSDIPDVKNDFAFLLHMVDQYDQLYSKRFGVFLSEVSENKLREISLNHEWTFEKLRQHISRNAQDKQELHLFMLS
GVPDAVFDLTDLDVLKLELIPEAKIPAKISQMTNLQELHLCHCPAKVEQTAFSFLRDHLRCLHVKFTDVAEIPAWVYLLK
NLRELYLIGNLNSENNKMIGLESLRELRHLKILHVKSNLTKVPSNITDVAPHLTKLVIHNDGTKLLVLNSLKKMMNVAEL
ELQNCELERIPHAIFSLSNLQELDLKSNNIRTIEEIISFQHLKRLTCLKLWHNKIVTIPPSITHVKNLESLYFSNNKLES
LPVAVFSLQKLRCLDVSYNNISMIPIEIGLLQNLQHLHITGNKVDILPKQLFKCIKLRTLNLGQNCITSLPEKVGQLSQL
TQLELKGNCFDRLPAQLGQCRMLKKSGLVVEDHLFDTLPLEVKEALNQDINIPFANGIGTENLYFQ
;
_entity_poly.pdbx_strand_id   A,B,C,D,E,F
#
# COMPACT_ATOMS: atom_id res chain seq x y z
N PHE A 2 -31.16 26.26 -41.91
CA PHE A 2 -32.26 25.56 -41.26
C PHE A 2 -32.08 24.04 -41.41
N THR A 3 -32.22 23.34 -40.28
CA THR A 3 -32.24 21.88 -40.19
C THR A 3 -30.96 21.29 -40.80
N LEU A 4 -29.85 21.57 -40.15
CA LEU A 4 -28.57 21.21 -40.74
C LEU A 4 -28.16 19.79 -40.36
N ALA A 5 -27.05 19.35 -40.94
CA ALA A 5 -26.57 17.99 -40.70
C ALA A 5 -26.11 17.80 -39.26
N GLU A 6 -25.53 18.83 -38.65
CA GLU A 6 -25.03 18.72 -37.30
C GLU A 6 -26.11 18.80 -36.24
N VAL A 7 -27.37 18.96 -36.62
CA VAL A 7 -28.48 18.76 -35.69
C VAL A 7 -29.37 17.60 -36.09
N ALA A 8 -29.41 17.23 -37.38
CA ALA A 8 -30.08 15.99 -37.74
C ALA A 8 -29.29 14.77 -37.27
N SER A 9 -27.97 14.89 -37.17
CA SER A 9 -27.17 13.82 -36.58
C SER A 9 -27.36 13.74 -35.08
N LEU A 10 -27.39 14.89 -34.41
CA LEU A 10 -27.57 14.91 -32.96
C LEU A 10 -29.01 14.67 -32.54
N ASN A 11 -29.94 14.60 -33.49
CA ASN A 11 -31.24 14.01 -33.20
C ASN A 11 -31.08 12.53 -32.86
N ASP A 12 -30.20 11.82 -33.57
CA ASP A 12 -30.14 10.35 -33.48
C ASP A 12 -28.69 9.88 -33.65
N ILE A 13 -28.05 9.50 -32.54
CA ILE A 13 -26.73 8.90 -32.58
C ILE A 13 -26.54 8.04 -31.33
N GLN A 14 -25.82 6.91 -31.49
CA GLN A 14 -25.44 5.99 -30.43
C GLN A 14 -24.28 6.57 -29.63
N PRO A 15 -24.14 6.21 -28.33
CA PRO A 15 -23.12 6.87 -27.50
C PRO A 15 -21.66 6.63 -27.87
N THR A 16 -21.19 5.39 -27.87
CA THR A 16 -19.77 5.16 -28.14
C THR A 16 -19.47 3.86 -28.87
N TYR A 17 -20.48 3.16 -29.38
CA TYR A 17 -20.31 1.74 -29.68
C TYR A 17 -19.66 1.56 -31.04
N ARG A 18 -18.33 1.46 -31.01
CA ARG A 18 -17.58 1.02 -32.18
C ARG A 18 -17.93 -0.42 -32.53
N ILE A 19 -18.30 -1.22 -31.54
CA ILE A 19 -18.74 -2.59 -31.75
C ILE A 19 -20.23 -2.50 -32.08
N LEU A 20 -20.80 -3.59 -32.59
CA LEU A 20 -22.20 -3.73 -33.02
C LEU A 20 -22.53 -2.81 -34.18
N LYS A 21 -21.53 -2.37 -34.92
CA LYS A 21 -21.75 -1.76 -36.24
C LYS A 21 -20.88 -2.49 -37.25
N PRO A 22 -21.47 -3.36 -38.06
CA PRO A 22 -20.74 -3.93 -39.20
C PRO A 22 -20.43 -2.86 -40.25
N TRP A 23 -19.63 -3.27 -41.23
CA TRP A 23 -19.19 -2.34 -42.27
C TRP A 23 -20.34 -1.84 -43.12
N TRP A 24 -21.34 -2.70 -43.35
CA TRP A 24 -22.47 -2.26 -44.16
C TRP A 24 -23.35 -1.29 -43.39
N ASP A 25 -23.44 -1.45 -42.06
CA ASP A 25 -24.16 -0.47 -41.26
C ASP A 25 -23.46 0.88 -41.25
N VAL A 26 -22.13 0.88 -41.27
CA VAL A 26 -21.40 2.14 -41.30
C VAL A 26 -21.55 2.80 -42.66
N PHE A 27 -21.60 2.01 -43.74
CA PHE A 27 -21.89 2.63 -45.03
C PHE A 27 -23.32 3.13 -45.14
N MET A 28 -24.28 2.45 -44.49
CA MET A 28 -25.65 2.96 -44.45
C MET A 28 -25.72 4.28 -43.71
N ASP A 29 -25.03 4.39 -42.57
CA ASP A 29 -25.05 5.63 -41.79
C ASP A 29 -24.36 6.77 -42.56
N TYR A 30 -23.17 6.49 -43.09
CA TYR A 30 -22.39 7.53 -43.78
C TYR A 30 -23.08 7.98 -45.06
N LEU A 31 -23.65 7.03 -45.80
CA LEU A 31 -24.33 7.38 -47.04
C LEU A 31 -25.67 8.05 -46.76
N ALA A 32 -26.32 7.73 -45.64
CA ALA A 32 -27.52 8.47 -45.25
C ALA A 32 -27.20 9.90 -44.87
N VAL A 33 -26.03 10.11 -44.26
CA VAL A 33 -25.59 11.48 -43.99
C VAL A 33 -25.32 12.24 -45.30
N VAL A 34 -24.73 11.56 -46.28
CA VAL A 34 -24.50 12.19 -47.59
C VAL A 34 -25.82 12.54 -48.27
N MET A 35 -26.80 11.64 -48.18
CA MET A 35 -28.09 11.89 -48.79
C MET A 35 -28.85 12.99 -48.08
N LEU A 36 -28.70 13.10 -46.76
CA LEU A 36 -29.28 14.23 -46.06
C LEU A 36 -28.59 15.54 -46.43
N MET A 37 -27.28 15.49 -46.70
CA MET A 37 -26.57 16.67 -47.15
C MET A 37 -27.10 17.15 -48.50
N VAL A 38 -27.37 16.20 -49.40
CA VAL A 38 -27.92 16.56 -50.71
C VAL A 38 -29.35 17.08 -50.57
N ALA A 39 -30.13 16.52 -49.65
CA ALA A 39 -31.48 17.00 -49.46
C ALA A 39 -31.52 18.39 -48.84
N ILE A 40 -30.59 18.70 -47.93
CA ILE A 40 -30.57 20.03 -47.34
C ILE A 40 -30.02 21.06 -48.32
N PHE A 41 -29.08 20.66 -49.18
CA PHE A 41 -28.65 21.54 -50.25
C PHE A 41 -29.78 21.80 -51.23
N ALA A 42 -30.62 20.79 -51.47
CA ALA A 42 -31.82 20.98 -52.28
C ALA A 42 -32.79 21.95 -51.62
N GLY A 43 -32.96 21.85 -50.31
CA GLY A 43 -33.83 22.78 -49.61
C GLY A 43 -33.34 24.21 -49.65
N THR A 44 -32.03 24.40 -49.48
CA THR A 44 -31.44 25.74 -49.53
C THR A 44 -31.58 26.34 -50.92
N MET A 45 -31.28 25.55 -51.95
CA MET A 45 -31.38 26.04 -53.31
C MET A 45 -32.84 26.27 -53.70
N GLN A 46 -33.76 25.50 -53.13
CA GLN A 46 -35.18 25.71 -53.43
C GLN A 46 -35.69 26.97 -52.78
N LEU A 47 -35.22 27.27 -51.57
CA LEU A 47 -35.64 28.50 -50.93
C LEU A 47 -34.95 29.72 -51.53
N THR A 48 -33.82 29.53 -52.22
CA THR A 48 -33.06 30.68 -52.71
C THR A 48 -33.72 31.32 -53.92
N LYS A 49 -33.79 30.60 -55.05
CA LYS A 49 -34.25 31.17 -56.31
C LYS A 49 -35.31 30.26 -56.94
N ASP A 50 -36.54 30.39 -56.47
CA ASP A 50 -37.60 29.48 -56.87
C ASP A 50 -38.49 30.05 -57.97
N GLN A 51 -38.50 31.37 -58.13
CA GLN A 51 -39.57 32.10 -58.80
C GLN A 51 -39.73 31.69 -60.26
N VAL A 52 -40.97 31.75 -60.73
CA VAL A 52 -41.30 31.46 -62.11
C VAL A 52 -41.56 32.78 -62.79
N VAL A 53 -41.71 32.74 -64.10
CA VAL A 53 -42.14 33.94 -64.80
C VAL A 53 -43.02 33.57 -66.00
N CYS A 54 -44.24 34.10 -66.02
CA CYS A 54 -45.14 33.99 -67.15
C CYS A 54 -45.15 35.25 -67.99
N LEU A 55 -45.66 35.09 -69.20
CA LEU A 55 -46.14 36.20 -70.01
C LEU A 55 -47.13 35.64 -71.04
N PRO A 56 -47.96 36.49 -71.65
CA PRO A 56 -48.96 36.00 -72.59
C PRO A 56 -48.54 35.89 -74.05
N VAL A 57 -49.48 35.40 -74.84
CA VAL A 57 -49.35 35.13 -76.27
C VAL A 57 -49.56 36.40 -77.08
N LEU A 58 -49.30 36.32 -78.38
CA LEU A 58 -49.47 37.44 -79.30
C LEU A 58 -50.88 38.06 -79.29
N PRO A 59 -52.00 37.28 -79.29
CA PRO A 59 -53.23 38.06 -79.13
C PRO A 59 -53.47 38.45 -77.67
N THR A 135 -40.04 44.62 -83.55
CA THR A 135 -40.09 45.49 -82.38
C THR A 135 -40.51 44.70 -81.14
N GLY A 136 -41.12 45.40 -80.19
CA GLY A 136 -41.65 44.80 -78.99
C GLY A 136 -43.15 44.99 -78.89
N ARG A 137 -43.76 44.22 -77.99
CA ARG A 137 -45.20 44.26 -77.78
C ARG A 137 -45.47 44.82 -76.39
N LYS A 138 -46.39 45.78 -76.31
CA LYS A 138 -46.65 46.48 -75.06
C LYS A 138 -47.66 45.76 -74.19
N THR A 139 -48.86 45.52 -74.73
CA THR A 139 -50.02 44.79 -74.18
C THR A 139 -50.72 45.53 -73.03
N ASN A 140 -50.12 46.62 -72.55
CA ASN A 140 -50.65 47.48 -71.48
C ASN A 140 -50.99 46.68 -70.21
N LEU A 141 -49.94 46.13 -69.60
CA LEU A 141 -50.07 45.50 -68.29
C LEU A 141 -49.09 46.11 -67.31
N ASP A 142 -49.61 46.52 -66.16
CA ASP A 142 -48.80 46.95 -65.03
C ASP A 142 -48.09 45.75 -64.41
N PHE A 143 -47.02 46.05 -63.66
CA PHE A 143 -46.15 45.05 -63.04
C PHE A 143 -46.90 44.16 -62.05
N GLN A 144 -47.91 44.73 -61.39
CA GLN A 144 -48.50 44.03 -60.27
C GLN A 144 -49.40 42.88 -60.74
N GLN A 145 -50.09 43.05 -61.87
CA GLN A 145 -50.79 41.87 -62.34
C GLN A 145 -49.85 40.88 -63.00
N TYR A 146 -48.63 41.27 -63.34
CA TYR A 146 -47.65 40.26 -63.73
C TYR A 146 -47.27 39.40 -62.53
N VAL A 147 -47.09 39.99 -61.35
CA VAL A 147 -46.71 39.11 -60.25
C VAL A 147 -47.93 38.34 -59.74
N PHE A 148 -49.14 38.89 -59.90
CA PHE A 148 -50.32 38.08 -59.63
C PHE A 148 -50.43 36.91 -60.60
N ILE A 149 -50.09 37.15 -61.87
CA ILE A 149 -50.36 36.13 -62.87
C ILE A 149 -49.34 35.01 -62.76
N ASN A 150 -48.10 35.30 -62.33
CA ASN A 150 -47.21 34.16 -62.17
C ASN A 150 -47.34 33.51 -60.80
N GLN A 151 -47.89 34.22 -59.80
CA GLN A 151 -48.35 33.55 -58.60
C GLN A 151 -49.42 32.50 -58.91
N MET A 152 -50.46 32.94 -59.63
CA MET A 152 -51.59 32.06 -59.98
C MET A 152 -51.14 30.89 -60.84
N CYS A 153 -50.22 31.13 -61.78
CA CYS A 153 -49.69 30.01 -62.54
C CYS A 153 -48.81 29.10 -61.69
N TYR A 154 -48.08 29.67 -60.73
CA TYR A 154 -47.18 28.87 -59.90
C TYR A 154 -47.94 27.89 -59.03
N HIS A 155 -49.16 28.22 -58.64
CA HIS A 155 -49.93 27.20 -57.93
C HIS A 155 -50.96 26.50 -58.81
N LEU A 156 -50.85 26.59 -60.13
CA LEU A 156 -51.75 25.77 -60.93
C LEU A 156 -51.04 24.91 -61.96
N ALA A 157 -50.04 25.46 -62.66
CA ALA A 157 -49.41 24.73 -63.75
C ALA A 157 -48.07 24.16 -63.35
N LEU A 158 -47.90 23.85 -62.10
CA LEU A 158 -46.67 23.17 -61.79
C LEU A 158 -46.97 21.75 -61.36
N PRO A 159 -46.11 20.80 -61.71
CA PRO A 159 -46.23 19.47 -61.14
C PRO A 159 -45.96 19.51 -59.64
N TRP A 160 -46.55 18.54 -58.94
CA TRP A 160 -46.35 18.47 -57.49
C TRP A 160 -44.90 18.13 -57.16
N TYR A 161 -44.25 17.35 -58.01
CA TYR A 161 -42.84 17.07 -57.81
C TYR A 161 -41.93 18.21 -58.22
N SER A 162 -42.46 19.24 -58.88
CA SER A 162 -41.61 20.36 -59.24
C SER A 162 -41.31 21.25 -58.04
N LYS A 163 -42.09 21.18 -56.97
CA LYS A 163 -41.82 22.02 -55.82
C LYS A 163 -41.99 21.35 -54.48
N TYR A 164 -42.39 20.09 -54.40
CA TYR A 164 -42.47 19.40 -53.12
C TYR A 164 -41.39 18.35 -52.96
N PHE A 165 -40.36 18.37 -53.82
CA PHE A 165 -39.36 17.31 -53.74
C PHE A 165 -38.43 17.39 -52.54
N PRO A 166 -37.72 18.51 -52.25
CA PRO A 166 -36.70 18.44 -51.19
C PRO A 166 -37.27 18.24 -49.80
N TYR A 167 -38.50 18.68 -49.58
CA TYR A 167 -39.09 18.56 -48.25
C TYR A 167 -39.50 17.12 -47.99
N LEU A 168 -40.02 16.46 -49.03
CA LEU A 168 -40.32 15.04 -48.96
C LEU A 168 -39.04 14.22 -48.83
N ALA A 169 -37.95 14.68 -49.46
CA ALA A 169 -36.67 14.00 -49.32
C ALA A 169 -36.14 14.11 -47.90
N LEU A 170 -36.33 15.26 -47.27
CA LEU A 170 -35.98 15.45 -45.85
C LEU A 170 -36.76 14.48 -44.96
N ILE A 171 -38.08 14.41 -45.18
CA ILE A 171 -38.93 13.50 -44.41
C ILE A 171 -38.50 12.06 -44.57
N HIS A 172 -38.21 11.67 -45.81
CA HIS A 172 -37.81 10.29 -46.06
C HIS A 172 -36.44 9.98 -45.48
N THR A 173 -35.53 10.95 -45.45
CA THR A 173 -34.22 10.70 -44.88
C THR A 173 -34.29 10.55 -43.37
N ILE A 174 -35.15 11.34 -42.71
CA ILE A 174 -35.36 11.21 -41.27
C ILE A 174 -35.94 9.84 -40.94
N ILE A 175 -36.95 9.41 -41.71
CA ILE A 175 -37.55 8.10 -41.49
C ILE A 175 -36.54 6.99 -41.76
N LEU A 176 -35.66 7.18 -42.75
CA LEU A 176 -34.65 6.18 -43.07
C LEU A 176 -33.63 6.02 -41.93
N MET A 177 -33.15 7.13 -41.37
CA MET A 177 -32.10 7.02 -40.36
C MET A 177 -32.66 6.52 -39.03
N VAL A 178 -33.86 6.97 -38.65
CA VAL A 178 -34.39 6.48 -37.39
C VAL A 178 -34.97 5.08 -37.54
N SER A 179 -35.37 4.67 -38.75
CA SER A 179 -35.61 3.25 -38.94
C SER A 179 -34.32 2.47 -39.03
N SER A 180 -33.18 3.12 -39.27
CA SER A 180 -31.92 2.38 -39.18
C SER A 180 -31.54 2.10 -37.74
N ASN A 181 -31.85 3.01 -36.81
CA ASN A 181 -31.40 2.80 -35.44
C ASN A 181 -32.50 2.83 -34.37
N PHE A 182 -33.76 2.48 -34.68
CA PHE A 182 -34.68 2.29 -33.56
C PHE A 182 -34.76 0.83 -33.14
N TRP A 183 -34.17 -0.08 -33.93
CA TRP A 183 -33.79 -1.40 -33.46
C TRP A 183 -32.96 -1.33 -32.18
N PHE A 184 -32.13 -0.32 -32.08
CA PHE A 184 -31.05 -0.24 -31.12
C PHE A 184 -31.47 0.45 -29.82
N LYS A 185 -32.49 1.30 -29.85
CA LYS A 185 -32.87 2.09 -28.70
C LYS A 185 -34.30 1.78 -28.26
N TYR A 186 -34.70 0.57 -28.42
CA TYR A 186 -35.99 0.12 -27.90
C TYR A 186 -35.80 -0.36 -26.48
N PRO A 187 -36.71 -0.03 -25.56
CA PRO A 187 -36.41 -0.22 -24.13
C PRO A 187 -36.38 -1.67 -23.68
N LYS A 188 -37.22 -2.55 -24.25
CA LYS A 188 -37.05 -3.98 -24.01
C LYS A 188 -35.75 -4.48 -24.62
N THR A 189 -35.28 -3.82 -25.68
CA THR A 189 -34.11 -4.28 -26.41
C THR A 189 -32.82 -3.75 -25.81
N CYS A 190 -32.80 -2.46 -25.44
CA CYS A 190 -31.55 -1.77 -25.12
C CYS A 190 -30.94 -2.27 -23.82
N SER A 191 -31.75 -2.89 -22.97
CA SER A 191 -31.29 -3.43 -21.69
C SER A 191 -30.22 -4.48 -21.88
N LYS A 192 -30.56 -5.57 -22.56
CA LYS A 192 -29.63 -6.67 -22.70
C LYS A 192 -28.50 -6.34 -23.67
N VAL A 193 -28.72 -5.40 -24.58
CA VAL A 193 -27.64 -4.98 -25.48
C VAL A 193 -26.60 -4.16 -24.72
N GLU A 194 -27.06 -3.18 -23.93
CA GLU A 194 -26.19 -2.43 -23.04
C GLU A 194 -25.46 -3.34 -22.07
N HIS A 195 -26.18 -4.31 -21.52
CA HIS A 195 -25.58 -5.24 -20.57
C HIS A 195 -24.55 -6.13 -21.26
N PHE A 196 -24.79 -6.50 -22.52
CA PHE A 196 -23.84 -7.34 -23.24
C PHE A 196 -22.57 -6.58 -23.60
N VAL A 197 -22.71 -5.30 -23.95
CA VAL A 197 -21.52 -4.51 -24.25
C VAL A 197 -20.73 -4.26 -22.97
N SER A 198 -21.45 -4.12 -21.84
CA SER A 198 -20.76 -4.02 -20.55
C SER A 198 -20.05 -5.33 -20.20
N ILE A 199 -20.68 -6.48 -20.49
CA ILE A 199 -20.06 -7.78 -20.24
C ILE A 199 -18.80 -7.95 -21.07
N LEU A 200 -18.85 -7.60 -22.35
CA LEU A 200 -17.67 -7.79 -23.19
C LEU A 200 -16.58 -6.77 -22.87
N GLY A 201 -16.96 -5.56 -22.46
CA GLY A 201 -15.97 -4.58 -22.04
C GLY A 201 -15.26 -4.98 -20.75
N LYS A 202 -16.00 -5.54 -19.80
CA LYS A 202 -15.36 -6.07 -18.60
C LYS A 202 -14.59 -7.34 -18.88
N CYS A 203 -14.99 -8.10 -19.88
CA CYS A 203 -14.31 -9.34 -20.23
C CYS A 203 -13.02 -9.09 -20.99
N PHE A 204 -12.88 -7.93 -21.64
CA PHE A 204 -11.63 -7.65 -22.33
C PHE A 204 -10.57 -7.08 -21.40
N GLU A 205 -10.95 -6.61 -20.22
CA GLU A 205 -10.02 -5.94 -19.32
C GLU A 205 -9.45 -6.86 -18.26
N SER A 206 -9.47 -8.16 -18.47
CA SER A 206 -8.88 -9.10 -17.52
C SER A 206 -7.59 -9.67 -18.11
N PRO A 207 -6.41 -9.35 -17.57
CA PRO A 207 -5.16 -9.84 -18.18
C PRO A 207 -4.89 -11.31 -17.94
N TRP A 208 -5.69 -11.98 -17.10
CA TRP A 208 -5.58 -13.43 -17.00
C TRP A 208 -5.92 -14.11 -18.32
N THR A 209 -6.84 -13.54 -19.10
CA THR A 209 -7.23 -14.12 -20.37
C THR A 209 -6.06 -14.15 -21.35
N THR A 210 -5.34 -13.04 -21.47
CA THR A 210 -4.16 -13.06 -22.32
C THR A 210 -3.01 -13.83 -21.69
N LYS A 211 -2.99 -14.00 -20.36
CA LYS A 211 -1.97 -14.87 -19.75
C LYS A 211 -2.23 -16.33 -20.11
N ALA A 212 -3.49 -16.77 -20.03
CA ALA A 212 -3.83 -18.14 -20.35
C ALA A 212 -3.74 -18.41 -21.85
N LEU A 213 -3.94 -17.38 -22.67
CA LEU A 213 -3.68 -17.52 -24.10
C LEU A 213 -2.18 -17.52 -24.41
N SER A 214 -1.38 -16.83 -23.59
CA SER A 214 0.07 -16.95 -23.72
C SER A 214 0.54 -18.34 -23.32
N GLU A 215 -0.18 -18.99 -22.39
CA GLU A 215 0.10 -20.39 -22.11
C GLU A 215 -0.49 -21.30 -23.18
N THR A 216 -1.79 -21.13 -23.47
CA THR A 216 -2.44 -21.89 -24.53
C THR A 216 -3.53 -21.07 -25.20
N ASP A 277 -0.94 -9.57 -11.17
CA ASP A 277 -1.68 -10.76 -10.76
C ASP A 277 -2.39 -10.54 -9.43
N LYS A 278 -2.89 -11.63 -8.85
CA LYS A 278 -3.47 -11.74 -7.52
C LYS A 278 -4.74 -10.91 -7.29
N LYS A 279 -5.26 -10.24 -8.32
CA LYS A 279 -6.54 -9.54 -8.25
C LYS A 279 -7.49 -9.99 -9.35
N ASP A 280 -6.97 -10.14 -10.56
CA ASP A 280 -7.78 -10.54 -11.71
C ASP A 280 -8.30 -11.97 -11.60
N GLY A 281 -7.74 -12.79 -10.71
CA GLY A 281 -8.28 -14.10 -10.42
C GLY A 281 -9.69 -14.05 -9.84
N GLU A 282 -9.85 -13.36 -8.70
CA GLU A 282 -11.18 -13.24 -8.12
C GLU A 282 -12.07 -12.29 -8.92
N GLN A 283 -11.46 -11.33 -9.63
CA GLN A 283 -12.25 -10.50 -10.56
C GLN A 283 -12.85 -11.35 -11.68
N ALA A 284 -12.06 -12.24 -12.27
CA ALA A 284 -12.55 -13.12 -13.31
C ALA A 284 -13.46 -14.21 -12.76
N LYS A 285 -13.34 -14.55 -11.48
CA LYS A 285 -14.27 -15.50 -10.89
C LYS A 285 -15.66 -14.88 -10.72
N ALA A 286 -15.70 -13.64 -10.19
CA ALA A 286 -16.97 -12.91 -10.15
C ALA A 286 -17.51 -12.64 -11.56
N LEU A 287 -16.62 -12.46 -12.53
CA LEU A 287 -17.07 -12.21 -13.88
C LEU A 287 -17.56 -13.49 -14.54
N PHE A 288 -16.99 -14.65 -14.17
CA PHE A 288 -17.56 -15.95 -14.52
C PHE A 288 -18.99 -16.06 -14.04
N GLU A 289 -19.23 -15.63 -12.80
CA GLU A 289 -20.57 -15.73 -12.27
C GLU A 289 -21.53 -14.78 -12.97
N LYS A 290 -21.06 -13.57 -13.32
CA LYS A 290 -21.83 -12.68 -14.18
C LYS A 290 -22.12 -13.31 -15.53
N VAL A 291 -21.14 -14.04 -16.09
CA VAL A 291 -21.28 -14.63 -17.42
C VAL A 291 -22.34 -15.71 -17.43
N ARG A 292 -22.31 -16.64 -16.47
CA ARG A 292 -23.35 -17.67 -16.56
C ARG A 292 -24.66 -17.21 -15.93
N LYS A 293 -24.69 -16.06 -15.26
CA LYS A 293 -25.97 -15.41 -14.98
C LYS A 293 -26.58 -14.87 -16.27
N PHE A 294 -25.80 -14.09 -17.01
CA PHE A 294 -26.20 -13.49 -18.29
C PHE A 294 -26.57 -14.54 -19.32
N ARG A 295 -25.88 -15.68 -19.30
CA ARG A 295 -26.20 -16.80 -20.17
C ARG A 295 -27.61 -17.32 -19.89
N ALA A 296 -27.95 -17.46 -18.61
CA ALA A 296 -29.29 -17.87 -18.24
C ALA A 296 -30.32 -16.78 -18.49
N HIS A 297 -29.89 -15.52 -18.59
CA HIS A 297 -30.85 -14.44 -18.80
C HIS A 297 -31.41 -14.44 -20.21
N VAL A 298 -30.56 -14.27 -21.21
CA VAL A 298 -31.04 -13.99 -22.58
C VAL A 298 -31.20 -15.34 -23.29
N GLU A 299 -32.30 -16.02 -22.98
CA GLU A 299 -32.66 -17.24 -23.70
C GLU A 299 -34.16 -17.25 -23.94
N ASP A 300 -34.57 -16.64 -25.06
CA ASP A 300 -35.94 -16.63 -25.52
C ASP A 300 -35.92 -16.65 -27.04
N SER A 301 -37.10 -16.69 -27.64
CA SER A 301 -37.20 -16.29 -29.03
C SER A 301 -37.04 -14.77 -29.04
N ASP A 302 -35.81 -14.30 -29.20
CA ASP A 302 -35.44 -12.97 -28.77
C ASP A 302 -35.98 -11.90 -29.70
N LEU A 303 -36.14 -10.69 -29.15
CA LEU A 303 -36.54 -9.54 -29.93
C LEU A 303 -35.40 -8.98 -30.75
N ILE A 304 -34.17 -9.41 -30.52
CA ILE A 304 -33.03 -8.91 -31.29
C ILE A 304 -33.16 -9.33 -32.74
N TYR A 305 -33.26 -10.64 -32.98
CA TYR A 305 -33.31 -11.18 -34.33
C TYR A 305 -34.60 -10.77 -35.04
N LYS A 306 -35.74 -10.92 -34.36
CA LYS A 306 -37.04 -10.58 -34.95
C LYS A 306 -37.15 -9.09 -35.23
N LEU A 307 -36.70 -8.26 -34.28
CA LEU A 307 -36.73 -6.81 -34.44
C LEU A 307 -35.82 -6.36 -35.56
N TYR A 308 -34.63 -6.95 -35.66
CA TYR A 308 -33.69 -6.56 -36.70
C TYR A 308 -34.21 -6.97 -38.08
N VAL A 309 -34.86 -8.12 -38.18
CA VAL A 309 -35.42 -8.56 -39.46
C VAL A 309 -36.55 -7.63 -39.90
N VAL A 310 -37.49 -7.32 -38.99
CA VAL A 310 -38.62 -6.49 -39.40
C VAL A 310 -38.17 -5.05 -39.65
N GLN A 311 -37.13 -4.61 -38.95
CA GLN A 311 -36.53 -3.30 -39.18
C GLN A 311 -35.89 -3.22 -40.55
N THR A 312 -35.13 -4.24 -40.92
CA THR A 312 -34.47 -4.24 -42.22
C THR A 312 -35.48 -4.31 -43.36
N VAL A 313 -36.53 -5.12 -43.21
CA VAL A 313 -37.47 -5.22 -44.31
C VAL A 313 -38.34 -3.97 -44.40
N ILE A 314 -38.55 -3.24 -43.29
CA ILE A 314 -39.33 -2.02 -43.46
C ILE A 314 -38.49 -0.90 -44.06
N LYS A 315 -37.17 -0.86 -43.80
CA LYS A 315 -36.41 0.16 -44.50
C LYS A 315 -36.13 -0.22 -45.96
N THR A 316 -36.11 -1.52 -46.26
CA THR A 316 -36.05 -1.96 -47.64
C THR A 316 -37.35 -1.63 -48.37
N ALA A 317 -38.49 -1.72 -47.67
CA ALA A 317 -39.76 -1.31 -48.26
C ALA A 317 -39.78 0.19 -48.54
N LYS A 318 -39.16 0.99 -47.67
CA LYS A 318 -39.06 2.43 -47.94
C LYS A 318 -38.18 2.72 -49.16
N PHE A 319 -37.08 1.96 -49.31
CA PHE A 319 -36.26 2.02 -50.51
C PHE A 319 -37.06 1.73 -51.77
N ILE A 320 -37.78 0.60 -51.76
CA ILE A 320 -38.60 0.19 -52.90
C ILE A 320 -39.66 1.25 -53.21
N PHE A 321 -40.21 1.86 -52.16
CA PHE A 321 -41.25 2.86 -52.31
C PHE A 321 -40.74 4.10 -53.04
N ILE A 322 -39.63 4.67 -52.58
CA ILE A 322 -39.22 5.90 -53.24
C ILE A 322 -38.57 5.64 -54.59
N LEU A 323 -37.91 4.49 -54.80
CA LEU A 323 -37.36 4.29 -56.12
C LEU A 323 -38.43 3.84 -57.10
N CYS A 324 -39.56 3.33 -56.61
CA CYS A 324 -40.70 3.09 -57.49
C CYS A 324 -41.39 4.40 -57.87
N TYR A 325 -41.44 5.36 -56.94
CA TYR A 325 -42.05 6.65 -57.29
C TYR A 325 -41.18 7.47 -58.23
N THR A 326 -39.91 7.67 -57.88
CA THR A 326 -39.13 8.75 -58.49
C THR A 326 -38.71 8.49 -59.93
N ALA A 327 -38.82 7.26 -60.43
CA ALA A 327 -38.48 7.00 -61.82
C ALA A 327 -39.46 7.68 -62.77
N ASN A 328 -40.73 7.77 -62.36
CA ASN A 328 -41.79 8.29 -63.21
C ASN A 328 -41.56 9.74 -63.56
N PHE A 329 -41.04 10.53 -62.63
CA PHE A 329 -40.82 11.95 -62.89
C PHE A 329 -39.35 12.34 -62.93
N VAL A 330 -38.42 11.40 -62.82
CA VAL A 330 -37.14 11.71 -63.43
C VAL A 330 -37.23 11.44 -64.92
N ASN A 331 -38.21 10.62 -65.33
CA ASN A 331 -38.47 10.43 -66.75
C ASN A 331 -38.95 11.72 -67.41
N ALA A 332 -39.81 12.47 -66.73
CA ALA A 332 -40.48 13.62 -67.34
C ALA A 332 -40.48 14.80 -66.39
N ILE A 333 -39.49 15.68 -66.53
CA ILE A 333 -39.50 17.00 -65.94
C ILE A 333 -39.55 17.98 -67.11
N SER A 334 -39.99 19.21 -66.85
CA SER A 334 -40.19 20.16 -67.93
C SER A 334 -39.66 21.53 -67.53
N PHE A 335 -39.37 22.33 -68.56
CA PHE A 335 -38.84 23.67 -68.38
C PHE A 335 -39.82 24.77 -68.72
N GLU A 336 -40.71 24.54 -69.68
CA GLU A 336 -41.72 25.53 -70.07
C GLU A 336 -43.10 24.94 -69.87
N HIS A 337 -44.03 25.77 -69.42
CA HIS A 337 -45.36 25.29 -69.05
C HIS A 337 -46.41 26.28 -69.55
N VAL A 338 -47.23 25.82 -70.49
CA VAL A 338 -48.41 26.55 -70.89
C VAL A 338 -49.44 26.47 -69.77
N CYS A 339 -50.21 27.54 -69.56
CA CYS A 339 -51.22 27.52 -68.53
C CYS A 339 -52.45 28.28 -68.97
N LYS A 340 -53.60 27.80 -68.49
CA LYS A 340 -54.90 28.42 -68.72
C LYS A 340 -55.68 28.36 -67.42
N PRO A 341 -55.51 29.34 -66.53
CA PRO A 341 -56.36 29.44 -65.35
C PRO A 341 -57.69 30.11 -65.70
N LYS A 342 -58.48 30.36 -64.67
CA LYS A 342 -59.81 30.92 -64.83
C LYS A 342 -59.84 32.43 -64.67
N VAL A 343 -58.68 33.08 -64.57
CA VAL A 343 -58.64 34.53 -64.29
C VAL A 343 -58.67 35.25 -65.64
N GLU A 344 -59.87 35.39 -66.17
CA GLU A 344 -60.08 36.11 -67.42
C GLU A 344 -60.74 37.46 -67.22
N HIS A 345 -61.69 37.55 -66.29
CA HIS A 345 -62.29 38.81 -65.91
C HIS A 345 -61.45 39.57 -64.89
N LEU A 346 -60.19 39.17 -64.69
CA LEU A 346 -59.24 39.89 -63.87
C LEU A 346 -58.16 40.59 -64.68
N ILE A 347 -57.66 39.92 -65.72
CA ILE A 347 -56.68 40.51 -66.62
C ILE A 347 -57.17 40.36 -68.06
N GLY A 348 -57.53 39.14 -68.43
CA GLY A 348 -57.68 38.76 -69.82
C GLY A 348 -56.69 37.66 -70.09
N TYR A 349 -56.40 37.40 -71.37
CA TYR A 349 -55.27 36.56 -71.80
C TYR A 349 -55.36 35.14 -71.24
N GLU A 350 -56.34 34.41 -71.76
CA GLU A 350 -56.72 33.09 -71.22
C GLU A 350 -55.58 32.07 -71.31
N VAL A 351 -54.71 32.17 -72.31
CA VAL A 351 -53.61 31.24 -72.48
C VAL A 351 -52.29 31.99 -72.41
N PHE A 352 -51.41 31.54 -71.52
CA PHE A 352 -50.12 32.21 -71.34
C PHE A 352 -49.15 31.22 -70.72
N GLU A 353 -47.86 31.47 -70.89
CA GLU A 353 -46.93 30.44 -70.41
C GLU A 353 -45.88 31.01 -69.48
N CYS A 354 -45.44 30.15 -68.57
CA CYS A 354 -44.33 30.39 -67.66
C CYS A 354 -43.14 29.54 -68.04
N THR A 355 -41.98 30.02 -67.62
CA THR A 355 -40.86 29.14 -67.37
C THR A 355 -40.60 29.06 -65.86
N HIS A 356 -40.26 27.85 -65.44
CA HIS A 356 -39.84 27.49 -64.11
C HIS A 356 -38.32 27.60 -64.04
N ASN A 357 -37.80 27.79 -62.84
CA ASN A 357 -36.39 28.09 -62.67
C ASN A 357 -35.59 26.93 -62.11
N MET A 358 -36.21 25.83 -61.74
CA MET A 358 -35.46 24.77 -61.09
C MET A 358 -34.90 23.74 -62.04
N ALA A 359 -35.41 23.71 -63.27
CA ALA A 359 -35.49 22.47 -64.05
C ALA A 359 -34.14 21.82 -64.26
N TYR A 360 -33.13 22.61 -64.62
CA TYR A 360 -31.82 22.02 -64.89
C TYR A 360 -31.12 21.59 -63.61
N MET A 361 -31.05 22.49 -62.62
CA MET A 361 -30.36 22.16 -61.37
C MET A 361 -31.11 21.10 -60.58
N LEU A 362 -32.44 21.19 -60.53
CA LEU A 362 -33.20 20.18 -59.81
C LEU A 362 -33.17 18.84 -60.53
N LYS A 363 -33.09 18.84 -61.85
CA LYS A 363 -33.03 17.57 -62.57
C LYS A 363 -31.69 16.89 -62.35
N LYS A 364 -30.59 17.66 -62.36
CA LYS A 364 -29.28 17.07 -62.10
C LYS A 364 -29.14 16.62 -60.64
N LEU A 365 -29.73 17.38 -59.72
CA LEU A 365 -29.67 16.97 -58.32
C LEU A 365 -30.54 15.76 -58.08
N LEU A 366 -31.64 15.63 -58.83
CA LEU A 366 -32.49 14.47 -58.74
C LEU A 366 -31.77 13.22 -59.23
N ILE A 367 -30.98 13.32 -60.31
CA ILE A 367 -30.31 12.10 -60.77
C ILE A 367 -29.16 11.73 -59.83
N SER A 368 -28.53 12.71 -59.17
CA SER A 368 -27.54 12.36 -58.15
C SER A 368 -28.20 11.67 -56.95
N TYR A 369 -29.40 12.13 -56.59
CA TYR A 369 -30.16 11.49 -55.52
C TYR A 369 -30.55 10.06 -55.87
N ILE A 370 -30.92 9.83 -57.14
CA ILE A 370 -31.27 8.49 -57.59
C ILE A 370 -30.06 7.57 -57.54
N SER A 371 -28.88 8.09 -57.89
CA SER A 371 -27.66 7.29 -57.81
C SER A 371 -27.34 6.89 -56.36
N ILE A 372 -27.48 7.85 -55.43
CA ILE A 372 -27.20 7.58 -54.03
C ILE A 372 -28.15 6.53 -53.47
N ILE A 373 -29.43 6.66 -53.76
CA ILE A 373 -30.40 5.69 -53.23
C ILE A 373 -30.28 4.35 -53.91
N CYS A 374 -29.82 4.33 -55.17
CA CYS A 374 -29.55 3.07 -55.87
C CYS A 374 -28.42 2.31 -55.21
N VAL A 375 -27.33 3.01 -54.85
CA VAL A 375 -26.22 2.36 -54.16
C VAL A 375 -26.64 1.90 -52.78
N TYR A 376 -27.49 2.69 -52.10
CA TYR A 376 -27.96 2.33 -50.77
C TYR A 376 -28.78 1.05 -50.80
N GLY A 377 -29.77 0.99 -51.70
CA GLY A 377 -30.59 -0.21 -51.79
C GLY A 377 -29.84 -1.41 -52.31
N PHE A 378 -28.83 -1.17 -53.15
CA PHE A 378 -27.93 -2.22 -53.61
C PHE A 378 -27.22 -2.89 -52.42
N ILE A 379 -26.51 -2.09 -51.62
CA ILE A 379 -25.79 -2.60 -50.45
C ILE A 379 -26.75 -3.25 -49.46
N CYS A 380 -27.89 -2.59 -49.21
CA CYS A 380 -28.88 -3.07 -48.26
C CYS A 380 -29.43 -4.43 -48.65
N LEU A 381 -29.99 -4.54 -49.87
CA LEU A 381 -30.62 -5.78 -50.29
C LEU A 381 -29.61 -6.89 -50.45
N TYR A 382 -28.44 -6.60 -51.04
CA TYR A 382 -27.37 -7.56 -51.28
C TYR A 382 -26.87 -8.19 -49.97
N THR A 383 -26.30 -7.36 -49.09
CA THR A 383 -25.70 -7.90 -47.89
C THR A 383 -26.76 -8.40 -46.91
N LEU A 384 -27.96 -7.82 -46.92
CA LEU A 384 -28.93 -8.25 -45.92
C LEU A 384 -29.70 -9.48 -46.35
N PHE A 385 -29.97 -9.66 -47.64
CA PHE A 385 -30.50 -10.93 -48.11
C PHE A 385 -29.50 -12.05 -47.92
N TRP A 386 -28.20 -11.80 -48.19
CA TRP A 386 -27.24 -12.88 -47.99
C TRP A 386 -26.99 -13.17 -46.51
N LEU A 387 -27.06 -12.17 -45.64
CA LEU A 387 -26.89 -12.44 -44.22
C LEU A 387 -28.14 -13.06 -43.62
N PHE A 388 -29.30 -12.83 -44.22
CA PHE A 388 -30.48 -13.56 -43.77
C PHE A 388 -30.47 -15.00 -44.24
N ARG A 389 -29.99 -15.25 -45.47
CA ARG A 389 -30.17 -16.57 -46.05
C ARG A 389 -29.02 -17.52 -45.75
N ILE A 390 -27.78 -17.07 -45.79
CA ILE A 390 -26.63 -17.97 -45.74
C ILE A 390 -26.45 -18.63 -44.36
N PRO A 391 -26.46 -17.94 -43.22
CA PRO A 391 -26.46 -18.69 -41.96
C PRO A 391 -27.88 -19.01 -41.51
N LEU A 392 -27.96 -19.68 -40.36
CA LEU A 392 -29.24 -19.81 -39.68
C LEU A 392 -29.42 -18.74 -38.61
N LYS A 393 -28.33 -18.12 -38.17
CA LYS A 393 -28.19 -17.02 -37.21
C LYS A 393 -28.53 -17.41 -35.77
N GLU A 394 -29.04 -18.62 -35.53
CA GLU A 394 -29.00 -19.24 -34.22
C GLU A 394 -27.87 -20.26 -34.13
N TYR A 395 -27.00 -20.28 -35.13
CA TYR A 395 -25.82 -21.14 -35.18
C TYR A 395 -24.61 -20.49 -34.53
N SER A 396 -24.82 -19.53 -33.63
CA SER A 396 -23.73 -19.07 -32.79
C SER A 396 -23.24 -20.19 -31.88
N PHE A 397 -24.14 -21.11 -31.53
CA PHE A 397 -23.77 -22.42 -30.98
C PHE A 397 -22.73 -23.12 -31.85
N GLU A 398 -22.99 -23.16 -33.16
CA GLU A 398 -22.07 -23.84 -34.08
C GLU A 398 -20.74 -23.12 -34.17
N LYS A 399 -20.75 -21.78 -34.13
CA LYS A 399 -19.47 -21.08 -34.29
C LYS A 399 -18.64 -21.13 -33.01
N VAL A 400 -19.27 -21.07 -31.84
CA VAL A 400 -18.52 -21.28 -30.60
C VAL A 400 -18.11 -22.75 -30.47
N ARG A 401 -18.86 -23.66 -31.11
CA ARG A 401 -18.46 -25.06 -31.14
C ARG A 401 -17.22 -25.28 -31.98
N GLU A 402 -17.15 -24.61 -33.14
CA GLU A 402 -15.92 -24.66 -33.94
C GLU A 402 -14.77 -23.99 -33.21
N GLU A 403 -15.05 -22.88 -32.54
CA GLU A 403 -14.05 -22.19 -31.71
C GLU A 403 -13.52 -23.10 -30.61
N SER A 404 -14.39 -23.90 -29.99
CA SER A 404 -13.94 -24.88 -29.01
C SER A 404 -13.19 -26.02 -29.68
N SER A 405 -13.51 -26.33 -30.93
CA SER A 405 -12.86 -27.43 -31.62
C SER A 405 -11.42 -27.11 -31.96
N PHE A 406 -11.11 -25.86 -32.31
CA PHE A 406 -9.70 -25.52 -32.51
C PHE A 406 -9.10 -24.70 -31.37
N SER A 407 -9.83 -24.48 -30.28
CA SER A 407 -9.38 -23.56 -29.26
C SER A 407 -8.44 -24.19 -28.25
N ASP A 408 -8.40 -25.51 -28.15
CA ASP A 408 -7.62 -26.37 -27.26
C ASP A 408 -8.08 -26.26 -25.81
N ILE A 409 -9.05 -25.40 -25.51
CA ILE A 409 -9.73 -25.34 -24.22
C ILE A 409 -11.21 -25.45 -24.54
N PRO A 410 -11.81 -26.63 -24.44
CA PRO A 410 -13.21 -26.80 -24.88
C PRO A 410 -14.22 -26.04 -24.03
N ASP A 411 -14.84 -25.03 -24.64
CA ASP A 411 -15.81 -24.17 -23.96
C ASP A 411 -17.19 -24.83 -23.98
N VAL A 412 -18.21 -24.07 -23.61
CA VAL A 412 -19.55 -24.61 -23.48
C VAL A 412 -20.15 -24.90 -24.85
N LYS A 413 -19.72 -24.17 -25.88
CA LYS A 413 -19.86 -24.48 -27.29
C LYS A 413 -21.31 -24.51 -27.78
N ASN A 414 -22.25 -23.93 -27.04
CA ASN A 414 -23.65 -23.94 -27.44
C ASN A 414 -24.32 -22.69 -26.90
N ASP A 415 -25.07 -22.01 -27.77
CA ASP A 415 -25.73 -20.77 -27.41
C ASP A 415 -26.83 -20.49 -28.43
N PHE A 416 -27.97 -19.99 -27.95
CA PHE A 416 -29.18 -19.88 -28.75
C PHE A 416 -29.62 -18.42 -28.88
N ALA A 417 -30.07 -18.07 -30.09
CA ALA A 417 -30.68 -16.78 -30.42
C ALA A 417 -29.74 -15.62 -30.10
N PHE A 418 -28.47 -15.83 -30.38
CA PHE A 418 -27.44 -15.04 -29.75
C PHE A 418 -26.80 -14.08 -30.74
N LEU A 419 -26.15 -13.08 -30.19
CA LEU A 419 -25.79 -11.85 -30.86
C LEU A 419 -24.38 -11.87 -31.43
N LEU A 420 -23.56 -12.85 -31.05
CA LEU A 420 -22.12 -12.65 -31.00
C LEU A 420 -21.48 -12.63 -32.38
N HIS A 421 -22.11 -13.22 -33.39
CA HIS A 421 -21.46 -13.21 -34.69
C HIS A 421 -21.59 -11.88 -35.43
N MET A 422 -22.44 -10.97 -34.93
CA MET A 422 -22.34 -9.57 -35.33
C MET A 422 -21.02 -8.97 -34.87
N VAL A 423 -20.63 -9.27 -33.62
CA VAL A 423 -19.35 -8.83 -33.10
C VAL A 423 -18.21 -9.51 -33.86
N ASP A 424 -18.43 -10.76 -34.29
CA ASP A 424 -17.45 -11.45 -35.13
C ASP A 424 -17.29 -10.76 -36.48
N GLN A 425 -18.40 -10.27 -37.05
CA GLN A 425 -18.31 -9.43 -38.23
C GLN A 425 -17.54 -8.15 -37.96
N TYR A 426 -17.67 -7.60 -36.75
CA TYR A 426 -16.78 -6.52 -36.35
C TYR A 426 -15.34 -7.02 -36.18
N ASP A 427 -15.12 -7.93 -35.22
CA ASP A 427 -13.80 -8.51 -34.98
C ASP A 427 -13.92 -9.93 -34.44
N GLN A 428 -13.08 -10.82 -34.96
CA GLN A 428 -13.03 -12.19 -34.47
C GLN A 428 -12.40 -12.27 -33.08
N LEU A 429 -11.52 -11.34 -32.74
CA LEU A 429 -10.74 -11.41 -31.51
C LEU A 429 -11.63 -11.25 -30.28
N TYR A 430 -12.62 -10.35 -30.34
CA TYR A 430 -13.55 -10.18 -29.24
C TYR A 430 -14.54 -11.33 -29.10
N SER A 431 -14.59 -12.23 -30.07
CA SER A 431 -15.33 -13.47 -29.90
C SER A 431 -14.44 -14.58 -29.36
N LYS A 432 -13.19 -14.62 -29.82
CA LYS A 432 -12.24 -15.64 -29.39
C LYS A 432 -11.91 -15.51 -27.90
N ARG A 433 -11.49 -14.31 -27.48
CA ARG A 433 -11.12 -14.07 -26.10
C ARG A 433 -12.34 -14.19 -25.17
N PHE A 434 -13.54 -13.91 -25.68
CA PHE A 434 -14.74 -14.10 -24.88
C PHE A 434 -15.07 -15.57 -24.72
N GLY A 435 -15.02 -16.33 -25.83
CA GLY A 435 -15.33 -17.75 -25.78
C GLY A 435 -14.34 -18.57 -24.98
N VAL A 436 -13.09 -18.10 -24.85
CA VAL A 436 -12.17 -18.69 -23.89
C VAL A 436 -12.71 -18.53 -22.47
N PHE A 437 -13.25 -17.35 -22.16
CA PHE A 437 -13.68 -17.02 -20.81
C PHE A 437 -14.96 -17.74 -20.42
N LEU A 438 -15.66 -18.36 -21.37
CA LEU A 438 -16.85 -19.13 -21.08
C LEU A 438 -16.53 -20.54 -20.59
N SER A 439 -15.31 -21.02 -20.81
CA SER A 439 -14.96 -22.40 -20.57
C SER A 439 -14.85 -22.73 -19.08
N GLU A 440 -15.53 -23.79 -18.66
CA GLU A 440 -15.52 -24.17 -17.25
C GLU A 440 -14.26 -24.92 -16.84
N VAL A 441 -13.57 -25.58 -17.76
CA VAL A 441 -12.30 -26.19 -17.39
C VAL A 441 -11.24 -25.11 -17.23
N SER A 442 -11.40 -23.99 -17.92
CA SER A 442 -10.51 -22.87 -17.69
C SER A 442 -10.90 -22.12 -16.42
N GLU A 443 -12.17 -22.21 -16.03
CA GLU A 443 -12.58 -21.82 -14.68
C GLU A 443 -11.94 -22.71 -13.63
N ASN A 444 -11.78 -23.99 -13.93
CA ASN A 444 -11.08 -24.88 -13.01
C ASN A 444 -9.59 -24.55 -12.95
N LYS A 445 -9.01 -24.12 -14.08
CA LYS A 445 -7.66 -23.56 -14.08
C LYS A 445 -7.55 -22.37 -13.14
N LEU A 446 -8.53 -21.47 -13.17
CA LEU A 446 -8.49 -20.33 -12.26
C LEU A 446 -8.65 -20.75 -10.80
N ARG A 447 -9.58 -21.66 -10.50
CA ARG A 447 -9.73 -22.06 -9.11
C ARG A 447 -8.61 -22.97 -8.63
N GLU A 448 -7.73 -23.43 -9.53
CA GLU A 448 -6.54 -24.14 -9.10
C GLU A 448 -5.36 -23.18 -8.89
N ILE A 449 -5.09 -22.31 -9.87
CA ILE A 449 -3.99 -21.35 -9.78
C ILE A 449 -4.23 -20.31 -8.68
N SER A 450 -5.49 -19.93 -8.44
CA SER A 450 -5.79 -18.97 -7.38
C SER A 450 -5.48 -19.53 -6.00
N LEU A 451 -5.81 -20.81 -5.77
CA LEU A 451 -5.50 -21.41 -4.48
C LEU A 451 -4.02 -21.66 -4.32
N ASN A 452 -3.34 -22.14 -5.37
CA ASN A 452 -1.91 -22.36 -5.26
C ASN A 452 -1.10 -21.07 -5.27
N HIS A 453 -1.72 -19.94 -5.59
CA HIS A 453 -1.04 -18.66 -5.43
C HIS A 453 -1.36 -18.00 -4.10
N GLU A 454 -2.56 -18.19 -3.55
CA GLU A 454 -2.88 -17.50 -2.31
C GLU A 454 -2.24 -18.15 -1.09
N TRP A 455 -2.00 -19.46 -1.11
CA TRP A 455 -1.35 -20.17 -0.02
C TRP A 455 0.13 -20.31 -0.37
N THR A 456 0.92 -19.35 0.06
CA THR A 456 2.34 -19.32 -0.24
C THR A 456 3.10 -20.27 0.68
N PHE A 457 4.42 -20.16 0.69
CA PHE A 457 5.26 -21.11 1.41
C PHE A 457 5.15 -20.95 2.92
N GLU A 458 5.50 -19.76 3.42
CA GLU A 458 5.67 -19.58 4.86
C GLU A 458 4.34 -19.45 5.60
N LYS A 459 3.27 -19.00 4.92
CA LYS A 459 2.01 -18.77 5.62
C LYS A 459 1.30 -20.06 6.00
N LEU A 460 1.70 -21.20 5.42
CA LEU A 460 1.21 -22.50 5.85
C LEU A 460 2.22 -23.24 6.74
N ARG A 461 3.07 -22.49 7.43
CA ARG A 461 4.01 -23.05 8.40
C ARG A 461 3.68 -22.69 9.83
N GLN A 462 3.12 -21.49 10.06
CA GLN A 462 2.71 -21.10 11.40
C GLN A 462 1.48 -21.85 11.88
N HIS A 463 0.71 -22.42 10.97
CA HIS A 463 -0.58 -23.02 11.28
C HIS A 463 -0.47 -24.53 11.46
N ILE A 464 0.65 -25.01 12.01
CA ILE A 464 1.02 -26.43 11.92
C ILE A 464 1.27 -27.09 13.27
N SER A 465 2.25 -26.57 14.02
CA SER A 465 3.07 -27.38 14.91
C SER A 465 2.64 -27.35 16.37
N ARG A 466 1.34 -27.35 16.67
CA ARG A 466 0.90 -27.16 18.05
C ARG A 466 0.70 -28.48 18.80
N ASN A 467 -0.23 -29.32 18.35
CA ASN A 467 -0.74 -30.44 19.15
C ASN A 467 0.21 -31.64 19.08
N ALA A 468 1.40 -31.45 19.65
CA ALA A 468 2.43 -32.45 19.94
C ALA A 468 3.03 -33.13 18.70
N GLN A 469 2.56 -32.80 17.49
CA GLN A 469 3.06 -33.30 16.22
C GLN A 469 2.91 -32.15 15.23
N ASP A 470 2.97 -32.47 13.94
CA ASP A 470 2.79 -31.49 12.88
C ASP A 470 1.62 -31.91 12.00
N LYS A 471 0.52 -31.16 12.06
CA LYS A 471 -0.67 -31.48 11.29
C LYS A 471 -0.96 -30.43 10.23
N GLN A 472 -1.47 -30.90 9.09
CA GLN A 472 -2.08 -30.03 8.09
C GLN A 472 -3.49 -29.75 8.57
N GLU A 473 -3.67 -28.64 9.27
CA GLU A 473 -4.99 -28.13 9.59
C GLU A 473 -5.25 -26.86 8.78
N LEU A 474 -6.32 -26.86 8.01
CA LEU A 474 -6.73 -25.70 7.23
C LEU A 474 -8.21 -25.87 6.88
N HIS A 475 -8.94 -24.76 6.94
CA HIS A 475 -10.38 -24.75 6.70
C HIS A 475 -10.63 -24.91 5.21
N LEU A 476 -10.70 -26.16 4.77
CA LEU A 476 -10.67 -26.54 3.37
C LEU A 476 -12.06 -26.55 2.73
N PHE A 477 -13.08 -26.03 3.44
CA PHE A 477 -14.45 -26.00 2.92
C PHE A 477 -14.59 -25.10 1.70
N MET A 478 -13.74 -24.09 1.55
CA MET A 478 -13.72 -23.26 0.36
C MET A 478 -12.63 -23.68 -0.62
N LEU A 479 -11.63 -24.42 -0.14
CA LEU A 479 -10.51 -24.87 -0.96
C LEU A 479 -11.00 -25.90 -1.97
N SER A 480 -11.13 -25.48 -3.23
CA SER A 480 -11.62 -26.37 -4.28
C SER A 480 -10.61 -27.46 -4.60
N GLY A 481 -9.32 -27.14 -4.57
CA GLY A 481 -8.26 -28.10 -4.63
C GLY A 481 -7.47 -28.14 -3.34
N VAL A 482 -6.30 -28.77 -3.40
CA VAL A 482 -5.39 -28.77 -2.26
C VAL A 482 -4.26 -27.79 -2.58
N PRO A 483 -3.85 -26.96 -1.61
CA PRO A 483 -2.73 -26.06 -1.86
C PRO A 483 -1.43 -26.83 -1.95
N ASP A 484 -0.86 -26.94 -3.14
CA ASP A 484 0.31 -27.79 -3.35
C ASP A 484 1.60 -27.19 -2.81
N ALA A 485 1.54 -26.07 -2.11
CA ALA A 485 2.66 -25.60 -1.29
C ALA A 485 2.73 -26.31 0.05
N VAL A 486 1.69 -27.05 0.45
CA VAL A 486 1.74 -27.83 1.70
C VAL A 486 2.22 -29.24 1.43
N PHE A 487 2.25 -29.68 0.17
CA PHE A 487 2.89 -30.95 -0.17
C PHE A 487 4.40 -30.82 -0.29
N ASP A 488 4.93 -29.60 -0.28
CA ASP A 488 6.36 -29.37 -0.29
C ASP A 488 7.01 -29.59 1.07
N LEU A 489 6.26 -29.41 2.16
CA LEU A 489 6.81 -29.42 3.50
C LEU A 489 6.99 -30.86 3.99
N THR A 490 8.09 -31.11 4.69
CA THR A 490 8.65 -32.45 4.83
C THR A 490 8.69 -32.96 6.26
N ASP A 491 8.00 -32.31 7.19
CA ASP A 491 8.10 -32.71 8.60
C ASP A 491 6.76 -33.02 9.25
N LEU A 492 5.75 -33.42 8.48
CA LEU A 492 4.42 -33.60 9.04
C LEU A 492 4.04 -35.08 9.06
N ASP A 493 3.19 -35.44 10.01
CA ASP A 493 2.77 -36.82 10.21
C ASP A 493 1.28 -37.00 10.42
N VAL A 494 0.54 -35.96 10.81
CA VAL A 494 -0.90 -36.01 11.03
C VAL A 494 -1.53 -34.91 10.18
N LEU A 495 -2.88 -34.90 10.14
CA LEU A 495 -3.67 -33.83 9.52
C LEU A 495 -5.15 -34.03 9.80
N LYS A 496 -5.96 -33.14 9.21
CA LYS A 496 -7.39 -33.32 9.03
C LYS A 496 -7.78 -32.69 7.69
N LEU A 497 -8.90 -33.14 7.13
CA LEU A 497 -9.40 -32.59 5.87
C LEU A 497 -10.91 -32.47 5.95
N GLU A 498 -11.45 -31.48 5.23
CA GLU A 498 -12.89 -31.28 5.22
C GLU A 498 -13.33 -30.62 3.91
N LEU A 499 -14.28 -31.26 3.22
CA LEU A 499 -15.00 -30.70 2.07
C LEU A 499 -14.07 -30.33 0.90
N ILE A 500 -13.46 -31.34 0.31
CA ILE A 500 -12.79 -31.11 -0.97
C ILE A 500 -13.82 -31.33 -2.08
N PRO A 501 -13.91 -30.41 -3.02
CA PRO A 501 -14.75 -30.66 -4.21
C PRO A 501 -14.04 -31.53 -5.23
N GLU A 502 -12.72 -31.35 -5.35
CA GLU A 502 -11.92 -32.13 -6.29
C GLU A 502 -11.43 -33.41 -5.63
N ALA A 503 -10.48 -34.08 -6.27
CA ALA A 503 -9.99 -35.37 -5.84
C ALA A 503 -8.47 -35.39 -5.79
N LYS A 504 -7.85 -34.26 -5.45
CA LYS A 504 -6.43 -34.04 -5.68
C LYS A 504 -5.60 -34.52 -4.50
N ILE A 505 -4.85 -35.61 -4.71
CA ILE A 505 -3.58 -35.86 -4.03
C ILE A 505 -2.58 -36.36 -5.08
N PRO A 506 -1.91 -35.44 -5.79
CA PRO A 506 -1.08 -35.84 -6.93
C PRO A 506 0.24 -36.49 -6.54
N ALA A 507 1.12 -36.68 -7.52
CA ALA A 507 2.45 -37.22 -7.28
C ALA A 507 3.45 -36.19 -6.75
N LYS A 508 3.00 -35.00 -6.35
CA LYS A 508 3.88 -34.03 -5.71
C LYS A 508 4.21 -34.45 -4.28
N ILE A 509 3.22 -35.01 -3.58
CA ILE A 509 3.42 -35.52 -2.22
C ILE A 509 4.06 -36.89 -2.20
N SER A 510 4.39 -37.46 -3.37
CA SER A 510 5.00 -38.78 -3.48
C SER A 510 6.41 -38.88 -2.91
N GLN A 511 7.02 -37.76 -2.52
CA GLN A 511 8.34 -37.74 -1.93
C GLN A 511 8.33 -37.60 -0.41
N MET A 512 7.16 -37.70 0.22
CA MET A 512 7.01 -37.44 1.65
C MET A 512 6.48 -38.70 2.34
N THR A 513 7.40 -39.46 2.94
CA THR A 513 7.06 -40.70 3.63
C THR A 513 7.22 -40.59 5.14
N ASN A 514 6.88 -39.44 5.71
CA ASN A 514 6.75 -39.29 7.16
C ASN A 514 5.32 -39.01 7.58
N LEU A 515 4.38 -39.10 6.65
CA LEU A 515 2.96 -38.82 6.89
C LEU A 515 2.25 -40.17 6.96
N GLN A 516 2.07 -40.69 8.18
CA GLN A 516 1.54 -42.04 8.35
C GLN A 516 0.04 -42.06 8.59
N GLU A 517 -0.65 -40.94 8.47
CA GLU A 517 -2.07 -40.95 8.77
C GLU A 517 -2.76 -39.85 7.97
N LEU A 518 -4.08 -39.92 7.89
CA LEU A 518 -4.84 -39.04 6.99
C LEU A 518 -6.29 -38.94 7.44
N HIS A 519 -6.69 -37.79 7.98
CA HIS A 519 -8.06 -37.56 8.40
C HIS A 519 -8.79 -36.74 7.37
N LEU A 520 -10.03 -37.14 7.06
CA LEU A 520 -10.80 -36.47 6.03
C LEU A 520 -12.28 -36.64 6.28
N CYS A 521 -13.06 -35.66 5.82
CA CYS A 521 -14.51 -35.79 5.82
C CYS A 521 -15.08 -35.07 4.61
N HIS A 522 -16.02 -35.73 3.94
CA HIS A 522 -16.56 -35.33 2.64
C HIS A 522 -15.43 -35.13 1.64
N CYS A 523 -14.58 -36.15 1.52
CA CYS A 523 -13.40 -35.99 0.70
C CYS A 523 -13.14 -37.18 -0.21
N PRO A 524 -13.33 -37.02 -1.52
CA PRO A 524 -12.84 -38.02 -2.47
C PRO A 524 -11.44 -37.71 -2.96
N ALA A 525 -10.74 -38.79 -3.36
CA ALA A 525 -9.43 -38.66 -3.99
C ALA A 525 -9.25 -39.88 -4.91
N LYS A 526 -9.64 -39.72 -6.17
CA LYS A 526 -9.53 -40.79 -7.16
C LYS A 526 -8.26 -40.66 -7.99
N VAL A 527 -7.10 -40.48 -7.38
CA VAL A 527 -5.86 -40.29 -8.14
C VAL A 527 -4.76 -41.19 -7.61
N GLU A 528 -5.09 -42.08 -6.68
CA GLU A 528 -4.07 -42.92 -6.04
C GLU A 528 -3.70 -44.09 -6.95
N GLN A 529 -2.89 -43.79 -7.96
CA GLN A 529 -2.14 -44.81 -8.67
C GLN A 529 -0.64 -44.53 -8.63
N THR A 530 -0.22 -43.31 -8.90
CA THR A 530 1.16 -42.90 -8.71
C THR A 530 1.42 -42.32 -7.33
N ALA A 531 0.39 -41.81 -6.65
CA ALA A 531 0.51 -41.39 -5.27
C ALA A 531 0.03 -42.44 -4.29
N PHE A 532 -0.45 -43.58 -4.78
CA PHE A 532 -0.79 -44.69 -3.91
C PHE A 532 0.47 -45.32 -3.32
N SER A 533 1.55 -45.36 -4.11
CA SER A 533 2.69 -46.22 -3.82
C SER A 533 3.43 -45.78 -2.56
N PHE A 534 3.52 -44.47 -2.31
CA PHE A 534 4.19 -44.07 -1.09
C PHE A 534 3.27 -44.17 0.11
N LEU A 535 1.95 -44.16 -0.09
CA LEU A 535 1.07 -44.31 1.06
C LEU A 535 0.74 -45.76 1.35
N ARG A 536 0.78 -46.61 0.33
CA ARG A 536 0.70 -48.06 0.55
C ARG A 536 1.87 -48.53 1.39
N ASP A 537 3.02 -47.89 1.27
CA ASP A 537 4.15 -48.16 2.14
C ASP A 537 4.03 -47.49 3.49
N HIS A 538 3.22 -46.44 3.63
CA HIS A 538 3.37 -45.63 4.84
C HIS A 538 2.09 -45.19 5.53
N LEU A 539 0.91 -45.23 4.90
CA LEU A 539 -0.32 -44.78 5.57
C LEU A 539 -0.78 -45.80 6.61
N ARG A 540 -1.20 -45.31 7.78
CA ARG A 540 -1.56 -46.23 8.85
C ARG A 540 -2.93 -46.01 9.47
N CYS A 541 -3.42 -44.78 9.59
CA CYS A 541 -4.77 -44.66 10.13
C CYS A 541 -5.50 -43.50 9.48
N LEU A 542 -6.83 -43.51 9.63
CA LEU A 542 -7.63 -42.59 8.85
C LEU A 542 -8.99 -42.31 9.48
N HIS A 543 -9.32 -41.03 9.61
CA HIS A 543 -10.69 -40.56 9.66
C HIS A 543 -11.18 -40.34 8.23
N VAL A 544 -12.17 -41.12 7.82
CA VAL A 544 -12.84 -40.93 6.53
C VAL A 544 -14.28 -40.57 6.81
N LYS A 545 -14.49 -39.81 7.88
CA LYS A 545 -15.79 -39.68 8.52
C LYS A 545 -16.76 -38.84 7.68
N PHE A 546 -17.99 -38.77 8.17
CA PHE A 546 -19.04 -37.83 7.80
C PHE A 546 -19.61 -38.01 6.39
N THR A 547 -19.10 -38.93 5.59
CA THR A 547 -19.50 -39.02 4.21
C THR A 547 -20.85 -39.72 4.08
N ASP A 548 -21.28 -39.92 2.84
CA ASP A 548 -22.58 -40.47 2.52
C ASP A 548 -22.50 -41.99 2.36
N VAL A 549 -23.56 -42.59 1.82
CA VAL A 549 -23.56 -44.01 1.49
C VAL A 549 -22.83 -44.31 0.19
N ALA A 550 -22.45 -43.28 -0.57
CA ALA A 550 -21.92 -43.48 -1.91
C ALA A 550 -20.43 -43.18 -1.99
N GLU A 551 -19.99 -41.98 -1.60
CA GLU A 551 -18.56 -41.68 -1.62
C GLU A 551 -17.97 -42.27 -0.35
N ILE A 552 -17.63 -43.55 -0.44
CA ILE A 552 -16.90 -44.26 0.60
C ILE A 552 -15.54 -44.64 0.01
N PRO A 553 -14.43 -44.27 0.67
CA PRO A 553 -13.12 -44.37 0.01
C PRO A 553 -12.62 -45.79 -0.19
N ALA A 554 -12.77 -46.28 -1.42
CA ALA A 554 -12.37 -47.63 -1.77
C ALA A 554 -10.94 -47.70 -2.27
N TRP A 555 -10.37 -46.56 -2.66
CA TRP A 555 -8.99 -46.53 -3.11
C TRP A 555 -8.00 -46.73 -1.98
N VAL A 556 -8.42 -46.51 -0.73
CA VAL A 556 -7.61 -46.83 0.43
C VAL A 556 -8.06 -48.13 1.09
N TYR A 557 -8.68 -49.04 0.32
CA TYR A 557 -8.95 -50.37 0.85
C TYR A 557 -7.72 -51.26 0.79
N LEU A 558 -6.96 -51.17 -0.31
CA LEU A 558 -6.07 -52.23 -0.75
C LEU A 558 -4.60 -51.87 -0.56
N LEU A 559 -4.27 -51.25 0.57
CA LEU A 559 -2.89 -50.91 0.88
C LEU A 559 -2.34 -51.61 2.12
N LYS A 560 -3.20 -52.16 2.98
CA LYS A 560 -2.89 -53.18 3.98
C LYS A 560 -2.06 -52.68 5.17
N ASN A 561 -1.49 -51.47 5.08
CA ASN A 561 -0.53 -51.03 6.08
C ASN A 561 -1.20 -50.29 7.24
N LEU A 562 -2.45 -50.63 7.55
CA LEU A 562 -3.24 -49.86 8.49
C LEU A 562 -2.77 -50.07 9.92
N ARG A 563 -2.72 -48.98 10.68
CA ARG A 563 -2.59 -49.19 12.12
C ARG A 563 -3.95 -49.22 12.81
N GLU A 564 -4.92 -48.41 12.37
CA GLU A 564 -6.27 -48.43 12.92
C GLU A 564 -7.22 -47.67 12.00
N LEU A 565 -8.50 -47.70 12.37
CA LEU A 565 -9.60 -47.26 11.52
C LEU A 565 -10.49 -46.28 12.27
N TYR A 566 -10.99 -45.27 11.56
CA TYR A 566 -12.12 -44.47 12.00
C TYR A 566 -13.13 -44.44 10.86
N LEU A 567 -14.21 -45.20 11.01
CA LEU A 567 -15.30 -45.20 10.03
C LEU A 567 -16.56 -44.76 10.79
N ILE A 568 -16.74 -43.45 10.93
CA ILE A 568 -17.92 -42.90 11.58
C ILE A 568 -18.61 -41.98 10.60
N GLY A 569 -19.80 -41.50 10.99
CA GLY A 569 -20.55 -40.54 10.20
C GLY A 569 -21.00 -41.03 8.85
N ASN A 570 -20.97 -42.35 8.63
CA ASN A 570 -21.22 -42.94 7.33
C ASN A 570 -22.40 -43.89 7.54
N LEU A 571 -23.60 -43.36 7.34
CA LEU A 571 -24.84 -44.04 7.71
C LEU A 571 -25.08 -45.21 6.75
N ASN A 572 -24.42 -46.33 7.06
CA ASN A 572 -24.20 -47.40 6.10
C ASN A 572 -25.48 -48.17 5.79
N SER A 573 -25.87 -48.16 4.51
CA SER A 573 -27.04 -48.88 4.03
C SER A 573 -26.67 -50.34 3.75
N GLU A 574 -27.55 -51.04 3.04
CA GLU A 574 -27.40 -52.47 2.79
C GLU A 574 -26.22 -52.79 1.89
N ASN A 575 -25.82 -51.88 1.00
CA ASN A 575 -24.67 -52.12 0.14
C ASN A 575 -23.34 -51.88 0.83
N ASN A 576 -23.34 -51.11 1.93
CA ASN A 576 -22.09 -50.70 2.53
C ASN A 576 -21.52 -51.74 3.50
N LYS A 577 -22.29 -52.78 3.80
CA LYS A 577 -21.69 -53.97 4.41
C LYS A 577 -20.77 -54.67 3.41
N MET A 578 -21.26 -54.89 2.19
CA MET A 578 -20.50 -55.63 1.19
C MET A 578 -19.38 -54.79 0.57
N ILE A 579 -19.59 -53.49 0.37
CA ILE A 579 -18.50 -52.64 -0.08
C ILE A 579 -17.69 -52.11 1.10
N GLY A 580 -18.12 -52.39 2.34
CA GLY A 580 -17.23 -52.33 3.47
C GLY A 580 -16.13 -53.35 3.25
N LEU A 581 -14.88 -52.91 3.35
CA LEU A 581 -13.76 -53.56 2.68
C LEU A 581 -13.48 -54.94 3.24
N GLU A 582 -12.83 -55.76 2.42
CA GLU A 582 -12.45 -57.10 2.82
C GLU A 582 -10.94 -57.25 2.90
N SER A 583 -10.19 -56.23 2.47
CA SER A 583 -8.74 -56.26 2.39
C SER A 583 -8.06 -56.05 3.74
N LEU A 584 -8.82 -55.88 4.83
CA LEU A 584 -8.26 -56.03 6.17
C LEU A 584 -8.29 -57.48 6.63
N ARG A 585 -8.75 -58.39 5.75
CA ARG A 585 -8.54 -59.82 5.95
C ARG A 585 -7.06 -60.12 6.12
N GLU A 586 -6.25 -59.68 5.17
CA GLU A 586 -4.80 -59.66 5.32
C GLU A 586 -4.43 -58.21 5.62
N LEU A 587 -4.15 -57.94 6.88
CA LEU A 587 -3.87 -56.59 7.37
C LEU A 587 -2.62 -56.66 8.23
N ARG A 588 -1.95 -55.52 8.42
CA ARG A 588 -0.61 -55.51 8.99
C ARG A 588 -0.59 -55.28 10.50
N HIS A 589 -1.04 -54.11 10.97
CA HIS A 589 -0.78 -53.70 12.35
C HIS A 589 -2.03 -53.06 12.99
N LEU A 590 -3.17 -53.76 12.91
CA LEU A 590 -4.46 -53.21 13.36
C LEU A 590 -4.44 -52.86 14.85
N LYS A 591 -5.06 -51.74 15.21
CA LYS A 591 -5.21 -51.38 16.62
C LYS A 591 -6.66 -51.17 17.04
N ILE A 592 -7.37 -50.22 16.44
CA ILE A 592 -8.73 -49.87 16.85
C ILE A 592 -9.58 -49.76 15.59
N LEU A 593 -10.89 -49.78 15.78
CA LEU A 593 -11.82 -49.35 14.73
C LEU A 593 -12.99 -48.66 15.41
N HIS A 594 -13.35 -47.48 14.95
CA HIS A 594 -14.36 -46.65 15.61
C HIS A 594 -15.50 -46.35 14.66
N VAL A 595 -16.73 -46.62 15.13
CA VAL A 595 -17.96 -46.46 14.38
C VAL A 595 -18.91 -45.64 15.24
N LYS A 596 -19.56 -44.63 14.65
CA LYS A 596 -20.45 -43.77 15.41
C LYS A 596 -21.69 -43.42 14.59
N SER A 597 -22.86 -43.62 15.21
CA SER A 597 -24.16 -43.13 14.74
C SER A 597 -24.55 -43.71 13.38
N ASN A 598 -24.50 -45.04 13.28
CA ASN A 598 -24.88 -45.72 12.06
C ASN A 598 -25.91 -46.79 12.38
N LEU A 599 -26.81 -47.04 11.42
CA LEU A 599 -27.94 -47.93 11.66
C LEU A 599 -27.58 -49.42 11.53
N THR A 600 -26.29 -49.76 11.53
CA THR A 600 -25.84 -51.12 11.25
C THR A 600 -26.31 -52.11 12.30
N LYS A 601 -26.91 -53.20 11.84
CA LYS A 601 -27.57 -54.17 12.70
C LYS A 601 -26.55 -55.15 13.26
N VAL A 602 -25.88 -55.87 12.37
CA VAL A 602 -24.68 -56.63 12.66
C VAL A 602 -23.61 -56.03 11.76
N PRO A 603 -22.39 -55.78 12.25
CA PRO A 603 -21.35 -55.21 11.37
C PRO A 603 -20.85 -56.19 10.31
N SER A 604 -19.89 -55.75 9.51
CA SER A 604 -19.40 -56.57 8.40
C SER A 604 -18.68 -57.81 8.93
N ASN A 605 -18.87 -58.93 8.26
CA ASN A 605 -18.36 -60.22 8.71
C ASN A 605 -16.85 -60.35 8.56
N ILE A 606 -16.21 -59.39 7.89
CA ILE A 606 -14.76 -59.35 7.77
C ILE A 606 -14.09 -58.92 9.08
N THR A 607 -14.86 -58.34 10.01
CA THR A 607 -14.31 -57.58 11.13
C THR A 607 -13.51 -58.45 12.08
N ASP A 608 -13.83 -59.74 12.13
CA ASP A 608 -13.07 -60.67 12.96
C ASP A 608 -11.65 -60.87 12.45
N VAL A 609 -11.46 -60.96 11.14
CA VAL A 609 -10.24 -61.56 10.61
C VAL A 609 -9.22 -60.45 10.30
N ALA A 610 -9.47 -59.27 10.83
CA ALA A 610 -8.37 -58.36 11.08
C ALA A 610 -7.49 -59.02 12.13
N PRO A 611 -6.17 -59.17 11.88
CA PRO A 611 -5.35 -60.05 12.74
C PRO A 611 -5.04 -59.46 14.10
N HIS A 612 -5.03 -58.14 14.23
CA HIS A 612 -4.64 -57.52 15.49
C HIS A 612 -5.79 -56.65 16.02
N LEU A 613 -6.99 -57.22 16.06
CA LEU A 613 -8.07 -56.59 16.80
C LEU A 613 -7.67 -56.43 18.25
N THR A 614 -7.59 -55.20 18.73
CA THR A 614 -7.43 -54.98 20.15
C THR A 614 -8.20 -53.76 20.67
N LYS A 615 -9.05 -53.14 19.84
CA LYS A 615 -10.09 -52.24 20.32
C LYS A 615 -11.26 -52.27 19.36
N LEU A 616 -12.46 -52.50 19.91
CA LEU A 616 -13.70 -52.49 19.16
C LEU A 616 -14.63 -51.47 19.80
N VAL A 617 -14.92 -50.38 19.07
CA VAL A 617 -15.87 -49.37 19.51
C VAL A 617 -16.82 -49.03 18.37
N ILE A 618 -18.12 -49.24 18.58
CA ILE A 618 -19.12 -49.28 17.53
C ILE A 618 -20.32 -48.38 17.81
N HIS A 619 -20.07 -47.23 18.45
CA HIS A 619 -21.05 -46.32 19.08
C HIS A 619 -22.33 -46.10 18.28
N ASN A 620 -23.46 -46.16 18.99
CA ASN A 620 -24.82 -45.99 18.46
C ASN A 620 -25.10 -46.99 17.34
N ASP A 621 -25.08 -48.27 17.71
CA ASP A 621 -25.34 -49.34 16.76
C ASP A 621 -26.84 -49.42 16.47
N GLY A 622 -27.18 -50.06 15.35
CA GLY A 622 -28.56 -50.13 14.90
C GLY A 622 -29.46 -51.01 15.73
N THR A 623 -29.20 -52.32 15.75
CA THR A 623 -29.93 -53.25 16.60
C THR A 623 -28.96 -53.91 17.58
N LYS A 624 -29.44 -54.94 18.26
CA LYS A 624 -28.81 -55.37 19.51
C LYS A 624 -27.57 -56.24 19.28
N LEU A 625 -27.76 -57.43 18.73
CA LEU A 625 -26.75 -58.47 18.85
C LEU A 625 -25.64 -58.32 17.81
N LEU A 626 -24.41 -58.44 18.27
CA LEU A 626 -23.26 -58.69 17.40
C LEU A 626 -23.06 -60.20 17.37
N VAL A 627 -23.31 -60.80 16.21
CA VAL A 627 -23.46 -62.24 16.08
C VAL A 627 -22.08 -62.89 16.18
N LEU A 628 -22.06 -64.22 16.30
CA LEU A 628 -20.92 -64.99 16.77
C LEU A 628 -19.70 -64.93 15.85
N ASN A 629 -19.86 -64.57 14.57
CA ASN A 629 -18.75 -64.68 13.63
C ASN A 629 -17.72 -63.58 13.83
N SER A 630 -18.18 -62.37 14.15
CA SER A 630 -17.25 -61.26 14.35
C SER A 630 -16.54 -61.37 15.70
N LEU A 631 -17.02 -62.23 16.60
CA LEU A 631 -16.39 -62.40 17.90
C LEU A 631 -15.62 -63.71 18.03
N LYS A 632 -15.86 -64.69 17.15
CA LYS A 632 -15.26 -66.01 17.32
C LYS A 632 -13.77 -66.03 16.99
N LYS A 633 -13.33 -65.25 16.02
CA LYS A 633 -11.91 -65.08 15.72
C LYS A 633 -11.34 -63.89 16.47
N MET A 634 -12.21 -63.05 17.03
CA MET A 634 -11.83 -61.92 17.87
C MET A 634 -11.40 -62.43 19.25
N MET A 635 -10.22 -63.04 19.28
CA MET A 635 -9.66 -63.60 20.50
C MET A 635 -8.28 -63.03 20.80
N ASN A 636 -8.06 -61.77 20.44
CA ASN A 636 -6.79 -61.10 20.66
C ASN A 636 -6.95 -59.66 21.15
N VAL A 637 -8.09 -59.34 21.77
CA VAL A 637 -8.45 -57.98 22.06
C VAL A 637 -8.10 -57.62 23.50
N ALA A 638 -8.12 -56.32 23.80
CA ALA A 638 -8.04 -55.79 25.15
C ALA A 638 -9.06 -54.70 25.42
N GLU A 639 -9.80 -54.24 24.42
CA GLU A 639 -10.68 -53.08 24.55
C GLU A 639 -11.97 -53.35 23.79
N LEU A 640 -13.12 -53.27 24.47
CA LEU A 640 -14.42 -53.32 23.82
C LEU A 640 -15.30 -52.18 24.32
N GLU A 641 -15.91 -51.46 23.39
CA GLU A 641 -16.86 -50.40 23.73
C GLU A 641 -18.11 -50.61 22.88
N LEU A 642 -19.04 -51.40 23.39
CA LEU A 642 -20.35 -51.57 22.77
C LEU A 642 -21.31 -50.50 23.28
N GLN A 643 -20.95 -49.25 23.02
CA GLN A 643 -21.60 -48.10 23.63
C GLN A 643 -22.76 -47.60 22.78
N ASN A 644 -23.79 -47.09 23.47
CA ASN A 644 -25.07 -46.65 22.89
C ASN A 644 -25.73 -47.76 22.08
N CYS A 645 -25.66 -48.99 22.60
CA CYS A 645 -26.40 -50.09 22.01
C CYS A 645 -27.81 -50.12 22.58
N GLU A 646 -28.57 -51.15 22.22
CA GLU A 646 -29.99 -51.21 22.56
C GLU A 646 -30.36 -52.53 23.22
N LEU A 647 -29.41 -53.18 23.91
CA LEU A 647 -29.71 -54.41 24.62
C LEU A 647 -30.20 -54.10 26.02
N GLU A 648 -31.11 -54.94 26.52
CA GLU A 648 -31.58 -54.81 27.89
C GLU A 648 -30.53 -55.25 28.90
N ARG A 649 -29.56 -56.05 28.48
CA ARG A 649 -28.54 -56.61 29.36
C ARG A 649 -27.20 -56.60 28.60
N ILE A 650 -26.22 -57.32 29.12
CA ILE A 650 -24.92 -57.47 28.46
C ILE A 650 -25.08 -58.51 27.36
N PRO A 651 -24.35 -58.41 26.23
CA PRO A 651 -24.28 -59.55 25.31
C PRO A 651 -23.63 -60.76 25.96
N HIS A 652 -24.40 -61.82 26.19
CA HIS A 652 -23.90 -62.96 26.95
C HIS A 652 -22.98 -63.86 26.14
N ALA A 653 -22.89 -63.67 24.82
CA ALA A 653 -22.08 -64.51 23.95
C ALA A 653 -20.62 -64.09 23.89
N ILE A 654 -20.20 -63.12 24.71
CA ILE A 654 -18.82 -62.65 24.70
C ILE A 654 -17.90 -63.55 25.51
N PHE A 655 -18.43 -64.64 26.09
CA PHE A 655 -17.63 -65.61 26.83
C PHE A 655 -16.69 -66.39 25.93
N SER A 656 -16.93 -66.40 24.61
CA SER A 656 -16.25 -67.25 23.64
C SER A 656 -14.80 -66.84 23.36
N LEU A 657 -14.25 -65.87 24.08
CA LEU A 657 -12.89 -65.42 23.84
C LEU A 657 -12.23 -65.16 25.19
N SER A 658 -11.02 -65.70 25.37
CA SER A 658 -10.37 -65.72 26.67
C SER A 658 -9.41 -64.56 26.89
N ASN A 659 -9.65 -63.42 26.24
CA ASN A 659 -8.90 -62.21 26.55
C ASN A 659 -9.80 -61.00 26.30
N LEU A 660 -10.54 -60.60 27.33
CA LEU A 660 -11.27 -59.34 27.39
C LEU A 660 -10.63 -58.56 28.53
N GLN A 661 -9.72 -57.64 28.21
CA GLN A 661 -9.17 -56.83 29.29
C GLN A 661 -10.16 -55.80 29.80
N GLU A 662 -11.11 -55.37 28.99
CA GLU A 662 -12.17 -54.49 29.46
C GLU A 662 -13.40 -54.67 28.57
N LEU A 663 -14.49 -54.02 28.97
CA LEU A 663 -15.70 -53.99 28.17
C LEU A 663 -16.48 -52.74 28.57
N ASP A 664 -17.15 -52.13 27.60
CA ASP A 664 -17.89 -50.90 27.83
C ASP A 664 -19.21 -50.95 27.09
N LEU A 665 -20.31 -50.69 27.80
CA LEU A 665 -21.65 -50.67 27.24
C LEU A 665 -22.41 -49.42 27.69
N LYS A 666 -21.76 -48.27 27.47
CA LYS A 666 -22.32 -46.97 27.79
C LYS A 666 -23.60 -46.69 27.01
N SER A 667 -24.53 -45.96 27.64
CA SER A 667 -25.77 -45.46 27.04
C SER A 667 -26.66 -46.61 26.56
N ASN A 668 -26.83 -47.60 27.44
CA ASN A 668 -27.68 -48.74 27.17
C ASN A 668 -28.51 -48.99 28.41
N ASN A 669 -29.78 -49.32 28.22
CA ASN A 669 -30.67 -49.61 29.35
C ASN A 669 -30.31 -50.95 29.98
N ILE A 670 -29.48 -50.91 31.02
CA ILE A 670 -28.85 -52.10 31.60
C ILE A 670 -29.23 -52.16 33.07
N ARG A 671 -30.10 -53.11 33.43
CA ARG A 671 -30.60 -53.13 34.81
C ARG A 671 -29.66 -53.85 35.77
N THR A 672 -29.07 -54.98 35.37
CA THR A 672 -28.04 -55.70 36.14
C THR A 672 -27.00 -56.20 35.16
N ILE A 673 -26.06 -56.99 35.65
CA ILE A 673 -25.00 -57.52 34.83
C ILE A 673 -25.28 -58.99 34.52
N GLU A 674 -24.47 -59.57 33.64
CA GLU A 674 -24.81 -60.80 32.96
C GLU A 674 -24.47 -61.99 33.87
N GLU A 675 -24.46 -63.20 33.32
CA GLU A 675 -24.26 -64.42 34.07
C GLU A 675 -22.78 -64.54 34.43
N ILE A 676 -22.47 -64.55 35.73
CA ILE A 676 -21.10 -64.38 36.19
C ILE A 676 -20.33 -65.70 36.22
N ILE A 677 -21.00 -66.82 35.97
CA ILE A 677 -20.26 -68.06 35.75
C ILE A 677 -19.55 -67.99 34.39
N SER A 678 -20.11 -67.26 33.44
CA SER A 678 -19.37 -66.93 32.23
C SER A 678 -18.23 -65.96 32.52
N PHE A 679 -18.42 -65.05 33.48
CA PHE A 679 -17.35 -64.18 33.93
C PHE A 679 -16.27 -64.91 34.71
N GLN A 680 -16.55 -66.12 35.19
CA GLN A 680 -15.49 -66.94 35.78
C GLN A 680 -14.51 -67.41 34.71
N HIS A 681 -15.02 -67.64 33.50
CA HIS A 681 -14.13 -67.89 32.38
C HIS A 681 -13.66 -66.60 31.72
N LEU A 682 -14.37 -65.50 31.94
CA LEU A 682 -13.93 -64.16 31.54
C LEU A 682 -13.25 -63.46 32.71
N LYS A 683 -12.27 -64.09 33.35
CA LYS A 683 -11.74 -63.56 34.60
C LYS A 683 -10.72 -62.45 34.40
N ARG A 684 -10.45 -62.04 33.16
CA ARG A 684 -9.42 -61.05 32.87
C ARG A 684 -9.99 -59.67 32.56
N LEU A 685 -11.27 -59.43 32.86
CA LEU A 685 -11.82 -58.07 32.72
C LEU A 685 -11.19 -57.15 33.75
N THR A 686 -10.21 -56.38 33.31
CA THR A 686 -9.31 -55.61 34.18
C THR A 686 -9.88 -54.26 34.57
N CYS A 687 -10.48 -53.54 33.62
CA CYS A 687 -11.12 -52.25 33.90
C CYS A 687 -12.55 -52.28 33.34
N LEU A 688 -13.48 -52.85 34.10
CA LEU A 688 -14.86 -52.88 33.65
C LEU A 688 -15.49 -51.51 33.88
N LYS A 689 -16.20 -51.02 32.87
CA LYS A 689 -16.87 -49.73 32.95
C LYS A 689 -18.18 -49.82 32.19
N LEU A 690 -19.24 -49.30 32.80
CA LEU A 690 -20.56 -49.24 32.19
C LEU A 690 -21.41 -48.23 32.94
N TRP A 691 -22.01 -47.31 32.21
CA TRP A 691 -22.82 -46.27 32.82
C TRP A 691 -23.91 -45.86 31.84
N HIS A 692 -24.68 -44.84 32.25
CA HIS A 692 -25.88 -44.37 31.56
C HIS A 692 -26.86 -45.53 31.34
N ASN A 693 -27.36 -46.04 32.46
CA ASN A 693 -27.98 -47.34 32.51
C ASN A 693 -28.97 -47.39 33.66
N LYS A 694 -29.42 -48.60 34.01
CA LYS A 694 -30.53 -48.83 34.93
C LYS A 694 -30.10 -49.64 36.15
N ILE A 695 -28.89 -49.41 36.67
CA ILE A 695 -28.30 -50.30 37.67
C ILE A 695 -29.06 -50.22 38.98
N VAL A 696 -29.70 -51.32 39.36
CA VAL A 696 -30.37 -51.43 40.64
C VAL A 696 -29.39 -51.78 41.74
N THR A 697 -28.59 -52.82 41.53
CA THR A 697 -27.59 -53.26 42.49
C THR A 697 -26.53 -54.06 41.75
N ILE A 698 -25.48 -54.45 42.48
CA ILE A 698 -24.42 -55.29 41.93
C ILE A 698 -24.53 -56.67 42.56
N PRO A 699 -24.29 -57.74 41.80
CA PRO A 699 -24.46 -59.10 42.35
C PRO A 699 -23.28 -59.49 43.22
N PRO A 700 -23.45 -60.47 44.11
CA PRO A 700 -22.33 -60.86 44.98
C PRO A 700 -21.24 -61.66 44.29
N SER A 701 -21.46 -62.14 43.06
CA SER A 701 -20.52 -63.05 42.42
C SER A 701 -19.35 -62.34 41.74
N ILE A 702 -19.08 -61.07 42.07
CA ILE A 702 -18.01 -60.29 41.47
C ILE A 702 -16.62 -60.73 41.96
N THR A 703 -16.60 -61.76 42.81
CA THR A 703 -15.39 -62.54 43.08
C THR A 703 -14.80 -63.13 41.80
N HIS A 704 -15.64 -63.42 40.80
CA HIS A 704 -15.26 -64.17 39.61
C HIS A 704 -14.36 -63.40 38.65
N VAL A 705 -13.93 -62.18 38.97
CA VAL A 705 -13.02 -61.41 38.12
C VAL A 705 -11.83 -60.96 38.98
N LYS A 706 -10.75 -61.75 38.95
CA LYS A 706 -9.59 -61.45 39.79
C LYS A 706 -8.68 -60.40 39.17
N ASN A 707 -8.55 -60.37 37.84
CA ASN A 707 -7.69 -59.41 37.18
C ASN A 707 -8.27 -57.99 37.15
N LEU A 708 -9.51 -57.82 37.62
CA LEU A 708 -10.14 -56.51 37.74
C LEU A 708 -9.37 -55.59 38.66
N GLU A 709 -8.93 -54.44 38.15
CA GLU A 709 -8.21 -53.49 38.97
C GLU A 709 -8.87 -52.13 39.07
N SER A 710 -9.98 -51.89 38.36
CA SER A 710 -10.69 -50.61 38.45
C SER A 710 -12.10 -50.79 37.92
N LEU A 711 -13.09 -50.32 38.68
CA LEU A 711 -14.48 -50.32 38.24
C LEU A 711 -15.07 -48.95 38.54
N TYR A 712 -15.76 -48.36 37.57
CA TYR A 712 -16.48 -47.13 37.84
C TYR A 712 -17.72 -47.05 36.98
N PHE A 713 -18.83 -46.64 37.58
CA PHE A 713 -20.12 -46.51 36.95
C PHE A 713 -20.53 -45.04 37.00
N SER A 714 -21.76 -44.79 36.55
CA SER A 714 -22.57 -43.62 36.85
C SER A 714 -23.98 -43.96 36.39
N ASN A 715 -24.92 -43.07 36.74
CA ASN A 715 -26.35 -43.20 36.45
C ASN A 715 -26.91 -44.52 37.00
N ASN A 716 -26.72 -44.71 38.30
CA ASN A 716 -27.21 -45.88 39.01
C ASN A 716 -28.07 -45.44 40.20
N LYS A 717 -29.12 -46.21 40.46
CA LYS A 717 -29.98 -45.95 41.62
C LYS A 717 -29.74 -47.06 42.64
N LEU A 718 -29.38 -46.67 43.85
CA LEU A 718 -29.14 -47.60 44.93
C LEU A 718 -29.48 -46.92 46.25
N GLU A 719 -29.54 -47.74 47.31
CA GLU A 719 -29.21 -47.27 48.65
C GLU A 719 -28.35 -48.26 49.43
N SER A 720 -28.44 -49.55 49.15
CA SER A 720 -27.67 -50.55 49.85
C SER A 720 -26.19 -50.49 49.44
N LEU A 721 -25.35 -51.03 50.30
CA LEU A 721 -23.92 -50.94 50.11
C LEU A 721 -23.42 -52.11 49.27
N PRO A 722 -22.46 -51.89 48.37
CA PRO A 722 -21.81 -53.02 47.68
C PRO A 722 -20.95 -53.82 48.65
N VAL A 723 -21.40 -55.01 49.02
CA VAL A 723 -20.78 -55.76 50.10
C VAL A 723 -19.77 -56.81 49.61
N ALA A 724 -19.79 -57.16 48.33
CA ALA A 724 -18.91 -58.19 47.79
C ALA A 724 -17.61 -57.62 47.23
N VAL A 725 -17.18 -56.46 47.74
CA VAL A 725 -16.01 -55.79 47.19
C VAL A 725 -14.71 -56.28 47.84
N PHE A 726 -14.75 -56.70 49.10
CA PHE A 726 -13.55 -57.15 49.81
C PHE A 726 -12.99 -58.46 49.27
N SER A 727 -13.75 -59.21 48.48
CA SER A 727 -13.19 -60.40 47.86
C SER A 727 -12.17 -60.03 46.79
N LEU A 728 -12.45 -58.98 46.04
CA LEU A 728 -11.50 -58.50 45.03
C LEU A 728 -10.56 -57.49 45.67
N GLN A 729 -9.27 -57.82 45.69
CA GLN A 729 -8.26 -57.05 46.38
C GLN A 729 -7.59 -55.99 45.50
N LYS A 730 -7.90 -55.97 44.21
CA LYS A 730 -7.07 -55.32 43.23
C LYS A 730 -7.65 -53.98 42.76
N LEU A 731 -8.89 -53.66 43.12
CA LEU A 731 -9.60 -52.53 42.52
C LEU A 731 -9.00 -51.21 42.94
N ARG A 732 -9.04 -50.24 42.01
CA ARG A 732 -8.47 -48.92 42.24
C ARG A 732 -9.47 -47.79 42.01
N CYS A 733 -10.64 -48.07 41.46
CA CYS A 733 -11.70 -47.10 41.27
C CYS A 733 -12.97 -47.64 41.89
N LEU A 734 -13.89 -46.75 42.24
CA LEU A 734 -15.18 -47.12 42.81
C LEU A 734 -16.30 -46.64 41.90
N ASP A 735 -17.41 -47.38 41.89
CA ASP A 735 -18.50 -47.16 40.94
C ASP A 735 -19.63 -46.33 41.54
N VAL A 736 -19.28 -45.15 42.03
CA VAL A 736 -20.16 -44.45 42.97
C VAL A 736 -20.51 -43.03 42.58
N SER A 737 -20.61 -42.74 41.29
CA SER A 737 -21.15 -41.47 40.84
C SER A 737 -22.61 -41.61 40.47
N TYR A 738 -23.34 -40.49 40.61
CA TYR A 738 -24.76 -40.34 40.30
C TYR A 738 -25.63 -41.31 41.10
N ASN A 739 -25.25 -41.57 42.34
CA ASN A 739 -25.92 -42.59 43.13
C ASN A 739 -26.62 -41.99 44.35
N ASN A 740 -27.09 -42.86 45.22
CA ASN A 740 -27.57 -42.50 46.56
C ASN A 740 -27.00 -43.52 47.52
N ILE A 741 -26.06 -43.11 48.37
CA ILE A 741 -25.40 -44.01 49.30
C ILE A 741 -25.28 -43.29 50.63
N SER A 742 -25.07 -44.06 51.70
CA SER A 742 -25.04 -43.52 53.05
C SER A 742 -23.78 -43.87 53.81
N MET A 743 -22.82 -44.56 53.19
CA MET A 743 -21.65 -45.11 53.89
C MET A 743 -20.68 -45.58 52.82
N ILE A 744 -19.46 -45.89 53.23
CA ILE A 744 -18.62 -46.81 52.47
C ILE A 744 -18.53 -48.09 53.30
N PRO A 745 -18.65 -49.28 52.67
CA PRO A 745 -18.92 -50.50 53.44
C PRO A 745 -17.70 -51.07 54.17
N ILE A 746 -17.86 -52.28 54.70
CA ILE A 746 -16.87 -52.89 55.59
C ILE A 746 -15.70 -53.49 54.81
N GLU A 747 -15.72 -53.38 53.47
CA GLU A 747 -14.60 -53.81 52.63
C GLU A 747 -13.38 -52.91 52.74
N ILE A 748 -13.47 -51.83 53.51
CA ILE A 748 -12.40 -50.86 53.69
C ILE A 748 -11.13 -51.45 54.30
N GLY A 749 -11.24 -52.56 55.04
CA GLY A 749 -10.07 -53.12 55.69
C GLY A 749 -9.09 -53.78 54.75
N LEU A 750 -9.54 -54.16 53.56
CA LEU A 750 -8.73 -54.96 52.65
C LEU A 750 -8.21 -54.16 51.46
N LEU A 751 -8.78 -52.99 51.17
CA LEU A 751 -8.28 -52.13 50.10
C LEU A 751 -6.95 -51.51 50.53
N GLN A 752 -5.91 -51.83 49.76
CA GLN A 752 -4.60 -51.21 49.97
C GLN A 752 -4.06 -50.55 48.70
N ASN A 753 -4.21 -51.19 47.55
CA ASN A 753 -3.62 -50.71 46.32
C ASN A 753 -4.54 -49.79 45.52
N LEU A 754 -5.64 -49.34 46.12
CA LEU A 754 -6.67 -48.61 45.40
C LEU A 754 -6.22 -47.18 45.14
N GLN A 755 -6.88 -46.52 44.17
CA GLN A 755 -6.48 -45.14 43.91
C GLN A 755 -7.61 -44.12 43.85
N HIS A 756 -8.78 -44.48 43.33
CA HIS A 756 -9.80 -43.50 42.99
C HIS A 756 -11.07 -43.69 43.80
N LEU A 757 -11.56 -42.59 44.38
CA LEU A 757 -12.81 -42.55 45.15
C LEU A 757 -13.63 -41.35 44.65
N HIS A 758 -14.51 -41.57 43.69
CA HIS A 758 -15.46 -40.52 43.32
C HIS A 758 -16.80 -40.78 44.02
N ILE A 759 -16.73 -40.73 45.34
CA ILE A 759 -17.87 -41.10 46.19
C ILE A 759 -18.75 -39.85 46.29
N THR A 760 -19.60 -39.69 45.29
CA THR A 760 -20.26 -38.44 44.99
C THR A 760 -21.76 -38.70 44.81
N GLY A 761 -22.58 -37.83 45.38
CA GLY A 761 -24.01 -38.06 45.41
C GLY A 761 -24.45 -38.86 46.62
N ASN A 762 -24.24 -38.29 47.80
CA ASN A 762 -24.55 -38.99 49.05
C ASN A 762 -24.96 -37.95 50.09
N LYS A 763 -24.95 -38.36 51.36
CA LYS A 763 -25.39 -37.46 52.42
C LYS A 763 -24.59 -37.60 53.72
N VAL A 764 -23.55 -38.43 53.75
CA VAL A 764 -23.00 -38.89 55.02
C VAL A 764 -22.06 -37.83 55.60
N ASP A 765 -22.08 -37.70 56.92
CA ASP A 765 -21.12 -36.92 57.70
C ASP A 765 -19.96 -37.77 58.20
N ILE A 766 -20.23 -38.98 58.70
CA ILE A 766 -19.16 -39.83 59.21
C ILE A 766 -18.38 -40.40 58.04
N LEU A 767 -17.12 -40.76 58.30
CA LEU A 767 -16.31 -41.45 57.33
C LEU A 767 -15.41 -42.32 58.21
N PRO A 768 -15.27 -43.61 57.92
CA PRO A 768 -14.54 -44.51 58.82
C PRO A 768 -13.05 -44.23 58.82
N LYS A 769 -12.45 -44.46 59.98
CA LYS A 769 -11.06 -44.07 60.29
C LYS A 769 -10.05 -45.11 59.77
N GLN A 770 -10.22 -45.46 58.50
CA GLN A 770 -9.55 -46.61 57.92
C GLN A 770 -8.45 -46.27 56.92
N LEU A 771 -8.49 -45.08 56.31
CA LEU A 771 -7.64 -44.79 55.16
C LEU A 771 -6.32 -44.13 55.57
N PHE A 772 -5.81 -44.44 56.76
CA PHE A 772 -4.38 -44.28 57.03
C PHE A 772 -3.61 -45.55 56.71
N LYS A 773 -4.30 -46.70 56.67
CA LYS A 773 -3.68 -47.96 56.28
C LYS A 773 -3.34 -47.96 54.79
N CYS A 774 -4.34 -47.71 53.94
CA CYS A 774 -4.10 -47.58 52.51
C CYS A 774 -3.53 -46.21 52.20
N ILE A 775 -2.51 -46.19 51.34
CA ILE A 775 -1.76 -44.98 51.07
C ILE A 775 -1.79 -44.60 49.59
N LYS A 776 -2.03 -45.54 48.69
CA LYS A 776 -1.92 -45.30 47.26
C LYS A 776 -3.11 -44.51 46.70
N LEU A 777 -4.18 -44.36 47.48
CA LEU A 777 -5.34 -43.62 46.99
C LEU A 777 -5.04 -42.14 46.89
N ARG A 778 -5.46 -41.53 45.78
CA ARG A 778 -5.05 -40.18 45.44
C ARG A 778 -6.19 -39.20 45.18
N THR A 779 -7.39 -39.68 44.88
CA THR A 779 -8.53 -38.81 44.58
C THR A 779 -9.70 -39.20 45.46
N LEU A 780 -10.03 -38.35 46.42
CA LEU A 780 -11.28 -38.43 47.17
C LEU A 780 -12.21 -37.41 46.55
N ASN A 781 -12.87 -37.79 45.47
CA ASN A 781 -13.75 -36.89 44.72
C ASN A 781 -15.13 -37.02 45.34
N LEU A 782 -15.29 -36.44 46.52
CA LEU A 782 -16.47 -36.67 47.34
C LEU A 782 -17.29 -35.39 47.44
N GLY A 783 -18.34 -35.31 46.63
CA GLY A 783 -19.30 -34.26 46.79
C GLY A 783 -20.31 -34.61 47.85
N GLN A 784 -21.21 -33.65 48.13
CA GLN A 784 -22.47 -33.87 48.84
C GLN A 784 -22.29 -34.29 50.30
N ASN A 785 -21.08 -34.23 50.84
CA ASN A 785 -20.80 -34.71 52.21
C ASN A 785 -20.38 -33.54 53.07
N CYS A 786 -21.28 -33.07 53.92
CA CYS A 786 -20.95 -32.08 54.95
C CYS A 786 -20.27 -32.80 56.12
N ILE A 787 -19.03 -33.24 55.85
CA ILE A 787 -18.22 -33.96 56.84
C ILE A 787 -17.83 -33.02 57.97
N THR A 788 -17.55 -33.60 59.13
CA THR A 788 -17.09 -32.85 60.29
C THR A 788 -15.63 -33.08 60.62
N SER A 789 -15.23 -34.33 60.81
CA SER A 789 -13.89 -34.66 61.28
C SER A 789 -13.07 -35.32 60.18
N LEU A 790 -11.76 -35.04 60.19
CA LEU A 790 -10.81 -35.68 59.28
C LEU A 790 -9.58 -36.09 60.10
N PRO A 791 -9.57 -37.31 60.65
CA PRO A 791 -8.46 -37.76 61.50
C PRO A 791 -7.17 -38.06 60.75
N GLU A 792 -6.23 -38.74 61.44
CA GLU A 792 -4.92 -39.18 60.94
C GLU A 792 -4.96 -39.85 59.56
N LYS A 793 -6.11 -40.43 59.17
CA LYS A 793 -6.29 -40.98 57.83
C LYS A 793 -6.10 -39.93 56.73
N VAL A 794 -6.37 -38.64 57.00
CA VAL A 794 -6.17 -37.63 55.98
C VAL A 794 -4.75 -37.07 56.02
N GLY A 795 -4.05 -37.18 57.15
CA GLY A 795 -2.68 -36.72 57.22
C GLY A 795 -1.64 -37.78 56.98
N GLN A 796 -2.06 -39.03 56.77
CA GLN A 796 -1.13 -40.14 56.60
C GLN A 796 -0.76 -40.37 55.14
N LEU A 797 -1.73 -40.21 54.24
CA LEU A 797 -1.53 -40.47 52.82
C LEU A 797 -0.63 -39.45 52.13
N SER A 798 0.65 -39.79 51.99
CA SER A 798 1.57 -38.92 51.26
C SER A 798 1.40 -39.08 49.75
N GLN A 799 1.03 -40.28 49.28
CA GLN A 799 0.88 -40.52 47.85
C GLN A 799 -0.32 -39.80 47.25
N LEU A 800 -1.26 -39.36 48.07
CA LEU A 800 -2.38 -38.57 47.58
C LEU A 800 -1.93 -37.16 47.23
N THR A 801 -2.69 -36.52 46.34
CA THR A 801 -2.53 -35.10 46.09
C THR A 801 -3.85 -34.35 45.95
N GLN A 802 -5.00 -35.02 45.93
CA GLN A 802 -6.27 -34.38 45.63
C GLN A 802 -7.35 -34.90 46.57
N LEU A 803 -8.21 -34.00 47.05
CA LEU A 803 -9.36 -34.40 47.87
C LEU A 803 -10.47 -33.38 47.62
N GLU A 804 -11.41 -33.74 46.75
CA GLU A 804 -12.52 -32.85 46.42
C GLU A 804 -13.61 -32.92 47.48
N LEU A 805 -14.14 -31.75 47.85
CA LEU A 805 -15.37 -31.66 48.61
C LEU A 805 -16.03 -30.32 48.34
N LYS A 806 -17.34 -30.36 48.14
CA LYS A 806 -18.18 -29.17 48.15
C LYS A 806 -19.42 -29.47 48.96
N GLY A 807 -19.80 -28.51 49.82
CA GLY A 807 -20.90 -28.70 50.74
C GLY A 807 -20.35 -29.25 52.04
N ASN A 808 -20.21 -28.39 53.05
CA ASN A 808 -19.45 -28.76 54.24
C ASN A 808 -19.76 -27.75 55.34
N CYS A 809 -19.53 -28.17 56.57
CA CYS A 809 -19.34 -27.22 57.66
C CYS A 809 -18.11 -26.36 57.38
N PHE A 810 -17.03 -26.99 56.91
CA PHE A 810 -15.68 -26.43 56.64
C PHE A 810 -15.12 -25.55 57.76
N ASP A 811 -15.59 -25.77 58.99
CA ASP A 811 -15.28 -24.90 60.12
C ASP A 811 -15.00 -25.72 61.37
N ARG A 812 -14.40 -26.89 61.19
CA ARG A 812 -13.83 -27.68 62.27
C ARG A 812 -12.32 -27.81 62.09
N LEU A 813 -11.87 -28.18 60.88
CA LEU A 813 -10.54 -27.95 60.33
C LEU A 813 -9.44 -28.58 61.18
N PRO A 814 -9.31 -29.89 61.15
CA PRO A 814 -8.48 -30.59 62.14
C PRO A 814 -6.99 -30.40 61.90
N ALA A 815 -6.21 -30.76 62.92
CA ALA A 815 -4.77 -30.53 62.92
C ALA A 815 -4.02 -31.46 61.97
N GLN A 816 -4.63 -32.57 61.57
CA GLN A 816 -3.97 -33.51 60.67
C GLN A 816 -3.78 -32.93 59.27
N LEU A 817 -4.55 -31.90 58.90
CA LEU A 817 -4.31 -31.16 57.68
C LEU A 817 -2.98 -30.42 57.70
N GLY A 818 -2.43 -30.16 58.90
CA GLY A 818 -1.06 -29.68 58.98
C GLY A 818 -0.04 -30.70 58.52
N GLN A 819 -0.35 -31.98 58.68
CA GLN A 819 0.51 -33.06 58.17
C GLN A 819 0.09 -33.47 56.76
N CYS A 820 -0.01 -32.48 55.87
CA CYS A 820 -0.45 -32.74 54.50
C CYS A 820 0.36 -31.93 53.50
N ARG A 821 1.64 -31.69 53.80
CA ARG A 821 2.45 -30.89 52.90
C ARG A 821 2.93 -31.67 51.68
N MET A 822 2.88 -33.00 51.74
CA MET A 822 3.23 -33.80 50.57
C MET A 822 2.14 -33.70 49.51
N LEU A 823 0.89 -33.72 49.93
CA LEU A 823 -0.20 -33.43 49.01
C LEU A 823 -0.33 -31.92 48.83
N LYS A 824 -1.06 -31.52 47.79
CA LYS A 824 -1.03 -30.13 47.35
C LYS A 824 -2.38 -29.43 47.53
N LYS A 825 -3.46 -29.95 46.94
CA LYS A 825 -4.67 -29.16 46.74
C LYS A 825 -5.91 -29.98 47.08
N SER A 826 -6.85 -29.33 47.77
CA SER A 826 -8.17 -29.89 48.04
C SER A 826 -9.19 -29.27 47.08
N GLY A 827 -10.47 -29.56 47.31
CA GLY A 827 -11.51 -29.08 46.44
C GLY A 827 -11.96 -27.64 46.67
N LEU A 828 -12.28 -27.30 47.91
CA LEU A 828 -12.88 -26.01 48.23
C LEU A 828 -12.28 -25.34 49.46
N VAL A 829 -11.47 -26.05 50.25
CA VAL A 829 -11.12 -25.65 51.61
C VAL A 829 -10.20 -24.43 51.67
N VAL A 830 -9.56 -24.07 50.56
CA VAL A 830 -8.53 -23.04 50.60
C VAL A 830 -9.19 -21.67 50.65
N GLU A 831 -9.47 -21.21 51.86
CA GLU A 831 -9.87 -19.83 52.16
C GLU A 831 -9.18 -19.46 53.47
N ASP A 832 -9.62 -18.35 54.07
CA ASP A 832 -9.07 -17.94 55.35
C ASP A 832 -9.76 -18.56 56.55
N HIS A 833 -10.70 -19.48 56.34
CA HIS A 833 -11.24 -20.22 57.48
C HIS A 833 -10.21 -21.23 57.98
N LEU A 834 -9.53 -21.93 57.08
CA LEU A 834 -8.41 -22.78 57.45
C LEU A 834 -7.12 -21.98 57.58
N PHE A 835 -7.01 -20.83 56.92
CA PHE A 835 -5.80 -20.03 56.97
C PHE A 835 -5.76 -19.06 58.15
N ASP A 836 -6.71 -19.17 59.08
CA ASP A 836 -6.63 -18.45 60.34
C ASP A 836 -6.59 -19.38 61.54
N THR A 837 -7.22 -20.55 61.44
CA THR A 837 -6.96 -21.62 62.40
C THR A 837 -5.58 -22.21 62.15
N LEU A 838 -4.83 -22.41 63.24
CA LEU A 838 -3.53 -23.09 63.27
C LEU A 838 -2.50 -22.42 62.36
N PRO A 839 -1.96 -21.25 62.71
CA PRO A 839 -0.98 -20.59 61.83
C PRO A 839 0.38 -21.26 61.78
N LEU A 840 0.62 -22.31 62.56
CA LEU A 840 1.89 -23.02 62.52
C LEU A 840 1.82 -24.31 61.72
N GLU A 841 0.70 -25.02 61.75
CA GLU A 841 0.57 -26.27 61.00
C GLU A 841 0.13 -26.03 59.56
N VAL A 842 -1.09 -25.53 59.37
CA VAL A 842 -1.64 -25.53 58.02
C VAL A 842 -1.19 -24.31 57.24
N LYS A 843 -0.91 -23.19 57.91
CA LYS A 843 -0.38 -22.01 57.21
C LYS A 843 1.02 -22.25 56.69
N GLU A 844 1.90 -22.80 57.54
CA GLU A 844 3.23 -23.17 57.10
C GLU A 844 3.18 -24.29 56.07
N ALA A 845 2.23 -25.23 56.21
CA ALA A 845 2.08 -26.30 55.22
C ALA A 845 1.72 -25.75 53.84
N LEU A 846 0.57 -25.10 53.74
CA LEU A 846 0.09 -24.58 52.45
C LEU A 846 0.73 -23.25 52.06
N ASN A 847 1.74 -22.78 52.78
CA ASN A 847 2.54 -21.67 52.32
C ASN A 847 3.94 -22.10 51.88
N GLN A 848 4.51 -23.13 52.50
CA GLN A 848 5.73 -23.74 51.97
C GLN A 848 5.45 -24.60 50.75
N ASP A 849 4.21 -25.08 50.59
CA ASP A 849 3.88 -25.81 49.36
C ASP A 849 3.81 -24.88 48.15
N ILE A 850 3.49 -23.60 48.38
CA ILE A 850 3.50 -22.62 47.30
C ILE A 850 4.06 -21.30 47.79
N PHE B 2 -35.80 33.59 -33.11
CA PHE B 2 -37.03 32.93 -33.52
C PHE B 2 -37.13 31.52 -32.93
N THR B 3 -36.38 31.32 -31.83
CA THR B 3 -36.30 30.06 -31.08
C THR B 3 -35.88 28.91 -32.02
N LEU B 4 -34.62 29.00 -32.43
CA LEU B 4 -33.99 28.09 -33.37
C LEU B 4 -34.01 26.65 -32.87
N ALA B 5 -33.75 25.72 -33.80
CA ALA B 5 -34.03 24.31 -33.55
C ALA B 5 -32.99 23.64 -32.66
N GLU B 6 -31.79 24.23 -32.56
CA GLU B 6 -30.66 23.57 -31.90
C GLU B 6 -30.90 23.40 -30.41
N VAL B 7 -31.09 24.50 -29.71
CA VAL B 7 -31.29 24.43 -28.27
C VAL B 7 -32.68 23.88 -27.93
N ALA B 8 -33.66 24.05 -28.83
CA ALA B 8 -34.98 23.47 -28.58
C ALA B 8 -34.94 21.96 -28.67
N SER B 9 -34.08 21.41 -29.53
CA SER B 9 -33.88 19.97 -29.54
C SER B 9 -33.07 19.52 -28.32
N LEU B 10 -31.95 20.20 -28.05
CA LEU B 10 -31.03 19.72 -27.03
C LEU B 10 -31.45 20.06 -25.61
N ASN B 11 -32.55 20.79 -25.41
CA ASN B 11 -32.98 21.14 -24.06
C ASN B 11 -33.84 20.05 -23.43
N ASP B 12 -33.69 18.79 -23.85
CA ASP B 12 -34.49 17.71 -23.32
C ASP B 12 -33.65 16.53 -22.84
N ILE B 13 -32.33 16.62 -22.93
CA ILE B 13 -31.46 15.46 -22.72
C ILE B 13 -31.36 15.15 -21.23
N GLN B 14 -31.24 13.85 -20.91
CA GLN B 14 -30.93 13.37 -19.59
C GLN B 14 -29.72 12.44 -19.64
N PRO B 15 -28.78 12.58 -18.68
CA PRO B 15 -27.47 11.93 -18.84
C PRO B 15 -27.42 10.41 -18.75
N THR B 16 -27.97 9.84 -17.68
CA THR B 16 -27.72 8.44 -17.35
C THR B 16 -28.98 7.62 -17.24
N TYR B 17 -30.11 8.15 -17.68
CA TYR B 17 -31.39 7.52 -17.40
C TYR B 17 -31.75 6.54 -18.51
N ARG B 18 -30.93 5.51 -18.60
CA ARG B 18 -31.36 4.33 -19.34
C ARG B 18 -32.45 3.62 -18.57
N ILE B 19 -32.43 3.75 -17.24
CA ILE B 19 -33.53 3.36 -16.36
C ILE B 19 -34.51 4.54 -16.39
N LEU B 20 -35.72 4.32 -15.87
CA LEU B 20 -36.74 5.35 -15.68
C LEU B 20 -37.28 5.91 -16.99
N LYS B 21 -37.28 5.09 -18.03
CA LYS B 21 -38.12 5.46 -19.16
C LYS B 21 -38.81 4.21 -19.69
N PRO B 22 -40.13 4.22 -19.74
CA PRO B 22 -40.85 3.14 -20.43
C PRO B 22 -40.77 3.28 -21.94
N TRP B 23 -41.48 2.45 -22.71
CA TRP B 23 -41.40 2.60 -24.17
C TRP B 23 -42.04 3.90 -24.61
N TRP B 24 -43.13 4.28 -23.97
CA TRP B 24 -43.84 5.46 -24.42
C TRP B 24 -43.15 6.75 -24.04
N ASP B 25 -42.25 6.73 -23.06
CA ASP B 25 -41.41 7.91 -22.86
C ASP B 25 -40.54 8.15 -24.09
N VAL B 26 -40.01 7.08 -24.68
CA VAL B 26 -39.17 7.22 -25.86
C VAL B 26 -40.01 7.60 -27.07
N PHE B 27 -41.20 6.99 -27.21
CA PHE B 27 -42.05 7.31 -28.36
C PHE B 27 -42.54 8.76 -28.29
N MET B 28 -43.01 9.20 -27.13
CA MET B 28 -43.45 10.58 -26.96
C MET B 28 -42.30 11.55 -27.15
N ASP B 29 -41.08 11.18 -26.70
CA ASP B 29 -39.94 12.06 -26.81
C ASP B 29 -39.52 12.26 -28.27
N TYR B 30 -39.24 11.16 -28.97
CA TYR B 30 -38.80 11.29 -30.36
C TYR B 30 -39.92 11.82 -31.26
N LEU B 31 -41.17 11.46 -30.97
CA LEU B 31 -42.29 11.93 -31.78
C LEU B 31 -42.48 13.43 -31.60
N ALA B 32 -42.28 13.93 -30.38
CA ALA B 32 -42.32 15.37 -30.17
C ALA B 32 -41.14 16.06 -30.82
N VAL B 33 -39.99 15.39 -30.94
CA VAL B 33 -38.86 15.99 -31.66
C VAL B 33 -39.20 16.15 -33.15
N VAL B 34 -39.86 15.15 -33.73
CA VAL B 34 -40.25 15.24 -35.14
C VAL B 34 -41.30 16.35 -35.33
N MET B 35 -42.23 16.46 -34.39
CA MET B 35 -43.21 17.52 -34.48
C MET B 35 -42.57 18.90 -34.30
N LEU B 36 -41.50 18.99 -33.50
CA LEU B 36 -40.73 20.21 -33.40
C LEU B 36 -40.04 20.54 -34.72
N MET B 37 -39.56 19.52 -35.42
CA MET B 37 -38.92 19.76 -36.72
C MET B 37 -39.93 20.29 -37.72
N VAL B 38 -41.16 19.76 -37.67
CA VAL B 38 -42.25 20.29 -38.48
C VAL B 38 -42.54 21.75 -38.14
N ALA B 39 -42.52 22.09 -36.84
CA ALA B 39 -42.84 23.46 -36.45
C ALA B 39 -41.73 24.44 -36.82
N ILE B 40 -40.47 24.03 -36.70
CA ILE B 40 -39.35 24.91 -37.06
C ILE B 40 -39.32 25.14 -38.56
N PHE B 41 -39.54 24.07 -39.34
CA PHE B 41 -39.64 24.23 -40.79
C PHE B 41 -40.84 25.08 -41.18
N ALA B 42 -41.94 24.96 -40.42
CA ALA B 42 -43.10 25.82 -40.62
C ALA B 42 -42.76 27.29 -40.40
N GLY B 43 -42.01 27.58 -39.33
CA GLY B 43 -41.64 28.95 -39.05
C GLY B 43 -40.72 29.54 -40.09
N THR B 44 -39.74 28.75 -40.55
CA THR B 44 -38.82 29.22 -41.57
C THR B 44 -39.54 29.48 -42.90
N MET B 45 -40.37 28.53 -43.33
CA MET B 45 -41.11 28.69 -44.56
C MET B 45 -42.13 29.81 -44.45
N GLN B 46 -42.68 30.04 -43.26
CA GLN B 46 -43.65 31.11 -43.09
C GLN B 46 -42.97 32.47 -43.16
N LEU B 47 -41.75 32.56 -42.63
CA LEU B 47 -41.04 33.82 -42.72
C LEU B 47 -40.49 34.06 -44.12
N THR B 48 -40.35 33.00 -44.93
CA THR B 48 -39.69 33.14 -46.22
C THR B 48 -40.55 33.90 -47.24
N LYS B 49 -41.69 33.33 -47.63
CA LYS B 49 -42.49 33.89 -48.72
C LYS B 49 -43.96 34.01 -48.30
N ASP B 50 -44.24 35.04 -47.51
CA ASP B 50 -45.53 35.14 -46.84
C ASP B 50 -46.57 35.88 -47.66
N GLN B 51 -46.13 36.72 -48.59
CA GLN B 51 -46.92 37.83 -49.11
C GLN B 51 -48.14 37.35 -49.88
N VAL B 52 -49.14 38.22 -49.92
CA VAL B 52 -50.33 38.01 -50.71
C VAL B 52 -50.27 38.94 -51.90
N VAL B 53 -51.21 38.76 -52.82
CA VAL B 53 -51.32 39.75 -53.89
C VAL B 53 -52.78 39.92 -54.29
N CYS B 54 -53.27 41.15 -54.19
CA CYS B 54 -54.60 41.53 -54.66
C CYS B 54 -54.54 42.21 -56.00
N LEU B 55 -55.72 42.30 -56.61
CA LEU B 55 -55.97 43.20 -57.72
C LEU B 55 -57.48 43.44 -57.82
N PRO B 56 -57.89 44.53 -58.48
CA PRO B 56 -59.31 44.80 -58.64
C PRO B 56 -60.01 43.92 -59.65
N VAL B 57 -61.33 43.86 -59.48
CA VAL B 57 -62.19 43.33 -60.52
C VAL B 57 -62.18 44.26 -61.73
N LEU B 58 -62.63 43.72 -62.87
CA LEU B 58 -62.59 44.48 -64.11
C LEU B 58 -63.58 45.64 -64.14
N PRO B 59 -64.86 45.50 -63.72
CA PRO B 59 -65.62 46.76 -63.70
C PRO B 59 -65.29 47.63 -62.50
N THR B 135 -57.36 42.79 -74.80
CA THR B 135 -55.98 42.87 -74.36
C THR B 135 -55.88 43.12 -72.86
N GLY B 136 -54.81 43.78 -72.44
CA GLY B 136 -54.59 44.01 -71.02
C GLY B 136 -55.36 45.17 -70.46
N ARG B 137 -56.23 44.91 -69.49
CA ARG B 137 -56.99 45.96 -68.84
C ARG B 137 -56.09 46.74 -67.90
N LYS B 138 -55.95 48.04 -68.15
CA LYS B 138 -54.95 48.83 -67.44
C LYS B 138 -55.40 49.17 -66.01
N THR B 139 -56.59 49.76 -65.88
CA THR B 139 -57.31 50.18 -64.67
C THR B 139 -56.67 51.37 -63.95
N ASN B 140 -55.48 51.78 -64.40
CA ASN B 140 -54.84 53.06 -64.08
C ASN B 140 -54.64 53.24 -62.57
N LEU B 141 -53.78 52.39 -62.02
CA LEU B 141 -53.28 52.55 -60.66
C LEU B 141 -51.77 52.69 -60.70
N ASP B 142 -51.16 52.73 -59.52
CA ASP B 142 -49.72 52.77 -59.39
C ASP B 142 -49.30 51.78 -58.31
N PHE B 143 -48.03 51.37 -58.38
CA PHE B 143 -47.49 50.24 -57.63
C PHE B 143 -47.70 50.37 -56.12
N GLN B 144 -47.55 51.57 -55.59
CA GLN B 144 -47.61 51.66 -54.14
C GLN B 144 -49.05 51.57 -53.63
N GLN B 145 -50.05 51.91 -54.45
CA GLN B 145 -51.40 51.61 -54.02
C GLN B 145 -51.64 50.11 -54.00
N TYR B 146 -50.93 49.36 -54.84
CA TYR B 146 -51.04 47.91 -54.77
C TYR B 146 -50.41 47.36 -53.50
N VAL B 147 -49.28 47.93 -53.06
CA VAL B 147 -48.70 47.37 -51.84
C VAL B 147 -49.52 47.81 -50.63
N PHE B 148 -50.16 48.98 -50.69
CA PHE B 148 -51.09 49.36 -49.64
C PHE B 148 -52.31 48.46 -49.66
N ILE B 149 -52.76 48.06 -50.84
CA ILE B 149 -54.03 47.40 -50.91
C ILE B 149 -53.88 45.94 -50.49
N ASN B 150 -52.75 45.30 -50.76
CA ASN B 150 -52.61 43.96 -50.23
C ASN B 150 -52.06 43.95 -48.81
N GLN B 151 -51.43 45.04 -48.35
CA GLN B 151 -51.23 45.25 -46.92
C GLN B 151 -52.56 45.22 -46.16
N MET B 152 -53.51 46.04 -46.64
CA MET B 152 -54.81 46.15 -45.99
C MET B 152 -55.58 44.84 -46.09
N CYS B 153 -55.50 44.16 -47.22
CA CYS B 153 -56.20 42.89 -47.35
C CYS B 153 -55.59 41.81 -46.47
N TYR B 154 -54.26 41.73 -46.44
CA TYR B 154 -53.57 40.74 -45.63
C TYR B 154 -53.83 40.95 -44.14
N HIS B 155 -54.07 42.18 -43.71
CA HIS B 155 -54.50 42.33 -42.33
C HIS B 155 -56.02 42.37 -42.15
N LEU B 156 -56.81 42.30 -43.21
CA LEU B 156 -58.25 42.25 -43.00
C LEU B 156 -58.95 41.02 -43.53
N ALA B 157 -58.48 40.41 -44.63
CA ALA B 157 -59.20 39.28 -45.20
C ALA B 157 -58.41 37.98 -45.08
N LEU B 158 -57.54 37.93 -44.17
CA LEU B 158 -57.11 36.59 -43.80
C LEU B 158 -57.89 36.13 -42.59
N PRO B 159 -58.09 34.83 -42.44
CA PRO B 159 -58.68 34.33 -41.19
C PRO B 159 -57.74 34.57 -40.02
N TRP B 160 -58.36 34.79 -38.85
CA TRP B 160 -57.58 34.91 -37.62
C TRP B 160 -56.91 33.59 -37.26
N TYR B 161 -57.50 32.48 -37.67
CA TYR B 161 -56.88 31.20 -37.41
C TYR B 161 -55.70 30.92 -38.34
N SER B 162 -55.76 31.37 -39.59
CA SER B 162 -54.92 30.76 -40.61
C SER B 162 -53.50 31.31 -40.67
N LYS B 163 -53.27 32.58 -40.34
CA LYS B 163 -51.96 33.15 -40.54
C LYS B 163 -51.07 33.11 -39.30
N TYR B 164 -51.59 32.68 -38.16
CA TYR B 164 -50.81 32.63 -36.94
C TYR B 164 -50.48 31.21 -36.53
N PHE B 165 -50.53 30.27 -37.48
CA PHE B 165 -50.40 28.87 -37.13
C PHE B 165 -49.01 28.41 -36.70
N PRO B 166 -47.90 28.71 -37.41
CA PRO B 166 -46.63 28.06 -37.03
C PRO B 166 -46.09 28.49 -35.69
N TYR B 167 -46.32 29.74 -35.29
CA TYR B 167 -45.96 30.16 -33.95
C TYR B 167 -46.77 29.41 -32.90
N LEU B 168 -48.05 29.18 -33.18
CA LEU B 168 -48.92 28.43 -32.28
C LEU B 168 -48.44 26.99 -32.14
N ALA B 169 -48.01 26.39 -33.25
CA ALA B 169 -47.55 25.01 -33.20
C ALA B 169 -46.22 24.89 -32.48
N LEU B 170 -45.35 25.90 -32.63
CA LEU B 170 -44.07 25.88 -31.91
C LEU B 170 -44.28 26.03 -30.40
N ILE B 171 -45.17 26.94 -30.00
CA ILE B 171 -45.49 27.11 -28.58
C ILE B 171 -46.08 25.84 -28.00
N HIS B 172 -46.96 25.18 -28.75
CA HIS B 172 -47.59 23.98 -28.23
C HIS B 172 -46.61 22.81 -28.16
N THR B 173 -45.64 22.78 -29.09
CA THR B 173 -44.58 21.79 -29.05
C THR B 173 -43.73 21.93 -27.80
N ILE B 174 -43.31 23.17 -27.50
CA ILE B 174 -42.50 23.43 -26.31
C ILE B 174 -43.26 23.05 -25.05
N ILE B 175 -44.57 23.37 -25.00
CA ILE B 175 -45.40 22.99 -23.85
C ILE B 175 -45.44 21.48 -23.67
N LEU B 176 -45.64 20.74 -24.76
CA LEU B 176 -45.74 19.28 -24.68
C LEU B 176 -44.44 18.64 -24.21
N MET B 177 -43.32 19.04 -24.80
CA MET B 177 -42.03 18.42 -24.50
C MET B 177 -41.57 18.75 -23.09
N VAL B 178 -41.68 20.03 -22.70
CA VAL B 178 -41.24 20.43 -21.39
C VAL B 178 -42.19 19.90 -20.31
N SER B 179 -43.46 19.62 -20.64
CA SER B 179 -44.33 18.93 -19.69
C SER B 179 -43.89 17.49 -19.48
N SER B 180 -43.53 16.81 -20.57
CA SER B 180 -43.04 15.45 -20.50
C SER B 180 -41.78 15.32 -19.66
N ASN B 181 -41.00 16.39 -19.50
CA ASN B 181 -39.91 16.27 -18.54
C ASN B 181 -39.96 17.15 -17.28
N PHE B 182 -40.98 17.98 -17.06
CA PHE B 182 -41.12 18.47 -15.68
C PHE B 182 -42.12 17.63 -14.92
N TRP B 183 -42.54 16.50 -15.49
CA TRP B 183 -42.79 15.35 -14.61
C TRP B 183 -41.63 15.12 -13.65
N PHE B 184 -40.41 15.13 -14.19
CA PHE B 184 -39.24 14.69 -13.45
C PHE B 184 -38.43 15.83 -12.86
N LYS B 185 -38.10 16.83 -13.66
CA LYS B 185 -36.96 17.69 -13.36
C LYS B 185 -37.24 18.80 -12.35
N TYR B 186 -38.52 18.96 -11.84
CA TYR B 186 -38.58 20.20 -11.05
C TYR B 186 -38.13 19.91 -9.63
N PRO B 187 -37.28 20.74 -9.06
CA PRO B 187 -36.38 20.28 -8.01
C PRO B 187 -36.96 20.22 -6.60
N LYS B 188 -38.28 20.22 -6.45
CA LYS B 188 -38.83 19.79 -5.17
C LYS B 188 -38.58 18.31 -4.92
N THR B 189 -38.50 17.50 -5.99
CA THR B 189 -38.39 16.07 -5.86
C THR B 189 -37.27 15.51 -6.75
N CYS B 190 -36.33 16.37 -7.18
CA CYS B 190 -35.26 15.89 -8.04
C CYS B 190 -34.27 15.03 -7.28
N SER B 191 -33.91 15.44 -6.06
CA SER B 191 -32.73 14.88 -5.41
C SER B 191 -32.97 13.49 -4.90
N LYS B 192 -34.18 13.19 -4.41
CA LYS B 192 -34.43 11.83 -3.91
C LYS B 192 -34.49 10.81 -5.05
N VAL B 193 -34.90 11.22 -6.24
CA VAL B 193 -34.96 10.26 -7.34
C VAL B 193 -33.61 10.13 -8.03
N GLU B 194 -32.83 11.23 -8.10
CA GLU B 194 -31.39 11.14 -8.36
C GLU B 194 -30.72 10.14 -7.43
N HIS B 195 -31.07 10.24 -6.15
CA HIS B 195 -30.51 9.34 -5.16
C HIS B 195 -30.99 7.92 -5.39
N PHE B 196 -32.22 7.76 -5.90
CA PHE B 196 -32.78 6.44 -6.15
C PHE B 196 -32.08 5.72 -7.30
N VAL B 197 -31.78 6.47 -8.37
CA VAL B 197 -31.00 5.92 -9.46
C VAL B 197 -29.60 5.59 -8.96
N SER B 198 -29.08 6.38 -8.02
CA SER B 198 -27.80 6.04 -7.39
C SER B 198 -27.90 4.74 -6.58
N ILE B 199 -29.04 4.52 -5.90
CA ILE B 199 -29.25 3.28 -5.13
C ILE B 199 -29.13 2.07 -6.04
N LEU B 200 -29.88 2.09 -7.13
CA LEU B 200 -29.94 0.90 -7.96
C LEU B 200 -28.67 0.71 -8.77
N GLY B 201 -28.10 1.81 -9.28
CA GLY B 201 -26.85 1.75 -10.01
C GLY B 201 -25.65 1.35 -9.17
N LYS B 202 -25.72 1.55 -7.85
CA LYS B 202 -24.75 0.91 -6.96
C LYS B 202 -25.18 -0.48 -6.53
N CYS B 203 -26.48 -0.77 -6.57
CA CYS B 203 -26.97 -2.07 -6.13
C CYS B 203 -26.57 -3.17 -7.09
N PHE B 204 -26.44 -2.85 -8.38
CA PHE B 204 -26.31 -3.90 -9.39
C PHE B 204 -24.98 -4.65 -9.35
N GLU B 205 -23.90 -4.00 -8.95
CA GLU B 205 -22.57 -4.59 -9.15
C GLU B 205 -22.03 -5.32 -7.93
N SER B 206 -22.84 -5.54 -6.91
CA SER B 206 -22.34 -6.16 -5.67
C SER B 206 -22.18 -7.66 -5.85
N PRO B 207 -20.96 -8.21 -5.76
CA PRO B 207 -20.77 -9.64 -5.99
C PRO B 207 -21.32 -10.52 -4.88
N TRP B 208 -21.55 -9.95 -3.70
CA TRP B 208 -22.17 -10.70 -2.62
C TRP B 208 -23.60 -11.10 -2.98
N THR B 209 -24.29 -10.29 -3.79
CA THR B 209 -25.65 -10.59 -4.18
C THR B 209 -25.73 -11.88 -4.98
N THR B 210 -24.88 -12.02 -5.99
CA THR B 210 -24.89 -13.27 -6.72
C THR B 210 -24.24 -14.39 -5.93
N LYS B 211 -23.37 -14.07 -4.96
CA LYS B 211 -22.84 -15.14 -4.10
C LYS B 211 -23.93 -15.71 -3.20
N ALA B 212 -24.87 -14.87 -2.78
CA ALA B 212 -25.99 -15.31 -1.97
C ALA B 212 -27.18 -15.82 -2.80
N LEU B 213 -27.22 -15.49 -4.09
CA LEU B 213 -28.26 -16.02 -4.95
C LEU B 213 -27.89 -17.35 -5.57
N SER B 214 -26.60 -17.62 -5.76
CA SER B 214 -26.14 -18.96 -6.10
C SER B 214 -26.01 -19.86 -4.88
N GLU B 215 -26.28 -19.34 -3.68
CA GLU B 215 -26.15 -20.10 -2.45
C GLU B 215 -27.47 -20.75 -2.04
N THR B 216 -28.57 -20.01 -2.15
CA THR B 216 -29.88 -20.54 -1.77
C THR B 216 -30.95 -20.03 -2.73
N ASP B 277 -12.55 -11.88 -0.75
CA ASP B 277 -13.63 -11.31 0.05
C ASP B 277 -13.09 -10.27 1.03
N LYS B 278 -13.72 -10.17 2.21
CA LYS B 278 -13.43 -9.27 3.32
C LYS B 278 -13.61 -7.80 2.99
N LYS B 279 -14.20 -7.46 1.85
CA LYS B 279 -14.56 -6.09 1.49
C LYS B 279 -16.05 -5.94 1.25
N ASP B 280 -16.61 -6.95 0.56
CA ASP B 280 -18.03 -6.97 0.21
C ASP B 280 -18.93 -6.93 1.44
N GLY B 281 -18.48 -7.52 2.54
CA GLY B 281 -19.20 -7.51 3.80
C GLY B 281 -19.49 -6.12 4.33
N GLU B 282 -18.46 -5.30 4.53
CA GLU B 282 -18.69 -3.96 5.03
C GLU B 282 -19.31 -3.05 3.99
N GLN B 283 -18.99 -3.24 2.70
CA GLN B 283 -19.61 -2.43 1.66
C GLN B 283 -21.12 -2.66 1.60
N ALA B 284 -21.53 -3.92 1.50
CA ALA B 284 -22.95 -4.23 1.47
C ALA B 284 -23.61 -4.03 2.82
N LYS B 285 -22.87 -4.02 3.93
CA LYS B 285 -23.49 -3.70 5.22
C LYS B 285 -23.84 -2.22 5.30
N ALA B 286 -22.93 -1.36 4.83
CA ALA B 286 -23.25 0.06 4.67
C ALA B 286 -24.41 0.24 3.73
N LEU B 287 -24.47 -0.57 2.67
CA LEU B 287 -25.58 -0.48 1.74
C LEU B 287 -26.88 -0.97 2.37
N PHE B 288 -26.79 -1.94 3.29
CA PHE B 288 -27.96 -2.42 4.02
C PHE B 288 -28.56 -1.32 4.86
N GLU B 289 -27.73 -0.66 5.67
CA GLU B 289 -28.23 0.43 6.50
C GLU B 289 -28.71 1.60 5.65
N LYS B 290 -28.11 1.75 4.46
CA LYS B 290 -28.57 2.75 3.51
C LYS B 290 -29.99 2.45 3.02
N VAL B 291 -30.25 1.17 2.68
CA VAL B 291 -31.58 0.72 2.27
C VAL B 291 -32.59 0.88 3.41
N ARG B 292 -32.16 0.63 4.65
CA ARG B 292 -32.99 0.96 5.81
C ARG B 292 -33.37 2.43 5.84
N LYS B 293 -32.41 3.32 5.58
CA LYS B 293 -32.69 4.75 5.53
C LYS B 293 -33.65 5.10 4.41
N PHE B 294 -33.59 4.36 3.30
CA PHE B 294 -34.49 4.63 2.17
C PHE B 294 -35.91 4.21 2.47
N ARG B 295 -36.08 3.01 3.03
CA ARG B 295 -37.42 2.58 3.45
C ARG B 295 -37.96 3.47 4.57
N ALA B 296 -37.09 4.10 5.35
CA ALA B 296 -37.56 5.11 6.27
C ALA B 296 -38.01 6.37 5.53
N HIS B 297 -37.23 6.82 4.54
CA HIS B 297 -37.34 8.16 4.00
C HIS B 297 -38.35 8.28 2.85
N VAL B 298 -38.10 7.57 1.74
CA VAL B 298 -38.88 7.82 0.53
C VAL B 298 -40.23 7.12 0.54
N GLU B 299 -40.48 6.25 1.50
CA GLU B 299 -41.59 5.31 1.38
C GLU B 299 -42.95 5.93 1.69
N ASP B 300 -42.97 7.11 2.33
CA ASP B 300 -44.21 7.79 2.69
C ASP B 300 -44.42 9.08 1.91
N SER B 301 -44.18 9.06 0.60
CA SER B 301 -43.98 10.27 -0.18
C SER B 301 -44.86 10.35 -1.42
N ASP B 302 -46.20 10.29 -1.28
CA ASP B 302 -47.09 10.31 -2.43
C ASP B 302 -47.10 11.64 -3.17
N LEU B 303 -45.97 11.97 -3.80
CA LEU B 303 -45.89 13.08 -4.73
C LEU B 303 -45.68 12.59 -6.16
N ILE B 304 -44.93 11.49 -6.32
CA ILE B 304 -44.52 11.03 -7.63
C ILE B 304 -45.70 10.45 -8.41
N TYR B 305 -46.52 9.64 -7.73
CA TYR B 305 -47.64 8.98 -8.38
C TYR B 305 -48.69 9.98 -8.84
N LYS B 306 -49.11 10.85 -7.94
CA LYS B 306 -50.07 11.90 -8.29
C LYS B 306 -49.48 12.87 -9.32
N LEU B 307 -48.17 13.11 -9.25
CA LEU B 307 -47.52 14.00 -10.21
C LEU B 307 -47.53 13.41 -11.62
N TYR B 308 -47.24 12.12 -11.75
CA TYR B 308 -47.23 11.50 -13.06
C TYR B 308 -48.62 11.40 -13.64
N VAL B 309 -49.64 11.19 -12.77
CA VAL B 309 -51.02 11.24 -13.23
C VAL B 309 -51.38 12.65 -13.72
N VAL B 310 -50.89 13.68 -13.03
CA VAL B 310 -51.13 15.06 -13.46
C VAL B 310 -50.46 15.33 -14.81
N GLN B 311 -49.29 14.76 -15.04
CA GLN B 311 -48.61 14.98 -16.32
C GLN B 311 -49.33 14.26 -17.46
N THR B 312 -49.83 13.06 -17.19
CA THR B 312 -50.65 12.35 -18.17
C THR B 312 -51.91 13.12 -18.52
N VAL B 313 -52.60 13.66 -17.51
CA VAL B 313 -53.86 14.32 -17.85
C VAL B 313 -53.63 15.69 -18.45
N ILE B 314 -52.51 16.35 -18.16
CA ILE B 314 -52.28 17.63 -18.84
C ILE B 314 -51.83 17.38 -20.28
N LYS B 315 -51.14 16.27 -20.54
CA LYS B 315 -50.88 15.83 -21.90
C LYS B 315 -52.17 15.60 -22.67
N THR B 316 -53.07 14.83 -22.08
CA THR B 316 -54.33 14.47 -22.74
C THR B 316 -55.21 15.71 -22.95
N ALA B 317 -55.17 16.65 -21.99
CA ALA B 317 -55.94 17.87 -22.12
C ALA B 317 -55.43 18.73 -23.27
N LYS B 318 -54.11 18.90 -23.36
CA LYS B 318 -53.54 19.67 -24.46
C LYS B 318 -53.79 19.00 -25.81
N PHE B 319 -53.73 17.67 -25.83
CA PHE B 319 -54.01 16.90 -27.04
C PHE B 319 -55.44 17.08 -27.52
N ILE B 320 -56.41 16.83 -26.64
CA ILE B 320 -57.82 16.97 -27.00
C ILE B 320 -58.15 18.41 -27.37
N PHE B 321 -57.51 19.38 -26.70
CA PHE B 321 -57.74 20.79 -26.97
C PHE B 321 -57.30 21.18 -28.38
N ILE B 322 -56.06 20.82 -28.76
CA ILE B 322 -55.65 21.22 -30.10
C ILE B 322 -56.29 20.36 -31.17
N LEU B 323 -56.70 19.13 -30.87
CA LEU B 323 -57.37 18.37 -31.92
C LEU B 323 -58.78 18.90 -32.15
N CYS B 324 -59.46 19.34 -31.08
CA CYS B 324 -60.74 20.02 -31.23
C CYS B 324 -60.60 21.35 -31.97
N TYR B 325 -59.49 22.04 -31.76
CA TYR B 325 -59.22 23.26 -32.52
C TYR B 325 -59.01 22.95 -34.00
N THR B 326 -58.23 21.92 -34.30
CA THR B 326 -57.88 21.69 -35.69
C THR B 326 -58.96 20.97 -36.48
N ALA B 327 -59.91 20.32 -35.80
CA ALA B 327 -61.00 19.62 -36.49
C ALA B 327 -61.84 20.54 -37.37
N ASN B 328 -61.95 21.82 -37.00
CA ASN B 328 -62.51 22.80 -37.91
C ASN B 328 -61.50 23.84 -38.39
N PHE B 329 -60.27 23.82 -37.88
CA PHE B 329 -59.24 24.63 -38.52
C PHE B 329 -58.81 24.07 -39.88
N VAL B 330 -59.00 22.77 -40.13
CA VAL B 330 -58.47 22.17 -41.36
C VAL B 330 -59.27 22.62 -42.58
N ASN B 331 -60.56 22.32 -42.61
CA ASN B 331 -61.28 22.25 -43.88
C ASN B 331 -61.82 23.59 -44.35
N ALA B 332 -61.23 24.70 -43.89
CA ALA B 332 -61.67 26.02 -44.33
C ALA B 332 -60.53 26.88 -44.87
N ILE B 333 -59.34 26.30 -45.06
CA ILE B 333 -58.23 27.05 -45.61
C ILE B 333 -58.44 27.20 -47.11
N SER B 334 -58.55 28.45 -47.57
CA SER B 334 -58.80 28.74 -48.96
C SER B 334 -57.55 29.32 -49.62
N PHE B 335 -57.66 29.54 -50.92
CA PHE B 335 -56.55 30.01 -51.73
C PHE B 335 -56.80 31.35 -52.39
N GLU B 336 -58.00 31.56 -52.92
CA GLU B 336 -58.44 32.89 -53.32
C GLU B 336 -59.29 33.48 -52.23
N HIS B 337 -59.23 34.79 -52.07
CA HIS B 337 -59.98 35.46 -51.01
C HIS B 337 -60.51 36.77 -51.56
N VAL B 338 -61.82 36.88 -51.62
CA VAL B 338 -62.48 38.11 -52.00
C VAL B 338 -62.55 39.02 -50.79
N CYS B 339 -62.05 40.23 -50.93
CA CYS B 339 -62.05 41.20 -49.85
C CYS B 339 -62.87 42.42 -50.21
N LYS B 340 -63.48 42.99 -49.17
CA LYS B 340 -64.24 44.24 -49.26
C LYS B 340 -63.71 45.17 -48.17
N PRO B 341 -62.58 45.81 -48.39
CA PRO B 341 -62.08 46.78 -47.41
C PRO B 341 -62.84 48.08 -47.51
N LYS B 342 -62.69 48.88 -46.46
CA LYS B 342 -63.36 50.17 -46.38
C LYS B 342 -62.57 51.30 -47.02
N VAL B 343 -61.51 50.99 -47.76
CA VAL B 343 -60.68 52.03 -48.36
C VAL B 343 -61.28 52.33 -49.73
N GLU B 344 -62.30 53.19 -49.72
CA GLU B 344 -62.99 53.56 -50.94
C GLU B 344 -62.62 54.94 -51.44
N HIS B 345 -62.40 55.88 -50.54
CA HIS B 345 -61.97 57.23 -50.86
C HIS B 345 -60.47 57.34 -51.04
N LEU B 346 -59.81 56.23 -51.31
CA LEU B 346 -58.36 56.15 -51.48
C LEU B 346 -57.97 55.68 -52.86
N ILE B 347 -58.71 54.72 -53.41
CA ILE B 347 -58.45 54.20 -54.74
C ILE B 347 -59.73 54.30 -55.57
N GLY B 348 -60.81 53.72 -55.04
CA GLY B 348 -62.09 53.82 -55.71
C GLY B 348 -62.75 52.48 -55.96
N TYR B 349 -62.23 51.43 -55.34
CA TYR B 349 -62.67 50.07 -55.57
C TYR B 349 -63.16 49.48 -54.27
N GLU B 350 -64.23 48.69 -54.33
CA GLU B 350 -64.85 48.15 -53.11
C GLU B 350 -64.75 46.65 -52.98
N VAL B 351 -64.87 45.89 -54.06
CA VAL B 351 -64.91 44.43 -53.99
C VAL B 351 -63.86 43.91 -54.95
N PHE B 352 -62.87 43.18 -54.43
CA PHE B 352 -61.79 42.70 -55.28
C PHE B 352 -61.11 41.54 -54.57
N GLU B 353 -59.97 41.06 -55.09
CA GLU B 353 -59.51 39.83 -54.44
C GLU B 353 -58.00 39.69 -54.45
N CYS B 354 -57.53 38.95 -53.44
CA CYS B 354 -56.16 38.48 -53.30
C CYS B 354 -56.09 36.98 -53.50
N THR B 355 -54.88 36.53 -53.79
CA THR B 355 -54.48 35.17 -53.51
C THR B 355 -53.36 35.18 -52.48
N HIS B 356 -53.20 34.02 -51.85
CA HIS B 356 -52.40 33.84 -50.64
C HIS B 356 -51.38 32.75 -50.93
N ASN B 357 -50.10 33.08 -50.76
CA ASN B 357 -49.02 32.21 -51.19
C ASN B 357 -48.85 30.98 -50.31
N MET B 358 -49.46 30.93 -49.14
CA MET B 358 -49.14 29.88 -48.19
C MET B 358 -50.03 28.65 -48.29
N ALA B 359 -51.13 28.73 -49.03
CA ALA B 359 -52.31 27.93 -48.73
C ALA B 359 -52.07 26.43 -48.88
N TYR B 360 -51.46 26.02 -49.99
CA TYR B 360 -51.30 24.60 -50.24
C TYR B 360 -50.24 23.99 -49.35
N MET B 361 -49.10 24.67 -49.22
CA MET B 361 -48.02 24.19 -48.37
C MET B 361 -48.45 24.15 -46.91
N LEU B 362 -49.16 25.17 -46.45
CA LEU B 362 -49.57 25.19 -45.06
C LEU B 362 -50.66 24.17 -44.78
N LYS B 363 -51.53 23.88 -45.76
CA LYS B 363 -52.57 22.89 -45.52
C LYS B 363 -51.98 21.47 -45.50
N LYS B 364 -50.99 21.20 -46.34
CA LYS B 364 -50.37 19.89 -46.32
C LYS B 364 -49.50 19.72 -45.07
N LEU B 365 -48.81 20.78 -44.66
CA LEU B 365 -48.06 20.76 -43.42
C LEU B 365 -48.97 20.57 -42.21
N LEU B 366 -50.17 21.16 -42.29
CA LEU B 366 -51.17 21.01 -41.24
C LEU B 366 -51.64 19.58 -41.11
N ILE B 367 -51.94 18.91 -42.24
CA ILE B 367 -52.44 17.55 -42.10
C ILE B 367 -51.32 16.60 -41.67
N SER B 368 -50.06 16.91 -42.00
CA SER B 368 -48.96 16.11 -41.47
C SER B 368 -48.82 16.28 -39.96
N TYR B 369 -48.89 17.54 -39.50
CA TYR B 369 -48.89 17.85 -38.07
C TYR B 369 -50.02 17.15 -37.32
N ILE B 370 -51.21 17.12 -37.92
CA ILE B 370 -52.35 16.53 -37.23
C ILE B 370 -52.27 15.01 -37.22
N SER B 371 -51.71 14.40 -38.27
CA SER B 371 -51.47 12.97 -38.23
C SER B 371 -50.47 12.60 -37.14
N ILE B 372 -49.42 13.41 -36.99
CA ILE B 372 -48.43 13.21 -35.93
C ILE B 372 -49.07 13.31 -34.56
N ILE B 373 -49.89 14.34 -34.35
CA ILE B 373 -50.46 14.53 -33.02
C ILE B 373 -51.58 13.52 -32.71
N CYS B 374 -52.31 13.07 -33.72
CA CYS B 374 -53.29 12.00 -33.52
C CYS B 374 -52.61 10.71 -33.10
N VAL B 375 -51.46 10.39 -33.72
CA VAL B 375 -50.67 9.22 -33.31
C VAL B 375 -50.20 9.38 -31.87
N TYR B 376 -49.66 10.57 -31.54
CA TYR B 376 -49.17 10.89 -30.20
C TYR B 376 -50.25 10.66 -29.14
N GLY B 377 -51.36 11.37 -29.29
CA GLY B 377 -52.42 11.31 -28.31
C GLY B 377 -53.07 9.96 -28.20
N PHE B 378 -53.22 9.24 -29.32
CA PHE B 378 -53.85 7.92 -29.26
C PHE B 378 -52.96 6.93 -28.51
N ILE B 379 -51.67 6.87 -28.86
CA ILE B 379 -50.73 5.97 -28.18
C ILE B 379 -50.65 6.30 -26.70
N CYS B 380 -50.42 7.56 -26.38
CA CYS B 380 -50.12 7.90 -25.00
C CYS B 380 -51.38 7.85 -24.15
N LEU B 381 -52.53 8.22 -24.71
CA LEU B 381 -53.81 8.10 -24.01
C LEU B 381 -54.12 6.66 -23.66
N TYR B 382 -54.05 5.76 -24.66
CA TYR B 382 -54.48 4.38 -24.45
C TYR B 382 -53.54 3.66 -23.49
N THR B 383 -52.22 3.83 -23.68
CA THR B 383 -51.31 3.08 -22.83
C THR B 383 -51.21 3.72 -21.45
N LEU B 384 -51.46 5.03 -21.33
CA LEU B 384 -51.41 5.63 -20.01
C LEU B 384 -52.70 5.38 -19.25
N PHE B 385 -53.82 5.21 -19.96
CA PHE B 385 -55.02 4.68 -19.35
C PHE B 385 -54.78 3.29 -18.77
N TRP B 386 -54.10 2.44 -19.54
CA TRP B 386 -53.88 1.07 -19.05
C TRP B 386 -52.87 1.00 -17.91
N LEU B 387 -51.87 1.87 -17.88
CA LEU B 387 -50.98 1.86 -16.72
C LEU B 387 -51.43 2.91 -15.68
N PHE B 388 -52.61 3.48 -15.86
CA PHE B 388 -53.25 4.22 -14.79
C PHE B 388 -54.19 3.33 -13.99
N ARG B 389 -55.06 2.61 -14.67
CA ARG B 389 -56.13 1.90 -13.97
C ARG B 389 -55.64 0.60 -13.33
N ILE B 390 -54.86 -0.19 -14.04
CA ILE B 390 -54.73 -1.62 -13.73
C ILE B 390 -53.85 -1.94 -12.53
N PRO B 391 -52.58 -1.50 -12.41
CA PRO B 391 -51.78 -2.04 -11.29
C PRO B 391 -52.05 -1.36 -9.96
N LEU B 392 -52.65 -0.16 -9.98
CA LEU B 392 -53.09 0.64 -8.82
C LEU B 392 -51.98 0.94 -7.80
N LYS B 393 -50.70 0.83 -8.20
CA LYS B 393 -49.53 1.42 -7.52
C LYS B 393 -49.32 0.91 -6.09
N GLU B 394 -49.87 -0.26 -5.75
CA GLU B 394 -49.64 -0.82 -4.43
C GLU B 394 -49.39 -2.32 -4.49
N TYR B 395 -49.38 -2.92 -5.68
CA TYR B 395 -49.18 -4.35 -5.84
C TYR B 395 -47.70 -4.74 -5.87
N SER B 396 -46.80 -3.77 -5.74
CA SER B 396 -45.37 -4.08 -5.75
C SER B 396 -44.95 -4.89 -4.52
N PHE B 397 -45.72 -4.82 -3.43
CA PHE B 397 -45.45 -5.65 -2.26
C PHE B 397 -45.59 -7.13 -2.59
N GLU B 398 -46.75 -7.52 -3.12
CA GLU B 398 -46.93 -8.90 -3.55
C GLU B 398 -46.07 -9.24 -4.76
N LYS B 399 -45.68 -8.24 -5.55
CA LYS B 399 -44.74 -8.49 -6.64
C LYS B 399 -43.37 -8.91 -6.10
N VAL B 400 -42.89 -8.22 -5.07
CA VAL B 400 -41.63 -8.62 -4.44
C VAL B 400 -41.83 -9.93 -3.68
N ARG B 401 -43.06 -10.20 -3.22
CA ARG B 401 -43.35 -11.50 -2.61
C ARG B 401 -43.27 -12.63 -3.62
N GLU B 402 -43.73 -12.38 -4.85
CA GLU B 402 -43.64 -13.36 -5.92
C GLU B 402 -42.20 -13.53 -6.38
N GLU B 403 -41.46 -12.41 -6.44
CA GLU B 403 -40.02 -12.43 -6.61
C GLU B 403 -39.33 -13.34 -5.60
N SER B 404 -39.72 -13.23 -4.33
CA SER B 404 -39.13 -14.06 -3.30
C SER B 404 -39.64 -15.49 -3.35
N SER B 405 -40.79 -15.71 -3.99
CA SER B 405 -41.44 -17.01 -3.97
C SER B 405 -40.70 -18.07 -4.79
N PHE B 406 -39.86 -17.66 -5.73
CA PHE B 406 -39.02 -18.62 -6.45
C PHE B 406 -37.53 -18.27 -6.32
N SER B 407 -37.16 -17.45 -5.34
CA SER B 407 -35.77 -17.20 -5.02
C SER B 407 -35.36 -17.80 -3.68
N ASP B 408 -36.31 -18.43 -2.97
CA ASP B 408 -36.11 -19.10 -1.68
C ASP B 408 -35.62 -18.11 -0.61
N ILE B 409 -36.38 -17.04 -0.44
CA ILE B 409 -36.19 -16.03 0.59
C ILE B 409 -37.57 -15.67 1.12
N PRO B 410 -37.74 -15.44 2.43
CA PRO B 410 -39.05 -15.02 2.95
C PRO B 410 -39.47 -13.66 2.42
N ASP B 411 -40.77 -13.53 2.15
CA ASP B 411 -41.29 -12.38 1.42
C ASP B 411 -41.32 -11.13 2.29
N VAL B 412 -41.28 -9.98 1.62
CA VAL B 412 -41.31 -8.66 2.25
C VAL B 412 -42.34 -7.79 1.54
N LYS B 413 -43.09 -7.04 2.34
CA LYS B 413 -44.06 -6.08 1.81
C LYS B 413 -43.35 -4.77 1.48
N ASN B 414 -43.35 -4.44 0.18
CA ASN B 414 -42.46 -3.42 -0.35
C ASN B 414 -42.81 -1.99 0.05
N ASP B 415 -44.00 -1.53 -0.32
CA ASP B 415 -44.14 -0.09 -0.53
C ASP B 415 -45.46 0.46 -0.01
N PHE B 416 -45.52 1.79 0.01
CA PHE B 416 -46.74 2.58 0.03
C PHE B 416 -46.69 3.54 -1.15
N ALA B 417 -45.50 4.10 -1.41
CA ALA B 417 -45.24 5.00 -2.54
C ALA B 417 -43.92 4.61 -3.20
N PHE B 418 -43.97 3.71 -4.17
CA PHE B 418 -42.80 3.37 -4.96
C PHE B 418 -43.05 3.48 -6.45
N LEU B 419 -42.02 3.95 -7.13
CA LEU B 419 -41.84 3.97 -8.56
C LEU B 419 -41.32 2.64 -9.10
N LEU B 420 -41.29 1.60 -8.27
CA LEU B 420 -40.57 0.39 -8.64
C LEU B 420 -41.34 -0.40 -9.71
N HIS B 421 -42.64 -0.13 -9.87
CA HIS B 421 -43.37 -0.60 -11.05
C HIS B 421 -42.71 -0.12 -12.33
N MET B 422 -42.39 1.17 -12.39
CA MET B 422 -41.98 1.78 -13.65
C MET B 422 -40.58 1.35 -14.05
N VAL B 423 -39.69 1.21 -13.06
CA VAL B 423 -38.39 0.59 -13.28
C VAL B 423 -38.58 -0.84 -13.75
N ASP B 424 -39.62 -1.51 -13.26
CA ASP B 424 -40.01 -2.83 -13.72
C ASP B 424 -40.31 -2.85 -15.21
N GLN B 425 -40.82 -1.75 -15.77
CA GLN B 425 -41.10 -1.75 -17.19
C GLN B 425 -39.85 -1.64 -18.05
N TYR B 426 -38.72 -1.25 -17.45
CA TYR B 426 -37.46 -1.37 -18.16
C TYR B 426 -37.00 -2.83 -18.16
N ASP B 427 -36.91 -3.44 -16.97
CA ASP B 427 -36.51 -4.82 -16.82
C ASP B 427 -37.24 -5.47 -15.64
N GLN B 428 -37.47 -6.77 -15.77
CA GLN B 428 -37.77 -7.60 -14.61
C GLN B 428 -36.50 -7.87 -13.80
N LEU B 429 -35.34 -7.70 -14.43
CA LEU B 429 -34.05 -8.06 -13.83
C LEU B 429 -33.75 -7.19 -12.62
N TYR B 430 -33.93 -5.88 -12.73
CA TYR B 430 -33.58 -5.02 -11.61
C TYR B 430 -34.59 -5.11 -10.48
N SER B 431 -35.85 -5.45 -10.78
CA SER B 431 -36.81 -5.70 -9.71
C SER B 431 -36.46 -6.98 -8.95
N LYS B 432 -36.02 -8.01 -9.68
CA LYS B 432 -35.52 -9.23 -9.03
C LYS B 432 -34.25 -8.98 -8.24
N ARG B 433 -33.40 -8.09 -8.73
CA ARG B 433 -32.04 -7.99 -8.25
C ARG B 433 -31.86 -6.87 -7.24
N PHE B 434 -32.87 -6.05 -7.03
CA PHE B 434 -32.86 -5.04 -5.98
C PHE B 434 -33.60 -5.48 -4.73
N GLY B 435 -34.60 -6.34 -4.86
CA GLY B 435 -35.38 -6.81 -3.72
C GLY B 435 -34.65 -7.73 -2.77
N VAL B 436 -33.40 -8.07 -3.06
CA VAL B 436 -32.59 -8.86 -2.14
C VAL B 436 -32.30 -8.07 -0.87
N PHE B 437 -31.96 -6.79 -1.02
CA PHE B 437 -31.43 -6.01 0.10
C PHE B 437 -32.48 -5.58 1.10
N LEU B 438 -33.75 -5.89 0.88
CA LEU B 438 -34.76 -5.60 1.88
C LEU B 438 -34.92 -6.74 2.88
N SER B 439 -34.58 -7.96 2.49
CA SER B 439 -34.85 -9.15 3.30
C SER B 439 -33.79 -9.28 4.40
N GLU B 440 -34.26 -9.29 5.64
CA GLU B 440 -33.38 -9.12 6.79
C GLU B 440 -32.56 -10.36 7.09
N VAL B 441 -33.04 -11.54 6.68
CA VAL B 441 -32.28 -12.77 6.90
C VAL B 441 -31.06 -12.78 6.00
N SER B 442 -31.16 -12.15 4.83
CA SER B 442 -30.01 -12.06 3.94
C SER B 442 -28.97 -11.09 4.48
N GLU B 443 -29.39 -10.11 5.28
CA GLU B 443 -28.45 -9.25 5.96
C GLU B 443 -27.85 -9.91 7.18
N ASN B 444 -28.65 -10.76 7.84
CA ASN B 444 -28.16 -11.57 8.94
C ASN B 444 -27.06 -12.53 8.47
N LYS B 445 -27.16 -12.97 7.21
CA LYS B 445 -26.08 -13.73 6.58
C LYS B 445 -24.76 -12.95 6.59
N LEU B 446 -24.77 -11.69 6.17
CA LEU B 446 -23.51 -10.95 6.16
C LEU B 446 -23.01 -10.60 7.54
N ARG B 447 -23.89 -10.32 8.50
CA ARG B 447 -23.37 -10.06 9.84
C ARG B 447 -22.80 -11.33 10.46
N GLU B 448 -23.35 -12.50 10.12
CA GLU B 448 -22.82 -13.74 10.64
C GLU B 448 -21.48 -14.09 10.00
N ILE B 449 -21.36 -13.90 8.68
CA ILE B 449 -20.08 -14.11 8.00
C ILE B 449 -19.02 -13.12 8.48
N SER B 450 -19.42 -11.86 8.72
CA SER B 450 -18.46 -10.86 9.19
C SER B 450 -17.97 -11.17 10.60
N LEU B 451 -18.89 -11.51 11.51
CA LEU B 451 -18.47 -11.83 12.87
C LEU B 451 -17.77 -13.17 12.98
N ASN B 452 -17.92 -14.05 11.98
CA ASN B 452 -16.99 -15.16 11.88
C ASN B 452 -15.66 -14.73 11.29
N HIS B 453 -15.66 -13.65 10.50
CA HIS B 453 -14.44 -13.25 9.80
C HIS B 453 -13.44 -12.58 10.74
N GLU B 454 -13.80 -11.45 11.35
CA GLU B 454 -12.74 -10.68 12.00
C GLU B 454 -12.32 -11.23 13.37
N TRP B 455 -12.97 -12.26 13.88
CA TRP B 455 -12.50 -12.88 15.13
C TRP B 455 -11.65 -14.10 14.80
N THR B 456 -10.44 -13.80 14.31
CA THR B 456 -9.47 -14.83 14.02
C THR B 456 -8.84 -15.35 15.32
N PHE B 457 -8.01 -16.39 15.17
CA PHE B 457 -7.30 -16.93 16.33
C PHE B 457 -6.27 -15.95 16.86
N GLU B 458 -5.69 -15.12 15.98
CA GLU B 458 -4.68 -14.16 16.43
C GLU B 458 -5.32 -13.05 17.26
N LYS B 459 -6.54 -12.65 16.89
CA LYS B 459 -7.22 -11.59 17.63
C LYS B 459 -7.91 -12.11 18.88
N LEU B 460 -8.56 -13.28 18.79
CA LEU B 460 -9.40 -13.72 19.89
C LEU B 460 -8.58 -14.31 21.03
N ARG B 461 -7.52 -15.05 20.72
CA ARG B 461 -6.80 -15.77 21.76
C ARG B 461 -5.87 -14.85 22.56
N GLN B 462 -5.59 -13.64 22.09
CA GLN B 462 -4.85 -12.69 22.90
C GLN B 462 -5.73 -11.96 23.89
N HIS B 463 -7.06 -12.15 23.82
CA HIS B 463 -7.97 -11.37 24.63
C HIS B 463 -8.24 -12.00 26.00
N ILE B 464 -7.92 -13.28 26.19
CA ILE B 464 -8.22 -14.00 27.42
C ILE B 464 -7.31 -13.51 28.54
N SER B 465 -7.93 -13.09 29.66
CA SER B 465 -7.20 -12.63 30.84
C SER B 465 -8.07 -12.59 32.08
N ARG B 466 -7.71 -13.39 33.10
CA ARG B 466 -8.23 -13.31 34.46
C ARG B 466 -7.33 -14.21 35.31
N ASN B 467 -7.46 -14.09 36.64
CA ASN B 467 -6.52 -14.67 37.59
C ASN B 467 -6.90 -16.08 38.07
N ALA B 468 -8.08 -16.22 38.68
CA ALA B 468 -8.44 -17.50 39.29
C ALA B 468 -8.92 -18.49 38.25
N GLN B 469 -9.94 -18.13 37.50
CA GLN B 469 -10.39 -18.89 36.33
C GLN B 469 -10.29 -17.97 35.13
N ASP B 470 -10.01 -18.55 33.96
CA ASP B 470 -9.74 -17.76 32.76
C ASP B 470 -11.05 -17.49 32.02
N LYS B 471 -11.71 -16.42 32.44
CA LYS B 471 -12.99 -16.00 31.87
C LYS B 471 -12.77 -15.31 30.53
N GLN B 472 -13.34 -15.85 29.46
CA GLN B 472 -13.32 -15.15 28.20
C GLN B 472 -14.38 -14.07 28.21
N GLU B 473 -13.98 -12.88 28.61
CA GLU B 473 -14.76 -11.68 28.34
C GLU B 473 -14.84 -11.51 26.84
N LEU B 474 -15.99 -11.05 26.36
CA LEU B 474 -16.09 -10.55 25.01
C LEU B 474 -17.27 -9.58 24.98
N HIS B 475 -17.17 -8.58 24.11
CA HIS B 475 -18.20 -7.54 24.04
C HIS B 475 -19.44 -8.09 23.36
N LEU B 476 -20.15 -8.98 24.07
CA LEU B 476 -21.18 -9.81 23.45
C LEU B 476 -22.48 -9.03 23.27
N PHE B 477 -22.63 -7.92 23.98
CA PHE B 477 -23.70 -6.98 23.66
C PHE B 477 -23.50 -6.36 22.29
N MET B 478 -22.25 -6.17 21.88
CA MET B 478 -21.93 -5.71 20.54
C MET B 478 -21.89 -6.85 19.54
N LEU B 479 -21.56 -8.06 19.99
CA LEU B 479 -21.48 -9.22 19.12
C LEU B 479 -22.89 -9.75 18.89
N SER B 480 -23.45 -9.49 17.71
CA SER B 480 -24.82 -9.89 17.42
C SER B 480 -24.91 -11.40 17.19
N GLY B 481 -24.00 -11.94 16.38
CA GLY B 481 -23.81 -13.37 16.28
C GLY B 481 -22.49 -13.73 16.92
N VAL B 482 -22.41 -14.92 17.49
CA VAL B 482 -21.20 -15.32 18.21
C VAL B 482 -20.13 -15.69 17.20
N PRO B 483 -18.87 -15.62 17.54
CA PRO B 483 -17.83 -16.23 16.71
C PRO B 483 -17.76 -17.73 16.95
N ASP B 484 -16.94 -18.40 16.14
CA ASP B 484 -16.77 -19.84 16.23
C ASP B 484 -15.34 -20.27 16.46
N ALA B 485 -14.37 -19.44 16.07
CA ALA B 485 -12.95 -19.69 16.39
C ALA B 485 -12.68 -19.62 17.89
N VAL B 486 -13.58 -19.02 18.67
CA VAL B 486 -13.57 -19.08 20.12
C VAL B 486 -13.69 -20.51 20.63
N PHE B 487 -14.23 -21.42 19.83
CA PHE B 487 -14.27 -22.83 20.20
C PHE B 487 -12.94 -23.53 19.99
N ASP B 488 -11.96 -22.86 19.38
CA ASP B 488 -10.65 -23.42 19.11
C ASP B 488 -9.63 -23.03 20.18
N LEU B 489 -10.08 -22.84 21.42
CA LEU B 489 -9.23 -22.44 22.53
C LEU B 489 -9.39 -23.47 23.64
N THR B 490 -8.27 -23.98 24.14
CA THR B 490 -8.27 -25.20 24.95
C THR B 490 -8.06 -24.95 26.45
N ASP B 491 -7.66 -23.75 26.86
CA ASP B 491 -7.51 -23.44 28.28
C ASP B 491 -8.67 -22.60 28.81
N LEU B 492 -9.80 -22.63 28.12
CA LEU B 492 -10.97 -21.83 28.50
C LEU B 492 -11.95 -22.72 29.23
N ASP B 493 -12.08 -22.50 30.53
CA ASP B 493 -12.95 -23.29 31.38
C ASP B 493 -14.20 -22.55 31.83
N VAL B 494 -14.18 -21.21 31.81
CA VAL B 494 -15.36 -20.38 32.03
C VAL B 494 -15.33 -19.27 30.98
N LEU B 495 -16.52 -18.79 30.62
CA LEU B 495 -16.66 -17.64 29.73
C LEU B 495 -18.07 -17.09 29.89
N LYS B 496 -18.29 -15.88 29.39
CA LYS B 496 -19.52 -15.18 29.67
C LYS B 496 -20.23 -14.73 28.40
N LEU B 497 -21.55 -14.76 28.44
CA LEU B 497 -22.40 -14.32 27.33
C LEU B 497 -23.39 -13.29 27.86
N GLU B 498 -23.32 -12.08 27.32
CA GLU B 498 -24.15 -10.96 27.79
C GLU B 498 -24.79 -10.25 26.61
N LEU B 499 -26.14 -10.28 26.56
CA LEU B 499 -26.96 -9.63 25.53
C LEU B 499 -26.68 -10.17 24.13
N ILE B 500 -27.03 -11.44 23.94
CA ILE B 500 -27.02 -12.01 22.59
C ILE B 500 -28.41 -11.84 21.98
N PRO B 501 -28.50 -11.55 20.70
CA PRO B 501 -29.76 -11.78 19.98
C PRO B 501 -29.88 -13.23 19.53
N GLU B 502 -28.76 -13.78 19.09
CA GLU B 502 -28.70 -15.06 18.40
C GLU B 502 -28.61 -16.21 19.40
N ALA B 503 -28.27 -17.40 18.91
CA ALA B 503 -28.37 -18.60 19.73
C ALA B 503 -27.23 -19.60 19.56
N LYS B 504 -26.19 -19.30 18.79
CA LYS B 504 -25.32 -20.33 18.23
C LYS B 504 -24.35 -20.89 19.26
N ILE B 505 -24.46 -22.20 19.51
CA ILE B 505 -23.42 -23.04 20.10
C ILE B 505 -23.58 -24.48 19.61
N PRO B 506 -22.83 -24.90 18.60
CA PRO B 506 -22.88 -26.29 18.16
C PRO B 506 -22.16 -27.25 19.09
N ALA B 507 -22.01 -28.50 18.67
CA ALA B 507 -21.23 -29.50 19.40
C ALA B 507 -19.73 -29.35 19.19
N LYS B 508 -19.29 -28.28 18.52
CA LYS B 508 -17.87 -28.01 18.29
C LYS B 508 -17.10 -27.85 19.57
N ILE B 509 -17.76 -27.42 20.65
CA ILE B 509 -17.10 -27.18 21.93
C ILE B 509 -17.18 -28.46 22.78
N SER B 510 -17.54 -29.58 22.14
CA SER B 510 -17.36 -30.88 22.79
C SER B 510 -15.88 -31.19 22.99
N GLN B 511 -15.01 -30.71 22.11
CA GLN B 511 -13.60 -31.03 22.19
C GLN B 511 -12.90 -30.29 23.34
N MET B 512 -13.31 -29.05 23.62
CA MET B 512 -12.68 -28.28 24.68
C MET B 512 -13.49 -28.42 25.97
N THR B 513 -13.59 -29.66 26.45
CA THR B 513 -14.52 -30.02 27.50
C THR B 513 -13.96 -29.80 28.90
N ASN B 514 -12.97 -28.91 29.04
CA ASN B 514 -12.55 -28.39 30.34
C ASN B 514 -13.51 -27.36 30.91
N LEU B 515 -14.52 -26.97 30.14
CA LEU B 515 -15.57 -26.06 30.59
C LEU B 515 -16.35 -26.67 31.75
N GLN B 516 -16.60 -25.86 32.79
CA GLN B 516 -17.50 -26.30 33.84
C GLN B 516 -18.62 -25.32 34.15
N GLU B 517 -18.49 -24.03 33.80
CA GLU B 517 -19.64 -23.14 33.90
C GLU B 517 -19.57 -22.06 32.83
N LEU B 518 -20.73 -21.46 32.57
CA LEU B 518 -20.94 -20.52 31.48
C LEU B 518 -21.92 -19.45 31.94
N HIS B 519 -21.57 -18.20 31.73
CA HIS B 519 -22.46 -17.10 32.11
C HIS B 519 -23.34 -16.79 30.92
N LEU B 520 -24.65 -16.69 31.18
CA LEU B 520 -25.58 -16.25 30.16
C LEU B 520 -26.58 -15.30 30.81
N CYS B 521 -26.72 -14.12 30.23
CA CYS B 521 -27.52 -13.07 30.86
C CYS B 521 -28.10 -12.16 29.78
N HIS B 522 -29.44 -12.06 29.78
CA HIS B 522 -30.21 -11.60 28.62
C HIS B 522 -29.76 -12.32 27.36
N CYS B 523 -29.76 -13.65 27.45
CA CYS B 523 -29.16 -14.48 26.40
C CYS B 523 -29.89 -15.81 26.22
N PRO B 524 -30.50 -16.04 25.08
CA PRO B 524 -30.93 -17.39 24.72
C PRO B 524 -29.90 -18.08 23.85
N ALA B 525 -29.86 -19.42 23.96
CA ALA B 525 -29.12 -20.24 23.00
C ALA B 525 -29.93 -21.51 22.71
N LYS B 526 -30.87 -21.41 21.78
CA LYS B 526 -31.77 -22.52 21.48
C LYS B 526 -31.33 -23.22 20.20
N VAL B 527 -30.21 -23.94 20.30
CA VAL B 527 -29.64 -24.70 19.20
C VAL B 527 -29.27 -26.10 19.66
N GLU B 528 -29.58 -26.41 20.91
CA GLU B 528 -28.84 -27.41 21.67
C GLU B 528 -29.56 -28.75 21.62
N GLN B 529 -29.25 -29.56 20.62
CA GLN B 529 -29.66 -30.96 20.60
C GLN B 529 -28.48 -31.91 20.48
N THR B 530 -27.58 -31.68 19.53
CA THR B 530 -26.42 -32.56 19.38
C THR B 530 -25.36 -32.31 20.45
N ALA B 531 -25.39 -31.17 21.12
CA ALA B 531 -24.37 -30.81 22.08
C ALA B 531 -24.77 -31.08 23.52
N PHE B 532 -25.94 -31.68 23.74
CA PHE B 532 -26.53 -31.73 25.08
C PHE B 532 -25.77 -32.65 26.03
N SER B 533 -25.03 -33.62 25.53
CA SER B 533 -24.54 -34.69 26.40
C SER B 533 -23.26 -34.32 27.14
N PHE B 534 -22.30 -33.68 26.47
CA PHE B 534 -21.06 -33.33 27.17
C PHE B 534 -21.29 -32.19 28.15
N LEU B 535 -22.23 -31.30 27.85
CA LEU B 535 -22.67 -30.34 28.86
C LEU B 535 -23.56 -30.99 29.91
N ARG B 536 -24.24 -32.09 29.57
CA ARG B 536 -25.04 -32.77 30.57
C ARG B 536 -24.15 -33.42 31.60
N ASP B 537 -23.04 -34.00 31.17
CA ASP B 537 -22.11 -34.64 32.10
C ASP B 537 -21.15 -33.62 32.73
N HIS B 538 -20.28 -33.03 31.92
CA HIS B 538 -19.11 -32.35 32.49
C HIS B 538 -19.47 -30.98 33.05
N LEU B 539 -20.32 -30.24 32.37
CA LEU B 539 -20.77 -28.95 32.87
C LEU B 539 -21.65 -29.18 34.10
N ARG B 540 -21.33 -28.52 35.20
CA ARG B 540 -22.06 -28.74 36.44
C ARG B 540 -22.55 -27.46 37.08
N CYS B 541 -22.31 -26.31 36.48
CA CYS B 541 -22.61 -25.03 37.11
C CYS B 541 -22.79 -23.98 36.03
N LEU B 542 -23.29 -22.81 36.43
CA LEU B 542 -23.73 -21.78 35.49
C LEU B 542 -24.00 -20.45 36.19
N HIS B 543 -24.11 -19.42 35.36
CA HIS B 543 -24.62 -18.08 35.70
C HIS B 543 -25.72 -17.78 34.68
N VAL B 544 -26.97 -18.10 35.02
CA VAL B 544 -28.05 -17.95 34.05
C VAL B 544 -28.90 -16.73 34.38
N LYS B 545 -28.30 -15.75 35.02
CA LYS B 545 -29.04 -14.65 35.63
C LYS B 545 -29.55 -13.68 34.56
N PHE B 546 -30.21 -12.62 35.04
CA PHE B 546 -30.52 -11.42 34.27
C PHE B 546 -31.36 -11.72 33.02
N THR B 547 -32.59 -12.18 33.28
CA THR B 547 -33.58 -12.29 32.23
C THR B 547 -34.89 -11.69 32.68
N ASP B 548 -35.92 -11.83 31.87
CA ASP B 548 -37.30 -11.67 32.30
C ASP B 548 -37.83 -13.04 32.70
N VAL B 549 -39.15 -13.17 32.88
CA VAL B 549 -39.74 -14.46 33.19
C VAL B 549 -40.32 -15.16 31.98
N ALA B 550 -40.15 -14.58 30.78
CA ALA B 550 -40.56 -15.23 29.54
C ALA B 550 -39.37 -15.86 28.82
N GLU B 551 -38.37 -15.04 28.49
CA GLU B 551 -37.14 -15.55 27.89
C GLU B 551 -36.33 -16.20 28.99
N ILE B 552 -36.65 -17.46 29.28
CA ILE B 552 -35.90 -18.25 30.22
C ILE B 552 -35.40 -19.48 29.48
N PRO B 553 -34.10 -19.76 29.51
CA PRO B 553 -33.60 -21.02 28.98
C PRO B 553 -34.18 -22.21 29.73
N ALA B 554 -34.52 -23.26 28.97
CA ALA B 554 -35.23 -24.40 29.54
C ALA B 554 -34.35 -25.63 29.72
N TRP B 555 -33.31 -25.80 28.88
CA TRP B 555 -32.46 -26.98 28.95
C TRP B 555 -31.72 -27.07 30.27
N VAL B 556 -31.45 -25.92 30.89
CA VAL B 556 -30.81 -25.86 32.20
C VAL B 556 -31.65 -26.51 33.28
N TYR B 557 -32.95 -26.70 33.03
CA TYR B 557 -33.80 -27.42 33.96
C TYR B 557 -33.47 -28.90 34.02
N LEU B 558 -32.96 -29.47 32.93
CA LEU B 558 -33.08 -30.91 32.74
C LEU B 558 -31.77 -31.58 32.28
N LEU B 559 -30.67 -31.28 32.94
CA LEU B 559 -29.40 -31.92 32.61
C LEU B 559 -28.72 -32.63 33.78
N LYS B 560 -29.38 -32.72 34.94
CA LYS B 560 -29.23 -33.80 35.92
C LYS B 560 -27.92 -33.77 36.71
N ASN B 561 -26.95 -32.94 36.32
CA ASN B 561 -25.65 -32.94 36.99
C ASN B 561 -25.23 -31.52 37.39
N LEU B 562 -26.19 -30.65 37.63
CA LEU B 562 -25.86 -29.29 38.05
C LEU B 562 -25.50 -29.21 39.52
N ARG B 563 -24.58 -28.31 39.86
CA ARG B 563 -24.27 -28.06 41.26
C ARG B 563 -24.66 -26.68 41.74
N GLU B 564 -24.33 -25.58 41.07
CA GLU B 564 -24.72 -24.31 41.63
C GLU B 564 -25.49 -23.47 40.62
N LEU B 565 -26.61 -22.92 41.07
CA LEU B 565 -27.52 -22.13 40.25
C LEU B 565 -27.41 -20.65 40.60
N TYR B 566 -27.36 -19.81 39.59
CA TYR B 566 -27.33 -18.36 39.75
C TYR B 566 -28.44 -17.79 38.90
N LEU B 567 -29.61 -17.63 39.51
CA LEU B 567 -30.84 -17.22 38.84
C LEU B 567 -31.33 -15.97 39.54
N ILE B 568 -30.78 -14.82 39.17
CA ILE B 568 -31.15 -13.57 39.83
C ILE B 568 -31.68 -12.58 38.80
N GLY B 569 -32.39 -11.58 39.30
CA GLY B 569 -32.98 -10.58 38.44
C GLY B 569 -34.14 -11.09 37.63
N ASN B 570 -34.87 -12.09 38.14
CA ASN B 570 -35.89 -12.79 37.37
C ASN B 570 -37.18 -12.77 38.17
N LEU B 571 -38.08 -11.87 37.78
CA LEU B 571 -39.17 -11.40 38.65
C LEU B 571 -40.23 -12.48 38.81
N ASN B 572 -39.88 -13.49 39.62
CA ASN B 572 -40.66 -14.71 39.74
C ASN B 572 -41.92 -14.46 40.56
N SER B 573 -43.06 -14.38 39.87
CA SER B 573 -44.36 -14.29 40.53
C SER B 573 -44.81 -15.70 40.92
N GLU B 574 -46.06 -15.84 41.35
CA GLU B 574 -46.57 -17.14 41.75
C GLU B 574 -47.07 -17.97 40.58
N ASN B 575 -47.34 -17.35 39.43
CA ASN B 575 -47.46 -18.09 38.19
C ASN B 575 -46.10 -18.46 37.61
N ASN B 576 -45.04 -17.83 38.09
CA ASN B 576 -43.67 -18.16 37.72
C ASN B 576 -43.03 -19.13 38.71
N LYS B 577 -43.72 -19.47 39.80
CA LYS B 577 -43.30 -20.57 40.65
C LYS B 577 -43.44 -21.91 39.93
N MET B 578 -44.36 -21.98 38.96
CA MET B 578 -44.65 -23.20 38.23
C MET B 578 -43.50 -23.67 37.36
N ILE B 579 -42.54 -22.79 37.03
CA ILE B 579 -41.44 -23.16 36.16
C ILE B 579 -40.39 -24.00 36.86
N GLY B 580 -40.44 -24.08 38.20
CA GLY B 580 -39.62 -25.02 38.92
C GLY B 580 -40.24 -26.40 38.86
N LEU B 581 -39.64 -27.28 38.07
CA LEU B 581 -40.23 -28.58 37.73
C LEU B 581 -39.36 -29.72 38.25
N GLU B 582 -39.70 -30.94 37.80
CA GLU B 582 -39.27 -32.17 38.44
C GLU B 582 -37.78 -32.44 38.29
N SER B 583 -37.15 -32.00 37.21
CA SER B 583 -35.77 -32.41 37.00
C SER B 583 -34.81 -31.63 37.89
N LEU B 584 -34.98 -30.30 37.99
CA LEU B 584 -34.20 -29.57 38.98
C LEU B 584 -34.72 -29.79 40.40
N ARG B 585 -35.94 -30.30 40.54
CA ARG B 585 -36.38 -30.86 41.82
C ARG B 585 -35.57 -32.09 42.19
N GLU B 586 -35.19 -32.89 41.20
CA GLU B 586 -34.69 -34.23 41.40
C GLU B 586 -33.17 -34.33 41.40
N LEU B 587 -32.47 -33.44 40.69
CA LEU B 587 -31.14 -33.77 40.19
C LEU B 587 -30.11 -33.77 41.31
N ARG B 588 -28.93 -34.27 40.96
CA ARG B 588 -27.99 -34.86 41.92
C ARG B 588 -27.25 -33.81 42.72
N HIS B 589 -26.43 -33.01 42.04
CA HIS B 589 -25.27 -32.39 42.69
C HIS B 589 -25.57 -31.00 43.23
N LEU B 590 -26.84 -30.59 43.28
CA LEU B 590 -27.20 -29.17 43.32
C LEU B 590 -26.84 -28.56 44.68
N LYS B 591 -25.67 -27.91 44.70
CA LYS B 591 -25.15 -27.25 45.91
C LYS B 591 -26.05 -26.13 46.36
N ILE B 592 -26.10 -25.06 45.56
CA ILE B 592 -26.71 -23.81 45.97
C ILE B 592 -27.65 -23.37 44.87
N LEU B 593 -28.54 -22.45 45.21
CA LEU B 593 -29.19 -21.60 44.23
C LEU B 593 -29.28 -20.20 44.83
N HIS B 594 -29.54 -19.21 43.99
CA HIS B 594 -29.41 -17.84 44.43
C HIS B 594 -30.35 -16.95 43.62
N VAL B 595 -31.20 -16.21 44.32
CA VAL B 595 -32.27 -15.41 43.72
C VAL B 595 -32.22 -14.01 44.31
N LYS B 596 -32.35 -12.98 43.46
CA LYS B 596 -32.23 -11.61 43.93
C LYS B 596 -33.27 -10.70 43.29
N SER B 597 -33.77 -9.76 44.10
CA SER B 597 -34.48 -8.55 43.65
C SER B 597 -35.81 -8.86 42.97
N ASN B 598 -36.62 -9.69 43.62
CA ASN B 598 -37.87 -10.13 43.03
C ASN B 598 -38.97 -10.03 44.07
N LEU B 599 -40.18 -10.39 43.67
CA LEU B 599 -41.32 -10.49 44.58
C LEU B 599 -41.41 -11.85 45.25
N THR B 600 -40.38 -12.66 45.15
CA THR B 600 -40.47 -14.06 45.55
C THR B 600 -40.46 -14.20 47.06
N LYS B 601 -41.22 -15.19 47.53
CA LYS B 601 -41.20 -15.63 48.91
C LYS B 601 -40.98 -17.13 49.04
N VAL B 602 -41.30 -17.91 48.01
CA VAL B 602 -40.98 -19.33 47.90
C VAL B 602 -40.82 -19.64 46.41
N PRO B 603 -39.59 -19.58 45.89
CA PRO B 603 -39.39 -19.88 44.45
C PRO B 603 -39.68 -21.33 44.09
N SER B 604 -38.95 -22.27 44.69
CA SER B 604 -39.36 -23.68 44.69
C SER B 604 -38.68 -24.30 45.92
N ASN B 605 -39.41 -24.39 47.02
CA ASN B 605 -38.89 -24.99 48.24
C ASN B 605 -39.46 -26.37 48.49
N ILE B 606 -40.30 -26.86 47.59
CA ILE B 606 -40.66 -28.28 47.54
C ILE B 606 -39.63 -29.07 46.75
N THR B 607 -38.60 -28.39 46.22
CA THR B 607 -37.41 -29.01 45.65
C THR B 607 -36.60 -29.78 46.69
N ASP B 608 -36.81 -29.50 47.97
CA ASP B 608 -35.93 -29.80 49.10
C ASP B 608 -35.57 -31.27 49.30
N VAL B 609 -36.16 -32.19 48.55
CA VAL B 609 -35.75 -33.59 48.60
C VAL B 609 -34.40 -33.80 47.91
N ALA B 610 -33.94 -32.80 47.14
CA ALA B 610 -32.65 -32.87 46.47
C ALA B 610 -31.50 -32.94 47.48
N PRO B 611 -30.50 -33.77 47.24
CA PRO B 611 -29.58 -34.18 48.31
C PRO B 611 -28.39 -33.26 48.55
N HIS B 612 -28.31 -32.09 47.93
CA HIS B 612 -27.13 -31.27 48.21
C HIS B 612 -27.49 -29.81 48.50
N LEU B 613 -28.73 -29.54 48.92
CA LEU B 613 -29.05 -28.18 49.37
C LEU B 613 -28.24 -27.87 50.61
N THR B 614 -27.25 -26.99 50.44
CA THR B 614 -26.29 -26.68 51.49
C THR B 614 -26.10 -25.19 51.70
N LYS B 615 -26.51 -24.34 50.75
CA LYS B 615 -26.47 -22.90 50.91
C LYS B 615 -27.61 -22.32 50.09
N LEU B 616 -28.68 -21.90 50.74
CA LEU B 616 -29.81 -21.30 50.05
C LEU B 616 -29.84 -19.82 50.36
N VAL B 617 -29.66 -19.00 49.33
CA VAL B 617 -29.50 -17.57 49.51
C VAL B 617 -30.51 -16.85 48.61
N ILE B 618 -31.31 -15.98 49.22
CA ILE B 618 -32.40 -15.30 48.53
C ILE B 618 -32.39 -13.85 48.97
N HIS B 619 -32.84 -12.95 48.11
CA HIS B 619 -32.81 -11.52 48.32
C HIS B 619 -34.17 -10.90 48.02
N ASN B 620 -34.45 -9.77 48.68
CA ASN B 620 -35.64 -8.94 48.49
C ASN B 620 -36.92 -9.73 48.79
N ASP B 621 -37.04 -10.10 50.06
CA ASP B 621 -38.33 -10.48 50.58
C ASP B 621 -39.20 -9.22 50.70
N GLY B 622 -40.51 -9.43 50.74
CA GLY B 622 -41.43 -8.33 50.92
C GLY B 622 -42.29 -8.51 52.15
N THR B 623 -42.42 -9.76 52.60
CA THR B 623 -43.35 -10.10 53.68
C THR B 623 -42.67 -10.97 54.72
N LYS B 624 -43.47 -11.56 55.61
CA LYS B 624 -42.97 -12.48 56.62
C LYS B 624 -43.65 -13.84 56.48
N LEU B 625 -43.77 -14.35 55.26
CA LEU B 625 -44.39 -15.64 55.01
C LEU B 625 -43.36 -16.62 54.48
N LEU B 626 -43.47 -17.88 54.90
CA LEU B 626 -42.51 -18.90 54.54
C LEU B 626 -43.20 -20.25 54.69
N VAL B 627 -42.70 -21.24 53.96
CA VAL B 627 -43.36 -22.53 53.80
C VAL B 627 -42.70 -23.56 54.72
N LEU B 628 -43.53 -24.39 55.35
CA LEU B 628 -43.10 -25.28 56.42
C LEU B 628 -42.52 -26.61 55.94
N ASN B 629 -42.60 -26.89 54.64
CA ASN B 629 -42.08 -28.16 54.12
C ASN B 629 -40.56 -28.20 54.09
N SER B 630 -39.91 -27.03 54.07
CA SER B 630 -38.49 -26.92 53.79
C SER B 630 -37.66 -27.58 54.88
N LEU B 631 -37.79 -27.07 56.11
CA LEU B 631 -36.89 -27.39 57.22
C LEU B 631 -36.88 -28.86 57.62
N LYS B 632 -37.99 -29.58 57.41
CA LYS B 632 -38.05 -30.98 57.80
C LYS B 632 -37.65 -31.93 56.68
N LYS B 633 -37.53 -31.44 55.45
CA LYS B 633 -37.08 -32.27 54.33
C LYS B 633 -35.75 -31.83 53.75
N MET B 634 -35.41 -30.55 53.85
CA MET B 634 -34.08 -30.06 53.46
C MET B 634 -33.15 -30.27 54.65
N MET B 635 -32.74 -31.52 54.84
CA MET B 635 -32.05 -31.97 56.03
C MET B 635 -30.56 -31.68 56.00
N ASN B 636 -30.10 -30.81 55.11
CA ASN B 636 -28.68 -30.76 54.80
C ASN B 636 -28.09 -29.37 54.59
N VAL B 637 -28.81 -28.28 54.88
CA VAL B 637 -28.26 -26.95 54.61
C VAL B 637 -27.20 -26.60 55.65
N ALA B 638 -26.00 -26.31 55.16
CA ALA B 638 -24.91 -25.81 55.97
C ALA B 638 -24.86 -24.29 56.01
N GLU B 639 -25.53 -23.62 55.07
CA GLU B 639 -25.64 -22.17 55.06
C GLU B 639 -27.02 -21.76 54.57
N LEU B 640 -27.40 -20.52 54.88
CA LEU B 640 -28.65 -19.89 54.46
C LEU B 640 -28.42 -18.39 54.58
N GLU B 641 -28.70 -17.64 53.52
CA GLU B 641 -28.53 -16.19 53.54
C GLU B 641 -29.80 -15.53 53.00
N LEU B 642 -30.76 -15.31 53.90
CA LEU B 642 -32.01 -14.63 53.53
C LEU B 642 -31.80 -13.14 53.70
N GLN B 643 -31.06 -12.57 52.76
CA GLN B 643 -30.75 -11.15 52.81
C GLN B 643 -31.93 -10.32 52.36
N ASN B 644 -31.99 -9.07 52.86
CA ASN B 644 -32.98 -8.05 52.49
C ASN B 644 -34.41 -8.50 52.80
N CYS B 645 -34.62 -8.94 54.03
CA CYS B 645 -35.95 -9.33 54.48
C CYS B 645 -36.52 -8.28 55.44
N GLU B 646 -37.81 -8.40 55.71
CA GLU B 646 -38.49 -7.54 56.67
C GLU B 646 -39.01 -8.32 57.87
N LEU B 647 -38.48 -9.52 58.09
CA LEU B 647 -38.90 -10.35 59.21
C LEU B 647 -38.30 -9.86 60.51
N GLU B 648 -38.87 -10.39 61.60
CA GLU B 648 -38.16 -10.56 62.85
C GLU B 648 -38.10 -12.02 63.22
N ARG B 649 -38.61 -12.90 62.35
CA ARG B 649 -38.77 -14.32 62.64
C ARG B 649 -37.57 -15.12 62.15
N ILE B 650 -37.29 -16.20 62.87
CA ILE B 650 -36.34 -17.24 62.48
C ILE B 650 -37.15 -18.52 62.52
N PRO B 651 -36.98 -19.46 61.55
CA PRO B 651 -37.72 -20.73 61.64
C PRO B 651 -37.33 -21.52 62.87
N HIS B 652 -38.26 -21.65 63.81
CA HIS B 652 -37.98 -22.38 65.04
C HIS B 652 -37.91 -23.88 64.81
N ALA B 653 -38.54 -24.38 63.75
CA ALA B 653 -38.54 -25.80 63.42
C ALA B 653 -37.38 -26.18 62.51
N ILE B 654 -36.26 -25.44 62.57
CA ILE B 654 -35.10 -25.69 61.72
C ILE B 654 -34.19 -26.77 62.30
N PHE B 655 -34.65 -27.47 63.35
CA PHE B 655 -33.86 -28.47 64.06
C PHE B 655 -33.64 -29.77 63.27
N SER B 656 -34.42 -30.02 62.21
CA SER B 656 -34.35 -31.30 61.53
C SER B 656 -33.05 -31.43 60.74
N LEU B 657 -32.66 -30.38 60.03
CA LEU B 657 -31.35 -30.34 59.39
C LEU B 657 -30.26 -30.24 60.45
N SER B 658 -29.35 -31.20 60.44
CA SER B 658 -28.49 -31.46 61.59
C SER B 658 -27.09 -30.90 61.46
N ASN B 659 -26.71 -30.37 60.30
CA ASN B 659 -25.39 -29.79 60.08
C ASN B 659 -25.54 -28.40 59.43
N LEU B 660 -25.76 -27.39 60.28
CA LEU B 660 -26.00 -26.03 59.81
C LEU B 660 -25.08 -25.07 60.54
N GLN B 661 -24.63 -24.05 59.81
CA GLN B 661 -23.65 -23.08 60.29
C GLN B 661 -24.06 -21.68 59.92
N GLU B 662 -25.31 -21.30 60.20
CA GLU B 662 -25.85 -20.04 59.72
C GLU B 662 -27.04 -19.61 60.57
N LEU B 663 -27.33 -18.31 60.51
CA LEU B 663 -28.69 -17.83 60.74
C LEU B 663 -29.03 -16.63 59.87
N ASP B 664 -28.36 -16.43 58.74
CA ASP B 664 -28.13 -15.10 58.18
C ASP B 664 -29.40 -14.48 57.63
N LEU B 665 -29.77 -13.33 58.19
CA LEU B 665 -30.88 -12.51 57.71
C LEU B 665 -30.41 -11.05 57.66
N LYS B 666 -29.31 -10.85 56.92
CA LYS B 666 -28.77 -9.52 56.59
C LYS B 666 -29.85 -8.59 56.03
N SER B 667 -29.75 -7.30 56.39
CA SER B 667 -30.66 -6.22 55.99
C SER B 667 -32.09 -6.52 56.42
N ASN B 668 -32.26 -6.54 57.74
CA ASN B 668 -33.52 -6.91 58.36
C ASN B 668 -33.57 -6.25 59.73
N ASN B 669 -34.73 -5.70 60.08
CA ASN B 669 -34.95 -5.15 61.42
C ASN B 669 -35.28 -6.28 62.39
N ILE B 670 -34.22 -6.98 62.83
CA ILE B 670 -34.37 -8.01 63.85
C ILE B 670 -34.58 -7.29 65.17
N ARG B 671 -35.83 -7.20 65.62
CA ARG B 671 -36.12 -6.45 66.84
C ARG B 671 -35.72 -7.23 68.08
N THR B 672 -36.36 -8.38 68.30
CA THR B 672 -36.00 -9.31 69.37
C THR B 672 -35.87 -10.69 68.76
N ILE B 673 -34.82 -11.42 69.13
CA ILE B 673 -34.53 -12.69 68.50
C ILE B 673 -35.45 -13.77 69.05
N GLU B 674 -35.46 -14.92 68.37
CA GLU B 674 -36.46 -15.96 68.60
C GLU B 674 -36.09 -16.90 69.73
N GLU B 675 -36.78 -18.04 69.77
CA GLU B 675 -36.65 -19.05 70.82
C GLU B 675 -35.33 -19.79 70.65
N ILE B 676 -34.45 -19.71 71.65
CA ILE B 676 -33.06 -20.17 71.50
C ILE B 676 -32.86 -21.59 72.05
N ILE B 677 -33.89 -22.22 72.60
CA ILE B 677 -33.67 -23.59 73.08
C ILE B 677 -33.69 -24.57 71.90
N SER B 678 -34.33 -24.18 70.79
CA SER B 678 -34.10 -24.88 69.53
C SER B 678 -32.67 -24.71 69.04
N PHE B 679 -32.02 -23.60 69.41
CA PHE B 679 -30.60 -23.43 69.14
C PHE B 679 -29.73 -24.10 70.20
N GLN B 680 -30.32 -24.52 71.33
CA GLN B 680 -29.64 -25.44 72.23
C GLN B 680 -29.68 -26.85 71.66
N HIS B 681 -30.79 -27.21 71.02
CA HIS B 681 -30.85 -28.44 70.24
C HIS B 681 -29.87 -28.39 69.08
N LEU B 682 -29.77 -27.23 68.43
CA LEU B 682 -28.81 -27.02 67.35
C LEU B 682 -27.58 -26.30 67.89
N LYS B 683 -26.84 -27.02 68.73
CA LYS B 683 -25.57 -26.54 69.25
C LYS B 683 -24.47 -26.48 68.19
N ARG B 684 -24.70 -27.09 67.02
CA ARG B 684 -23.74 -27.10 65.91
C ARG B 684 -23.75 -25.82 65.09
N LEU B 685 -24.50 -24.79 65.50
CA LEU B 685 -24.32 -23.46 64.93
C LEU B 685 -22.91 -22.97 65.19
N THR B 686 -22.16 -22.77 64.12
CA THR B 686 -20.74 -22.46 64.17
C THR B 686 -20.42 -21.10 63.57
N CYS B 687 -21.17 -20.68 62.54
CA CYS B 687 -21.03 -19.36 61.95
C CYS B 687 -22.38 -18.63 61.99
N LEU B 688 -22.68 -18.00 63.12
CA LEU B 688 -23.90 -17.19 63.20
C LEU B 688 -23.51 -15.72 63.06
N LYS B 689 -24.18 -15.03 62.14
CA LYS B 689 -23.84 -13.65 61.83
C LYS B 689 -25.09 -12.95 61.30
N LEU B 690 -25.40 -11.79 61.86
CA LEU B 690 -26.52 -10.99 61.40
C LEU B 690 -26.24 -9.55 61.74
N TRP B 691 -26.62 -8.64 60.84
CA TRP B 691 -26.33 -7.24 61.02
C TRP B 691 -27.38 -6.43 60.25
N HIS B 692 -27.18 -5.11 60.20
CA HIS B 692 -28.15 -4.13 59.70
C HIS B 692 -29.47 -4.28 60.46
N ASN B 693 -29.37 -4.43 61.76
CA ASN B 693 -30.41 -4.99 62.61
C ASN B 693 -30.74 -4.07 63.77
N LYS B 694 -31.54 -4.57 64.69
CA LYS B 694 -32.04 -3.83 65.84
C LYS B 694 -31.88 -4.65 67.11
N ILE B 695 -30.70 -5.22 67.31
CA ILE B 695 -30.45 -6.01 68.50
C ILE B 695 -30.35 -5.10 69.72
N VAL B 696 -31.18 -5.38 70.73
CA VAL B 696 -31.09 -4.67 72.00
C VAL B 696 -30.09 -5.40 72.88
N THR B 697 -30.37 -6.66 73.19
CA THR B 697 -29.44 -7.53 73.89
C THR B 697 -29.72 -8.96 73.47
N ILE B 698 -28.79 -9.85 73.83
CA ILE B 698 -28.96 -11.27 73.58
C ILE B 698 -29.23 -11.98 74.91
N PRO B 699 -30.15 -12.94 74.94
CA PRO B 699 -30.35 -13.75 76.14
C PRO B 699 -29.13 -14.65 76.39
N PRO B 700 -28.93 -15.11 77.64
CA PRO B 700 -27.71 -15.88 77.95
C PRO B 700 -27.73 -17.32 77.46
N SER B 701 -28.62 -17.70 76.54
CA SER B 701 -28.63 -19.02 75.93
C SER B 701 -27.55 -19.18 74.85
N ILE B 702 -26.72 -18.16 74.62
CA ILE B 702 -25.61 -18.27 73.67
C ILE B 702 -24.51 -19.20 74.17
N THR B 703 -24.54 -19.57 75.45
CA THR B 703 -23.68 -20.64 75.96
C THR B 703 -24.04 -21.98 75.32
N HIS B 704 -25.28 -22.12 74.85
CA HIS B 704 -25.80 -23.42 74.42
C HIS B 704 -25.16 -23.90 73.13
N VAL B 705 -24.71 -22.99 72.27
CA VAL B 705 -23.97 -23.36 71.07
C VAL B 705 -22.50 -23.44 71.46
N LYS B 706 -22.11 -24.62 71.96
CA LYS B 706 -20.73 -24.84 72.38
C LYS B 706 -19.77 -24.94 71.20
N ASN B 707 -20.29 -25.25 70.00
CA ASN B 707 -19.48 -25.44 68.81
C ASN B 707 -19.46 -24.21 67.93
N LEU B 708 -19.46 -23.03 68.56
CA LEU B 708 -19.58 -21.76 67.87
C LEU B 708 -18.20 -21.08 67.85
N GLU B 709 -17.55 -21.07 66.69
CA GLU B 709 -16.22 -20.48 66.60
C GLU B 709 -16.18 -19.12 65.91
N SER B 710 -17.02 -18.86 64.92
CA SER B 710 -16.95 -17.61 64.16
C SER B 710 -18.28 -16.90 64.30
N LEU B 711 -18.21 -15.62 64.65
CA LEU B 711 -19.40 -14.86 64.99
C LEU B 711 -19.09 -13.38 64.86
N TYR B 712 -19.80 -12.69 63.97
CA TYR B 712 -19.57 -11.26 63.82
C TYR B 712 -20.86 -10.56 63.45
N PHE B 713 -21.19 -9.53 64.21
CA PHE B 713 -22.36 -8.71 64.02
C PHE B 713 -21.90 -7.32 63.60
N SER B 714 -22.86 -6.44 63.32
CA SER B 714 -22.65 -5.00 63.27
C SER B 714 -24.01 -4.33 63.30
N ASN B 715 -23.99 -3.00 63.35
CA ASN B 715 -25.13 -2.13 63.03
C ASN B 715 -26.30 -2.36 63.98
N ASN B 716 -25.99 -2.48 65.26
CA ASN B 716 -26.98 -2.73 66.30
C ASN B 716 -26.70 -1.81 67.49
N LYS B 717 -27.76 -1.41 68.19
CA LYS B 717 -27.64 -0.44 69.26
C LYS B 717 -27.38 -1.19 70.58
N LEU B 718 -26.19 -1.00 71.12
CA LEU B 718 -25.82 -1.58 72.40
C LEU B 718 -24.86 -0.65 73.11
N GLU B 719 -25.11 -0.47 74.40
CA GLU B 719 -24.16 0.12 75.34
C GLU B 719 -23.87 -0.80 76.51
N SER B 720 -24.82 -1.67 76.85
CA SER B 720 -24.70 -2.58 77.98
C SER B 720 -23.61 -3.62 77.74
N LEU B 721 -23.12 -4.18 78.83
CA LEU B 721 -22.09 -5.20 78.78
C LEU B 721 -22.74 -6.56 78.54
N PRO B 722 -22.43 -7.23 77.43
CA PRO B 722 -23.07 -8.54 77.16
C PRO B 722 -22.55 -9.61 78.11
N VAL B 723 -23.47 -10.48 78.55
CA VAL B 723 -23.26 -11.26 79.76
C VAL B 723 -22.57 -12.59 79.50
N ALA B 724 -23.20 -13.47 78.72
CA ALA B 724 -22.78 -14.86 78.64
C ALA B 724 -21.64 -15.09 77.64
N VAL B 725 -21.09 -14.01 77.07
CA VAL B 725 -20.14 -14.09 75.95
C VAL B 725 -18.87 -14.86 76.35
N PHE B 726 -18.48 -14.79 77.61
CA PHE B 726 -17.28 -15.50 78.07
C PHE B 726 -17.50 -17.00 78.27
N SER B 727 -18.59 -17.58 77.75
CA SER B 727 -18.69 -19.04 77.75
C SER B 727 -18.30 -19.66 76.42
N LEU B 728 -18.27 -18.88 75.33
CA LEU B 728 -17.95 -19.39 74.01
C LEU B 728 -16.46 -19.66 73.86
N GLN B 729 -16.02 -20.85 74.25
CA GLN B 729 -14.59 -21.14 74.29
C GLN B 729 -13.98 -21.33 72.91
N LYS B 730 -14.80 -21.58 71.89
CA LYS B 730 -14.30 -21.92 70.58
C LYS B 730 -14.06 -20.69 69.71
N LEU B 731 -14.34 -19.50 70.24
CA LEU B 731 -14.58 -18.29 69.45
C LEU B 731 -13.34 -17.84 68.68
N ARG B 732 -13.59 -17.08 67.61
CA ARG B 732 -12.55 -16.52 66.75
C ARG B 732 -12.76 -15.05 66.44
N CYS B 733 -13.97 -14.52 66.60
CA CYS B 733 -14.27 -13.13 66.33
C CYS B 733 -15.18 -12.59 67.42
N LEU B 734 -15.11 -11.27 67.66
CA LEU B 734 -15.87 -10.60 68.72
C LEU B 734 -16.93 -9.71 68.08
N ASP B 735 -18.19 -10.13 68.19
CA ASP B 735 -19.28 -9.53 67.42
C ASP B 735 -19.79 -8.20 67.98
N VAL B 736 -18.89 -7.25 68.20
CA VAL B 736 -19.24 -6.02 68.91
C VAL B 736 -18.95 -4.87 67.95
N SER B 737 -19.15 -5.08 66.66
CA SER B 737 -19.02 -3.97 65.72
C SER B 737 -20.21 -3.04 65.81
N TYR B 738 -19.92 -1.73 65.74
CA TYR B 738 -20.89 -0.66 65.54
C TYR B 738 -21.89 -0.57 66.69
N ASN B 739 -21.34 -0.45 67.89
CA ASN B 739 -22.09 -0.11 69.09
C ASN B 739 -21.13 0.50 70.10
N ASN B 740 -21.58 1.54 70.78
CA ASN B 740 -20.71 2.24 71.72
C ASN B 740 -20.51 1.42 72.98
N ILE B 741 -19.34 1.56 73.58
CA ILE B 741 -19.06 0.93 74.86
C ILE B 741 -18.13 1.83 75.66
N SER B 742 -18.49 2.07 76.92
CA SER B 742 -17.70 2.91 77.82
C SER B 742 -16.71 2.11 78.64
N MET B 743 -17.02 0.83 78.89
CA MET B 743 -16.16 -0.04 79.69
C MET B 743 -16.34 -1.45 79.17
N ILE B 744 -15.30 -2.02 78.57
CA ILE B 744 -15.39 -3.39 78.08
C ILE B 744 -15.41 -4.35 79.26
N PRO B 745 -16.17 -5.45 79.19
CA PRO B 745 -16.28 -6.34 80.34
C PRO B 745 -15.00 -7.12 80.58
N ILE B 746 -14.87 -7.62 81.80
CA ILE B 746 -13.71 -8.45 82.15
C ILE B 746 -14.06 -9.87 81.72
N GLU B 747 -13.86 -10.12 80.43
CA GLU B 747 -14.17 -11.41 79.82
C GLU B 747 -13.08 -11.85 78.86
N ILE B 748 -11.88 -11.30 78.96
CA ILE B 748 -10.81 -11.67 78.04
C ILE B 748 -9.99 -12.81 78.64
N GLY B 749 -10.49 -13.40 79.72
CA GLY B 749 -10.04 -14.71 80.14
C GLY B 749 -10.71 -15.84 79.39
N LEU B 750 -11.76 -15.53 78.62
CA LEU B 750 -12.31 -16.48 77.67
C LEU B 750 -11.31 -16.77 76.56
N LEU B 751 -10.74 -15.72 75.97
CA LEU B 751 -10.09 -15.80 74.67
C LEU B 751 -8.72 -16.48 74.77
N GLN B 752 -8.77 -17.81 74.79
CA GLN B 752 -7.57 -18.60 74.53
C GLN B 752 -7.22 -18.56 73.05
N ASN B 753 -8.19 -18.89 72.20
CA ASN B 753 -7.96 -19.14 70.79
C ASN B 753 -8.84 -18.25 69.91
N LEU B 754 -9.04 -16.99 70.29
CA LEU B 754 -9.68 -16.07 69.37
C LEU B 754 -8.71 -15.71 68.26
N GLN B 755 -9.24 -15.32 67.12
CA GLN B 755 -8.38 -15.07 65.98
C GLN B 755 -8.52 -13.67 65.42
N HIS B 756 -9.71 -13.08 65.45
CA HIS B 756 -9.91 -11.74 64.94
C HIS B 756 -10.59 -10.86 65.99
N LEU B 757 -10.01 -9.70 66.24
CA LEU B 757 -10.78 -8.60 66.80
C LEU B 757 -11.65 -7.99 65.73
N HIS B 758 -12.77 -7.40 66.16
CA HIS B 758 -13.39 -6.28 65.44
C HIS B 758 -14.27 -5.55 66.45
N ILE B 759 -13.92 -4.30 66.74
CA ILE B 759 -14.64 -3.47 67.68
C ILE B 759 -14.55 -2.04 67.17
N THR B 760 -15.70 -1.42 66.94
CA THR B 760 -15.83 -0.27 66.07
C THR B 760 -16.89 0.66 66.64
N GLY B 761 -16.62 1.96 66.61
CA GLY B 761 -17.60 2.93 67.05
C GLY B 761 -17.81 2.95 68.55
N ASN B 762 -16.82 3.42 69.28
CA ASN B 762 -16.86 3.55 70.73
C ASN B 762 -15.89 4.65 71.14
N LYS B 763 -15.55 4.70 72.44
CA LYS B 763 -14.72 5.79 72.96
C LYS B 763 -13.70 5.35 73.99
N VAL B 764 -13.57 4.04 74.25
CA VAL B 764 -12.93 3.55 75.46
C VAL B 764 -11.42 3.80 75.41
N ASP B 765 -10.81 3.91 76.61
CA ASP B 765 -9.39 4.16 76.77
C ASP B 765 -8.70 3.07 77.58
N ILE B 766 -9.44 2.09 78.09
CA ILE B 766 -8.92 1.12 79.04
C ILE B 766 -9.17 -0.29 78.52
N LEU B 767 -8.26 -1.21 78.84
CA LEU B 767 -8.34 -2.61 78.42
C LEU B 767 -7.57 -3.43 79.44
N PRO B 768 -8.15 -4.50 79.98
CA PRO B 768 -7.50 -5.26 81.05
C PRO B 768 -6.33 -6.10 80.54
N LYS B 769 -5.69 -6.80 81.48
CA LYS B 769 -4.32 -7.29 81.25
C LYS B 769 -4.27 -8.61 80.49
N GLN B 770 -5.31 -9.46 80.60
CA GLN B 770 -5.27 -10.87 80.23
C GLN B 770 -5.10 -11.15 78.73
N LEU B 771 -4.91 -10.12 77.89
CA LEU B 771 -4.68 -10.31 76.47
C LEU B 771 -3.33 -10.98 76.16
N PHE B 772 -2.41 -11.08 77.13
CA PHE B 772 -1.24 -11.91 76.89
C PHE B 772 -1.54 -13.38 77.01
N LYS B 773 -2.75 -13.76 77.43
CA LYS B 773 -3.17 -15.15 77.41
C LYS B 773 -3.19 -15.70 75.98
N CYS B 774 -3.68 -14.90 75.05
CA CYS B 774 -3.86 -15.34 73.68
C CYS B 774 -2.63 -15.03 72.83
N ILE B 775 -2.16 -16.03 72.09
CA ILE B 775 -1.22 -15.82 70.99
C ILE B 775 -1.88 -16.08 69.65
N LYS B 776 -3.15 -16.46 69.66
CA LYS B 776 -3.84 -16.98 68.48
C LYS B 776 -4.34 -15.88 67.57
N LEU B 777 -4.64 -14.70 68.12
CA LEU B 777 -5.20 -13.60 67.34
C LEU B 777 -4.20 -13.07 66.33
N ARG B 778 -4.72 -12.57 65.20
CA ARG B 778 -3.86 -12.02 64.16
C ARG B 778 -4.22 -10.60 63.76
N THR B 779 -5.32 -10.05 64.28
CA THR B 779 -5.75 -8.69 63.94
C THR B 779 -6.01 -7.91 65.22
N LEU B 780 -5.15 -6.95 65.52
CA LEU B 780 -5.56 -5.88 66.43
C LEU B 780 -6.51 -4.96 65.68
N ASN B 781 -7.81 -5.23 65.77
CA ASN B 781 -8.81 -4.52 64.99
C ASN B 781 -9.71 -3.79 65.99
N LEU B 782 -9.30 -2.58 66.36
CA LEU B 782 -10.06 -1.75 67.28
C LEU B 782 -10.13 -0.33 66.69
N GLY B 783 -11.16 -0.11 65.88
CA GLY B 783 -11.37 1.20 65.30
C GLY B 783 -12.02 2.12 66.30
N GLN B 784 -11.65 3.41 66.20
CA GLN B 784 -12.30 4.52 66.91
C GLN B 784 -12.15 4.38 68.42
N ASN B 785 -10.90 4.27 68.85
CA ASN B 785 -10.55 4.32 70.27
C ASN B 785 -9.22 5.05 70.42
N CYS B 786 -9.26 6.27 70.93
CA CYS B 786 -8.04 7.04 71.22
C CYS B 786 -7.45 6.54 72.53
N ILE B 787 -6.92 5.31 72.49
CA ILE B 787 -6.42 4.65 73.68
C ILE B 787 -5.09 5.27 74.09
N THR B 788 -4.68 5.04 75.34
CA THR B 788 -3.47 5.68 75.83
C THR B 788 -2.22 5.02 75.30
N SER B 789 -2.01 3.74 75.64
CA SER B 789 -0.84 2.98 75.21
C SER B 789 -1.13 1.50 75.45
N LEU B 790 -0.11 0.67 75.27
CA LEU B 790 -0.25 -0.76 75.42
C LEU B 790 0.70 -1.31 76.48
N PRO B 791 0.23 -2.23 77.31
CA PRO B 791 1.12 -2.91 78.27
C PRO B 791 2.05 -3.93 77.63
N GLU B 792 2.69 -4.74 78.49
CA GLU B 792 3.60 -5.80 78.05
C GLU B 792 2.91 -6.87 77.21
N LYS B 793 1.57 -6.98 77.33
CA LYS B 793 0.79 -8.05 76.71
C LYS B 793 0.86 -8.04 75.19
N VAL B 794 1.09 -6.87 74.58
CA VAL B 794 1.20 -6.80 73.12
C VAL B 794 2.51 -7.43 72.64
N GLY B 795 3.54 -7.46 73.50
CA GLY B 795 4.72 -8.26 73.22
C GLY B 795 4.47 -9.76 73.19
N GLN B 796 3.31 -10.20 73.67
CA GLN B 796 2.87 -11.57 73.44
C GLN B 796 2.72 -11.88 71.95
N LEU B 797 2.14 -10.95 71.19
CA LEU B 797 1.68 -11.28 69.83
C LEU B 797 2.73 -10.90 68.77
N SER B 798 3.86 -11.60 68.84
CA SER B 798 4.99 -11.29 67.96
C SER B 798 4.72 -11.71 66.52
N GLN B 799 4.01 -12.82 66.32
CA GLN B 799 3.72 -13.30 64.97
C GLN B 799 2.56 -12.57 64.32
N LEU B 800 1.88 -11.70 65.06
CA LEU B 800 0.78 -10.92 64.50
C LEU B 800 1.30 -9.90 63.49
N THR B 801 0.50 -9.67 62.44
CA THR B 801 0.94 -8.82 61.35
C THR B 801 -0.06 -7.74 60.94
N GLN B 802 -1.29 -7.76 61.45
CA GLN B 802 -2.29 -6.77 61.07
C GLN B 802 -2.69 -6.01 62.32
N LEU B 803 -2.40 -4.72 62.36
CA LEU B 803 -2.85 -3.85 63.42
C LEU B 803 -3.78 -2.80 62.82
N GLU B 804 -4.84 -2.46 63.54
CA GLU B 804 -5.81 -1.49 63.07
C GLU B 804 -6.27 -0.65 64.25
N LEU B 805 -6.16 0.66 64.09
CA LEU B 805 -6.85 1.63 64.93
C LEU B 805 -6.92 2.91 64.12
N LYS B 806 -7.73 3.85 64.61
CA LYS B 806 -7.71 5.23 64.16
C LYS B 806 -7.91 6.09 65.39
N GLY B 807 -7.05 7.09 65.57
CA GLY B 807 -7.12 7.89 66.77
C GLY B 807 -6.41 7.24 67.93
N ASN B 808 -5.56 8.00 68.63
CA ASN B 808 -4.69 7.47 69.67
C ASN B 808 -4.19 8.67 70.46
N CYS B 809 -3.46 8.39 71.53
CA CYS B 809 -2.51 9.38 72.03
C CYS B 809 -1.29 9.43 71.12
N PHE B 810 -0.92 8.27 70.56
CA PHE B 810 0.19 7.99 69.64
C PHE B 810 1.49 8.73 69.95
N ASP B 811 1.84 8.83 71.22
CA ASP B 811 3.06 9.51 71.62
C ASP B 811 4.01 8.63 72.42
N ARG B 812 3.48 7.69 73.21
CA ARG B 812 4.36 6.73 73.88
C ARG B 812 4.86 5.73 72.84
N LEU B 813 3.93 4.93 72.30
CA LEU B 813 4.13 3.87 71.31
C LEU B 813 5.24 2.93 71.73
N PRO B 814 5.01 2.09 72.74
CA PRO B 814 6.12 1.47 73.48
C PRO B 814 6.88 0.38 72.74
N ALA B 815 7.92 -0.15 73.39
CA ALA B 815 8.80 -1.15 72.81
C ALA B 815 8.23 -2.55 72.82
N GLN B 816 7.09 -2.77 73.48
CA GLN B 816 6.43 -4.05 73.39
C GLN B 816 5.64 -4.18 72.09
N LEU B 817 5.27 -3.05 71.49
CA LEU B 817 4.91 -3.05 70.08
C LEU B 817 6.12 -3.43 69.22
N GLY B 818 7.31 -2.95 69.61
CA GLY B 818 8.55 -3.29 68.94
C GLY B 818 9.10 -4.67 69.23
N GLN B 819 8.44 -5.43 70.10
CA GLN B 819 8.73 -6.84 70.31
C GLN B 819 8.31 -7.69 69.13
N CYS B 820 7.38 -7.20 68.31
CA CYS B 820 6.71 -7.97 67.27
C CYS B 820 7.38 -7.61 65.94
N ARG B 821 8.46 -8.29 65.60
CA ARG B 821 9.24 -7.97 64.42
C ARG B 821 8.77 -8.72 63.17
N MET B 822 7.52 -9.18 63.16
CA MET B 822 6.92 -9.81 61.98
C MET B 822 5.98 -8.87 61.23
N LEU B 823 5.31 -7.96 61.94
CA LEU B 823 4.29 -7.11 61.35
C LEU B 823 4.90 -6.11 60.37
N LYS B 824 4.07 -5.69 59.42
CA LYS B 824 4.51 -4.91 58.28
C LYS B 824 3.79 -3.57 58.13
N LYS B 825 2.52 -3.49 58.50
CA LYS B 825 1.73 -2.28 58.28
C LYS B 825 0.59 -2.24 59.27
N SER B 826 0.30 -1.05 59.80
CA SER B 826 -0.78 -0.84 60.72
C SER B 826 -1.78 0.17 60.16
N GLY B 827 -2.89 0.34 60.88
CA GLY B 827 -3.97 1.21 60.43
C GLY B 827 -3.66 2.69 60.47
N LEU B 828 -3.55 3.27 61.67
CA LEU B 828 -3.15 4.65 61.84
C LEU B 828 -1.75 4.77 62.43
N VAL B 829 -1.20 3.66 62.93
CA VAL B 829 0.01 3.73 63.74
C VAL B 829 1.23 4.00 62.87
N VAL B 830 1.35 3.31 61.74
CA VAL B 830 2.52 3.52 60.90
C VAL B 830 2.31 4.80 60.10
N GLU B 831 2.73 5.91 60.69
CA GLU B 831 2.73 7.26 60.12
C GLU B 831 3.93 7.98 60.72
N ASP B 832 3.91 9.30 60.66
CA ASP B 832 5.03 10.09 61.16
C ASP B 832 5.08 10.23 62.67
N HIS B 833 4.29 9.46 63.43
CA HIS B 833 4.43 9.40 64.88
C HIS B 833 5.03 8.09 65.37
N LEU B 834 4.87 6.99 64.64
CA LEU B 834 5.69 5.81 64.88
C LEU B 834 6.97 5.83 64.06
N PHE B 835 7.01 6.62 62.99
CA PHE B 835 8.30 6.99 62.42
C PHE B 835 9.05 7.94 63.33
N ASP B 836 8.33 8.64 64.20
CA ASP B 836 8.94 9.53 65.19
C ASP B 836 9.50 8.72 66.36
N THR B 837 8.63 8.01 67.07
CA THR B 837 9.04 7.23 68.22
C THR B 837 9.77 5.97 67.80
N LEU B 838 10.77 5.58 68.58
CA LEU B 838 11.46 4.29 68.51
C LEU B 838 12.13 4.00 67.17
N PRO B 839 13.23 4.66 66.82
CA PRO B 839 13.91 4.33 65.55
C PRO B 839 14.80 3.09 65.63
N LEU B 840 14.87 2.43 66.78
CA LEU B 840 15.67 1.22 66.94
C LEU B 840 14.85 -0.01 67.27
N GLU B 841 13.53 0.09 67.33
CA GLU B 841 12.67 -1.03 67.70
C GLU B 841 11.66 -1.39 66.62
N VAL B 842 10.97 -0.41 66.05
CA VAL B 842 9.96 -0.70 65.02
C VAL B 842 10.53 -0.39 63.65
N LYS B 843 11.44 0.59 63.57
CA LYS B 843 12.20 0.81 62.34
C LYS B 843 13.10 -0.38 62.05
N GLU B 844 13.78 -0.90 63.08
CA GLU B 844 14.59 -2.09 62.92
C GLU B 844 13.74 -3.31 62.62
N ALA B 845 12.51 -3.35 63.12
CA ALA B 845 11.60 -4.45 62.80
C ALA B 845 11.20 -4.43 61.33
N LEU B 846 10.78 -3.26 60.83
CA LEU B 846 10.41 -3.11 59.43
C LEU B 846 11.61 -3.17 58.49
N ASN B 847 12.83 -2.99 59.01
CA ASN B 847 14.05 -3.10 58.21
C ASN B 847 14.56 -4.54 58.17
N GLN B 848 14.45 -5.28 59.27
CA GLN B 848 14.79 -6.70 59.26
C GLN B 848 13.75 -7.52 58.51
N ASP B 849 12.50 -7.04 58.45
CA ASP B 849 11.53 -7.64 57.54
C ASP B 849 11.85 -7.32 56.10
N ILE B 850 12.13 -6.06 55.80
CA ILE B 850 12.53 -5.67 54.45
C ILE B 850 13.50 -4.49 54.50
N PHE C 2 -24.98 39.42 -30.11
CA PHE C 2 -26.25 38.70 -30.17
C PHE C 2 -26.65 38.19 -28.78
N THR C 3 -27.94 38.28 -28.46
CA THR C 3 -28.46 37.89 -27.16
C THR C 3 -28.98 36.47 -27.25
N LEU C 4 -28.46 35.58 -26.40
CA LEU C 4 -28.75 34.16 -26.45
C LEU C 4 -29.69 33.77 -25.33
N ALA C 5 -30.78 33.10 -25.68
CA ALA C 5 -31.84 32.76 -24.72
C ALA C 5 -31.34 31.78 -23.68
N GLU C 6 -30.53 30.80 -24.10
CA GLU C 6 -29.98 29.84 -23.16
C GLU C 6 -28.95 30.49 -22.25
N VAL C 7 -28.27 31.54 -22.72
CA VAL C 7 -27.35 32.28 -21.87
C VAL C 7 -28.11 33.05 -20.81
N ALA C 8 -29.23 33.67 -21.19
CA ALA C 8 -30.08 34.37 -20.22
C ALA C 8 -30.66 33.39 -19.19
N SER C 9 -31.09 32.22 -19.66
CA SER C 9 -31.68 31.22 -18.78
C SER C 9 -30.66 30.63 -17.82
N LEU C 10 -29.45 30.33 -18.32
CA LEU C 10 -28.39 29.81 -17.48
C LEU C 10 -27.87 30.87 -16.52
N ASN C 11 -27.98 32.15 -16.90
CA ASN C 11 -27.54 33.20 -16.00
C ASN C 11 -28.53 33.39 -14.86
N ASP C 12 -29.83 33.28 -15.14
CA ASP C 12 -30.84 33.47 -14.09
C ASP C 12 -31.05 32.12 -13.38
N ILE C 13 -30.29 31.93 -12.30
CA ILE C 13 -30.31 30.67 -11.54
C ILE C 13 -29.71 30.96 -10.16
N GLN C 14 -30.11 30.15 -9.17
CA GLN C 14 -29.38 30.01 -7.91
C GLN C 14 -28.58 28.71 -7.92
N PRO C 15 -27.31 28.75 -7.44
CA PRO C 15 -26.33 27.71 -7.83
C PRO C 15 -26.59 26.28 -7.36
N THR C 16 -26.69 26.05 -6.06
CA THR C 16 -26.79 24.68 -5.58
C THR C 16 -27.72 24.52 -4.38
N TYR C 17 -28.45 25.56 -4.00
CA TYR C 17 -29.39 25.49 -2.88
C TYR C 17 -30.60 24.68 -3.31
N ARG C 18 -30.46 23.36 -3.25
CA ARG C 18 -31.60 22.51 -3.52
C ARG C 18 -32.61 22.61 -2.39
N ILE C 19 -32.14 22.70 -1.15
CA ILE C 19 -32.95 23.07 -0.01
C ILE C 19 -32.94 24.60 -0.03
N LEU C 20 -33.82 25.24 0.73
CA LEU C 20 -33.93 26.68 0.98
C LEU C 20 -34.36 27.48 -0.25
N LYS C 21 -34.62 26.83 -1.38
CA LYS C 21 -35.44 27.52 -2.34
C LYS C 21 -36.87 26.99 -2.25
N PRO C 22 -37.87 27.81 -2.39
CA PRO C 22 -39.23 27.30 -2.28
C PRO C 22 -39.84 26.87 -3.61
N TRP C 23 -41.08 26.40 -3.51
CA TRP C 23 -41.99 26.20 -4.62
C TRP C 23 -42.08 27.41 -5.55
N TRP C 24 -42.49 28.53 -4.97
CA TRP C 24 -42.90 29.68 -5.77
C TRP C 24 -41.72 30.36 -6.44
N ASP C 25 -40.54 30.33 -5.83
CA ASP C 25 -39.37 30.92 -6.48
C ASP C 25 -38.98 30.16 -7.74
N VAL C 26 -39.15 28.85 -7.74
CA VAL C 26 -38.89 28.06 -8.94
C VAL C 26 -39.91 28.42 -10.02
N PHE C 27 -41.19 28.56 -9.63
CA PHE C 27 -42.21 29.02 -10.58
C PHE C 27 -41.89 30.39 -11.15
N MET C 28 -41.33 31.28 -10.36
CA MET C 28 -41.17 32.64 -10.85
C MET C 28 -39.90 32.82 -11.67
N ASP C 29 -38.86 32.03 -11.42
CA ASP C 29 -37.72 32.05 -12.33
C ASP C 29 -38.07 31.39 -13.67
N TYR C 30 -38.78 30.26 -13.61
CA TYR C 30 -39.42 29.62 -14.76
C TYR C 30 -40.23 30.64 -15.59
N LEU C 31 -41.04 31.43 -14.90
CA LEU C 31 -41.96 32.34 -15.57
C LEU C 31 -41.23 33.56 -16.12
N ALA C 32 -40.20 34.04 -15.43
CA ALA C 32 -39.44 35.17 -15.94
C ALA C 32 -38.63 34.77 -17.18
N VAL C 33 -38.20 33.52 -17.27
CA VAL C 33 -37.57 33.05 -18.50
C VAL C 33 -38.58 33.02 -19.65
N VAL C 34 -39.82 32.59 -19.35
CA VAL C 34 -40.89 32.64 -20.35
C VAL C 34 -41.13 34.07 -20.84
N MET C 35 -41.12 35.02 -19.91
CA MET C 35 -41.38 36.41 -20.26
C MET C 35 -40.24 37.03 -21.07
N LEU C 36 -39.00 36.66 -20.76
CA LEU C 36 -37.87 37.07 -21.59
C LEU C 36 -37.97 36.49 -22.99
N MET C 37 -38.44 35.25 -23.10
CA MET C 37 -38.62 34.63 -24.41
C MET C 37 -39.62 35.41 -25.25
N VAL C 38 -40.75 35.79 -24.64
CA VAL C 38 -41.76 36.60 -25.33
C VAL C 38 -41.17 37.93 -25.78
N ALA C 39 -40.40 38.58 -24.91
CA ALA C 39 -39.87 39.91 -25.23
C ALA C 39 -38.84 39.87 -26.36
N ILE C 40 -37.93 38.90 -26.32
CA ILE C 40 -36.88 38.87 -27.34
C ILE C 40 -37.43 38.39 -28.68
N PHE C 41 -38.40 37.47 -28.67
CA PHE C 41 -39.08 37.11 -29.91
C PHE C 41 -39.84 38.29 -30.49
N ALA C 42 -40.44 39.12 -29.62
CA ALA C 42 -41.11 40.33 -30.07
C ALA C 42 -40.14 41.28 -30.73
N GLY C 43 -38.96 41.45 -30.13
CA GLY C 43 -37.96 42.35 -30.71
C GLY C 43 -37.47 41.89 -32.06
N THR C 44 -37.16 40.60 -32.20
CA THR C 44 -36.66 40.07 -33.46
C THR C 44 -37.71 40.14 -34.56
N MET C 45 -38.90 39.60 -34.28
CA MET C 45 -39.95 39.57 -35.28
C MET C 45 -40.54 40.95 -35.55
N GLN C 46 -40.32 41.92 -34.67
CA GLN C 46 -40.67 43.29 -35.00
C GLN C 46 -39.58 43.95 -35.84
N LEU C 47 -38.33 43.54 -35.68
CA LEU C 47 -37.29 44.09 -36.55
C LEU C 47 -37.39 43.52 -37.96
N THR C 48 -37.91 42.30 -38.11
CA THR C 48 -37.88 41.64 -39.42
C THR C 48 -38.84 42.29 -40.40
N LYS C 49 -40.13 42.26 -40.10
CA LYS C 49 -41.13 42.99 -40.88
C LYS C 49 -41.59 44.19 -40.06
N ASP C 50 -41.35 45.39 -40.60
CA ASP C 50 -41.66 46.60 -39.86
C ASP C 50 -42.33 47.68 -40.68
N GLN C 51 -42.19 47.67 -42.01
CA GLN C 51 -42.41 48.84 -42.85
C GLN C 51 -43.85 49.31 -42.84
N VAL C 52 -44.02 50.60 -43.11
CA VAL C 52 -45.32 51.23 -43.20
C VAL C 52 -45.60 51.53 -44.67
N VAL C 53 -46.83 51.92 -44.96
CA VAL C 53 -47.17 52.33 -46.32
C VAL C 53 -48.25 53.40 -46.27
N CYS C 54 -47.97 54.53 -46.90
CA CYS C 54 -48.89 55.65 -47.01
C CYS C 54 -49.42 55.81 -48.41
N LEU C 55 -50.48 56.61 -48.52
CA LEU C 55 -50.91 57.17 -49.80
C LEU C 55 -51.75 58.42 -49.60
N PRO C 56 -51.70 59.37 -50.52
CA PRO C 56 -52.46 60.61 -50.36
C PRO C 56 -53.96 60.44 -50.58
N VAL C 57 -54.68 61.50 -50.24
CA VAL C 57 -56.08 61.65 -50.61
C VAL C 57 -56.17 62.70 -51.71
N LEU C 58 -57.38 62.89 -52.25
CA LEU C 58 -57.60 63.85 -53.34
C LEU C 58 -57.40 65.29 -52.89
N THR C 135 -62.85 53.74 -62.89
CA THR C 135 -61.40 53.57 -62.81
C THR C 135 -60.86 54.14 -61.50
N GLY C 136 -59.65 53.74 -61.14
CA GLY C 136 -59.05 54.20 -59.91
C GLY C 136 -58.47 55.60 -60.04
N ARG C 137 -58.25 56.22 -58.88
CA ARG C 137 -57.77 57.61 -58.84
C ARG C 137 -56.29 57.64 -59.19
N LYS C 138 -55.96 58.21 -60.34
CA LYS C 138 -54.57 58.28 -60.81
C LYS C 138 -53.84 59.36 -60.03
N THR C 139 -53.15 58.95 -58.97
CA THR C 139 -52.35 59.88 -58.20
C THR C 139 -51.12 60.29 -59.00
N ASN C 140 -50.77 61.57 -58.94
CA ASN C 140 -49.78 62.12 -59.85
C ASN C 140 -48.35 61.86 -59.44
N LEU C 141 -48.10 61.13 -58.35
CA LEU C 141 -46.77 61.12 -57.77
C LEU C 141 -45.88 60.06 -58.40
N ASP C 142 -44.67 59.95 -57.86
CA ASP C 142 -43.66 59.01 -58.33
C ASP C 142 -43.23 58.13 -57.16
N PHE C 143 -42.56 57.03 -57.48
CA PHE C 143 -42.31 55.98 -56.50
C PHE C 143 -41.38 56.42 -55.38
N GLN C 144 -40.28 57.09 -55.73
CA GLN C 144 -39.34 57.45 -54.69
C GLN C 144 -39.89 58.55 -53.81
N GLN C 145 -40.81 59.35 -54.36
CA GLN C 145 -41.59 60.27 -53.55
C GLN C 145 -42.40 59.51 -52.51
N TYR C 146 -42.92 58.34 -52.89
CA TYR C 146 -43.68 57.55 -51.92
C TYR C 146 -42.78 56.95 -50.85
N VAL C 147 -41.56 56.55 -51.22
CA VAL C 147 -40.74 55.98 -50.15
C VAL C 147 -40.19 57.06 -49.25
N PHE C 148 -39.96 58.27 -49.77
CA PHE C 148 -39.67 59.41 -48.92
C PHE C 148 -40.82 59.72 -47.99
N ILE C 149 -42.04 59.60 -48.51
CA ILE C 149 -43.14 60.10 -47.73
C ILE C 149 -43.55 59.09 -46.65
N ASN C 150 -43.37 57.79 -46.88
CA ASN C 150 -43.65 56.90 -45.78
C ASN C 150 -42.45 56.75 -44.85
N GLN C 151 -41.25 57.11 -45.30
CA GLN C 151 -40.15 57.33 -44.37
C GLN C 151 -40.49 58.44 -43.38
N MET C 152 -40.95 59.58 -43.91
CA MET C 152 -41.32 60.73 -43.09
C MET C 152 -42.47 60.39 -42.16
N CYS C 153 -43.44 59.60 -42.64
CA CYS C 153 -44.55 59.25 -41.77
C CYS C 153 -44.15 58.23 -40.71
N TYR C 154 -43.21 57.33 -41.03
CA TYR C 154 -42.77 56.39 -40.02
C TYR C 154 -41.96 57.06 -38.93
N HIS C 155 -41.27 58.15 -39.24
CA HIS C 155 -40.52 58.79 -38.17
C HIS C 155 -41.22 59.98 -37.52
N LEU C 156 -42.30 60.51 -38.09
CA LEU C 156 -42.96 61.64 -37.45
C LEU C 156 -44.46 61.41 -37.21
N ALA C 157 -44.93 60.17 -37.24
CA ALA C 157 -46.32 59.93 -36.91
C ALA C 157 -46.55 58.66 -36.13
N LEU C 158 -45.51 57.99 -35.68
CA LEU C 158 -45.79 56.81 -34.90
C LEU C 158 -45.32 57.02 -33.47
N PRO C 159 -46.11 56.62 -32.48
CA PRO C 159 -45.75 56.89 -31.08
C PRO C 159 -44.58 56.02 -30.63
N TRP C 160 -43.98 56.43 -29.51
CA TRP C 160 -42.83 55.69 -28.99
C TRP C 160 -43.22 54.34 -28.45
N TYR C 161 -44.45 54.18 -27.97
CA TYR C 161 -44.90 52.86 -27.55
C TYR C 161 -45.24 51.96 -28.72
N SER C 162 -45.31 52.49 -29.94
CA SER C 162 -45.71 51.69 -31.08
C SER C 162 -44.58 50.88 -31.68
N LYS C 163 -43.32 51.27 -31.45
CA LYS C 163 -42.23 50.52 -32.06
C LYS C 163 -41.03 50.27 -31.16
N TYR C 164 -40.95 50.85 -29.97
CA TYR C 164 -39.81 50.64 -29.08
C TYR C 164 -40.19 49.84 -27.85
N PHE C 165 -41.28 49.12 -27.89
CA PHE C 165 -41.78 48.40 -26.72
C PHE C 165 -40.96 47.18 -26.22
N PRO C 166 -40.40 46.31 -27.08
CA PRO C 166 -39.60 45.19 -26.53
C PRO C 166 -38.39 45.60 -25.73
N TYR C 167 -37.87 46.82 -25.93
CA TYR C 167 -36.72 47.26 -25.15
C TYR C 167 -37.13 47.55 -23.72
N LEU C 168 -38.32 48.14 -23.54
CA LEU C 168 -38.88 48.33 -22.21
C LEU C 168 -39.18 47.00 -21.54
N ALA C 169 -39.66 46.01 -22.31
CA ALA C 169 -39.90 44.69 -21.74
C ALA C 169 -38.58 44.03 -21.29
N LEU C 170 -37.52 44.23 -22.07
CA LEU C 170 -36.18 43.77 -21.68
C LEU C 170 -35.72 44.39 -20.37
N ILE C 171 -35.93 45.71 -20.21
CA ILE C 171 -35.56 46.40 -18.99
C ILE C 171 -36.30 45.83 -17.79
N HIS C 172 -37.61 45.60 -17.95
CA HIS C 172 -38.38 44.98 -16.86
C HIS C 172 -37.90 43.56 -16.54
N THR C 173 -37.47 42.82 -17.56
CA THR C 173 -36.97 41.47 -17.32
C THR C 173 -35.68 41.47 -16.51
N ILE C 174 -34.79 42.42 -16.81
CA ILE C 174 -33.52 42.53 -16.06
C ILE C 174 -33.79 42.92 -14.61
N ILE C 175 -34.72 43.86 -14.40
CA ILE C 175 -35.12 44.25 -13.05
C ILE C 175 -35.70 43.06 -12.29
N LEU C 176 -36.49 42.22 -12.97
CA LEU C 176 -37.11 41.09 -12.29
C LEU C 176 -36.09 40.00 -11.96
N MET C 177 -35.07 39.82 -12.81
CA MET C 177 -33.99 38.88 -12.52
C MET C 177 -33.20 39.30 -11.28
N VAL C 178 -32.86 40.59 -11.18
CA VAL C 178 -32.08 41.07 -10.04
C VAL C 178 -32.92 41.00 -8.76
N SER C 179 -34.23 41.29 -8.87
CA SER C 179 -35.10 41.20 -7.71
C SER C 179 -35.33 39.77 -7.28
N SER C 180 -35.22 38.82 -8.21
CA SER C 180 -35.34 37.42 -7.83
C SER C 180 -34.08 36.93 -7.11
N ASN C 181 -32.90 37.44 -7.48
CA ASN C 181 -31.68 36.86 -6.92
C ASN C 181 -31.09 37.61 -5.71
N PHE C 182 -31.50 38.85 -5.43
CA PHE C 182 -30.76 39.55 -4.38
C PHE C 182 -31.15 39.12 -2.96
N TRP C 183 -32.10 38.18 -2.80
CA TRP C 183 -32.50 37.74 -1.47
C TRP C 183 -31.37 37.03 -0.73
N PHE C 184 -30.46 36.40 -1.46
CA PHE C 184 -29.24 35.93 -0.84
C PHE C 184 -27.99 36.07 -1.69
N LYS C 185 -28.05 36.59 -2.92
CA LYS C 185 -26.81 36.58 -3.69
C LYS C 185 -25.87 37.74 -3.39
N TYR C 186 -26.01 38.44 -2.25
CA TYR C 186 -24.96 39.37 -1.84
C TYR C 186 -24.33 38.90 -0.53
N PRO C 187 -23.00 38.98 -0.38
CA PRO C 187 -22.31 38.22 0.67
C PRO C 187 -22.35 38.83 2.07
N LYS C 188 -23.22 39.81 2.31
CA LYS C 188 -23.42 40.28 3.67
C LYS C 188 -24.24 39.28 4.48
N THR C 189 -25.08 38.50 3.81
CA THR C 189 -25.96 37.54 4.46
C THR C 189 -25.71 36.11 3.96
N CYS C 190 -24.82 35.95 2.98
CA CYS C 190 -24.59 34.64 2.36
C CYS C 190 -23.87 33.67 3.31
N SER C 191 -23.08 34.20 4.25
CA SER C 191 -22.25 33.38 5.11
C SER C 191 -23.09 32.51 6.04
N LYS C 192 -24.09 33.11 6.69
CA LYS C 192 -24.96 32.35 7.59
C LYS C 192 -25.83 31.36 6.84
N VAL C 193 -26.13 31.64 5.56
CA VAL C 193 -26.96 30.70 4.80
C VAL C 193 -26.13 29.49 4.38
N GLU C 194 -24.91 29.71 3.91
CA GLU C 194 -23.99 28.60 3.67
C GLU C 194 -23.69 27.81 4.94
N HIS C 195 -23.64 28.52 6.08
CA HIS C 195 -23.43 27.89 7.36
C HIS C 195 -24.59 26.95 7.70
N PHE C 196 -25.83 27.41 7.48
CA PHE C 196 -26.99 26.56 7.72
C PHE C 196 -27.03 25.37 6.76
N VAL C 197 -26.60 25.58 5.51
CA VAL C 197 -26.61 24.49 4.54
C VAL C 197 -25.63 23.40 4.94
N SER C 198 -24.42 23.80 5.36
CA SER C 198 -23.43 22.82 5.82
C SER C 198 -23.89 22.11 7.09
N ILE C 199 -24.53 22.84 8.01
CA ILE C 199 -25.08 22.26 9.23
C ILE C 199 -26.13 21.20 8.90
N LEU C 200 -27.07 21.54 8.02
CA LEU C 200 -28.16 20.59 7.80
C LEU C 200 -27.70 19.40 6.96
N GLY C 201 -26.73 19.61 6.07
CA GLY C 201 -26.17 18.48 5.34
C GLY C 201 -25.46 17.49 6.24
N LYS C 202 -24.54 17.98 7.08
CA LYS C 202 -23.89 17.09 8.03
C LYS C 202 -24.84 16.59 9.11
N CYS C 203 -25.91 17.32 9.37
CA CYS C 203 -26.84 16.97 10.42
C CYS C 203 -27.81 15.89 9.97
N PHE C 204 -28.04 15.79 8.66
CA PHE C 204 -28.81 14.66 8.18
C PHE C 204 -27.94 13.46 7.83
N GLU C 205 -26.70 13.67 7.42
CA GLU C 205 -25.87 12.54 7.02
C GLU C 205 -25.24 11.77 8.20
N SER C 206 -25.64 12.04 9.45
CA SER C 206 -24.95 11.37 10.55
C SER C 206 -25.65 10.07 10.92
N PRO C 207 -24.90 8.98 11.10
CA PRO C 207 -25.52 7.72 11.52
C PRO C 207 -25.95 7.71 12.97
N TRP C 208 -25.35 8.55 13.81
CA TRP C 208 -25.80 8.60 15.19
C TRP C 208 -27.19 9.22 15.31
N THR C 209 -27.53 10.12 14.40
CA THR C 209 -28.87 10.71 14.41
C THR C 209 -29.93 9.65 14.14
N THR C 210 -29.72 8.80 13.14
CA THR C 210 -30.70 7.75 12.90
C THR C 210 -30.59 6.63 13.93
N LYS C 211 -29.47 6.49 14.64
CA LYS C 211 -29.44 5.52 15.72
C LYS C 211 -30.24 6.02 16.93
N ALA C 212 -30.14 7.31 17.24
CA ALA C 212 -30.94 7.89 18.31
C ALA C 212 -32.41 7.93 17.94
N LEU C 213 -32.73 8.08 16.66
CA LEU C 213 -34.11 7.90 16.22
C LEU C 213 -34.52 6.42 16.24
N SER C 214 -33.57 5.50 16.14
CA SER C 214 -33.92 4.08 16.27
C SER C 214 -34.20 3.71 17.71
N GLU C 215 -33.60 4.43 18.67
CA GLU C 215 -33.97 4.22 20.06
C GLU C 215 -35.40 4.67 20.34
N THR C 216 -35.82 5.79 19.74
CA THR C 216 -37.17 6.30 19.94
C THR C 216 -37.82 6.70 18.61
N ASP C 277 -18.86 1.52 16.19
CA ASP C 277 -19.08 2.92 15.90
C ASP C 277 -17.76 3.66 15.76
N LYS C 278 -17.32 4.29 16.86
CA LYS C 278 -15.99 4.85 17.10
C LYS C 278 -15.68 6.11 16.29
N LYS C 279 -16.59 6.52 15.40
CA LYS C 279 -16.44 7.75 14.64
C LYS C 279 -17.60 8.72 14.87
N ASP C 280 -18.79 8.15 15.14
CA ASP C 280 -20.00 8.93 15.36
C ASP C 280 -19.84 9.86 16.55
N GLY C 281 -19.12 9.43 17.59
CA GLY C 281 -18.85 10.21 18.77
C GLY C 281 -18.19 11.54 18.51
N GLU C 282 -16.97 11.52 17.93
CA GLU C 282 -16.26 12.76 17.69
C GLU C 282 -16.87 13.55 16.53
N GLN C 283 -17.48 12.87 15.56
CA GLN C 283 -18.11 13.60 14.45
C GLN C 283 -19.34 14.37 14.92
N ALA C 284 -20.24 13.71 15.63
CA ALA C 284 -21.40 14.42 16.15
C ALA C 284 -21.04 15.35 17.30
N LYS C 285 -19.90 15.15 17.98
CA LYS C 285 -19.48 16.12 18.98
C LYS C 285 -18.99 17.40 18.33
N ALA C 286 -18.22 17.29 17.23
CA ALA C 286 -17.86 18.47 16.46
C ALA C 286 -19.10 19.11 15.83
N LEU C 287 -20.10 18.31 15.49
CA LEU C 287 -21.33 18.86 14.97
C LEU C 287 -22.10 19.59 16.06
N PHE C 288 -22.07 19.05 17.29
CA PHE C 288 -22.62 19.73 18.46
C PHE C 288 -21.97 21.07 18.68
N GLU C 289 -20.65 21.12 18.58
CA GLU C 289 -19.92 22.37 18.77
C GLU C 289 -20.24 23.36 17.67
N LYS C 290 -20.49 22.87 16.45
CA LYS C 290 -20.97 23.74 15.39
C LYS C 290 -22.38 24.26 15.67
N VAL C 291 -23.22 23.44 16.30
CA VAL C 291 -24.55 23.90 16.70
C VAL C 291 -24.46 24.99 17.78
N ARG C 292 -23.54 24.81 18.73
CA ARG C 292 -23.27 25.86 19.72
C ARG C 292 -22.77 27.15 19.04
N LYS C 293 -21.92 27.02 18.04
CA LYS C 293 -21.40 28.19 17.35
C LYS C 293 -22.47 28.87 16.50
N PHE C 294 -23.44 28.10 16.00
CA PHE C 294 -24.53 28.68 15.24
C PHE C 294 -25.59 29.32 16.12
N ARG C 295 -25.82 28.76 17.31
CA ARG C 295 -27.07 29.01 18.04
C ARG C 295 -27.16 30.44 18.53
N ALA C 296 -26.22 30.85 19.38
CA ALA C 296 -26.21 32.23 19.86
C ALA C 296 -25.65 33.21 18.84
N HIS C 297 -25.22 32.74 17.67
CA HIS C 297 -24.79 33.65 16.62
C HIS C 297 -25.96 34.41 16.03
N VAL C 298 -27.04 33.72 15.69
CA VAL C 298 -28.23 34.33 15.08
C VAL C 298 -29.48 33.77 15.75
N GLU C 299 -30.06 34.55 16.66
CA GLU C 299 -31.43 34.36 17.13
C GLU C 299 -32.10 35.72 17.06
N ASP C 300 -32.59 36.08 15.87
CA ASP C 300 -33.14 37.40 15.60
C ASP C 300 -34.21 37.27 14.52
N SER C 301 -34.74 38.41 14.11
CA SER C 301 -35.76 38.48 13.07
C SER C 301 -35.56 39.64 12.12
N ASP C 302 -34.45 40.37 12.20
CA ASP C 302 -34.28 41.54 11.36
C ASP C 302 -33.99 41.15 9.90
N LEU C 303 -32.87 40.46 9.67
CA LEU C 303 -32.30 40.42 8.32
C LEU C 303 -33.08 39.49 7.41
N ILE C 304 -33.26 38.23 7.80
CA ILE C 304 -33.89 37.26 6.89
C ILE C 304 -35.36 37.58 6.69
N TYR C 305 -36.07 37.97 7.75
CA TYR C 305 -37.48 38.30 7.62
C TYR C 305 -37.67 39.59 6.85
N LYS C 306 -36.79 40.58 7.06
CA LYS C 306 -36.92 41.83 6.33
C LYS C 306 -36.54 41.66 4.86
N LEU C 307 -35.60 40.77 4.55
CA LEU C 307 -35.30 40.48 3.14
C LEU C 307 -36.43 39.71 2.48
N TYR C 308 -37.11 38.84 3.21
CA TYR C 308 -38.32 38.19 2.70
C TYR C 308 -39.41 39.22 2.38
N VAL C 309 -39.63 40.17 3.29
CA VAL C 309 -40.63 41.20 3.07
C VAL C 309 -40.23 42.12 1.92
N VAL C 310 -38.93 42.38 1.76
CA VAL C 310 -38.56 43.28 0.68
C VAL C 310 -38.60 42.54 -0.66
N GLN C 311 -38.43 41.22 -0.67
CA GLN C 311 -38.71 40.43 -1.86
C GLN C 311 -40.17 40.53 -2.27
N THR C 312 -41.07 40.42 -1.30
CA THR C 312 -42.49 40.50 -1.61
C THR C 312 -42.89 41.89 -2.11
N VAL C 313 -42.33 42.95 -1.51
CA VAL C 313 -42.75 44.25 -2.00
C VAL C 313 -42.03 44.64 -3.28
N ILE C 314 -40.83 44.11 -3.52
CA ILE C 314 -40.17 44.41 -4.79
C ILE C 314 -40.79 43.59 -5.91
N LYS C 315 -41.51 42.51 -5.58
CA LYS C 315 -42.47 41.95 -6.51
C LYS C 315 -43.58 42.97 -6.78
N THR C 316 -44.29 43.34 -5.71
CA THR C 316 -45.61 43.99 -5.83
C THR C 316 -45.51 45.34 -6.52
N ALA C 317 -44.45 46.11 -6.22
CA ALA C 317 -44.28 47.43 -6.82
C ALA C 317 -44.07 47.34 -8.33
N LYS C 318 -43.14 46.46 -8.76
CA LYS C 318 -42.88 46.28 -10.18
C LYS C 318 -44.10 45.70 -10.89
N PHE C 319 -44.83 44.80 -10.22
CA PHE C 319 -46.02 44.19 -10.79
C PHE C 319 -47.11 45.22 -11.06
N ILE C 320 -47.51 45.97 -10.04
CA ILE C 320 -48.57 46.97 -10.20
C ILE C 320 -48.12 48.08 -11.15
N PHE C 321 -46.82 48.42 -11.10
CA PHE C 321 -46.26 49.46 -11.96
C PHE C 321 -46.39 49.11 -13.43
N ILE C 322 -45.82 47.95 -13.83
CA ILE C 322 -45.88 47.61 -15.25
C ILE C 322 -47.27 47.18 -15.66
N LEU C 323 -48.13 46.74 -14.72
CA LEU C 323 -49.47 46.37 -15.11
C LEU C 323 -50.30 47.59 -15.46
N CYS C 324 -50.21 48.65 -14.65
CA CYS C 324 -50.92 49.88 -15.00
C CYS C 324 -50.31 50.55 -16.23
N TYR C 325 -48.98 50.47 -16.35
CA TYR C 325 -48.26 51.09 -17.46
C TYR C 325 -48.63 50.45 -18.79
N THR C 326 -48.42 49.15 -18.90
CA THR C 326 -48.84 48.44 -20.10
C THR C 326 -50.36 48.39 -20.26
N ALA C 327 -51.13 48.53 -19.17
CA ALA C 327 -52.58 48.52 -19.26
C ALA C 327 -53.09 49.76 -19.99
N ASN C 328 -52.62 50.94 -19.63
CA ASN C 328 -53.00 52.10 -20.44
C ASN C 328 -52.07 52.30 -21.64
N PHE C 329 -51.20 51.32 -21.94
CA PHE C 329 -50.72 51.17 -23.31
C PHE C 329 -51.31 49.97 -24.05
N VAL C 330 -52.43 49.39 -23.58
CA VAL C 330 -53.05 48.31 -24.36
C VAL C 330 -53.72 48.86 -25.61
N ASN C 331 -54.75 49.68 -25.42
CA ASN C 331 -55.62 50.00 -26.54
C ASN C 331 -55.15 51.20 -27.33
N ALA C 332 -54.03 51.80 -26.94
CA ALA C 332 -53.47 52.90 -27.72
C ALA C 332 -52.77 52.44 -28.98
N ILE C 333 -52.57 51.13 -29.14
CA ILE C 333 -52.08 50.57 -30.39
C ILE C 333 -53.22 50.61 -31.41
N SER C 334 -53.01 51.31 -32.52
CA SER C 334 -53.97 51.40 -33.59
C SER C 334 -53.36 50.83 -34.86
N PHE C 335 -54.16 50.78 -35.93
CA PHE C 335 -53.75 50.17 -37.18
C PHE C 335 -53.62 51.15 -38.32
N GLU C 336 -54.51 52.12 -38.43
CA GLU C 336 -54.44 53.16 -39.44
C GLU C 336 -54.02 54.46 -38.78
N HIS C 337 -53.10 55.18 -39.41
CA HIS C 337 -52.55 56.37 -38.78
C HIS C 337 -52.50 57.52 -39.78
N VAL C 338 -53.15 58.61 -39.42
CA VAL C 338 -53.25 59.80 -40.26
C VAL C 338 -52.13 60.74 -39.86
N CYS C 339 -51.42 61.27 -40.85
CA CYS C 339 -50.30 62.17 -40.62
C CYS C 339 -50.42 63.42 -41.49
N LYS C 340 -49.74 64.45 -41.00
CA LYS C 340 -49.59 65.72 -41.68
C LYS C 340 -48.12 66.11 -41.57
N PRO C 341 -47.28 65.66 -42.49
CA PRO C 341 -45.89 66.11 -42.50
C PRO C 341 -45.78 67.55 -42.97
N LYS C 342 -44.61 68.14 -42.75
CA LYS C 342 -44.36 69.52 -43.13
C LYS C 342 -43.93 69.66 -44.59
N VAL C 343 -43.76 68.56 -45.30
CA VAL C 343 -43.19 68.60 -46.65
C VAL C 343 -44.34 68.87 -47.61
N GLU C 344 -44.69 70.15 -47.72
CA GLU C 344 -45.82 70.54 -48.54
C GLU C 344 -45.41 70.90 -49.96
N HIS C 345 -44.41 71.77 -50.11
CA HIS C 345 -43.97 72.15 -51.45
C HIS C 345 -43.24 71.04 -52.16
N LEU C 346 -42.75 70.03 -51.42
CA LEU C 346 -42.11 68.88 -52.04
C LEU C 346 -43.11 68.01 -52.77
N ILE C 347 -44.37 68.00 -52.33
CA ILE C 347 -45.37 67.09 -52.86
C ILE C 347 -46.59 67.87 -53.35
N GLY C 348 -47.16 68.67 -52.45
CA GLY C 348 -48.45 69.30 -52.69
C GLY C 348 -49.56 68.73 -51.85
N TYR C 349 -49.25 67.89 -50.87
CA TYR C 349 -50.22 67.20 -50.05
C TYR C 349 -49.83 67.33 -48.59
N GLU C 350 -50.83 67.45 -47.71
CA GLU C 350 -50.53 67.47 -46.28
C GLU C 350 -51.19 66.32 -45.53
N VAL C 351 -52.50 66.17 -45.61
CA VAL C 351 -53.21 65.23 -44.76
C VAL C 351 -53.44 63.92 -45.50
N PHE C 352 -52.89 62.83 -44.96
CA PHE C 352 -53.00 61.52 -45.58
C PHE C 352 -52.54 60.47 -44.59
N GLU C 353 -52.80 59.20 -44.92
CA GLU C 353 -52.56 58.14 -43.95
C GLU C 353 -51.59 57.08 -44.46
N CYS C 354 -50.91 56.49 -43.49
CA CYS C 354 -50.25 55.20 -43.57
C CYS C 354 -51.04 54.15 -42.82
N THR C 355 -50.71 52.91 -43.12
CA THR C 355 -50.91 51.84 -42.18
C THR C 355 -49.57 51.18 -41.88
N HIS C 356 -49.60 50.34 -40.85
CA HIS C 356 -48.43 49.84 -40.16
C HIS C 356 -48.52 48.31 -40.09
N ASN C 357 -47.43 47.64 -40.45
CA ASN C 357 -47.45 46.19 -40.61
C ASN C 357 -47.45 45.44 -39.28
N MET C 358 -47.24 46.11 -38.16
CA MET C 358 -47.07 45.40 -36.89
C MET C 358 -48.13 45.77 -35.88
N ALA C 359 -49.38 45.84 -36.31
CA ALA C 359 -50.43 46.12 -35.35
C ALA C 359 -50.90 44.86 -34.65
N TYR C 360 -51.46 43.92 -35.41
CA TYR C 360 -52.24 42.85 -34.81
C TYR C 360 -51.36 41.82 -34.13
N MET C 361 -50.24 41.45 -34.76
CA MET C 361 -49.31 40.51 -34.16
C MET C 361 -48.72 41.04 -32.87
N LEU C 362 -48.33 42.32 -32.87
CA LEU C 362 -47.73 42.90 -31.69
C LEU C 362 -48.76 43.07 -30.57
N LYS C 363 -50.01 43.36 -30.93
CA LYS C 363 -51.02 43.53 -29.89
C LYS C 363 -51.42 42.20 -29.28
N LYS C 364 -51.48 41.13 -30.09
CA LYS C 364 -51.78 39.82 -29.53
C LYS C 364 -50.63 39.29 -28.69
N LEU C 365 -49.39 39.60 -29.08
CA LEU C 365 -48.27 39.18 -28.27
C LEU C 365 -48.21 39.98 -26.97
N LEU C 366 -48.65 41.24 -27.04
CA LEU C 366 -48.77 42.06 -25.84
C LEU C 366 -49.81 41.51 -24.88
N ILE C 367 -50.96 41.06 -25.39
CA ILE C 367 -51.96 40.58 -24.43
C ILE C 367 -51.60 39.20 -23.89
N SER C 368 -50.82 38.41 -24.63
CA SER C 368 -50.27 37.18 -24.04
C SER C 368 -49.29 37.49 -22.93
N TYR C 369 -48.41 38.49 -23.16
CA TYR C 369 -47.52 39.02 -22.14
C TYR C 369 -48.26 39.47 -20.89
N ILE C 370 -49.37 40.18 -21.07
CA ILE C 370 -50.12 40.71 -19.93
C ILE C 370 -50.81 39.59 -19.16
N SER C 371 -51.30 38.58 -19.86
CA SER C 371 -51.91 37.44 -19.17
C SER C 371 -50.88 36.68 -18.34
N ILE C 372 -49.66 36.52 -18.87
CA ILE C 372 -48.61 35.85 -18.11
C ILE C 372 -48.22 36.64 -16.87
N ILE C 373 -48.06 37.96 -17.00
CA ILE C 373 -47.69 38.77 -15.84
C ILE C 373 -48.85 38.88 -14.84
N CYS C 374 -50.08 38.76 -15.30
CA CYS C 374 -51.22 38.75 -14.40
C CYS C 374 -51.25 37.47 -13.55
N VAL C 375 -50.99 36.32 -14.18
CA VAL C 375 -50.88 35.07 -13.43
C VAL C 375 -49.72 35.13 -12.45
N TYR C 376 -48.60 35.74 -12.89
CA TYR C 376 -47.42 35.94 -12.04
C TYR C 376 -47.75 36.70 -10.77
N GLY C 377 -48.35 37.87 -10.91
CA GLY C 377 -48.68 38.68 -9.75
C GLY C 377 -49.76 38.09 -8.88
N PHE C 378 -50.73 37.39 -9.48
CA PHE C 378 -51.77 36.73 -8.71
C PHE C 378 -51.19 35.65 -7.81
N ILE C 379 -50.35 34.77 -8.39
CA ILE C 379 -49.72 33.70 -7.63
C ILE C 379 -48.81 34.26 -6.54
N CYS C 380 -48.03 35.29 -6.88
CA CYS C 380 -47.05 35.75 -5.90
C CYS C 380 -47.72 36.51 -4.77
N LEU C 381 -48.76 37.30 -5.10
CA LEU C 381 -49.53 37.98 -4.07
C LEU C 381 -50.21 36.99 -3.14
N TYR C 382 -50.84 35.95 -3.72
CA TYR C 382 -51.54 34.92 -2.95
C TYR C 382 -50.61 34.22 -1.97
N THR C 383 -49.58 33.55 -2.49
CA THR C 383 -48.76 32.72 -1.61
C THR C 383 -47.85 33.57 -0.72
N LEU C 384 -47.34 34.69 -1.23
CA LEU C 384 -46.43 35.46 -0.41
C LEU C 384 -47.15 36.26 0.66
N PHE C 385 -48.35 36.78 0.37
CA PHE C 385 -49.11 37.44 1.42
C PHE C 385 -49.64 36.45 2.44
N TRP C 386 -50.07 35.26 2.00
CA TRP C 386 -50.58 34.33 3.00
C TRP C 386 -49.49 33.56 3.72
N LEU C 387 -48.23 33.67 3.31
CA LEU C 387 -47.16 33.21 4.18
C LEU C 387 -46.51 34.37 4.93
N PHE C 388 -46.80 35.60 4.53
CA PHE C 388 -46.52 36.75 5.39
C PHE C 388 -47.41 36.74 6.63
N ARG C 389 -48.71 36.49 6.43
CA ARG C 389 -49.68 36.76 7.49
C ARG C 389 -49.63 35.70 8.60
N ILE C 390 -49.61 34.43 8.23
CA ILE C 390 -49.99 33.36 9.17
C ILE C 390 -48.91 33.01 10.20
N PRO C 391 -47.63 32.72 9.87
CA PRO C 391 -46.73 32.25 10.94
C PRO C 391 -46.27 33.34 11.90
N LEU C 392 -45.99 34.54 11.39
CA LEU C 392 -45.51 35.73 12.13
C LEU C 392 -44.27 35.44 12.97
N LYS C 393 -43.32 34.71 12.37
CA LYS C 393 -41.90 34.65 12.71
C LYS C 393 -41.59 33.99 14.06
N GLU C 394 -42.57 33.57 14.84
CA GLU C 394 -42.31 32.95 16.12
C GLU C 394 -42.80 31.52 16.22
N TYR C 395 -43.54 31.04 15.23
CA TYR C 395 -44.07 29.69 15.25
C TYR C 395 -43.05 28.63 14.87
N SER C 396 -41.83 29.02 14.51
CA SER C 396 -40.76 28.05 14.29
C SER C 396 -40.39 27.33 15.58
N PHE C 397 -40.18 28.10 16.65
CA PHE C 397 -39.96 27.52 17.96
C PHE C 397 -41.16 26.74 18.45
N GLU C 398 -42.37 27.21 18.09
CA GLU C 398 -43.59 26.52 18.50
C GLU C 398 -43.75 25.17 17.80
N LYS C 399 -43.35 25.10 16.52
CA LYS C 399 -43.47 23.82 15.83
C LYS C 399 -42.33 22.89 16.20
N VAL C 400 -41.18 23.42 16.61
CA VAL C 400 -40.16 22.54 17.20
C VAL C 400 -40.64 22.02 18.55
N ARG C 401 -41.41 22.82 19.29
CA ARG C 401 -42.02 22.35 20.53
C ARG C 401 -43.07 21.28 20.26
N GLU C 402 -43.82 21.41 19.16
CA GLU C 402 -44.79 20.37 18.79
C GLU C 402 -44.08 19.10 18.34
N GLU C 403 -42.98 19.26 17.59
CA GLU C 403 -42.09 18.16 17.23
C GLU C 403 -41.59 17.42 18.47
N SER C 404 -41.24 18.17 19.52
CA SER C 404 -40.95 17.55 20.81
C SER C 404 -42.18 16.85 21.39
N SER C 405 -43.36 17.43 21.17
CA SER C 405 -44.59 16.88 21.73
C SER C 405 -45.03 15.58 21.06
N PHE C 406 -44.49 15.23 19.89
CA PHE C 406 -44.73 13.87 19.42
C PHE C 406 -43.45 13.15 18.96
N SER C 407 -42.31 13.43 19.58
CA SER C 407 -41.13 12.60 19.37
C SER C 407 -40.45 12.14 20.65
N ASP C 408 -40.91 12.59 21.82
CA ASP C 408 -40.48 12.13 23.15
C ASP C 408 -39.00 12.43 23.41
N ILE C 409 -38.46 13.44 22.77
CA ILE C 409 -37.17 14.05 23.15
C ILE C 409 -37.41 15.56 23.18
N PRO C 410 -37.48 16.19 24.36
CA PRO C 410 -37.83 17.61 24.42
C PRO C 410 -36.75 18.55 23.93
N ASP C 411 -36.95 19.14 22.74
CA ASP C 411 -35.97 20.03 22.15
C ASP C 411 -35.98 21.38 22.86
N VAL C 412 -35.04 22.23 22.45
CA VAL C 412 -34.90 23.55 23.08
C VAL C 412 -36.10 24.43 22.73
N LYS C 413 -36.58 24.33 21.48
CA LYS C 413 -37.79 24.98 20.99
C LYS C 413 -37.72 26.50 21.14
N ASN C 414 -36.60 27.08 20.66
CA ASN C 414 -36.42 28.51 20.75
C ASN C 414 -35.77 29.08 19.49
N ASP C 415 -35.92 28.39 18.35
CA ASP C 415 -35.40 28.92 17.09
C ASP C 415 -36.32 30.07 16.68
N PHE C 416 -35.92 31.29 17.05
CA PHE C 416 -36.71 32.48 16.77
C PHE C 416 -36.63 32.91 15.31
N ALA C 417 -35.68 32.38 14.54
CA ALA C 417 -35.60 32.68 13.13
C ALA C 417 -36.75 32.04 12.36
N PHE C 418 -37.14 32.70 11.27
CA PHE C 418 -38.23 32.27 10.41
C PHE C 418 -37.77 31.24 9.37
N LEU C 419 -36.46 30.97 9.33
CA LEU C 419 -35.83 30.18 8.28
C LEU C 419 -36.35 28.75 8.24
N LEU C 420 -36.72 28.18 9.38
CA LEU C 420 -37.00 26.76 9.44
C LEU C 420 -38.36 26.42 8.85
N HIS C 421 -39.31 27.36 8.88
CA HIS C 421 -40.56 27.17 8.13
C HIS C 421 -40.30 27.03 6.64
N MET C 422 -39.41 27.88 6.11
CA MET C 422 -39.12 27.84 4.68
C MET C 422 -38.32 26.59 4.32
N VAL C 423 -37.50 26.10 5.24
CA VAL C 423 -36.84 24.81 5.00
C VAL C 423 -37.85 23.68 5.06
N ASP C 424 -38.86 23.79 5.94
CA ASP C 424 -39.89 22.75 6.06
C ASP C 424 -40.77 22.70 4.83
N GLN C 425 -40.98 23.84 4.16
CA GLN C 425 -41.80 23.82 2.96
C GLN C 425 -41.16 23.08 1.80
N TYR C 426 -39.84 22.91 1.80
CA TYR C 426 -39.19 22.09 0.80
C TYR C 426 -39.32 20.60 1.12
N ASP C 427 -38.76 20.17 2.24
CA ASP C 427 -38.88 18.80 2.72
C ASP C 427 -39.27 18.80 4.19
N GLN C 428 -39.75 17.64 4.66
CA GLN C 428 -40.28 17.48 6.01
C GLN C 428 -39.32 16.76 6.94
N LEU C 429 -38.61 15.75 6.45
CA LEU C 429 -37.71 14.99 7.31
C LEU C 429 -36.52 15.83 7.74
N TYR C 430 -36.15 16.83 6.95
CA TYR C 430 -35.09 17.73 7.37
C TYR C 430 -35.51 18.63 8.52
N SER C 431 -36.81 18.77 8.77
CA SER C 431 -37.27 19.38 10.00
C SER C 431 -37.39 18.35 11.13
N LYS C 432 -37.99 17.19 10.82
CA LYS C 432 -38.29 16.19 11.85
C LYS C 432 -37.04 15.57 12.45
N ARG C 433 -35.98 15.44 11.67
CA ARG C 433 -34.75 14.86 12.17
C ARG C 433 -33.93 15.87 12.99
N PHE C 434 -34.14 17.16 12.77
CA PHE C 434 -33.29 18.18 13.38
C PHE C 434 -33.59 18.37 14.86
N GLY C 435 -34.84 18.20 15.26
CA GLY C 435 -35.24 18.53 16.62
C GLY C 435 -34.77 17.54 17.67
N VAL C 436 -34.56 16.28 17.27
CA VAL C 436 -33.91 15.33 18.16
C VAL C 436 -32.46 15.72 18.36
N PHE C 437 -31.79 16.17 17.30
CA PHE C 437 -30.41 16.59 17.38
C PHE C 437 -30.25 17.90 18.15
N LEU C 438 -31.33 18.68 18.26
CA LEU C 438 -31.26 19.94 18.98
C LEU C 438 -31.11 19.73 20.49
N SER C 439 -31.82 18.77 21.06
CA SER C 439 -32.01 18.69 22.50
C SER C 439 -30.76 18.22 23.24
N GLU C 440 -30.64 18.65 24.49
CA GLU C 440 -29.48 18.31 25.31
C GLU C 440 -29.53 16.88 25.82
N VAL C 441 -30.70 16.28 25.95
CA VAL C 441 -30.77 14.91 26.46
C VAL C 441 -30.27 13.94 25.39
N SER C 442 -30.50 14.24 24.12
CA SER C 442 -29.86 13.47 23.06
C SER C 442 -28.38 13.82 22.97
N GLU C 443 -28.05 15.10 23.17
CA GLU C 443 -26.67 15.58 23.08
C GLU C 443 -25.80 15.05 24.21
N ASN C 444 -26.40 14.56 25.28
CA ASN C 444 -25.72 14.08 26.46
C ASN C 444 -25.25 12.64 26.31
N LYS C 445 -25.53 11.99 25.18
CA LYS C 445 -25.27 10.56 25.07
C LYS C 445 -23.84 10.27 24.63
N LEU C 446 -23.44 10.79 23.45
CA LEU C 446 -22.14 10.42 22.89
C LEU C 446 -20.98 10.96 23.70
N ARG C 447 -21.20 12.05 24.43
CA ARG C 447 -20.20 12.53 25.38
C ARG C 447 -19.99 11.57 26.55
N GLU C 448 -20.86 10.57 26.73
CA GLU C 448 -20.66 9.48 27.68
C GLU C 448 -20.24 8.18 27.01
N ILE C 449 -20.80 7.90 25.83
CA ILE C 449 -20.48 6.67 25.11
C ILE C 449 -19.03 6.71 24.60
N SER C 450 -18.54 7.87 24.18
CA SER C 450 -17.15 7.97 23.78
C SER C 450 -16.21 7.81 24.97
N LEU C 451 -16.60 8.32 26.15
CA LEU C 451 -15.78 8.13 27.34
C LEU C 451 -15.75 6.67 27.76
N ASN C 452 -16.85 5.94 27.57
CA ASN C 452 -16.78 4.50 27.73
C ASN C 452 -15.91 3.86 26.66
N HIS C 453 -15.85 4.47 25.48
CA HIS C 453 -15.18 3.84 24.34
C HIS C 453 -13.67 3.88 24.48
N GLU C 454 -13.09 5.08 24.60
CA GLU C 454 -11.63 5.13 24.61
C GLU C 454 -11.02 4.75 25.96
N TRP C 455 -11.70 5.02 27.07
CA TRP C 455 -11.14 4.70 28.38
C TRP C 455 -11.36 3.22 28.66
N THR C 456 -10.46 2.41 28.11
CA THR C 456 -10.53 0.98 28.23
C THR C 456 -9.82 0.52 29.50
N PHE C 457 -9.60 -0.79 29.63
CA PHE C 457 -8.96 -1.34 30.81
C PHE C 457 -7.48 -0.99 30.87
N GLU C 458 -6.83 -0.82 29.73
CA GLU C 458 -5.37 -0.80 29.70
C GLU C 458 -4.79 0.57 30.03
N LYS C 459 -5.10 1.59 29.22
CA LYS C 459 -4.32 2.81 29.27
C LYS C 459 -4.63 3.67 30.49
N LEU C 460 -5.69 3.40 31.24
CA LEU C 460 -5.84 4.10 32.50
C LEU C 460 -5.01 3.49 33.61
N ARG C 461 -4.54 2.24 33.45
CA ARG C 461 -3.69 1.62 34.46
C ARG C 461 -2.33 2.32 34.56
N GLN C 462 -1.69 2.55 33.42
CA GLN C 462 -0.44 3.31 33.41
C GLN C 462 -0.67 4.78 33.71
N HIS C 463 -1.90 5.26 33.53
CA HIS C 463 -2.22 6.65 33.82
C HIS C 463 -2.11 6.96 35.31
N ILE C 464 -2.60 6.06 36.16
CA ILE C 464 -2.64 6.29 37.59
C ILE C 464 -2.28 5.03 38.38
N SER C 465 -1.05 4.98 38.88
CA SER C 465 -0.54 3.90 39.72
C SER C 465 0.74 4.39 40.38
N ARG C 466 1.43 3.48 41.08
CA ARG C 466 2.81 3.66 41.55
C ARG C 466 2.96 4.77 42.58
N ASN C 467 1.98 4.95 43.46
CA ASN C 467 2.15 5.86 44.58
C ASN C 467 2.36 5.03 45.86
N ALA C 468 2.35 5.69 47.02
CA ALA C 468 2.38 4.97 48.29
C ALA C 468 1.10 4.18 48.51
N GLN C 469 0.00 4.64 47.93
CA GLN C 469 -1.23 3.86 47.81
C GLN C 469 -1.70 3.94 46.36
N ASP C 470 -2.09 2.80 45.81
CA ASP C 470 -2.46 2.73 44.40
C ASP C 470 -3.79 3.44 44.14
N LYS C 471 -3.81 4.25 43.09
CA LYS C 471 -4.68 5.42 43.03
C LYS C 471 -5.39 5.55 41.69
N GLN C 472 -6.52 6.31 41.70
CA GLN C 472 -7.14 6.85 40.49
C GLN C 472 -7.29 8.36 40.68
N GLU C 473 -6.22 9.10 40.47
CA GLU C 473 -6.28 10.56 40.50
C GLU C 473 -5.93 11.06 39.09
N LEU C 474 -6.93 11.02 38.23
CA LEU C 474 -6.75 11.26 36.81
C LEU C 474 -7.25 12.66 36.46
N HIS C 475 -6.81 13.14 35.30
CA HIS C 475 -7.25 14.44 34.82
C HIS C 475 -8.71 14.33 34.41
N LEU C 476 -9.59 14.65 35.36
CA LEU C 476 -10.98 14.24 35.30
C LEU C 476 -11.92 15.38 34.94
N PHE C 477 -11.39 16.59 34.78
CA PHE C 477 -12.19 17.69 34.21
C PHE C 477 -12.51 17.42 32.74
N MET C 478 -11.58 16.80 32.02
CA MET C 478 -11.82 16.40 30.64
C MET C 478 -12.92 15.34 30.57
N LEU C 479 -12.97 14.48 31.57
CA LEU C 479 -14.09 13.55 31.70
C LEU C 479 -15.34 14.34 32.04
N SER C 480 -16.44 13.99 31.38
CA SER C 480 -17.74 14.62 31.61
C SER C 480 -18.72 13.67 32.29
N GLY C 481 -18.80 12.43 31.81
CA GLY C 481 -19.40 11.35 32.55
C GLY C 481 -18.31 10.44 33.10
N VAL C 482 -18.71 9.55 34.00
CA VAL C 482 -17.74 8.64 34.60
C VAL C 482 -17.44 7.54 33.59
N PRO C 483 -16.25 6.94 33.62
CA PRO C 483 -16.02 5.74 32.82
C PRO C 483 -16.66 4.53 33.48
N ASP C 484 -16.55 3.40 32.79
CA ASP C 484 -16.99 2.14 33.37
C ASP C 484 -15.85 1.15 33.57
N ALA C 485 -14.70 1.41 32.94
CA ALA C 485 -13.48 0.69 33.28
C ALA C 485 -12.82 1.22 34.54
N VAL C 486 -13.30 2.35 35.07
CA VAL C 486 -12.77 2.84 36.34
C VAL C 486 -13.36 2.02 37.49
N PHE C 487 -14.58 1.53 37.35
CA PHE C 487 -15.18 0.64 38.35
C PHE C 487 -14.93 -0.81 38.03
N ASP C 488 -13.91 -1.10 37.21
CA ASP C 488 -13.62 -2.47 36.81
C ASP C 488 -12.74 -3.19 37.82
N LEU C 489 -11.89 -2.46 38.53
CA LEU C 489 -10.90 -3.08 39.39
C LEU C 489 -11.34 -3.03 40.85
N THR C 490 -11.05 -4.10 41.57
CA THR C 490 -11.38 -4.24 42.97
C THR C 490 -10.17 -4.14 43.88
N ASP C 491 -8.98 -3.86 43.32
CA ASP C 491 -7.74 -3.95 44.07
C ASP C 491 -7.07 -2.58 44.27
N LEU C 492 -7.82 -1.49 44.15
CA LEU C 492 -7.30 -0.16 44.41
C LEU C 492 -8.22 0.59 45.34
N ASP C 493 -7.64 1.33 46.27
CA ASP C 493 -8.37 1.89 47.40
C ASP C 493 -8.66 3.38 47.27
N VAL C 494 -7.80 4.15 46.60
CA VAL C 494 -7.91 5.60 46.65
C VAL C 494 -8.13 6.17 45.25
N LEU C 495 -8.80 7.33 45.20
CA LEU C 495 -9.16 7.98 43.94
C LEU C 495 -9.57 9.42 44.18
N LYS C 496 -9.54 10.23 43.14
CA LYS C 496 -10.17 11.54 43.23
C LYS C 496 -11.08 11.77 42.03
N LEU C 497 -12.15 12.51 42.27
CA LEU C 497 -13.06 13.00 41.25
C LEU C 497 -12.98 14.53 41.23
N GLU C 498 -12.70 15.10 40.06
CA GLU C 498 -12.63 16.57 39.96
C GLU C 498 -13.37 17.03 38.71
N LEU C 499 -14.29 17.98 38.92
CA LEU C 499 -14.96 18.73 37.85
C LEU C 499 -15.77 17.82 36.94
N ILE C 500 -16.57 16.93 37.53
CA ILE C 500 -17.46 16.11 36.73
C ILE C 500 -18.81 16.85 36.74
N PRO C 501 -19.55 16.84 35.64
CA PRO C 501 -20.95 17.26 35.72
C PRO C 501 -21.91 16.13 36.03
N GLU C 502 -21.55 14.91 35.63
CA GLU C 502 -22.53 13.82 35.57
C GLU C 502 -22.61 13.06 36.90
N ALA C 503 -23.65 12.23 36.98
CA ALA C 503 -24.13 11.71 38.24
C ALA C 503 -23.87 10.23 38.47
N LYS C 504 -23.43 9.50 37.44
CA LYS C 504 -23.57 8.06 37.42
C LYS C 504 -22.55 7.38 38.33
N ILE C 505 -23.03 6.44 39.14
CA ILE C 505 -22.25 5.26 39.51
C ILE C 505 -23.12 4.06 39.20
N PRO C 506 -22.58 2.97 38.68
CA PRO C 506 -23.35 1.72 38.64
C PRO C 506 -23.21 0.94 39.93
N ALA C 507 -23.89 -0.21 39.98
CA ALA C 507 -23.71 -1.14 41.08
C ALA C 507 -22.49 -2.03 40.90
N LYS C 508 -21.72 -1.82 39.82
CA LYS C 508 -20.48 -2.54 39.59
C LYS C 508 -19.46 -2.27 40.69
N ILE C 509 -19.55 -1.10 41.33
CA ILE C 509 -18.68 -0.75 42.46
C ILE C 509 -19.02 -1.59 43.71
N SER C 510 -20.19 -2.24 43.73
CA SER C 510 -20.62 -3.02 44.88
C SER C 510 -19.73 -4.22 45.16
N GLN C 511 -18.96 -4.67 44.17
CA GLN C 511 -18.00 -5.75 44.35
C GLN C 511 -16.57 -5.28 44.16
N MET C 512 -16.34 -3.98 44.04
CA MET C 512 -15.00 -3.41 44.01
C MET C 512 -14.66 -2.87 45.40
N THR C 513 -14.56 -3.79 46.34
CA THR C 513 -14.87 -3.51 47.74
C THR C 513 -13.66 -3.30 48.66
N ASN C 514 -12.58 -2.69 48.17
CA ASN C 514 -11.60 -2.13 49.09
C ASN C 514 -11.61 -0.60 49.07
N LEU C 515 -12.78 -0.01 48.87
CA LEU C 515 -12.92 1.44 48.77
C LEU C 515 -13.38 1.99 50.12
N GLN C 516 -12.47 2.68 50.81
CA GLN C 516 -12.82 3.36 52.04
C GLN C 516 -12.81 4.87 51.91
N GLU C 517 -12.48 5.40 50.72
CA GLU C 517 -12.25 6.82 50.57
C GLU C 517 -12.88 7.27 49.25
N LEU C 518 -13.07 8.60 49.13
CA LEU C 518 -13.68 9.17 47.93
C LEU C 518 -13.42 10.67 47.89
N HIS C 519 -12.69 11.15 46.88
CA HIS C 519 -12.37 12.58 46.80
C HIS C 519 -13.11 13.21 45.64
N LEU C 520 -14.34 13.63 45.90
CA LEU C 520 -15.09 14.39 44.91
C LEU C 520 -14.87 15.87 45.15
N CYS C 521 -14.78 16.65 44.06
CA CYS C 521 -14.67 18.09 44.15
C CYS C 521 -15.18 18.72 42.87
N HIS C 522 -16.14 19.65 43.01
CA HIS C 522 -16.96 20.18 41.91
C HIS C 522 -17.60 19.04 41.12
N CYS C 523 -18.17 18.08 41.85
CA CYS C 523 -18.68 16.84 41.26
C CYS C 523 -20.05 16.52 41.81
N PRO C 524 -21.11 17.00 41.18
CA PRO C 524 -22.45 16.50 41.51
C PRO C 524 -22.67 15.10 40.96
N ALA C 525 -22.61 14.09 41.83
CA ALA C 525 -22.77 12.69 41.43
C ALA C 525 -23.95 12.10 42.20
N LYS C 526 -25.17 12.31 41.71
CA LYS C 526 -26.38 12.00 42.48
C LYS C 526 -27.37 11.19 41.64
N VAL C 527 -27.14 9.88 41.50
CA VAL C 527 -28.18 8.92 41.13
C VAL C 527 -28.03 7.69 42.02
N GLU C 528 -27.23 7.81 43.09
CA GLU C 528 -26.54 6.68 43.69
C GLU C 528 -27.46 5.90 44.61
N GLN C 529 -28.40 5.16 44.00
CA GLN C 529 -29.43 4.46 44.77
C GLN C 529 -29.02 3.04 45.18
N THR C 530 -28.79 2.16 44.20
CA THR C 530 -28.53 0.76 44.51
C THR C 530 -27.14 0.50 45.04
N ALA C 531 -26.15 1.32 44.66
CA ALA C 531 -24.78 1.14 45.09
C ALA C 531 -24.43 1.99 46.29
N PHE C 532 -25.42 2.39 47.07
CA PHE C 532 -25.15 3.18 48.27
C PHE C 532 -24.99 2.32 49.51
N SER C 533 -25.81 1.26 49.63
CA SER C 533 -26.00 0.55 50.88
C SER C 533 -24.77 -0.22 51.32
N PHE C 534 -23.79 -0.45 50.45
CA PHE C 534 -22.54 -1.01 50.92
C PHE C 534 -21.54 0.08 51.29
N LEU C 535 -21.54 1.20 50.57
CA LEU C 535 -20.71 2.33 50.95
C LEU C 535 -21.42 3.26 51.92
N ARG C 536 -22.66 2.92 52.28
CA ARG C 536 -23.19 3.36 53.56
C ARG C 536 -22.43 2.69 54.70
N ASP C 537 -21.79 1.55 54.45
CA ASP C 537 -20.99 0.84 55.43
C ASP C 537 -19.50 0.90 55.16
N HIS C 538 -19.06 0.58 53.94
CA HIS C 538 -17.66 0.36 53.67
C HIS C 538 -16.85 1.64 53.52
N LEU C 539 -17.51 2.78 53.30
CA LEU C 539 -16.85 4.05 53.09
C LEU C 539 -16.70 4.77 54.41
N ARG C 540 -15.51 5.32 54.67
CA ARG C 540 -15.23 5.89 55.99
C ARG C 540 -14.58 7.26 55.97
N CYS C 541 -14.05 7.71 54.85
CA CYS C 541 -13.48 9.06 54.79
C CYS C 541 -13.69 9.61 53.39
N LEU C 542 -13.74 10.93 53.27
CA LEU C 542 -14.01 11.53 51.97
C LEU C 542 -13.53 12.96 51.92
N HIS C 543 -13.25 13.40 50.69
CA HIS C 543 -13.15 14.82 50.37
C HIS C 543 -14.38 15.27 49.59
N VAL C 544 -14.98 16.38 50.03
CA VAL C 544 -15.99 17.08 49.28
C VAL C 544 -15.50 18.51 49.08
N LYS C 545 -14.19 18.65 48.87
CA LYS C 545 -13.51 19.93 48.92
C LYS C 545 -13.93 20.82 47.75
N PHE C 546 -13.66 22.12 47.93
CA PHE C 546 -13.69 23.16 46.91
C PHE C 546 -15.06 23.45 46.33
N THR C 547 -16.11 22.79 46.80
CA THR C 547 -17.43 22.96 46.23
C THR C 547 -18.09 24.21 46.80
N ASP C 548 -19.20 24.60 46.18
CA ASP C 548 -20.04 25.65 46.72
C ASP C 548 -21.09 25.06 47.67
N VAL C 549 -21.77 25.92 48.43
CA VAL C 549 -22.67 25.47 49.49
C VAL C 549 -23.96 24.86 48.97
N ALA C 550 -24.24 24.97 47.68
CA ALA C 550 -25.44 24.35 47.12
C ALA C 550 -25.20 22.93 46.66
N GLU C 551 -24.08 22.68 45.99
CA GLU C 551 -23.75 21.33 45.52
C GLU C 551 -23.11 20.58 46.66
N ILE C 552 -23.95 20.01 47.53
CA ILE C 552 -23.55 19.09 48.58
C ILE C 552 -24.54 17.92 48.52
N PRO C 553 -24.08 16.68 48.55
CA PRO C 553 -25.01 15.54 48.50
C PRO C 553 -25.89 15.44 49.74
N ALA C 554 -26.95 14.63 49.61
CA ALA C 554 -27.87 14.43 50.72
C ALA C 554 -27.41 13.29 51.62
N TRP C 555 -26.91 12.21 51.03
CA TRP C 555 -26.53 11.04 51.82
C TRP C 555 -25.29 11.30 52.65
N VAL C 556 -24.43 12.23 52.23
CA VAL C 556 -23.21 12.51 52.97
C VAL C 556 -23.52 13.18 54.30
N TYR C 557 -24.71 13.75 54.47
CA TYR C 557 -25.15 14.17 55.78
C TYR C 557 -25.71 13.01 56.59
N LEU C 558 -25.91 11.83 55.99
CA LEU C 558 -26.58 10.74 56.71
C LEU C 558 -26.05 9.35 56.36
N LEU C 559 -24.78 9.21 55.97
CA LEU C 559 -24.32 7.92 55.48
C LEU C 559 -23.75 7.01 56.57
N LYS C 560 -23.67 7.48 57.81
CA LYS C 560 -23.62 6.72 59.06
C LYS C 560 -22.26 6.08 59.34
N ASN C 561 -21.33 6.03 58.37
CA ASN C 561 -20.10 5.31 58.66
C ASN C 561 -18.85 6.06 58.20
N LEU C 562 -18.94 7.37 58.02
CA LEU C 562 -17.74 8.19 57.93
C LEU C 562 -16.97 8.14 59.23
N ARG C 563 -15.66 7.87 59.14
CA ARG C 563 -14.87 8.02 60.35
C ARG C 563 -14.24 9.40 60.44
N GLU C 564 -13.83 9.98 59.31
CA GLU C 564 -13.13 11.25 59.36
C GLU C 564 -13.47 12.06 58.12
N LEU C 565 -13.95 13.27 58.34
CA LEU C 565 -14.59 14.08 57.32
C LEU C 565 -13.66 15.21 56.87
N TYR C 566 -13.72 15.53 55.59
CA TYR C 566 -13.08 16.72 55.05
C TYR C 566 -14.16 17.57 54.40
N LEU C 567 -14.74 18.48 55.18
CA LEU C 567 -15.77 19.40 54.68
C LEU C 567 -15.11 20.77 54.58
N ILE C 568 -14.39 20.99 53.47
CA ILE C 568 -13.71 22.26 53.24
C ILE C 568 -14.20 22.79 51.90
N GLY C 569 -13.92 24.06 51.65
CA GLY C 569 -14.29 24.71 50.41
C GLY C 569 -15.70 25.25 50.38
N ASN C 570 -16.65 24.57 51.03
CA ASN C 570 -18.03 25.04 51.10
C ASN C 570 -18.08 26.28 51.98
N LEU C 571 -18.23 27.44 51.34
CA LEU C 571 -18.06 28.75 51.97
C LEU C 571 -19.27 29.01 52.87
N ASN C 572 -19.25 28.38 54.04
CA ASN C 572 -20.42 28.25 54.90
C ASN C 572 -20.53 29.46 55.82
N SER C 573 -21.57 30.27 55.62
CA SER C 573 -21.86 31.36 56.52
C SER C 573 -22.88 30.88 57.57
N GLU C 574 -23.44 31.83 58.32
CA GLU C 574 -24.48 31.48 59.28
C GLU C 574 -25.80 31.14 58.60
N ASN C 575 -26.02 31.66 57.39
CA ASN C 575 -27.16 31.20 56.59
C ASN C 575 -26.91 29.81 56.03
N ASN C 576 -25.65 29.46 55.83
CA ASN C 576 -25.25 28.12 55.44
C ASN C 576 -24.87 27.26 56.63
N LYS C 577 -25.23 27.67 57.85
CA LYS C 577 -25.07 26.81 59.01
C LYS C 577 -26.05 25.65 58.97
N MET C 578 -27.23 25.87 58.39
CA MET C 578 -28.33 24.91 58.46
C MET C 578 -28.00 23.62 57.71
N ILE C 579 -27.24 23.72 56.62
CA ILE C 579 -26.80 22.50 55.94
C ILE C 579 -25.69 21.83 56.73
N GLY C 580 -24.88 22.59 57.46
CA GLY C 580 -23.92 21.99 58.36
C GLY C 580 -24.57 21.36 59.59
N LEU C 581 -25.77 21.82 59.94
CA LEU C 581 -26.49 21.27 61.09
C LEU C 581 -27.21 19.98 60.76
N GLU C 582 -27.15 19.50 59.53
CA GLU C 582 -28.03 18.43 59.07
C GLU C 582 -27.50 17.06 59.47
N SER C 583 -28.15 16.45 60.46
CA SER C 583 -28.02 15.02 60.81
C SER C 583 -26.59 14.64 61.21
N LEU C 584 -25.95 15.51 61.97
CA LEU C 584 -24.74 15.12 62.68
C LEU C 584 -25.07 14.58 64.06
N ARG C 585 -26.35 14.56 64.43
CA ARG C 585 -26.79 13.94 65.67
C ARG C 585 -26.88 12.42 65.53
N GLU C 586 -27.38 11.93 64.39
CA GLU C 586 -27.71 10.52 64.25
C GLU C 586 -26.51 9.68 63.82
N LEU C 587 -25.74 10.13 62.84
CA LEU C 587 -24.62 9.32 62.36
C LEU C 587 -23.50 9.37 63.40
N ARG C 588 -23.13 8.19 63.89
CA ARG C 588 -22.31 8.09 65.08
C ARG C 588 -20.81 8.10 64.76
N HIS C 589 -20.41 7.49 63.65
CA HIS C 589 -19.09 6.94 63.46
C HIS C 589 -17.98 7.99 63.32
N LEU C 590 -18.30 9.27 63.27
CA LEU C 590 -17.31 10.28 62.90
C LEU C 590 -16.31 10.53 64.02
N LYS C 591 -15.07 10.82 63.64
CA LYS C 591 -14.04 11.20 64.59
C LYS C 591 -13.63 12.66 64.40
N ILE C 592 -13.17 13.02 63.22
CA ILE C 592 -12.76 14.39 62.93
C ILE C 592 -13.71 14.90 61.85
N LEU C 593 -13.78 16.21 61.72
CA LEU C 593 -14.36 16.82 60.53
C LEU C 593 -13.53 18.04 60.20
N HIS C 594 -12.90 18.01 59.03
CA HIS C 594 -11.92 19.02 58.68
C HIS C 594 -12.63 20.17 57.98
N VAL C 595 -12.43 21.38 58.48
CA VAL C 595 -13.02 22.59 57.91
C VAL C 595 -11.90 23.57 57.64
N LYS C 596 -11.84 24.08 56.40
CA LYS C 596 -10.77 24.96 55.98
C LYS C 596 -11.32 25.99 55.00
N SER C 597 -10.83 27.23 55.12
CA SER C 597 -10.93 28.27 54.10
C SER C 597 -12.38 28.68 53.84
N ASN C 598 -13.06 29.06 54.91
CA ASN C 598 -14.43 29.53 54.82
C ASN C 598 -14.55 30.88 55.48
N LEU C 599 -15.72 31.50 55.36
CA LEU C 599 -15.96 32.78 56.02
C LEU C 599 -16.54 32.62 57.41
N THR C 600 -16.59 31.39 57.92
CA THR C 600 -17.35 31.10 59.13
C THR C 600 -16.68 31.66 60.38
N LYS C 601 -17.51 31.99 61.36
CA LYS C 601 -17.07 32.44 62.67
C LYS C 601 -17.58 31.54 63.77
N VAL C 602 -18.73 30.90 63.56
CA VAL C 602 -19.29 29.92 64.47
C VAL C 602 -19.56 28.66 63.67
N PRO C 603 -19.06 27.50 64.09
CA PRO C 603 -19.26 26.27 63.33
C PRO C 603 -20.65 25.68 63.60
N SER C 604 -20.89 24.53 62.96
CA SER C 604 -22.11 23.76 63.19
C SER C 604 -22.07 23.10 64.56
N ASN C 605 -22.72 23.72 65.53
CA ASN C 605 -22.68 23.27 66.93
C ASN C 605 -23.59 22.09 67.22
N ILE C 606 -24.18 21.46 66.20
CA ILE C 606 -25.01 20.28 66.37
C ILE C 606 -24.18 19.02 66.59
N THR C 607 -22.86 19.12 66.46
CA THR C 607 -22.00 17.96 66.28
C THR C 607 -21.78 17.22 67.59
N ASP C 608 -21.90 17.91 68.73
CA ASP C 608 -21.28 17.51 69.99
C ASP C 608 -21.73 16.16 70.54
N VAL C 609 -22.88 15.64 70.09
CA VAL C 609 -23.31 14.33 70.59
C VAL C 609 -22.58 13.19 69.91
N ALA C 610 -21.83 13.46 68.82
CA ALA C 610 -21.00 12.47 68.16
C ALA C 610 -19.94 12.01 69.16
N PRO C 611 -20.05 10.76 69.63
CA PRO C 611 -19.43 10.42 70.92
C PRO C 611 -17.92 10.30 70.88
N HIS C 612 -17.32 10.04 69.73
CA HIS C 612 -15.87 10.02 69.64
C HIS C 612 -15.38 11.08 68.67
N LEU C 613 -15.94 12.29 68.77
CA LEU C 613 -15.30 13.48 68.27
C LEU C 613 -13.91 13.62 68.86
N THR C 614 -12.89 13.54 68.01
CA THR C 614 -11.53 13.60 68.51
C THR C 614 -10.73 14.78 67.97
N LYS C 615 -11.24 15.48 66.96
CA LYS C 615 -10.48 16.57 66.35
C LYS C 615 -11.46 17.46 65.61
N LEU C 616 -11.19 18.77 65.63
CA LEU C 616 -12.00 19.75 64.93
C LEU C 616 -11.13 20.95 64.60
N VAL C 617 -10.97 21.23 63.32
CA VAL C 617 -10.25 22.41 62.85
C VAL C 617 -11.28 23.43 62.38
N ILE C 618 -11.07 24.69 62.74
CA ILE C 618 -11.93 25.81 62.38
C ILE C 618 -11.11 26.85 61.63
N HIS C 619 -10.19 26.37 60.79
CA HIS C 619 -9.29 27.16 59.95
C HIS C 619 -10.00 28.28 59.21
N ASN C 620 -9.33 29.43 59.12
CA ASN C 620 -9.81 30.67 58.50
C ASN C 620 -11.12 31.13 59.15
N ASP C 621 -11.00 31.49 60.42
CA ASP C 621 -12.14 32.05 61.14
C ASP C 621 -12.15 33.56 60.92
N GLY C 622 -13.13 34.25 61.50
CA GLY C 622 -13.23 35.68 61.36
C GLY C 622 -13.17 36.44 62.67
N THR C 623 -13.61 35.82 63.75
CA THR C 623 -13.73 36.47 65.06
C THR C 623 -13.23 35.49 66.12
N LYS C 624 -13.54 35.78 67.38
CA LYS C 624 -13.34 34.85 68.47
C LYS C 624 -14.65 34.25 68.99
N LEU C 625 -15.80 34.76 68.56
CA LEU C 625 -17.05 34.44 69.21
C LEU C 625 -17.54 33.05 68.83
N LEU C 626 -17.91 32.26 69.84
CA LEU C 626 -18.37 30.90 69.67
C LEU C 626 -19.18 30.56 70.91
N VAL C 627 -20.43 30.14 70.71
CA VAL C 627 -21.35 29.90 71.82
C VAL C 627 -20.99 28.59 72.51
N LEU C 628 -21.22 28.54 73.81
CA LEU C 628 -20.85 27.51 74.78
C LEU C 628 -21.68 26.21 74.70
N ASN C 629 -22.49 25.98 73.67
CA ASN C 629 -23.36 24.81 73.65
C ASN C 629 -22.60 23.52 73.32
N SER C 630 -21.49 23.62 72.58
CA SER C 630 -20.84 22.42 72.08
C SER C 630 -20.00 21.73 73.15
N LEU C 631 -19.15 22.49 73.85
CA LEU C 631 -18.10 21.91 74.66
C LEU C 631 -18.59 21.28 75.97
N LYS C 632 -19.88 21.42 76.30
CA LYS C 632 -20.38 20.85 77.55
C LYS C 632 -20.58 19.34 77.46
N LYS C 633 -20.89 18.81 76.27
CA LYS C 633 -20.94 17.38 76.06
C LYS C 633 -19.79 16.88 75.20
N MET C 634 -19.17 17.75 74.40
CA MET C 634 -18.02 17.39 73.57
C MET C 634 -16.75 17.35 74.44
N MET C 635 -16.76 16.42 75.40
CA MET C 635 -15.66 16.22 76.34
C MET C 635 -14.63 15.24 75.80
N ASN C 636 -14.60 15.04 74.49
CA ASN C 636 -13.85 13.99 73.86
C ASN C 636 -12.79 14.48 72.88
N VAL C 637 -12.90 15.72 72.42
CA VAL C 637 -12.01 16.23 71.39
C VAL C 637 -10.60 16.44 71.96
N ALA C 638 -9.68 15.58 71.52
CA ALA C 638 -8.32 15.55 72.05
C ALA C 638 -7.36 16.48 71.33
N GLU C 639 -7.76 17.02 70.18
CA GLU C 639 -6.91 17.86 69.34
C GLU C 639 -7.78 18.97 68.78
N LEU C 640 -7.37 20.22 68.96
CA LEU C 640 -8.06 21.33 68.32
C LEU C 640 -7.04 22.25 67.66
N GLU C 641 -7.48 22.92 66.60
CA GLU C 641 -6.61 23.74 65.75
C GLU C 641 -7.16 25.15 65.71
N LEU C 642 -6.48 26.05 66.41
CA LEU C 642 -6.81 27.48 66.43
C LEU C 642 -5.96 28.24 65.41
N GLN C 643 -5.99 27.82 64.15
CA GLN C 643 -5.05 28.31 63.16
C GLN C 643 -5.68 29.33 62.22
N ASN C 644 -4.90 30.37 61.89
CA ASN C 644 -5.27 31.47 60.99
C ASN C 644 -6.57 32.13 61.42
N CYS C 645 -6.67 32.36 62.71
CA CYS C 645 -7.83 32.95 63.34
C CYS C 645 -7.49 34.35 63.83
N GLU C 646 -8.42 34.96 64.54
CA GLU C 646 -8.29 36.31 65.05
C GLU C 646 -8.32 36.29 66.57
N LEU C 647 -7.71 35.25 67.13
CA LEU C 647 -7.74 34.98 68.56
C LEU C 647 -6.44 35.50 69.16
N GLU C 648 -6.50 36.70 69.72
CA GLU C 648 -5.30 37.32 70.27
C GLU C 648 -4.80 36.62 71.52
N ARG C 649 -5.68 35.87 72.20
CA ARG C 649 -5.30 35.09 73.36
C ARG C 649 -5.79 33.66 73.15
N ILE C 650 -5.75 32.84 74.19
CA ILE C 650 -6.26 31.48 74.13
C ILE C 650 -7.60 31.48 74.86
N PRO C 651 -8.64 30.81 74.35
CA PRO C 651 -9.95 30.86 75.03
C PRO C 651 -9.94 30.15 76.38
N HIS C 652 -10.64 30.78 77.33
CA HIS C 652 -10.76 30.25 78.68
C HIS C 652 -11.85 29.19 78.79
N ALA C 653 -12.81 29.17 77.88
CA ALA C 653 -13.95 28.27 77.93
C ALA C 653 -13.62 26.84 77.56
N ILE C 654 -12.38 26.54 77.16
CA ILE C 654 -12.01 25.22 76.67
C ILE C 654 -11.81 24.21 77.78
N PHE C 655 -11.81 24.64 79.05
CA PHE C 655 -11.39 23.77 80.14
C PHE C 655 -12.44 22.73 80.51
N SER C 656 -13.68 22.86 80.02
CA SER C 656 -14.76 21.98 80.47
C SER C 656 -14.68 20.60 79.83
N LEU C 657 -14.15 20.50 78.62
CA LEU C 657 -14.04 19.21 77.95
C LEU C 657 -12.95 18.38 78.61
N SER C 658 -13.17 17.06 78.65
CA SER C 658 -12.41 16.20 79.57
C SER C 658 -10.96 16.03 79.13
N ASN C 659 -10.74 15.47 77.94
CA ASN C 659 -9.38 15.24 77.50
C ASN C 659 -9.04 16.05 76.26
N LEU C 660 -7.83 16.64 76.27
CA LEU C 660 -7.24 17.31 75.12
C LEU C 660 -5.74 17.45 75.32
N GLN C 661 -4.95 17.19 74.27
CA GLN C 661 -3.51 17.16 74.37
C GLN C 661 -2.86 18.07 73.33
N GLU C 662 -3.48 19.22 73.05
CA GLU C 662 -2.94 20.10 72.04
C GLU C 662 -3.38 21.53 72.30
N LEU C 663 -2.46 22.47 72.11
CA LEU C 663 -2.71 23.91 72.24
C LEU C 663 -2.02 24.59 71.05
N ASP C 664 -2.79 24.91 70.03
CA ASP C 664 -2.28 25.50 68.80
C ASP C 664 -2.61 26.98 68.73
N LEU C 665 -1.67 27.76 68.20
CA LEU C 665 -1.78 29.19 68.01
C LEU C 665 -1.11 29.61 66.71
N LYS C 666 -1.32 28.80 65.66
CA LYS C 666 -0.71 29.03 64.37
C LYS C 666 -1.26 30.29 63.70
N SER C 667 -0.36 31.23 63.38
CA SER C 667 -0.62 32.41 62.58
C SER C 667 -1.71 33.29 63.21
N ASN C 668 -1.38 33.83 64.37
CA ASN C 668 -2.31 34.68 65.09
C ASN C 668 -1.49 35.68 65.89
N ASN C 669 -2.11 36.79 66.26
CA ASN C 669 -1.47 37.83 67.07
C ASN C 669 -1.29 37.30 68.49
N ILE C 670 -0.03 37.12 68.91
CA ILE C 670 0.28 36.42 70.15
C ILE C 670 1.16 37.32 71.02
N ARG C 671 0.58 37.84 72.11
CA ARG C 671 1.31 38.45 73.19
C ARG C 671 1.59 37.38 74.25
N THR C 672 1.97 37.80 75.46
CA THR C 672 2.25 36.90 76.57
C THR C 672 1.04 36.04 76.94
N ILE C 673 1.31 34.95 77.63
CA ILE C 673 0.42 33.80 77.69
C ILE C 673 -0.83 34.07 78.52
N GLU C 674 -1.80 33.15 78.43
CA GLU C 674 -3.10 33.27 79.05
C GLU C 674 -3.02 32.76 80.50
N GLU C 675 -4.11 32.87 81.25
CA GLU C 675 -4.17 32.53 82.67
C GLU C 675 -3.92 31.05 82.87
N ILE C 676 -3.23 30.73 83.97
CA ILE C 676 -2.52 29.46 84.10
C ILE C 676 -3.21 28.49 85.06
N ILE C 677 -4.02 28.98 86.01
CA ILE C 677 -4.66 28.08 86.98
C ILE C 677 -5.83 27.32 86.34
N SER C 678 -6.56 27.99 85.44
CA SER C 678 -7.59 27.30 84.66
C SER C 678 -7.00 26.27 83.73
N PHE C 679 -5.75 26.48 83.28
CA PHE C 679 -5.00 25.47 82.55
C PHE C 679 -4.30 24.48 83.49
N GLN C 680 -4.31 24.73 84.80
CA GLN C 680 -3.86 23.75 85.77
C GLN C 680 -4.98 22.78 86.11
N HIS C 681 -6.23 23.24 86.00
CA HIS C 681 -7.34 22.30 85.84
C HIS C 681 -7.14 21.44 84.60
N LEU C 682 -6.60 22.01 83.53
CA LEU C 682 -6.27 21.25 82.32
C LEU C 682 -4.89 20.62 82.45
N LYS C 683 -4.79 19.67 83.38
CA LYS C 683 -3.56 18.92 83.60
C LYS C 683 -3.27 17.93 82.47
N ARG C 684 -4.26 17.65 81.61
CA ARG C 684 -4.13 16.71 80.51
C ARG C 684 -3.51 17.33 79.26
N LEU C 685 -3.21 18.63 79.27
CA LEU C 685 -2.46 19.23 78.17
C LEU C 685 -1.04 18.69 78.14
N THR C 686 -0.55 18.42 76.93
CA THR C 686 0.68 17.69 76.74
C THR C 686 1.54 18.43 75.74
N CYS C 687 0.91 19.27 74.92
CA CYS C 687 1.58 19.95 73.81
C CYS C 687 1.09 21.38 73.72
N LEU C 688 1.90 22.32 74.21
CA LEU C 688 1.73 23.73 73.88
C LEU C 688 2.86 24.09 72.92
N LYS C 689 2.57 24.03 71.64
CA LYS C 689 3.47 24.48 70.59
C LYS C 689 3.02 25.87 70.15
N LEU C 690 3.98 26.79 70.02
CA LEU C 690 3.65 28.21 70.09
C LEU C 690 4.66 29.02 69.29
N TRP C 691 4.19 29.66 68.22
CA TRP C 691 5.04 30.43 67.31
C TRP C 691 4.15 31.43 66.57
N HIS C 692 4.75 32.13 65.60
CA HIS C 692 4.15 33.27 64.89
C HIS C 692 3.62 34.30 65.88
N ASN C 693 4.55 34.87 66.63
CA ASN C 693 4.23 35.46 67.92
C ASN C 693 5.04 36.72 68.18
N LYS C 694 4.66 37.43 69.24
CA LYS C 694 5.42 38.58 69.71
C LYS C 694 5.82 38.37 71.15
N ILE C 695 6.34 37.19 71.46
CA ILE C 695 6.67 36.82 72.83
C ILE C 695 7.91 37.58 73.27
N VAL C 696 7.79 38.33 74.37
CA VAL C 696 8.96 38.89 75.03
C VAL C 696 9.67 37.82 75.84
N THR C 697 8.91 37.14 76.70
CA THR C 697 9.36 36.00 77.49
C THR C 697 8.12 35.26 77.97
N ILE C 698 8.34 34.19 78.74
CA ILE C 698 7.22 33.45 79.32
C ILE C 698 7.22 33.62 80.84
N PRO C 699 6.04 33.71 81.46
CA PRO C 699 5.97 33.56 82.92
C PRO C 699 6.39 32.17 83.33
N PRO C 700 7.17 32.03 84.40
CA PRO C 700 7.75 30.74 84.76
C PRO C 700 6.81 29.76 85.44
N SER C 701 5.49 30.00 85.41
CA SER C 701 4.50 29.13 86.04
C SER C 701 4.07 27.97 85.16
N ILE C 702 4.92 27.54 84.22
CA ILE C 702 4.64 26.38 83.37
C ILE C 702 4.88 25.06 84.09
N THR C 703 5.17 25.08 85.39
CA THR C 703 5.37 23.92 86.26
C THR C 703 4.06 23.25 86.70
N HIS C 704 2.94 23.54 86.03
CA HIS C 704 1.67 22.89 86.37
C HIS C 704 1.49 21.58 85.60
N VAL C 705 1.53 21.66 84.27
CA VAL C 705 1.46 20.46 83.43
C VAL C 705 2.85 19.84 83.35
N LYS C 706 3.09 18.84 84.20
CA LYS C 706 4.36 18.12 84.15
C LYS C 706 4.44 17.17 82.97
N ASN C 707 3.30 16.79 82.39
CA ASN C 707 3.27 15.95 81.21
C ASN C 707 3.45 16.74 79.92
N LEU C 708 3.61 18.06 80.01
CA LEU C 708 3.88 18.90 78.85
C LEU C 708 5.18 18.48 78.18
N GLU C 709 5.10 18.17 76.89
CA GLU C 709 6.26 17.55 76.25
C GLU C 709 6.83 18.33 75.09
N SER C 710 6.02 19.01 74.29
CA SER C 710 6.50 19.66 73.08
C SER C 710 6.28 21.16 73.20
N LEU C 711 7.35 21.91 72.99
CA LEU C 711 7.33 23.37 73.04
C LEU C 711 8.45 23.90 72.18
N TYR C 712 8.10 24.66 71.14
CA TYR C 712 9.09 25.24 70.24
C TYR C 712 8.65 26.64 69.83
N PHE C 713 9.49 27.62 70.16
CA PHE C 713 9.29 28.98 69.67
C PHE C 713 9.97 29.18 68.33
N SER C 714 9.44 30.15 67.58
CA SER C 714 10.08 30.73 66.42
C SER C 714 9.43 32.07 66.18
N ASN C 715 10.13 32.92 65.41
CA ASN C 715 9.64 34.23 64.97
C ASN C 715 9.30 35.12 66.17
N ASN C 716 10.22 35.15 67.13
CA ASN C 716 10.02 35.81 68.41
C ASN C 716 11.14 36.79 68.72
N LYS C 717 11.18 37.29 69.96
CA LYS C 717 12.36 38.00 70.46
C LYS C 717 12.57 37.61 71.92
N LEU C 718 13.62 36.83 72.17
CA LEU C 718 13.94 36.40 73.52
C LEU C 718 15.45 36.37 73.71
N GLU C 719 15.86 36.73 74.91
CA GLU C 719 17.20 36.47 75.44
C GLU C 719 17.14 35.85 76.82
N SER C 720 16.20 36.26 77.66
CA SER C 720 16.06 35.75 79.01
C SER C 720 14.99 34.67 79.05
N LEU C 721 15.36 33.49 79.55
CA LEU C 721 14.43 32.39 79.78
C LEU C 721 14.95 31.63 80.98
N PRO C 722 14.08 31.32 81.95
CA PRO C 722 14.56 30.73 83.21
C PRO C 722 14.96 29.26 83.06
N VAL C 723 15.78 28.82 84.01
CA VAL C 723 16.33 27.47 84.02
C VAL C 723 15.44 26.59 84.91
N ALA C 724 14.32 27.15 85.35
CA ALA C 724 13.47 26.53 86.37
C ALA C 724 12.39 25.64 85.76
N VAL C 725 12.70 25.01 84.62
CA VAL C 725 11.76 24.16 83.93
C VAL C 725 11.89 22.69 84.36
N PHE C 726 12.54 22.43 85.49
CA PHE C 726 12.88 21.07 85.91
C PHE C 726 11.67 20.26 86.38
N SER C 727 10.50 20.87 86.47
CA SER C 727 9.29 20.14 86.86
C SER C 727 8.90 19.14 85.78
N LEU C 728 8.60 19.62 84.57
CA LEU C 728 8.26 18.74 83.45
C LEU C 728 9.57 18.17 82.89
N GLN C 729 9.92 16.99 83.41
CA GLN C 729 11.10 16.29 82.92
C GLN C 729 10.87 15.67 81.55
N LYS C 730 9.62 15.56 81.12
CA LYS C 730 9.28 15.15 79.77
C LYS C 730 9.55 16.30 78.80
N LEU C 731 10.82 16.52 78.49
CA LEU C 731 11.21 17.63 77.63
C LEU C 731 11.59 17.08 76.26
N ARG C 732 10.60 17.03 75.37
CA ARG C 732 10.83 16.46 74.05
C ARG C 732 11.29 17.53 73.06
N CYS C 733 10.78 18.75 73.19
CA CYS C 733 11.11 19.83 72.27
C CYS C 733 11.71 21.00 73.02
N LEU C 734 12.59 21.72 72.33
CA LEU C 734 13.21 22.93 72.87
C LEU C 734 12.66 24.12 72.10
N ASP C 735 12.69 25.29 72.73
CA ASP C 735 11.89 26.41 72.25
C ASP C 735 12.71 27.67 71.93
N VAL C 736 13.86 27.53 71.27
CA VAL C 736 14.75 28.68 71.10
C VAL C 736 15.13 29.00 69.65
N SER C 737 14.23 28.78 68.70
CA SER C 737 14.54 29.15 67.32
C SER C 737 14.17 30.60 67.01
N TYR C 738 14.91 31.18 66.05
CA TYR C 738 14.66 32.48 65.44
C TYR C 738 14.70 33.62 66.46
N ASN C 739 15.74 33.62 67.29
CA ASN C 739 16.00 34.67 68.27
C ASN C 739 17.49 34.68 68.58
N ASN C 740 17.85 35.36 69.66
CA ASN C 740 19.25 35.56 70.02
C ASN C 740 19.57 34.86 71.33
N ILE C 741 20.79 34.31 71.40
CA ILE C 741 21.35 33.83 72.66
C ILE C 741 22.87 33.84 72.50
N SER C 742 23.57 33.94 73.63
CA SER C 742 25.00 33.69 73.65
C SER C 742 25.42 32.86 74.85
N MET C 743 24.57 32.75 75.88
CA MET C 743 24.84 31.91 77.03
C MET C 743 23.59 31.09 77.32
N ILE C 744 23.73 29.77 77.22
CA ILE C 744 22.59 28.88 77.43
C ILE C 744 22.58 28.39 78.87
N PRO C 745 21.41 28.28 79.51
CA PRO C 745 21.34 27.77 80.87
C PRO C 745 21.38 26.25 80.87
N ILE C 746 21.47 25.67 82.06
CA ILE C 746 21.67 24.22 82.21
C ILE C 746 20.28 23.58 82.23
N GLU C 747 19.74 23.38 81.04
CA GLU C 747 18.50 22.63 80.87
C GLU C 747 18.71 21.29 80.19
N ILE C 748 19.95 20.87 79.98
CA ILE C 748 20.23 19.71 79.14
C ILE C 748 20.36 18.42 79.92
N GLY C 749 20.26 18.44 81.24
CA GLY C 749 20.17 17.22 82.02
C GLY C 749 18.74 16.88 82.36
N LEU C 750 17.82 17.37 81.53
CA LEU C 750 16.39 17.28 81.79
C LEU C 750 15.67 16.67 80.60
N LEU C 751 16.27 16.85 79.43
CA LEU C 751 15.69 16.42 78.16
C LEU C 751 16.09 14.98 77.85
N GLN C 752 15.48 14.07 78.61
CA GLN C 752 15.81 12.65 78.53
C GLN C 752 15.44 12.06 77.17
N ASN C 753 14.26 12.37 76.66
CA ASN C 753 13.80 11.86 75.37
C ASN C 753 13.53 12.98 74.38
N LEU C 754 14.42 13.95 74.29
CA LEU C 754 14.19 15.04 73.36
C LEU C 754 14.55 14.62 71.95
N GLN C 755 14.09 15.42 70.99
CA GLN C 755 14.44 15.23 69.60
C GLN C 755 15.10 16.44 68.98
N HIS C 756 14.91 17.63 69.55
CA HIS C 756 15.26 18.89 68.92
C HIS C 756 16.12 19.73 69.84
N LEU C 757 17.40 19.88 69.50
CA LEU C 757 18.23 20.94 70.07
C LEU C 757 18.25 22.15 69.14
N HIS C 758 17.06 22.63 68.74
CA HIS C 758 16.99 23.56 67.61
C HIS C 758 17.20 24.98 68.13
N ILE C 759 18.32 25.58 67.69
CA ILE C 759 18.72 26.93 68.07
C ILE C 759 19.31 27.62 66.84
N THR C 760 18.53 28.48 66.20
CA THR C 760 18.83 28.95 64.85
C THR C 760 18.67 30.46 64.76
N GLY C 761 19.68 31.12 64.17
CA GLY C 761 19.60 32.54 63.91
C GLY C 761 20.45 33.37 64.86
N ASN C 762 21.64 32.87 65.17
CA ASN C 762 22.48 33.47 66.19
C ASN C 762 23.94 33.07 65.96
N LYS C 763 24.76 33.18 67.02
CA LYS C 763 26.20 33.12 66.93
C LYS C 763 26.85 32.24 68.01
N VAL C 764 26.05 31.48 68.77
CA VAL C 764 26.48 30.91 70.05
C VAL C 764 27.51 29.78 69.84
N ASP C 765 28.33 29.55 70.86
CA ASP C 765 29.42 28.58 70.89
C ASP C 765 29.34 27.60 72.05
N ILE C 766 28.97 28.06 73.24
CA ILE C 766 29.15 27.27 74.46
C ILE C 766 27.97 26.30 74.64
N LEU C 767 28.29 25.08 75.09
CA LEU C 767 27.27 24.09 75.42
C LEU C 767 27.83 23.12 76.45
N PRO C 768 27.22 23.03 77.64
CA PRO C 768 27.75 22.15 78.69
C PRO C 768 27.51 20.65 78.47
N LYS C 769 27.79 19.85 79.49
CA LYS C 769 28.00 18.41 79.33
C LYS C 769 26.71 17.60 79.32
N GLN C 770 25.72 17.98 80.14
CA GLN C 770 24.63 17.08 80.55
C GLN C 770 23.72 16.61 79.42
N LEU C 771 23.95 17.06 78.17
CA LEU C 771 23.36 16.47 76.97
C LEU C 771 23.75 15.00 76.77
N PHE C 772 24.75 14.48 77.49
CA PHE C 772 24.93 13.03 77.49
C PHE C 772 23.80 12.26 78.17
N LYS C 773 22.89 12.95 78.87
CA LYS C 773 21.79 12.27 79.55
C LYS C 773 20.80 11.64 78.58
N CYS C 774 20.61 12.24 77.41
CA CYS C 774 19.49 11.89 76.55
C CYS C 774 19.70 10.58 75.80
N ILE C 775 18.60 10.00 75.34
CA ILE C 775 18.62 8.70 74.69
C ILE C 775 17.88 8.69 73.36
N LYS C 776 17.02 9.67 73.06
CA LYS C 776 16.21 9.63 71.85
C LYS C 776 16.49 10.85 70.97
N LEU C 777 17.68 11.44 71.11
CA LEU C 777 18.01 12.60 70.32
C LEU C 777 18.35 12.21 68.89
N ARG C 778 18.06 13.12 67.96
CA ARG C 778 18.53 12.98 66.57
C ARG C 778 19.04 14.26 65.97
N THR C 779 18.82 15.43 66.58
CA THR C 779 19.22 16.71 65.99
C THR C 779 19.88 17.57 67.05
N LEU C 780 21.15 17.91 66.82
CA LEU C 780 21.77 19.08 67.45
C LEU C 780 21.59 20.29 66.53
N ASN C 781 20.33 20.68 66.37
CA ASN C 781 19.93 21.57 65.26
C ASN C 781 20.32 23.03 65.54
N LEU C 782 21.62 23.26 65.64
CA LEU C 782 22.16 24.59 65.92
C LEU C 782 22.54 25.27 64.61
N GLY C 783 21.96 26.45 64.37
CA GLY C 783 22.11 27.14 63.11
C GLY C 783 23.00 28.36 63.24
N GLN C 784 23.87 28.53 62.22
CA GLN C 784 24.77 29.69 62.07
C GLN C 784 25.75 29.80 63.22
N ASN C 785 26.16 28.67 63.80
CA ASN C 785 26.89 28.65 65.06
C ASN C 785 28.22 27.94 64.86
N CYS C 786 29.32 28.68 65.02
CA CYS C 786 30.66 28.10 64.94
C CYS C 786 31.03 27.53 66.31
N ILE C 787 30.56 26.31 66.56
CA ILE C 787 30.82 25.65 67.85
C ILE C 787 32.27 25.17 67.89
N THR C 788 32.87 25.23 69.07
CA THR C 788 34.30 24.94 69.19
C THR C 788 34.58 23.44 69.13
N SER C 789 34.08 22.68 70.11
CA SER C 789 34.42 21.27 70.21
C SER C 789 33.34 20.55 70.99
N LEU C 790 33.48 19.23 71.06
CA LEU C 790 32.49 18.36 71.67
C LEU C 790 33.12 17.50 72.76
N PRO C 791 32.44 17.32 73.89
CA PRO C 791 32.90 16.38 74.92
C PRO C 791 32.66 14.92 74.54
N GLU C 792 32.82 14.01 75.52
CA GLU C 792 32.50 12.59 75.36
C GLU C 792 31.05 12.34 74.94
N LYS C 793 30.15 13.30 75.18
CA LYS C 793 28.73 13.16 74.84
C LYS C 793 28.47 13.03 73.35
N VAL C 794 29.40 13.45 72.48
CA VAL C 794 29.22 13.24 71.05
C VAL C 794 29.40 11.76 70.70
N GLY C 795 30.14 11.00 71.52
CA GLY C 795 30.10 9.56 71.43
C GLY C 795 28.87 8.94 72.06
N GLN C 796 28.17 9.70 72.90
CA GLN C 796 26.91 9.27 73.48
C GLN C 796 25.75 9.39 72.51
N LEU C 797 25.80 10.35 71.59
CA LEU C 797 24.74 10.50 70.58
C LEU C 797 24.99 9.63 69.34
N SER C 798 25.27 8.35 69.60
CA SER C 798 25.10 7.34 68.56
C SER C 798 23.62 7.12 68.24
N GLN C 799 22.74 7.42 69.20
CA GLN C 799 21.31 7.46 68.94
C GLN C 799 20.96 8.55 67.93
N LEU C 800 21.74 9.64 67.93
CA LEU C 800 21.64 10.64 66.88
C LEU C 800 22.26 10.13 65.58
N THR C 801 21.66 10.55 64.47
CA THR C 801 22.21 10.27 63.14
C THR C 801 22.28 11.53 62.27
N GLN C 802 22.02 12.70 62.85
CA GLN C 802 22.00 13.94 62.08
C GLN C 802 22.59 15.04 62.96
N LEU C 803 23.90 15.25 62.85
CA LEU C 803 24.61 16.23 63.67
C LEU C 803 24.67 17.53 62.87
N GLU C 804 23.85 18.50 63.26
CA GLU C 804 23.52 19.63 62.42
C GLU C 804 24.34 20.85 62.83
N LEU C 805 24.83 21.59 61.83
CA LEU C 805 25.42 22.91 62.04
C LEU C 805 25.49 23.64 60.70
N LYS C 806 25.68 24.96 60.78
CA LYS C 806 26.06 25.78 59.63
C LYS C 806 27.22 26.68 60.04
N GLY C 807 28.39 26.44 59.46
CA GLY C 807 29.52 27.31 59.69
C GLY C 807 30.25 26.96 60.96
N ASN C 808 31.56 26.73 60.85
CA ASN C 808 32.37 26.33 61.99
C ASN C 808 33.83 26.59 61.61
N CYS C 809 34.73 26.31 62.55
CA CYS C 809 36.10 25.99 62.16
C CYS C 809 36.15 24.59 61.58
N PHE C 810 35.35 23.67 62.14
CA PHE C 810 35.17 22.26 61.75
C PHE C 810 36.46 21.52 61.45
N ASP C 811 37.55 21.85 62.16
CA ASP C 811 38.84 21.22 61.93
C ASP C 811 39.49 20.75 63.23
N ARG C 812 38.77 20.77 64.35
CA ARG C 812 39.33 20.27 65.60
C ARG C 812 39.32 18.76 65.64
N LEU C 813 38.12 18.15 65.60
CA LEU C 813 37.85 16.72 65.49
C LEU C 813 38.57 15.87 66.53
N PRO C 814 38.10 15.85 67.79
CA PRO C 814 38.70 14.93 68.77
C PRO C 814 38.38 13.47 68.50
N ALA C 815 38.93 12.57 69.32
CA ALA C 815 38.72 11.14 69.12
C ALA C 815 37.29 10.71 69.44
N GLN C 816 36.53 11.52 70.18
CA GLN C 816 35.12 11.22 70.40
C GLN C 816 34.30 11.49 69.15
N LEU C 817 34.74 12.41 68.30
CA LEU C 817 34.20 12.50 66.95
C LEU C 817 34.63 11.33 66.09
N GLY C 818 35.74 10.66 66.45
CA GLY C 818 36.10 9.43 65.76
C GLY C 818 35.15 8.29 66.04
N GLN C 819 34.48 8.33 67.19
CA GLN C 819 33.45 7.33 67.52
C GLN C 819 32.07 7.81 67.08
N CYS C 820 31.97 8.21 65.81
CA CYS C 820 30.70 8.58 65.20
C CYS C 820 30.34 7.61 64.07
N ARG C 821 30.70 6.34 64.23
CA ARG C 821 30.42 5.32 63.22
C ARG C 821 28.95 4.99 63.11
N MET C 822 28.15 5.30 64.13
CA MET C 822 26.73 4.99 64.09
C MET C 822 25.91 6.08 63.39
N LEU C 823 26.31 7.35 63.52
CA LEU C 823 25.67 8.39 62.74
C LEU C 823 26.20 8.38 61.31
N LYS C 824 25.30 8.33 60.34
CA LYS C 824 25.70 8.14 58.94
C LYS C 824 26.03 9.47 58.27
N LYS C 825 25.05 10.37 58.20
CA LYS C 825 25.24 11.66 57.55
C LYS C 825 24.90 12.77 58.54
N SER C 826 25.93 13.50 58.95
CA SER C 826 25.77 14.71 59.75
C SER C 826 25.23 15.84 58.90
N GLY C 827 24.78 16.90 59.58
CA GLY C 827 24.24 18.04 58.86
C GLY C 827 25.31 18.81 58.10
N LEU C 828 26.50 18.96 58.69
CA LEU C 828 27.61 19.60 58.01
C LEU C 828 28.95 18.88 58.22
N VAL C 829 29.06 17.98 59.20
CA VAL C 829 30.38 17.49 59.62
C VAL C 829 30.94 16.47 58.63
N VAL C 830 30.08 15.64 58.03
CA VAL C 830 30.58 14.63 57.10
C VAL C 830 30.88 15.33 55.78
N GLU C 831 32.10 15.82 55.65
CA GLU C 831 32.60 16.57 54.49
C GLU C 831 34.09 16.29 54.34
N ASP C 832 34.79 17.16 53.60
CA ASP C 832 36.21 16.96 53.34
C ASP C 832 37.07 17.19 54.58
N HIS C 833 36.57 17.95 55.55
CA HIS C 833 37.37 18.25 56.74
C HIS C 833 37.47 17.04 57.66
N LEU C 834 36.46 16.17 57.65
CA LEU C 834 36.60 14.89 58.33
C LEU C 834 37.47 13.95 57.52
N PHE C 835 37.51 14.13 56.19
CA PHE C 835 38.38 13.34 55.33
C PHE C 835 39.84 13.74 55.47
N ASP C 836 40.13 14.94 55.99
CA ASP C 836 41.51 15.38 56.07
C ASP C 836 42.24 14.73 57.25
N THR C 837 41.78 14.99 58.48
CA THR C 837 42.41 14.45 59.66
C THR C 837 41.83 13.08 60.00
N LEU C 838 42.33 12.50 61.11
CA LEU C 838 41.96 11.19 61.67
C LEU C 838 42.08 10.07 60.65
N PRO C 839 43.30 9.63 60.31
CA PRO C 839 43.46 8.66 59.21
C PRO C 839 43.03 7.24 59.56
N LEU C 840 42.60 6.96 60.79
CA LEU C 840 42.20 5.61 61.16
C LEU C 840 40.72 5.49 61.51
N GLU C 841 40.23 6.23 62.51
CA GLU C 841 38.91 5.98 63.11
C GLU C 841 37.73 6.22 62.16
N VAL C 842 37.55 7.48 61.74
CA VAL C 842 36.45 7.79 60.83
C VAL C 842 36.67 7.21 59.45
N LYS C 843 37.93 6.96 59.07
CA LYS C 843 38.23 6.32 57.79
C LYS C 843 37.75 4.88 57.77
N GLU C 844 38.08 4.10 58.82
CA GLU C 844 37.57 2.74 58.92
C GLU C 844 36.06 2.70 59.10
N ALA C 845 35.50 3.70 59.79
CA ALA C 845 34.05 3.79 59.95
C ALA C 845 33.35 3.98 58.60
N LEU C 846 33.69 5.07 57.89
CA LEU C 846 33.09 5.36 56.59
C LEU C 846 33.54 4.40 55.50
N ASN C 847 34.53 3.55 55.74
CA ASN C 847 35.00 2.59 54.75
C ASN C 847 34.34 1.22 54.92
N GLN C 848 34.14 0.77 56.17
CA GLN C 848 33.58 -0.56 56.40
C GLN C 848 32.12 -0.56 56.79
N ASP C 849 31.54 0.59 57.19
CA ASP C 849 30.09 0.65 57.38
C ASP C 849 29.37 0.51 56.05
N ILE C 850 29.70 1.36 55.08
CA ILE C 850 29.19 1.23 53.72
C ILE C 850 30.20 1.80 52.73
N PHE D 2 -21.93 38.89 -37.88
CA PHE D 2 -20.51 39.14 -38.07
C PHE D 2 -19.90 39.71 -36.80
N THR D 3 -18.76 39.14 -36.40
CA THR D 3 -17.94 39.57 -35.26
C THR D 3 -18.77 39.63 -33.98
N LEU D 4 -19.21 38.45 -33.54
CA LEU D 4 -20.13 38.39 -32.42
C LEU D 4 -19.36 38.47 -31.11
N ALA D 5 -20.10 38.46 -30.01
CA ALA D 5 -19.48 38.58 -28.69
C ALA D 5 -18.64 37.36 -28.34
N GLU D 6 -19.05 36.19 -28.79
CA GLU D 6 -18.38 34.95 -28.43
C GLU D 6 -17.13 34.69 -29.27
N VAL D 7 -16.73 35.59 -30.15
CA VAL D 7 -15.42 35.50 -30.79
C VAL D 7 -14.51 36.66 -30.43
N ALA D 8 -15.04 37.84 -30.10
CA ALA D 8 -14.19 38.86 -29.51
C ALA D 8 -13.85 38.54 -28.07
N SER D 9 -14.72 37.78 -27.39
CA SER D 9 -14.39 37.27 -26.06
C SER D 9 -13.28 36.22 -26.15
N LEU D 10 -13.40 35.30 -27.10
CA LEU D 10 -12.37 34.27 -27.29
C LEU D 10 -11.14 34.78 -28.01
N ASN D 11 -11.15 36.03 -28.47
CA ASN D 11 -9.90 36.68 -28.83
C ASN D 11 -9.02 36.87 -27.61
N ASP D 12 -9.61 37.22 -26.47
CA ASP D 12 -8.85 37.63 -25.29
C ASP D 12 -9.56 37.19 -24.02
N ILE D 13 -9.04 36.14 -23.38
CA ILE D 13 -9.52 35.70 -22.07
C ILE D 13 -8.40 34.96 -21.36
N GLN D 14 -8.35 35.12 -20.03
CA GLN D 14 -7.42 34.45 -19.13
C GLN D 14 -7.89 33.00 -18.90
N PRO D 15 -6.96 32.06 -18.60
CA PRO D 15 -7.37 30.65 -18.51
C PRO D 15 -8.33 30.28 -17.39
N THR D 16 -7.96 30.49 -16.13
CA THR D 16 -8.84 30.06 -15.04
C THR D 16 -8.81 30.96 -13.82
N TYR D 17 -8.19 32.13 -13.89
CA TYR D 17 -7.75 32.81 -12.67
C TYR D 17 -8.89 33.59 -12.05
N ARG D 18 -9.59 32.91 -11.14
CA ARG D 18 -10.54 33.60 -10.27
C ARG D 18 -9.83 34.59 -9.34
N ILE D 19 -8.57 34.31 -9.01
CA ILE D 19 -7.74 35.19 -8.21
C ILE D 19 -7.13 36.18 -9.21
N LEU D 20 -6.56 37.27 -8.70
CA LEU D 20 -5.95 38.37 -9.45
C LEU D 20 -6.95 39.11 -10.32
N LYS D 21 -8.23 39.00 -9.99
CA LYS D 21 -9.24 39.91 -10.54
C LYS D 21 -10.01 40.52 -9.37
N PRO D 22 -9.73 41.77 -9.03
CA PRO D 22 -10.58 42.49 -8.07
C PRO D 22 -11.96 42.75 -8.65
N TRP D 23 -12.85 43.25 -7.78
CA TRP D 23 -14.23 43.48 -8.16
C TRP D 23 -14.35 44.55 -9.24
N TRP D 24 -13.48 45.56 -9.20
CA TRP D 24 -13.56 46.61 -10.21
C TRP D 24 -13.05 46.10 -11.55
N ASP D 25 -12.08 45.18 -11.55
CA ASP D 25 -11.66 44.57 -12.81
C ASP D 25 -12.75 43.71 -13.41
N VAL D 26 -13.54 43.04 -12.57
CA VAL D 26 -14.63 42.23 -13.09
C VAL D 26 -15.74 43.11 -13.63
N PHE D 27 -15.99 44.26 -12.99
CA PHE D 27 -16.95 45.19 -13.58
C PHE D 27 -16.43 45.82 -14.87
N MET D 28 -15.12 46.06 -14.98
CA MET D 28 -14.57 46.54 -16.24
C MET D 28 -14.73 45.52 -17.35
N ASP D 29 -14.47 44.24 -17.06
CA ASP D 29 -14.62 43.19 -18.07
C ASP D 29 -16.08 43.02 -18.47
N TYR D 30 -16.97 42.92 -17.49
CA TYR D 30 -18.38 42.67 -17.77
C TYR D 30 -19.02 43.86 -18.48
N LEU D 31 -18.66 45.06 -18.08
CA LEU D 31 -19.23 46.24 -18.72
C LEU D 31 -18.62 46.47 -20.10
N ALA D 32 -17.36 46.05 -20.31
CA ALA D 32 -16.80 46.11 -21.66
C ALA D 32 -17.48 45.10 -22.57
N VAL D 33 -17.90 43.95 -22.04
CA VAL D 33 -18.69 43.02 -22.84
C VAL D 33 -20.05 43.60 -23.18
N VAL D 34 -20.67 44.33 -22.24
CA VAL D 34 -21.95 45.00 -22.52
C VAL D 34 -21.78 46.07 -23.59
N MET D 35 -20.69 46.83 -23.51
CA MET D 35 -20.45 47.88 -24.49
C MET D 35 -20.12 47.31 -25.86
N LEU D 36 -19.43 46.16 -25.92
CA LEU D 36 -19.24 45.49 -27.20
C LEU D 36 -20.55 44.95 -27.74
N MET D 37 -21.45 44.51 -26.87
CA MET D 37 -22.77 44.06 -27.33
C MET D 37 -23.55 45.21 -27.96
N VAL D 38 -23.47 46.40 -27.36
CA VAL D 38 -24.16 47.56 -27.91
C VAL D 38 -23.51 47.99 -29.22
N ALA D 39 -22.18 47.88 -29.32
CA ALA D 39 -21.51 48.26 -30.57
C ALA D 39 -21.83 47.28 -31.70
N ILE D 40 -21.95 45.98 -31.39
CA ILE D 40 -22.28 45.02 -32.44
C ILE D 40 -23.75 45.14 -32.84
N PHE D 41 -24.63 45.46 -31.90
CA PHE D 41 -26.01 45.75 -32.25
C PHE D 41 -26.09 46.99 -33.12
N ALA D 42 -25.23 47.98 -32.85
CA ALA D 42 -25.14 49.16 -33.70
C ALA D 42 -24.67 48.79 -35.10
N GLY D 43 -23.70 47.90 -35.20
CA GLY D 43 -23.22 47.46 -36.50
C GLY D 43 -24.27 46.72 -37.30
N THR D 44 -25.02 45.84 -36.63
CA THR D 44 -26.08 45.09 -37.30
C THR D 44 -27.19 46.02 -37.78
N MET D 45 -27.61 46.95 -36.93
CA MET D 45 -28.66 47.88 -37.31
C MET D 45 -28.17 48.84 -38.38
N GLN D 46 -26.88 49.16 -38.40
CA GLN D 46 -26.35 50.04 -39.43
C GLN D 46 -26.28 49.33 -40.77
N LEU D 47 -25.96 48.05 -40.76
CA LEU D 47 -25.94 47.31 -42.01
C LEU D 47 -27.35 46.98 -42.49
N THR D 48 -28.34 47.00 -41.60
CA THR D 48 -29.68 46.56 -41.99
C THR D 48 -30.39 47.61 -42.84
N LYS D 49 -30.69 48.78 -42.27
CA LYS D 49 -31.51 49.79 -42.94
C LYS D 49 -30.82 51.16 -42.87
N ASP D 50 -29.88 51.38 -43.77
CA ASP D 50 -29.03 52.57 -43.71
C ASP D 50 -29.50 53.67 -44.66
N GLN D 51 -30.29 53.31 -45.67
CA GLN D 51 -30.45 54.11 -46.89
C GLN D 51 -31.07 55.47 -46.60
N VAL D 52 -30.67 56.45 -47.40
CA VAL D 52 -31.20 57.80 -47.32
C VAL D 52 -32.15 57.98 -48.47
N VAL D 53 -32.87 59.09 -48.46
CA VAL D 53 -33.68 59.41 -49.64
C VAL D 53 -33.73 60.92 -49.84
N CYS D 54 -33.31 61.37 -51.02
CA CYS D 54 -33.43 62.75 -51.44
C CYS D 54 -34.61 62.94 -52.38
N LEU D 55 -34.99 64.20 -52.52
CA LEU D 55 -35.78 64.67 -53.65
C LEU D 55 -35.58 66.18 -53.78
N PRO D 56 -35.91 66.77 -54.94
CA PRO D 56 -35.67 68.19 -55.14
C PRO D 56 -36.78 69.14 -54.72
N VAL D 57 -36.48 70.42 -54.89
CA VAL D 57 -37.31 71.56 -54.53
C VAL D 57 -38.35 71.83 -55.61
N LEU D 58 -39.28 72.73 -55.31
CA LEU D 58 -40.34 73.13 -56.25
C LEU D 58 -39.83 73.62 -57.61
N PRO D 59 -38.77 74.47 -57.71
CA PRO D 59 -38.35 74.70 -59.10
C PRO D 59 -37.50 73.55 -59.63
N THR D 135 -52.20 68.94 -55.66
CA THR D 135 -51.88 67.74 -56.42
C THR D 135 -50.45 67.27 -56.14
N GLY D 136 -49.85 66.59 -57.11
CA GLY D 136 -48.48 66.17 -57.04
C GLY D 136 -47.64 66.78 -58.14
N ARG D 137 -46.32 66.68 -57.97
CA ARG D 137 -45.37 67.24 -58.92
C ARG D 137 -44.62 66.10 -59.59
N LYS D 138 -44.54 66.15 -60.92
CA LYS D 138 -43.95 65.06 -61.69
C LYS D 138 -42.44 65.17 -61.80
N THR D 139 -41.96 66.29 -62.36
CA THR D 139 -40.57 66.73 -62.54
C THR D 139 -39.81 65.93 -63.61
N ASN D 140 -40.42 64.85 -64.11
CA ASN D 140 -39.89 63.98 -65.16
C ASN D 140 -38.47 63.47 -64.81
N LEU D 141 -38.42 62.66 -63.75
CA LEU D 141 -37.20 61.93 -63.41
C LEU D 141 -37.46 60.44 -63.32
N ASP D 142 -36.64 59.67 -64.02
CA ASP D 142 -36.63 58.23 -63.90
C ASP D 142 -36.03 57.81 -62.55
N PHE D 143 -36.35 56.57 -62.15
CA PHE D 143 -35.94 56.02 -60.86
C PHE D 143 -34.43 55.96 -60.69
N GLN D 144 -33.72 55.76 -61.80
CA GLN D 144 -32.30 55.46 -61.68
C GLN D 144 -31.48 56.70 -61.34
N GLN D 145 -31.88 57.87 -61.85
CA GLN D 145 -31.16 59.02 -61.36
C GLN D 145 -31.61 59.42 -59.97
N TYR D 146 -32.75 58.92 -59.48
CA TYR D 146 -33.04 59.08 -58.07
C TYR D 146 -32.07 58.27 -57.20
N VAL D 147 -31.73 57.05 -57.61
CA VAL D 147 -30.80 56.33 -56.74
C VAL D 147 -29.38 56.83 -56.94
N PHE D 148 -29.06 57.38 -58.12
CA PHE D 148 -27.79 58.08 -58.25
C PHE D 148 -27.74 59.32 -57.36
N ILE D 149 -28.85 60.04 -57.28
CA ILE D 149 -28.81 61.31 -56.61
C ILE D 149 -28.75 61.13 -55.10
N ASN D 150 -29.35 60.05 -54.57
CA ASN D 150 -29.18 59.89 -53.13
C ASN D 150 -27.91 59.13 -52.77
N GLN D 151 -27.33 58.38 -53.71
CA GLN D 151 -25.95 57.93 -53.54
C GLN D 151 -24.99 59.11 -53.40
N MET D 152 -25.06 60.04 -54.35
CA MET D 152 -24.18 61.21 -54.37
C MET D 152 -24.38 62.08 -53.13
N CYS D 153 -25.62 62.24 -52.69
CA CYS D 153 -25.83 62.97 -51.45
C CYS D 153 -25.36 62.19 -50.24
N TYR D 154 -25.46 60.87 -50.27
CA TYR D 154 -25.06 60.06 -49.12
C TYR D 154 -23.56 60.13 -48.88
N HIS D 155 -22.77 60.34 -49.93
CA HIS D 155 -21.35 60.56 -49.66
C HIS D 155 -20.94 62.03 -49.72
N LEU D 156 -21.89 62.96 -49.66
CA LEU D 156 -21.45 64.34 -49.54
C LEU D 156 -22.07 65.10 -48.38
N ALA D 157 -23.37 64.92 -48.14
CA ALA D 157 -24.05 65.71 -47.12
C ALA D 157 -24.29 64.92 -45.85
N LEU D 158 -23.44 63.97 -45.57
CA LEU D 158 -23.62 63.35 -44.29
C LEU D 158 -22.44 63.69 -43.39
N PRO D 159 -22.67 63.88 -42.10
CA PRO D 159 -21.56 63.99 -41.17
C PRO D 159 -20.79 62.68 -41.11
N TRP D 160 -19.51 62.79 -40.77
CA TRP D 160 -18.68 61.58 -40.65
C TRP D 160 -19.14 60.71 -39.50
N TYR D 161 -19.66 61.32 -38.44
CA TYR D 161 -20.21 60.55 -37.34
C TYR D 161 -21.59 59.98 -37.63
N SER D 162 -22.21 60.38 -38.73
CA SER D 162 -23.51 59.81 -39.05
C SER D 162 -23.39 58.40 -39.61
N LYS D 163 -22.22 58.01 -40.10
CA LYS D 163 -22.09 56.66 -40.64
C LYS D 163 -20.80 55.95 -40.30
N TYR D 164 -19.87 56.56 -39.57
CA TYR D 164 -18.67 55.86 -39.15
C TYR D 164 -18.66 55.57 -37.66
N PHE D 165 -19.80 55.69 -36.99
CA PHE D 165 -19.80 55.52 -35.54
C PHE D 165 -19.62 54.07 -35.08
N PRO D 166 -20.42 53.07 -35.50
CA PRO D 166 -20.31 51.75 -34.87
C PRO D 166 -19.01 51.04 -35.14
N TYR D 167 -18.38 51.34 -36.27
CA TYR D 167 -17.14 50.67 -36.61
C TYR D 167 -16.00 51.20 -35.76
N LEU D 168 -16.01 52.52 -35.54
CA LEU D 168 -15.05 53.14 -34.62
C LEU D 168 -15.30 52.68 -33.18
N ALA D 169 -16.57 52.44 -32.83
CA ALA D 169 -16.88 51.92 -31.50
C ALA D 169 -16.35 50.51 -31.32
N LEU D 170 -16.43 49.69 -32.37
CA LEU D 170 -15.84 48.36 -32.35
C LEU D 170 -14.33 48.41 -32.15
N ILE D 171 -13.66 49.29 -32.91
CA ILE D 171 -12.22 49.45 -32.78
C ILE D 171 -11.83 49.89 -31.38
N HIS D 172 -12.58 50.85 -30.82
CA HIS D 172 -12.26 51.35 -29.50
C HIS D 172 -12.54 50.30 -28.43
N THR D 173 -13.54 49.46 -28.61
CA THR D 173 -13.83 48.42 -27.63
C THR D 173 -12.75 47.35 -27.62
N ILE D 174 -12.24 46.99 -28.81
CA ILE D 174 -11.14 46.03 -28.91
C ILE D 174 -9.89 46.58 -28.23
N ILE D 175 -9.57 47.85 -28.49
CA ILE D 175 -8.41 48.48 -27.86
C ILE D 175 -8.59 48.58 -26.36
N LEU D 176 -9.83 48.82 -25.90
CA LEU D 176 -10.11 48.90 -24.47
C LEU D 176 -9.90 47.57 -23.77
N MET D 177 -10.40 46.47 -24.35
CA MET D 177 -10.31 45.19 -23.65
C MET D 177 -8.90 44.63 -23.68
N VAL D 178 -8.19 44.79 -24.81
CA VAL D 178 -6.84 44.27 -24.83
C VAL D 178 -5.87 45.20 -24.10
N SER D 179 -6.19 46.49 -23.97
CA SER D 179 -5.45 47.29 -23.02
C SER D 179 -5.85 46.98 -21.59
N SER D 180 -7.00 46.34 -21.36
CA SER D 180 -7.29 45.89 -20.01
C SER D 180 -6.46 44.69 -19.62
N ASN D 181 -6.16 43.79 -20.57
CA ASN D 181 -5.45 42.58 -20.19
C ASN D 181 -4.16 42.30 -20.95
N PHE D 182 -3.44 43.32 -21.46
CA PHE D 182 -2.09 43.00 -21.94
C PHE D 182 -1.04 43.24 -20.89
N TRP D 183 -1.41 43.89 -19.78
CA TRP D 183 -0.65 43.81 -18.53
C TRP D 183 -0.37 42.37 -18.12
N PHE D 184 -1.32 41.49 -18.39
CA PHE D 184 -1.37 40.16 -17.82
C PHE D 184 -0.67 39.12 -18.68
N LYS D 185 -0.53 39.36 -19.99
CA LYS D 185 0.01 38.37 -20.90
C LYS D 185 1.28 38.87 -21.58
N TYR D 186 2.03 39.65 -20.89
CA TYR D 186 3.34 40.07 -21.37
C TYR D 186 4.37 39.05 -20.95
N PRO D 187 5.31 38.68 -21.82
CA PRO D 187 6.14 37.49 -21.56
C PRO D 187 7.15 37.66 -20.44
N LYS D 188 7.73 38.86 -20.26
CA LYS D 188 8.51 39.11 -19.05
C LYS D 188 7.63 39.09 -17.82
N THR D 189 6.35 39.43 -17.98
CA THR D 189 5.45 39.57 -16.85
C THR D 189 4.80 38.25 -16.48
N CYS D 190 4.36 37.47 -17.49
CA CYS D 190 3.48 36.33 -17.25
C CYS D 190 4.20 35.20 -16.54
N SER D 191 5.53 35.18 -16.61
CA SER D 191 6.33 34.15 -15.97
C SER D 191 6.14 34.12 -14.47
N LYS D 192 6.46 35.23 -13.81
CA LYS D 192 6.40 35.27 -12.35
C LYS D 192 4.96 35.32 -11.85
N VAL D 193 4.03 35.79 -12.68
CA VAL D 193 2.63 35.77 -12.28
C VAL D 193 2.08 34.35 -12.29
N GLU D 194 2.34 33.62 -13.39
CA GLU D 194 2.01 32.20 -13.46
C GLU D 194 2.66 31.41 -12.34
N HIS D 195 3.92 31.72 -12.08
CA HIS D 195 4.65 31.03 -11.02
C HIS D 195 4.08 31.35 -9.65
N PHE D 196 3.61 32.58 -9.45
CA PHE D 196 3.03 32.95 -8.16
C PHE D 196 1.68 32.31 -7.94
N VAL D 197 0.88 32.18 -9.00
CA VAL D 197 -0.40 31.50 -8.85
C VAL D 197 -0.19 30.02 -8.62
N SER D 198 0.87 29.46 -9.23
CA SER D 198 1.24 28.07 -8.94
C SER D 198 1.71 27.92 -7.49
N ILE D 199 2.48 28.89 -6.99
CA ILE D 199 2.95 28.86 -5.59
C ILE D 199 1.78 28.91 -4.62
N LEU D 200 0.82 29.80 -4.87
CA LEU D 200 -0.31 29.91 -3.94
C LEU D 200 -1.25 28.72 -4.06
N GLY D 201 -1.39 28.16 -5.25
CA GLY D 201 -2.21 26.96 -5.41
C GLY D 201 -1.61 25.75 -4.72
N LYS D 202 -0.28 25.60 -4.79
CA LYS D 202 0.36 24.53 -4.05
C LYS D 202 0.40 24.83 -2.55
N CYS D 203 0.38 26.09 -2.16
CA CYS D 203 0.40 26.46 -0.77
C CYS D 203 -0.96 26.30 -0.11
N PHE D 204 -2.04 26.31 -0.89
CA PHE D 204 -3.35 26.10 -0.29
C PHE D 204 -3.68 24.62 -0.10
N GLU D 205 -2.95 23.73 -0.76
CA GLU D 205 -3.28 22.31 -0.75
C GLU D 205 -2.46 21.52 0.27
N SER D 206 -1.91 22.19 1.28
CA SER D 206 -1.19 21.49 2.33
C SER D 206 -2.02 21.50 3.61
N PRO D 207 -2.53 20.35 4.08
CA PRO D 207 -3.38 20.36 5.28
C PRO D 207 -2.64 20.58 6.58
N TRP D 208 -1.30 20.58 6.56
CA TRP D 208 -0.55 20.99 7.74
C TRP D 208 -0.84 22.43 8.12
N THR D 209 -1.08 23.30 7.13
CA THR D 209 -1.35 24.71 7.40
C THR D 209 -2.63 24.88 8.21
N THR D 210 -3.70 24.18 7.82
CA THR D 210 -4.92 24.25 8.62
C THR D 210 -4.80 23.44 9.90
N LYS D 211 -3.89 22.46 9.98
CA LYS D 211 -3.65 21.80 11.26
C LYS D 211 -2.97 22.73 12.26
N ALA D 212 -1.95 23.47 11.80
CA ALA D 212 -1.26 24.42 12.66
C ALA D 212 -2.12 25.62 12.99
N LEU D 213 -3.05 25.99 12.11
CA LEU D 213 -4.03 27.01 12.46
C LEU D 213 -5.09 26.49 13.41
N SER D 214 -5.40 25.19 13.35
CA SER D 214 -6.26 24.60 14.36
C SER D 214 -5.58 24.54 15.71
N GLU D 215 -4.24 24.43 15.72
CA GLU D 215 -3.50 24.58 16.96
C GLU D 215 -3.36 26.05 17.34
N THR D 216 -2.89 26.88 16.42
CA THR D 216 -2.78 28.32 16.65
C THR D 216 -2.99 29.09 15.36
N ASP D 277 -1.56 12.67 7.38
CA ASP D 277 -0.26 13.17 7.82
C ASP D 277 0.87 12.41 7.13
N LYS D 278 2.09 12.62 7.63
CA LYS D 278 3.33 11.92 7.28
C LYS D 278 3.78 12.10 5.84
N LYS D 279 3.11 12.93 5.04
CA LYS D 279 3.55 13.27 3.69
C LYS D 279 3.64 14.77 3.50
N ASP D 280 2.65 15.50 4.01
CA ASP D 280 2.60 16.95 3.86
C ASP D 280 3.71 17.66 4.63
N GLY D 281 4.35 16.99 5.58
CA GLY D 281 5.53 17.52 6.23
C GLY D 281 6.69 17.78 5.29
N GLU D 282 7.15 16.73 4.60
CA GLU D 282 8.23 16.92 3.64
C GLU D 282 7.75 17.64 2.38
N GLN D 283 6.46 17.52 2.04
CA GLN D 283 5.92 18.34 0.96
C GLN D 283 5.98 19.82 1.29
N ALA D 284 5.60 20.21 2.50
CA ALA D 284 5.68 21.59 2.93
C ALA D 284 7.11 22.04 3.17
N LYS D 285 8.04 21.11 3.46
CA LYS D 285 9.43 21.49 3.58
C LYS D 285 10.03 21.85 2.22
N ALA D 286 9.77 21.01 1.22
CA ALA D 286 10.16 21.36 -0.14
C ALA D 286 9.44 22.60 -0.64
N LEU D 287 8.21 22.82 -0.17
CA LEU D 287 7.48 24.00 -0.59
C LEU D 287 7.99 25.25 0.11
N PHE D 288 8.48 25.11 1.36
CA PHE D 288 9.24 26.17 2.03
C PHE D 288 10.43 26.59 1.19
N GLU D 289 11.14 25.59 0.66
CA GLU D 289 12.31 25.92 -0.14
C GLU D 289 11.93 26.60 -1.45
N LYS D 290 10.84 26.15 -2.08
CA LYS D 290 10.29 26.86 -3.23
C LYS D 290 9.87 28.28 -2.88
N VAL D 291 9.32 28.47 -1.67
CA VAL D 291 8.81 29.78 -1.27
C VAL D 291 9.94 30.77 -1.11
N ARG D 292 11.01 30.41 -0.39
CA ARG D 292 12.05 31.42 -0.23
C ARG D 292 12.94 31.51 -1.46
N LYS D 293 12.94 30.50 -2.33
CA LYS D 293 13.55 30.67 -3.65
C LYS D 293 12.80 31.71 -4.47
N PHE D 294 11.47 31.61 -4.50
CA PHE D 294 10.60 32.59 -5.14
C PHE D 294 10.75 33.97 -4.52
N ARG D 295 10.93 34.00 -3.20
CA ARG D 295 11.17 35.26 -2.50
C ARG D 295 12.47 35.90 -2.97
N ALA D 296 13.52 35.09 -3.14
CA ALA D 296 14.77 35.60 -3.68
C ALA D 296 14.66 35.97 -5.15
N HIS D 297 13.67 35.43 -5.86
CA HIS D 297 13.56 35.71 -7.28
C HIS D 297 13.02 37.11 -7.55
N VAL D 298 11.79 37.39 -7.12
CA VAL D 298 11.07 38.58 -7.57
C VAL D 298 11.40 39.71 -6.58
N GLU D 299 12.59 40.30 -6.77
CA GLU D 299 12.98 41.48 -5.99
C GLU D 299 13.70 42.45 -6.92
N ASP D 300 12.92 43.30 -7.59
CA ASP D 300 13.43 44.36 -8.45
C ASP D 300 12.46 45.52 -8.36
N SER D 301 12.79 46.61 -9.05
CA SER D 301 11.76 47.59 -9.35
C SER D 301 10.89 46.96 -10.42
N ASP D 302 9.83 46.29 -10.01
CA ASP D 302 9.21 45.27 -10.83
C ASP D 302 8.38 45.88 -11.96
N LEU D 303 8.21 45.09 -13.02
CA LEU D 303 7.36 45.48 -14.12
C LEU D 303 5.88 45.32 -13.81
N ILE D 304 5.53 44.67 -12.70
CA ILE D 304 4.12 44.50 -12.35
C ILE D 304 3.50 45.85 -12.02
N TYR D 305 4.08 46.56 -11.06
CA TYR D 305 3.54 47.84 -10.61
C TYR D 305 3.63 48.90 -11.71
N LYS D 306 4.81 49.01 -12.34
CA LYS D 306 5.01 50.01 -13.39
C LYS D 306 4.13 49.74 -14.60
N LEU D 307 4.05 48.46 -15.01
CA LEU D 307 3.22 48.07 -16.14
C LEU D 307 1.74 48.30 -15.86
N TYR D 308 1.30 47.98 -14.65
CA TYR D 308 -0.10 48.17 -14.31
C TYR D 308 -0.47 49.65 -14.25
N VAL D 309 0.44 50.49 -13.76
CA VAL D 309 0.19 51.93 -13.72
C VAL D 309 0.10 52.51 -15.12
N VAL D 310 1.06 52.17 -16.00
CA VAL D 310 1.03 52.77 -17.33
C VAL D 310 -0.13 52.20 -18.15
N GLN D 311 -0.52 50.96 -17.87
CA GLN D 311 -1.69 50.35 -18.50
C GLN D 311 -2.97 51.05 -18.10
N THR D 312 -3.12 51.33 -16.80
CA THR D 312 -4.33 51.99 -16.33
C THR D 312 -4.41 53.42 -16.85
N VAL D 313 -3.29 54.14 -16.89
CA VAL D 313 -3.38 55.52 -17.36
C VAL D 313 -3.57 55.58 -18.86
N ILE D 314 -3.13 54.55 -19.61
CA ILE D 314 -3.41 54.64 -21.05
C ILE D 314 -4.86 54.26 -21.35
N LYS D 315 -5.48 53.37 -20.57
CA LYS D 315 -6.89 53.14 -20.85
C LYS D 315 -7.77 54.27 -20.30
N THR D 316 -7.30 54.97 -19.27
CA THR D 316 -7.99 56.18 -18.83
C THR D 316 -7.85 57.28 -19.86
N ALA D 317 -6.71 57.35 -20.53
CA ALA D 317 -6.55 58.31 -21.63
C ALA D 317 -7.49 57.99 -22.78
N LYS D 318 -7.70 56.71 -23.07
CA LYS D 318 -8.67 56.34 -24.11
C LYS D 318 -10.10 56.72 -23.71
N PHE D 319 -10.44 56.55 -22.43
CA PHE D 319 -11.71 57.04 -21.90
C PHE D 319 -11.89 58.54 -22.11
N ILE D 320 -10.89 59.32 -21.69
CA ILE D 320 -10.92 60.77 -21.83
C ILE D 320 -11.03 61.17 -23.30
N PHE D 321 -10.36 60.41 -24.17
CA PHE D 321 -10.37 60.69 -25.60
C PHE D 321 -11.76 60.54 -26.20
N ILE D 322 -12.41 59.40 -25.96
CA ILE D 322 -13.70 59.24 -26.63
C ILE D 322 -14.80 60.06 -25.95
N LEU D 323 -14.72 60.30 -24.64
CA LEU D 323 -15.77 61.12 -24.07
C LEU D 323 -15.53 62.60 -24.35
N CYS D 324 -14.30 62.99 -24.69
CA CYS D 324 -14.08 64.34 -25.17
C CYS D 324 -14.58 64.51 -26.60
N TYR D 325 -14.46 63.46 -27.43
CA TYR D 325 -14.99 63.57 -28.79
C TYR D 325 -16.51 63.55 -28.83
N THR D 326 -17.13 62.55 -28.20
CA THR D 326 -18.52 62.23 -28.53
C THR D 326 -19.54 63.22 -27.99
N ALA D 327 -19.15 64.12 -27.08
CA ALA D 327 -20.10 65.12 -26.59
C ALA D 327 -20.47 66.11 -27.69
N ASN D 328 -19.52 66.41 -28.58
CA ASN D 328 -19.70 67.42 -29.60
C ASN D 328 -20.81 67.04 -30.57
N PHE D 329 -20.93 65.76 -30.90
CA PHE D 329 -21.95 65.33 -31.85
C PHE D 329 -23.03 64.47 -31.23
N VAL D 330 -23.02 64.25 -29.92
CA VAL D 330 -24.31 63.95 -29.32
C VAL D 330 -25.06 65.25 -29.09
N ASN D 331 -24.33 66.37 -29.05
CA ASN D 331 -24.97 67.68 -28.99
C ASN D 331 -25.76 67.96 -30.27
N ALA D 332 -25.22 67.60 -31.43
CA ALA D 332 -25.81 67.99 -32.71
C ALA D 332 -25.81 66.82 -33.68
N ILE D 333 -26.94 66.10 -33.72
CA ILE D 333 -27.23 65.16 -34.78
C ILE D 333 -28.45 65.73 -35.52
N SER D 334 -28.66 65.30 -36.76
CA SER D 334 -29.71 65.89 -37.56
C SER D 334 -30.47 64.81 -38.32
N PHE D 335 -31.69 65.16 -38.71
CA PHE D 335 -32.58 64.26 -39.41
C PHE D 335 -32.79 64.62 -40.87
N GLU D 336 -32.76 65.91 -41.21
CA GLU D 336 -32.92 66.36 -42.58
C GLU D 336 -31.70 67.14 -43.01
N HIS D 337 -31.29 66.96 -44.27
CA HIS D 337 -30.03 67.53 -44.75
C HIS D 337 -30.25 68.10 -46.15
N VAL D 338 -30.12 69.41 -46.26
CA VAL D 338 -30.06 70.06 -47.55
C VAL D 338 -28.72 69.75 -48.19
N CYS D 339 -28.69 69.59 -49.51
CA CYS D 339 -27.44 69.32 -50.19
C CYS D 339 -27.40 70.01 -51.54
N LYS D 340 -26.18 70.41 -51.90
CA LYS D 340 -25.88 71.03 -53.20
C LYS D 340 -24.57 70.44 -53.71
N PRO D 341 -24.61 69.31 -54.40
CA PRO D 341 -23.43 68.79 -55.08
C PRO D 341 -23.22 69.50 -56.41
N LYS D 342 -22.23 69.01 -57.15
CA LYS D 342 -21.85 69.61 -58.42
C LYS D 342 -22.51 68.95 -59.61
N VAL D 343 -23.46 68.04 -59.39
CA VAL D 343 -24.05 67.27 -60.51
C VAL D 343 -25.25 68.07 -61.02
N GLU D 344 -24.95 69.04 -61.86
CA GLU D 344 -25.99 69.85 -62.48
C GLU D 344 -26.17 69.54 -63.95
N HIS D 345 -25.08 69.28 -64.67
CA HIS D 345 -25.14 68.82 -66.04
C HIS D 345 -25.38 67.32 -66.15
N LEU D 346 -25.78 66.67 -65.06
CA LEU D 346 -26.19 65.28 -65.06
C LEU D 346 -27.68 65.10 -64.88
N ILE D 347 -28.29 65.89 -64.00
CA ILE D 347 -29.73 65.87 -63.80
C ILE D 347 -30.27 67.29 -63.92
N GLY D 348 -29.67 68.21 -63.18
CA GLY D 348 -30.26 69.50 -62.91
C GLY D 348 -30.45 69.60 -61.42
N TYR D 349 -31.29 70.55 -60.96
CA TYR D 349 -31.78 70.61 -59.59
C TYR D 349 -30.65 70.74 -58.56
N GLU D 350 -30.02 71.92 -58.59
CA GLU D 350 -28.79 72.18 -57.83
C GLU D 350 -28.99 72.04 -56.32
N VAL D 351 -30.18 72.33 -55.81
CA VAL D 351 -30.44 72.25 -54.38
C VAL D 351 -31.56 71.24 -54.14
N PHE D 352 -31.28 70.25 -53.28
CA PHE D 352 -32.25 69.21 -52.99
C PHE D 352 -31.92 68.60 -51.65
N GLU D 353 -32.91 67.97 -51.01
CA GLU D 353 -32.63 67.50 -49.66
C GLU D 353 -32.95 66.03 -49.48
N CYS D 354 -32.18 65.42 -48.59
CA CYS D 354 -32.38 64.05 -48.12
C CYS D 354 -32.88 64.05 -46.69
N THR D 355 -33.53 62.95 -46.35
CA THR D 355 -33.58 62.50 -44.98
C THR D 355 -32.74 61.23 -44.83
N HIS D 356 -32.05 61.17 -43.70
CA HIS D 356 -31.28 60.06 -43.22
C HIS D 356 -32.17 59.18 -42.35
N ASN D 357 -31.81 57.92 -42.23
CA ASN D 357 -32.69 56.95 -41.58
C ASN D 357 -32.21 56.53 -40.21
N MET D 358 -31.04 56.97 -39.77
CA MET D 358 -30.52 56.46 -38.51
C MET D 358 -30.92 57.29 -37.31
N ALA D 359 -31.38 58.52 -37.54
CA ALA D 359 -31.19 59.62 -36.59
C ALA D 359 -31.78 59.33 -35.22
N TYR D 360 -33.00 58.80 -35.19
CA TYR D 360 -33.63 58.56 -33.89
C TYR D 360 -33.01 57.36 -33.18
N MET D 361 -32.89 56.23 -33.88
CA MET D 361 -32.34 55.03 -33.26
C MET D 361 -30.86 55.19 -32.95
N LEU D 362 -30.10 55.81 -33.86
CA LEU D 362 -28.68 56.00 -33.58
C LEU D 362 -28.46 57.03 -32.49
N LYS D 363 -29.34 58.02 -32.38
CA LYS D 363 -29.18 59.01 -31.32
C LYS D 363 -29.47 58.40 -29.95
N LYS D 364 -30.50 57.55 -29.86
CA LYS D 364 -30.80 56.90 -28.60
C LYS D 364 -29.74 55.87 -28.23
N LEU D 365 -29.21 55.17 -29.23
CA LEU D 365 -28.16 54.21 -28.95
C LEU D 365 -26.86 54.92 -28.58
N LEU D 366 -26.65 56.11 -29.12
CA LEU D 366 -25.49 56.90 -28.76
C LEU D 366 -25.58 57.38 -27.32
N ILE D 367 -26.76 57.77 -26.85
CA ILE D 367 -26.81 58.23 -25.45
C ILE D 367 -26.71 57.05 -24.48
N SER D 368 -27.16 55.86 -24.88
CA SER D 368 -26.91 54.69 -24.04
C SER D 368 -25.42 54.35 -23.99
N TYR D 369 -24.73 54.52 -25.11
CA TYR D 369 -23.28 54.31 -25.15
C TYR D 369 -22.55 55.31 -24.27
N ILE D 370 -23.01 56.56 -24.26
CA ILE D 370 -22.40 57.59 -23.42
C ILE D 370 -22.59 57.26 -21.95
N SER D 371 -23.77 56.74 -21.59
CA SER D 371 -24.03 56.34 -20.20
C SER D 371 -23.11 55.20 -19.77
N ILE D 372 -22.93 54.20 -20.64
CA ILE D 372 -22.07 53.07 -20.32
C ILE D 372 -20.61 53.50 -20.13
N ILE D 373 -20.11 54.34 -21.04
CA ILE D 373 -18.73 54.77 -20.93
C ILE D 373 -18.55 55.74 -19.76
N CYS D 374 -19.58 56.49 -19.41
CA CYS D 374 -19.53 57.36 -18.23
C CYS D 374 -19.39 56.54 -16.95
N VAL D 375 -20.16 55.47 -16.83
CA VAL D 375 -20.04 54.59 -15.65
C VAL D 375 -18.68 53.90 -15.64
N TYR D 376 -18.17 53.53 -16.81
CA TYR D 376 -16.87 52.87 -16.89
C TYR D 376 -15.76 53.78 -16.42
N GLY D 377 -15.71 55.00 -16.95
CA GLY D 377 -14.67 55.93 -16.54
C GLY D 377 -14.83 56.39 -15.10
N PHE D 378 -16.07 56.44 -14.61
CA PHE D 378 -16.34 56.72 -13.20
C PHE D 378 -15.66 55.69 -12.30
N ILE D 379 -15.98 54.40 -12.52
CA ILE D 379 -15.40 53.32 -11.72
C ILE D 379 -13.89 53.28 -11.87
N CYS D 380 -13.40 53.43 -13.12
CA CYS D 380 -11.98 53.37 -13.41
C CYS D 380 -11.21 54.47 -12.68
N LEU D 381 -11.59 55.73 -12.89
CA LEU D 381 -10.86 56.84 -12.31
C LEU D 381 -10.98 56.85 -10.80
N TYR D 382 -12.18 56.61 -10.26
CA TYR D 382 -12.46 56.59 -8.83
C TYR D 382 -11.60 55.55 -8.10
N THR D 383 -11.81 54.27 -8.42
CA THR D 383 -11.12 53.23 -7.68
C THR D 383 -9.63 53.20 -8.01
N LEU D 384 -9.23 53.61 -9.22
CA LEU D 384 -7.82 53.49 -9.54
C LEU D 384 -7.01 54.67 -9.06
N PHE D 385 -7.57 55.88 -9.02
CA PHE D 385 -6.90 56.98 -8.35
C PHE D 385 -6.79 56.73 -6.85
N TRP D 386 -7.85 56.18 -6.22
CA TRP D 386 -7.73 55.94 -4.79
C TRP D 386 -6.79 54.77 -4.48
N LEU D 387 -6.72 53.75 -5.34
CA LEU D 387 -5.78 52.67 -5.09
C LEU D 387 -4.36 53.07 -5.43
N PHE D 388 -4.18 54.05 -6.31
CA PHE D 388 -2.83 54.57 -6.51
C PHE D 388 -2.40 55.46 -5.36
N ARG D 389 -3.32 56.26 -4.81
CA ARG D 389 -2.91 57.29 -3.87
C ARG D 389 -2.89 56.82 -2.42
N ILE D 390 -3.88 56.04 -1.99
CA ILE D 390 -4.05 55.74 -0.57
C ILE D 390 -2.95 54.83 -0.01
N PRO D 391 -2.58 53.69 -0.61
CA PRO D 391 -1.40 52.99 -0.09
C PRO D 391 -0.13 53.49 -0.76
N LEU D 392 0.99 52.88 -0.35
CA LEU D 392 2.23 53.07 -1.09
C LEU D 392 2.46 51.93 -2.09
N LYS D 393 1.78 50.81 -1.90
CA LYS D 393 1.74 49.58 -2.71
C LYS D 393 3.05 48.79 -2.69
N GLU D 394 4.11 49.30 -2.09
CA GLU D 394 5.24 48.50 -1.65
C GLU D 394 5.16 48.23 -0.15
N TYR D 395 4.03 48.56 0.46
CA TYR D 395 3.75 48.31 1.87
C TYR D 395 3.13 46.94 2.10
N SER D 396 3.33 45.99 1.18
CA SER D 396 2.98 44.61 1.46
C SER D 396 3.84 44.08 2.60
N PHE D 397 5.07 44.60 2.73
CA PHE D 397 5.85 44.47 3.95
C PHE D 397 5.07 44.86 5.19
N GLU D 398 4.41 46.02 5.13
CA GLU D 398 3.65 46.52 6.27
C GLU D 398 2.44 45.64 6.56
N LYS D 399 1.79 45.13 5.51
CA LYS D 399 0.59 44.33 5.79
C LYS D 399 0.94 42.93 6.29
N VAL D 400 2.01 42.33 5.78
CA VAL D 400 2.46 41.06 6.35
C VAL D 400 3.05 41.29 7.74
N ARG D 401 3.55 42.50 8.00
CA ARG D 401 4.03 42.84 9.34
C ARG D 401 2.88 42.93 10.34
N GLU D 402 1.77 43.55 9.93
CA GLU D 402 0.57 43.56 10.77
C GLU D 402 0.02 42.15 10.95
N GLU D 403 0.03 41.36 9.87
CA GLU D 403 -0.38 39.96 9.93
C GLU D 403 0.47 39.17 10.92
N SER D 404 1.77 39.42 10.95
CA SER D 404 2.64 38.80 11.95
C SER D 404 2.36 39.35 13.34
N SER D 405 1.92 40.60 13.44
CA SER D 405 1.68 41.21 14.73
C SER D 405 0.46 40.60 15.42
N PHE D 406 -0.59 40.26 14.66
CA PHE D 406 -1.71 39.57 15.28
C PHE D 406 -1.76 38.08 14.97
N SER D 407 -0.76 37.53 14.29
CA SER D 407 -0.85 36.16 13.81
C SER D 407 -0.44 35.12 14.83
N ASP D 408 0.28 35.53 15.89
CA ASP D 408 0.82 34.74 17.00
C ASP D 408 1.96 33.82 16.54
N ILE D 409 2.26 33.76 15.25
CA ILE D 409 3.44 33.09 14.72
C ILE D 409 4.15 34.14 13.89
N PRO D 410 5.18 34.81 14.42
CA PRO D 410 5.80 35.93 13.69
C PRO D 410 6.53 35.51 12.43
N ASP D 411 6.00 35.93 11.28
CA ASP D 411 6.54 35.58 9.97
C ASP D 411 7.67 36.55 9.62
N VAL D 412 8.11 36.49 8.35
CA VAL D 412 9.25 37.29 7.92
C VAL D 412 8.88 38.77 7.83
N LYS D 413 7.61 39.08 7.60
CA LYS D 413 6.98 40.37 7.83
C LYS D 413 7.51 41.50 6.96
N ASN D 414 8.23 41.19 5.88
CA ASN D 414 8.79 42.22 5.03
C ASN D 414 8.89 41.69 3.60
N ASP D 415 8.45 42.50 2.65
CA ASP D 415 8.41 42.09 1.25
C ASP D 415 8.26 43.35 0.40
N PHE D 416 8.97 43.38 -0.73
CA PHE D 416 9.11 44.58 -1.54
C PHE D 416 8.54 44.38 -2.93
N ALA D 417 7.85 45.41 -3.44
CA ALA D 417 7.34 45.50 -4.81
C ALA D 417 6.40 44.35 -5.13
N PHE D 418 5.59 43.99 -4.15
CA PHE D 418 4.98 42.69 -4.14
C PHE D 418 3.49 42.78 -4.44
N LEU D 419 2.95 41.64 -4.83
CA LEU D 419 1.68 41.53 -5.52
C LEU D 419 0.51 41.25 -4.59
N LEU D 420 0.78 40.90 -3.33
CA LEU D 420 -0.14 40.05 -2.58
C LEU D 420 -1.39 40.78 -2.12
N HIS D 421 -1.35 42.11 -2.02
CA HIS D 421 -2.55 42.78 -1.55
C HIS D 421 -3.62 42.92 -2.63
N MET D 422 -3.28 42.63 -3.89
CA MET D 422 -4.32 42.39 -4.89
C MET D 422 -5.10 41.12 -4.55
N VAL D 423 -4.38 40.07 -4.14
CA VAL D 423 -5.03 38.84 -3.69
C VAL D 423 -5.82 39.10 -2.41
N ASP D 424 -5.32 40.01 -1.56
CA ASP D 424 -6.07 40.41 -0.37
C ASP D 424 -7.37 41.12 -0.74
N GLN D 425 -7.33 41.95 -1.79
CA GLN D 425 -8.56 42.52 -2.32
C GLN D 425 -9.50 41.43 -2.85
N TYR D 426 -8.94 40.36 -3.41
CA TYR D 426 -9.77 39.20 -3.71
C TYR D 426 -10.23 38.51 -2.42
N ASP D 427 -9.29 37.99 -1.63
CA ASP D 427 -9.62 37.34 -0.36
C ASP D 427 -8.47 37.50 0.64
N GLN D 428 -8.84 37.80 1.89
CA GLN D 428 -7.85 37.90 2.95
C GLN D 428 -7.30 36.53 3.35
N LEU D 429 -8.08 35.47 3.16
CA LEU D 429 -7.71 34.14 3.65
C LEU D 429 -6.51 33.58 2.90
N TYR D 430 -6.44 33.81 1.59
CA TYR D 430 -5.29 33.37 0.81
C TYR D 430 -4.03 34.19 1.07
N SER D 431 -4.14 35.31 1.79
CA SER D 431 -2.96 36.01 2.27
C SER D 431 -2.58 35.54 3.66
N LYS D 432 -3.58 35.26 4.51
CA LYS D 432 -3.33 34.81 5.88
C LYS D 432 -2.66 33.45 5.90
N ARG D 433 -3.26 32.48 5.22
CA ARG D 433 -2.73 31.12 5.20
C ARG D 433 -1.37 31.07 4.48
N PHE D 434 -1.14 31.98 3.53
CA PHE D 434 0.17 32.05 2.88
C PHE D 434 1.21 32.65 3.81
N GLY D 435 0.87 33.74 4.49
CA GLY D 435 1.82 34.39 5.39
C GLY D 435 2.17 33.56 6.61
N VAL D 436 1.27 32.65 7.02
CA VAL D 436 1.66 31.65 8.01
C VAL D 436 2.78 30.76 7.48
N PHE D 437 2.67 30.37 6.21
CA PHE D 437 3.59 29.42 5.60
C PHE D 437 4.96 30.03 5.34
N LEU D 438 5.09 31.35 5.43
CA LEU D 438 6.37 32.01 5.26
C LEU D 438 7.22 32.00 6.53
N SER D 439 6.61 31.72 7.67
CA SER D 439 7.28 31.87 8.96
C SER D 439 8.31 30.78 9.20
N GLU D 440 9.52 31.19 9.59
CA GLU D 440 10.61 30.24 9.81
C GLU D 440 10.51 29.54 11.16
N VAL D 441 9.86 30.15 12.16
CA VAL D 441 9.67 29.44 13.42
C VAL D 441 8.61 28.37 13.23
N SER D 442 7.69 28.57 12.29
CA SER D 442 6.73 27.52 11.98
C SER D 442 7.39 26.46 11.09
N GLU D 443 8.42 26.86 10.35
CA GLU D 443 9.30 25.88 9.70
C GLU D 443 10.05 25.05 10.75
N ASN D 444 10.42 25.68 11.87
CA ASN D 444 11.05 24.94 12.95
C ASN D 444 10.06 24.00 13.63
N LYS D 445 8.79 24.43 13.71
CA LYS D 445 7.71 23.52 14.13
C LYS D 445 7.63 22.30 13.23
N LEU D 446 7.71 22.49 11.91
CA LEU D 446 7.69 21.34 11.01
C LEU D 446 8.91 20.45 11.16
N ARG D 447 10.11 21.04 11.27
CA ARG D 447 11.27 20.18 11.42
C ARG D 447 11.39 19.56 12.81
N GLU D 448 10.56 19.97 13.76
CA GLU D 448 10.48 19.30 15.04
C GLU D 448 9.44 18.17 15.03
N ILE D 449 8.22 18.48 14.57
CA ILE D 449 7.14 17.49 14.52
C ILE D 449 7.44 16.38 13.50
N SER D 450 8.13 16.70 12.41
CA SER D 450 8.48 15.67 11.42
C SER D 450 9.45 14.65 11.99
N LEU D 451 10.44 15.10 12.76
CA LEU D 451 11.39 14.18 13.35
C LEU D 451 10.75 13.38 14.47
N ASN D 452 9.95 14.03 15.31
CA ASN D 452 9.29 13.29 16.39
C ASN D 452 8.16 12.40 15.90
N HIS D 453 7.72 12.55 14.65
CA HIS D 453 6.77 11.61 14.08
C HIS D 453 7.45 10.49 13.30
N GLU D 454 8.60 10.75 12.67
CA GLU D 454 9.22 9.71 11.87
C GLU D 454 9.94 8.67 12.72
N TRP D 455 10.46 9.05 13.88
CA TRP D 455 11.13 8.12 14.79
C TRP D 455 10.12 7.70 15.84
N THR D 456 9.44 6.59 15.57
CA THR D 456 8.41 6.09 16.46
C THR D 456 9.04 5.33 17.63
N PHE D 457 8.21 4.60 18.38
CA PHE D 457 8.66 3.97 19.61
C PHE D 457 9.60 2.79 19.33
N GLU D 458 9.10 1.79 18.61
CA GLU D 458 9.82 0.52 18.51
C GLU D 458 10.99 0.58 17.53
N LYS D 459 10.95 1.49 16.55
CA LYS D 459 12.01 1.51 15.54
C LYS D 459 13.32 2.06 16.08
N LEU D 460 13.31 2.72 17.24
CA LEU D 460 14.54 3.11 17.92
C LEU D 460 14.88 2.18 19.08
N ARG D 461 14.44 0.93 19.00
CA ARG D 461 14.79 -0.10 19.98
C ARG D 461 15.70 -1.17 19.42
N GLN D 462 15.56 -1.50 18.12
CA GLN D 462 16.44 -2.48 17.50
C GLN D 462 17.84 -1.94 17.28
N HIS D 463 18.01 -0.63 17.28
CA HIS D 463 19.27 0.02 16.92
C HIS D 463 20.10 0.37 18.15
N ILE D 464 20.03 -0.45 19.21
CA ILE D 464 20.49 -0.05 20.53
C ILE D 464 21.53 -0.98 21.14
N SER D 465 21.17 -2.25 21.32
CA SER D 465 21.66 -3.07 22.43
C SER D 465 22.82 -3.99 22.06
N ARG D 466 23.76 -3.56 21.22
CA ARG D 466 24.79 -4.47 20.72
C ARG D 466 26.06 -4.47 21.59
N ASN D 467 26.75 -3.33 21.68
CA ASN D 467 28.12 -3.28 22.18
C ASN D 467 28.15 -3.28 23.71
N ALA D 468 27.72 -4.39 24.29
CA ALA D 468 27.81 -4.77 25.70
C ALA D 468 27.02 -3.87 26.67
N GLN D 469 26.37 -2.82 26.17
CA GLN D 469 25.54 -1.91 26.93
C GLN D 469 24.41 -1.48 26.01
N ASP D 470 23.73 -0.39 26.35
CA ASP D 470 22.66 0.15 25.53
C ASP D 470 23.00 1.59 25.16
N LYS D 471 23.29 1.83 23.88
CA LYS D 471 23.67 3.16 23.43
C LYS D 471 22.63 3.75 22.48
N GLN D 472 22.45 5.07 22.59
CA GLN D 472 21.73 5.84 21.57
C GLN D 472 22.72 6.09 20.44
N GLU D 473 22.69 5.22 19.43
CA GLU D 473 23.40 5.47 18.19
C GLU D 473 22.38 5.76 17.09
N LEU D 474 22.54 6.91 16.44
CA LEU D 474 21.68 7.30 15.33
C LEU D 474 22.40 8.38 14.54
N HIS D 475 22.30 8.31 13.22
CA HIS D 475 22.99 9.23 12.31
C HIS D 475 22.27 10.57 12.36
N LEU D 476 22.68 11.41 13.30
CA LEU D 476 21.97 12.63 13.69
C LEU D 476 22.39 13.84 12.85
N PHE D 477 23.16 13.62 11.77
CA PHE D 477 23.61 14.72 10.91
C PHE D 477 22.47 15.41 10.19
N MET D 478 21.36 14.71 9.95
CA MET D 478 20.17 15.32 9.37
C MET D 478 19.14 15.67 10.44
N LEU D 479 19.23 15.07 11.62
CA LEU D 479 18.30 15.28 12.71
C LEU D 479 18.47 16.70 13.25
N SER D 480 17.55 17.60 12.90
CA SER D 480 17.63 18.99 13.34
C SER D 480 17.40 19.12 14.84
N GLY D 481 16.49 18.30 15.39
CA GLY D 481 16.33 18.16 16.81
C GLY D 481 16.71 16.77 17.28
N VAL D 482 16.31 16.45 18.50
CA VAL D 482 16.49 15.10 19.02
C VAL D 482 15.14 14.40 18.99
N PRO D 483 15.07 13.14 18.56
CA PRO D 483 13.80 12.42 18.58
C PRO D 483 13.39 12.11 20.00
N ASP D 484 12.36 12.78 20.50
CA ASP D 484 11.99 12.65 21.91
C ASP D 484 11.25 11.36 22.24
N ALA D 485 11.16 10.43 21.29
CA ALA D 485 10.79 9.05 21.59
C ALA D 485 11.96 8.23 22.12
N VAL D 486 13.20 8.73 22.01
CA VAL D 486 14.35 8.02 22.59
C VAL D 486 14.63 8.50 24.00
N PHE D 487 14.04 9.62 24.42
CA PHE D 487 14.11 10.02 25.82
C PHE D 487 13.09 9.30 26.68
N ASP D 488 12.16 8.57 26.06
CA ASP D 488 11.20 7.76 26.79
C ASP D 488 11.79 6.45 27.30
N LEU D 489 12.82 5.92 26.63
CA LEU D 489 13.35 4.60 26.93
C LEU D 489 14.29 4.67 28.13
N THR D 490 14.22 3.64 28.98
CA THR D 490 14.67 3.75 30.36
C THR D 490 15.81 2.79 30.72
N ASP D 491 16.46 2.19 29.73
CA ASP D 491 17.50 1.20 30.04
C ASP D 491 18.85 1.49 29.40
N LEU D 492 19.15 2.76 29.10
CA LEU D 492 20.37 3.08 28.38
C LEU D 492 21.36 3.80 29.29
N ASP D 493 22.65 3.63 28.99
CA ASP D 493 23.73 4.19 29.79
C ASP D 493 24.82 4.87 28.97
N VAL D 494 24.97 4.56 27.68
CA VAL D 494 25.97 5.15 26.80
C VAL D 494 25.24 5.73 25.60
N LEU D 495 25.99 6.44 24.74
CA LEU D 495 25.51 6.93 23.44
C LEU D 495 26.65 7.56 22.66
N LYS D 496 26.30 8.10 21.48
CA LYS D 496 27.11 9.05 20.73
C LYS D 496 26.17 10.05 20.07
N LEU D 497 26.69 11.23 19.74
CA LEU D 497 25.92 12.26 19.06
C LEU D 497 26.78 12.93 18.00
N GLU D 498 26.14 13.39 16.94
CA GLU D 498 26.86 14.08 15.87
C GLU D 498 25.96 15.07 15.15
N LEU D 499 26.40 16.33 15.08
CA LEU D 499 25.82 17.39 14.26
C LEU D 499 24.36 17.67 14.60
N ILE D 500 24.14 18.19 15.81
CA ILE D 500 22.82 18.75 16.11
C ILE D 500 22.84 20.22 15.69
N PRO D 501 21.83 20.67 14.96
CA PRO D 501 21.69 22.11 14.69
C PRO D 501 21.08 22.86 15.86
N GLU D 502 20.15 22.21 16.56
CA GLU D 502 19.49 22.81 17.71
C GLU D 502 20.28 22.51 18.99
N ALA D 503 19.66 22.77 20.13
CA ALA D 503 20.31 22.66 21.42
C ALA D 503 19.47 21.85 22.39
N LYS D 504 18.74 20.85 21.89
CA LYS D 504 17.65 20.22 22.63
C LYS D 504 18.16 19.05 23.47
N ILE D 505 18.15 19.23 24.78
CA ILE D 505 17.97 18.15 25.75
C ILE D 505 16.98 18.63 26.81
N PRO D 506 15.68 18.50 26.57
CA PRO D 506 14.68 19.10 27.46
C PRO D 506 14.49 18.36 28.77
N ALA D 507 13.45 18.73 29.52
CA ALA D 507 13.11 18.07 30.77
C ALA D 507 12.33 16.77 30.56
N LYS D 508 12.23 16.25 29.34
CA LYS D 508 11.62 14.94 29.11
C LYS D 508 12.54 13.82 29.57
N ILE D 509 13.85 13.99 29.35
CA ILE D 509 14.86 13.02 29.79
C ILE D 509 15.20 13.18 31.27
N SER D 510 14.56 14.13 31.97
CA SER D 510 14.83 14.38 33.38
C SER D 510 14.40 13.26 34.32
N GLN D 511 13.72 12.23 33.82
CA GLN D 511 13.31 11.08 34.61
C GLN D 511 14.20 9.86 34.42
N MET D 512 15.33 10.01 33.73
CA MET D 512 16.18 8.88 33.36
C MET D 512 17.57 9.08 33.97
N THR D 513 17.81 8.43 35.11
CA THR D 513 19.08 8.53 35.82
C THR D 513 19.88 7.22 35.76
N ASN D 514 19.85 6.54 34.62
CA ASN D 514 20.75 5.43 34.37
C ASN D 514 21.72 5.74 33.22
N LEU D 515 21.72 6.97 32.74
CA LEU D 515 22.56 7.41 31.62
C LEU D 515 23.71 8.21 32.21
N GLN D 516 24.84 7.56 32.44
CA GLN D 516 25.96 8.19 33.15
C GLN D 516 26.99 8.78 32.21
N GLU D 517 26.74 8.82 30.91
CA GLU D 517 27.76 9.32 30.01
C GLU D 517 27.09 9.89 28.76
N LEU D 518 27.85 10.65 27.98
CA LEU D 518 27.28 11.42 26.87
C LEU D 518 28.35 11.78 25.86
N HIS D 519 28.33 11.14 24.69
CA HIS D 519 29.28 11.43 23.63
C HIS D 519 28.64 12.32 22.58
N LEU D 520 29.37 13.33 22.13
CA LEU D 520 28.82 14.28 21.17
C LEU D 520 29.94 14.91 20.36
N CYS D 521 29.60 15.31 19.14
CA CYS D 521 30.51 16.10 18.32
C CYS D 521 29.71 17.06 17.46
N HIS D 522 30.17 18.31 17.42
CA HIS D 522 29.46 19.45 16.83
C HIS D 522 28.07 19.57 17.44
N CYS D 523 28.02 19.60 18.76
CA CYS D 523 26.73 19.57 19.43
C CYS D 523 26.62 20.58 20.56
N PRO D 524 25.83 21.63 20.38
CA PRO D 524 25.46 22.49 21.51
C PRO D 524 24.17 22.03 22.18
N ALA D 525 24.07 22.38 23.48
CA ALA D 525 22.84 22.16 24.24
C ALA D 525 22.78 23.21 25.33
N LYS D 526 22.14 24.34 25.03
CA LYS D 526 21.99 25.44 25.99
C LYS D 526 20.67 25.39 26.72
N VAL D 527 20.28 24.24 27.27
CA VAL D 527 18.98 24.14 27.95
C VAL D 527 19.14 23.48 29.31
N GLU D 528 20.37 23.26 29.75
CA GLU D 528 20.61 22.55 31.01
C GLU D 528 20.42 23.49 32.20
N GLN D 529 19.16 23.76 32.52
CA GLN D 529 18.79 24.29 33.82
C GLN D 529 17.81 23.38 34.55
N THR D 530 16.76 22.94 33.87
CA THR D 530 15.87 21.93 34.42
C THR D 530 16.28 20.51 34.05
N ALA D 531 17.07 20.34 32.99
CA ALA D 531 17.64 19.03 32.68
C ALA D 531 19.09 18.92 33.14
N PHE D 532 19.64 19.96 33.74
CA PHE D 532 20.95 19.87 34.35
C PHE D 532 20.93 19.00 35.60
N SER D 533 19.82 19.07 36.35
CA SER D 533 19.77 18.58 37.72
C SER D 533 19.90 17.06 37.78
N PHE D 534 19.34 16.34 36.81
CA PHE D 534 19.51 14.90 36.86
C PHE D 534 20.85 14.47 36.30
N LEU D 535 21.49 15.30 35.47
CA LEU D 535 22.81 14.91 34.97
C LEU D 535 23.92 15.40 35.88
N ARG D 536 23.70 16.48 36.61
CA ARG D 536 24.62 16.88 37.67
C ARG D 536 24.71 15.80 38.73
N ASP D 537 23.63 15.07 38.97
CA ASP D 537 23.66 13.92 39.85
C ASP D 537 24.24 12.68 39.18
N HIS D 538 24.27 12.60 37.85
CA HIS D 538 24.52 11.29 37.26
C HIS D 538 25.48 11.25 36.07
N LEU D 539 25.79 12.37 35.39
CA LEU D 539 26.69 12.31 34.24
C LEU D 539 28.14 12.11 34.69
N ARG D 540 28.88 11.24 33.98
CA ARG D 540 30.23 10.94 34.42
C ARG D 540 31.30 11.08 33.36
N CYS D 541 31.03 10.78 32.09
CA CYS D 541 32.10 11.02 31.11
C CYS D 541 31.52 11.47 29.79
N LEU D 542 32.39 12.04 28.95
CA LEU D 542 31.90 12.72 27.77
C LEU D 542 32.95 12.82 26.67
N HIS D 543 32.56 12.42 25.47
CA HIS D 543 33.15 12.92 24.23
C HIS D 543 32.42 14.19 23.83
N VAL D 544 33.13 15.31 23.83
CA VAL D 544 32.62 16.58 23.32
C VAL D 544 33.45 16.97 22.12
N LYS D 545 33.86 15.97 21.35
CA LYS D 545 34.95 16.09 20.40
C LYS D 545 34.55 16.93 19.18
N PHE D 546 35.54 17.16 18.32
CA PHE D 546 35.44 17.64 16.95
C PHE D 546 34.98 19.09 16.80
N THR D 547 34.65 19.79 17.88
CA THR D 547 34.06 21.10 17.76
C THR D 547 35.12 22.15 17.46
N ASP D 548 34.69 23.40 17.40
CA ASP D 548 35.53 24.52 17.03
C ASP D 548 36.16 25.17 18.27
N VAL D 549 36.76 26.35 18.09
CA VAL D 549 37.28 27.13 19.21
C VAL D 549 36.19 27.87 19.97
N ALA D 550 34.96 27.89 19.45
CA ALA D 550 33.91 28.72 20.00
C ALA D 550 32.83 27.91 20.71
N GLU D 551 32.21 26.95 20.04
CA GLU D 551 31.21 26.11 20.70
C GLU D 551 31.97 25.04 21.47
N ILE D 552 32.37 25.41 22.68
CA ILE D 552 32.96 24.48 23.64
C ILE D 552 31.99 24.38 24.82
N PRO D 553 31.57 23.17 25.20
CA PRO D 553 30.44 23.04 26.13
C PRO D 553 30.76 23.46 27.56
N ALA D 554 30.32 24.67 27.90
CA ALA D 554 30.56 25.23 29.22
C ALA D 554 29.45 24.91 30.20
N TRP D 555 28.28 24.50 29.70
CA TRP D 555 27.18 24.14 30.57
C TRP D 555 27.42 22.82 31.29
N VAL D 556 28.34 21.99 30.79
CA VAL D 556 28.77 20.79 31.48
C VAL D 556 30.11 20.99 32.18
N TYR D 557 30.45 22.24 32.53
CA TYR D 557 31.63 22.45 33.37
C TYR D 557 31.33 22.20 34.84
N LEU D 558 30.16 22.62 35.30
CA LEU D 558 29.89 22.90 36.71
C LEU D 558 28.97 21.86 37.35
N LEU D 559 29.18 20.59 37.02
CA LEU D 559 28.39 19.52 37.60
C LEU D 559 29.21 18.53 38.43
N LYS D 560 30.53 18.50 38.27
CA LYS D 560 31.51 17.94 39.21
C LYS D 560 31.51 16.42 39.29
N ASN D 561 30.51 15.75 38.71
CA ASN D 561 30.35 14.32 38.92
C ASN D 561 31.10 13.49 37.87
N LEU D 562 32.18 14.02 37.33
CA LEU D 562 32.85 13.41 36.19
C LEU D 562 33.58 12.14 36.58
N ARG D 563 33.47 11.12 35.73
CA ARG D 563 34.40 10.01 35.90
C ARG D 563 35.65 10.19 35.03
N GLU D 564 35.52 10.73 33.82
CA GLU D 564 36.66 11.01 32.95
C GLU D 564 36.25 11.93 31.81
N LEU D 565 37.25 12.31 31.02
CA LEU D 565 37.12 13.37 30.02
C LEU D 565 37.62 12.89 28.67
N TYR D 566 36.94 13.33 27.60
CA TYR D 566 37.47 13.27 26.25
C TYR D 566 37.32 14.66 25.65
N LEU D 567 38.43 15.38 25.54
CA LEU D 567 38.45 16.70 24.91
C LEU D 567 39.43 16.60 23.75
N ILE D 568 38.96 16.10 22.60
CA ILE D 568 39.77 16.00 21.40
C ILE D 568 39.09 16.77 20.30
N GLY D 569 39.78 16.90 19.16
CA GLY D 569 39.23 17.55 17.98
C GLY D 569 38.88 19.01 18.15
N ASN D 570 39.40 19.65 19.20
CA ASN D 570 39.04 21.01 19.56
C ASN D 570 40.34 21.80 19.54
N LEU D 571 40.65 22.38 18.39
CA LEU D 571 41.96 22.97 18.11
C LEU D 571 42.09 24.26 18.92
N ASN D 572 42.48 24.10 20.18
CA ASN D 572 42.29 25.13 21.20
C ASN D 572 43.24 26.31 21.01
N SER D 573 42.65 27.49 20.82
CA SER D 573 43.41 28.73 20.66
C SER D 573 43.76 29.30 22.04
N GLU D 574 44.19 30.56 22.06
CA GLU D 574 44.68 31.20 23.28
C GLU D 574 43.59 31.41 24.32
N ASN D 575 42.32 31.55 23.91
CA ASN D 575 41.23 31.72 24.86
C ASN D 575 40.78 30.41 25.47
N ASN D 576 41.07 29.28 24.83
CA ASN D 576 40.51 28.02 25.27
C ASN D 576 41.32 27.37 26.38
N LYS D 577 42.50 27.90 26.70
CA LYS D 577 43.14 27.57 27.96
C LYS D 577 42.34 28.12 29.13
N MET D 578 41.97 29.40 29.05
CA MET D 578 41.27 30.06 30.16
C MET D 578 39.81 29.66 30.25
N ILE D 579 39.13 29.44 29.11
CA ILE D 579 37.77 28.92 29.16
C ILE D 579 37.77 27.39 29.20
N GLY D 580 38.93 26.76 29.09
CA GLY D 580 39.11 25.40 29.55
C GLY D 580 38.86 25.38 31.04
N LEU D 581 37.95 24.50 31.48
CA LEU D 581 37.22 24.68 32.73
C LEU D 581 38.12 24.61 33.94
N GLU D 582 37.65 25.21 35.03
CA GLU D 582 38.36 25.21 36.29
C GLU D 582 37.61 24.42 37.35
N SER D 583 36.37 23.99 37.05
CA SER D 583 35.50 23.32 37.99
C SER D 583 35.85 21.84 38.19
N LEU D 584 36.88 21.33 37.53
CA LEU D 584 37.48 20.06 37.92
C LEU D 584 38.53 20.25 39.01
N ARG D 585 38.71 21.50 39.47
CA ARG D 585 39.46 21.76 40.70
C ARG D 585 38.85 20.99 41.86
N GLU D 586 37.56 21.14 42.08
CA GLU D 586 36.79 20.28 42.97
C GLU D 586 36.02 19.32 42.06
N LEU D 587 36.51 18.09 41.97
CA LEU D 587 35.97 17.08 41.07
C LEU D 587 35.81 15.80 41.87
N ARG D 588 34.96 14.88 41.39
CA ARG D 588 34.53 13.75 42.20
C ARG D 588 35.35 12.48 41.96
N HIS D 589 35.31 11.92 40.75
CA HIS D 589 35.82 10.57 40.52
C HIS D 589 36.61 10.48 39.22
N LEU D 590 37.59 11.38 39.04
CA LEU D 590 38.34 11.49 37.78
C LEU D 590 39.09 10.20 37.45
N LYS D 591 39.11 9.83 36.16
CA LYS D 591 39.89 8.68 35.73
C LYS D 591 40.90 9.02 34.63
N ILE D 592 40.44 9.50 33.47
CA ILE D 592 41.32 9.76 32.33
C ILE D 592 40.96 11.13 31.77
N LEU D 593 41.85 11.66 30.95
CA LEU D 593 41.51 12.79 30.08
C LEU D 593 42.27 12.61 28.78
N HIS D 594 41.58 12.72 27.66
CA HIS D 594 42.16 12.43 26.35
C HIS D 594 42.07 13.64 25.45
N VAL D 595 43.22 14.00 24.86
CA VAL D 595 43.39 15.16 23.99
C VAL D 595 44.06 14.68 22.72
N LYS D 596 43.55 15.09 21.56
CA LYS D 596 44.11 14.65 20.29
C LYS D 596 44.13 15.79 19.28
N SER D 597 45.31 15.99 18.67
CA SER D 597 45.52 16.84 17.50
C SER D 597 45.19 18.31 17.77
N ASN D 598 45.78 18.85 18.83
CA ASN D 598 45.57 20.24 19.19
C ASN D 598 46.93 20.91 19.35
N LEU D 599 46.98 22.21 19.02
CA LEU D 599 48.24 22.93 18.99
C LEU D 599 48.72 23.39 20.37
N THR D 600 48.14 22.86 21.45
CA THR D 600 48.40 23.35 22.80
C THR D 600 49.85 23.13 23.22
N LYS D 601 50.47 24.20 23.71
CA LYS D 601 51.89 24.23 24.00
C LYS D 601 52.15 23.63 25.38
N VAL D 602 51.57 24.24 26.40
CA VAL D 602 51.45 23.68 27.74
C VAL D 602 49.95 23.61 27.99
N PRO D 603 49.41 22.51 28.54
CA PRO D 603 47.96 22.45 28.79
C PRO D 603 47.51 23.37 29.92
N SER D 604 46.22 23.34 30.23
CA SER D 604 45.66 24.25 31.22
C SER D 604 46.20 23.92 32.61
N ASN D 605 46.46 24.95 33.40
CA ASN D 605 47.12 24.81 34.69
C ASN D 605 46.21 24.21 35.75
N ILE D 606 44.92 24.04 35.44
CA ILE D 606 43.98 23.37 36.33
C ILE D 606 44.20 21.85 36.36
N THR D 607 44.93 21.32 35.37
CA THR D 607 44.92 19.89 35.07
C THR D 607 45.50 19.07 36.21
N ASP D 608 46.39 19.66 37.01
CA ASP D 608 46.95 18.97 38.16
C ASP D 608 45.90 18.70 39.24
N VAL D 609 45.01 19.66 39.49
CA VAL D 609 44.27 19.66 40.75
C VAL D 609 42.91 18.97 40.55
N ALA D 610 42.78 18.26 39.44
CA ALA D 610 41.83 17.16 39.42
C ALA D 610 42.32 16.13 40.44
N PRO D 611 41.47 15.71 41.39
CA PRO D 611 41.99 14.95 42.55
C PRO D 611 42.36 13.52 42.23
N HIS D 612 41.75 12.93 41.20
CA HIS D 612 42.00 11.51 40.90
C HIS D 612 42.56 11.38 39.48
N LEU D 613 43.58 12.17 39.16
CA LEU D 613 44.35 11.93 37.95
C LEU D 613 44.95 10.54 38.01
N THR D 614 44.57 9.67 37.08
CA THR D 614 45.26 8.40 36.94
C THR D 614 45.41 7.96 35.49
N LYS D 615 45.06 8.80 34.51
CA LYS D 615 45.50 8.63 33.14
C LYS D 615 45.60 9.99 32.47
N LEU D 616 46.76 10.27 31.87
CA LEU D 616 47.01 11.48 31.11
C LEU D 616 47.43 11.09 29.70
N VAL D 617 46.58 11.40 28.72
CA VAL D 617 46.90 11.17 27.30
C VAL D 617 46.55 12.43 26.51
N ILE D 618 47.55 13.00 25.84
CA ILE D 618 47.49 14.35 25.30
C ILE D 618 47.91 14.42 23.83
N HIS D 619 47.57 13.36 23.06
CA HIS D 619 48.07 13.05 21.71
C HIS D 619 48.20 14.25 20.77
N ASN D 620 49.34 14.30 20.07
CA ASN D 620 49.71 15.34 19.11
C ASN D 620 49.69 16.73 19.76
N ASP D 621 50.56 16.90 20.75
CA ASP D 621 50.67 18.16 21.46
C ASP D 621 51.40 19.19 20.59
N GLY D 622 51.22 20.46 20.93
CA GLY D 622 51.77 21.55 20.14
C GLY D 622 53.28 21.69 20.21
N THR D 623 53.81 22.02 21.39
CA THR D 623 55.25 22.08 21.61
C THR D 623 55.64 21.07 22.68
N LYS D 624 56.88 21.17 23.15
CA LYS D 624 57.52 20.03 23.82
C LYS D 624 57.10 19.89 25.28
N LEU D 625 57.47 20.85 26.11
CA LEU D 625 57.49 20.63 27.55
C LEU D 625 56.13 20.80 28.18
N LEU D 626 55.75 19.85 29.03
CA LEU D 626 54.66 20.04 29.99
C LEU D 626 55.31 20.51 31.28
N VAL D 627 55.02 21.76 31.65
CA VAL D 627 55.76 22.47 32.68
C VAL D 627 55.36 21.92 34.05
N LEU D 628 56.11 22.31 35.09
CA LEU D 628 56.14 21.64 36.38
C LEU D 628 54.81 21.70 37.15
N ASN D 629 53.92 22.64 36.83
CA ASN D 629 52.74 22.84 37.66
C ASN D 629 51.70 21.75 37.44
N SER D 630 51.54 21.29 36.20
CA SER D 630 50.56 20.26 35.92
C SER D 630 51.04 18.88 36.38
N LEU D 631 52.33 18.75 36.71
CA LEU D 631 52.88 17.48 37.17
C LEU D 631 53.19 17.47 38.66
N LYS D 632 53.27 18.64 39.31
CA LYS D 632 53.71 18.68 40.70
C LYS D 632 52.64 18.17 41.67
N LYS D 633 51.37 18.41 41.39
CA LYS D 633 50.27 17.86 42.18
C LYS D 633 49.80 16.54 41.58
N MET D 634 50.23 16.25 40.35
CA MET D 634 49.95 14.98 39.67
C MET D 634 50.83 13.89 40.26
N MET D 635 50.47 13.48 41.48
CA MET D 635 51.21 12.45 42.21
C MET D 635 50.30 11.30 42.62
N ASN D 636 49.30 11.00 41.80
CA ASN D 636 48.35 9.93 42.07
C ASN D 636 48.02 9.11 40.82
N VAL D 637 48.91 9.09 39.83
CA VAL D 637 48.60 8.55 38.53
C VAL D 637 49.12 7.12 38.40
N ALA D 638 48.65 6.43 37.37
CA ALA D 638 49.18 5.15 36.94
C ALA D 638 49.38 5.06 35.44
N GLU D 639 48.95 6.05 34.66
CA GLU D 639 48.95 5.97 33.21
C GLU D 639 49.36 7.32 32.64
N LEU D 640 50.42 7.35 31.83
CA LEU D 640 50.79 8.54 31.07
C LEU D 640 51.04 8.18 29.61
N GLU D 641 50.43 8.95 28.71
CA GLU D 641 50.66 8.79 27.27
C GLU D 641 50.96 10.17 26.70
N LEU D 642 52.23 10.54 26.70
CA LEU D 642 52.69 11.76 26.03
C LEU D 642 53.02 11.46 24.57
N GLN D 643 52.00 11.02 23.85
CA GLN D 643 52.18 10.46 22.52
C GLN D 643 52.06 11.53 21.44
N ASN D 644 52.83 11.34 20.36
CA ASN D 644 52.99 12.28 19.24
C ASN D 644 53.43 13.66 19.73
N CYS D 645 54.35 13.67 20.70
CA CYS D 645 54.97 14.91 21.11
C CYS D 645 56.18 15.20 20.23
N GLU D 646 56.92 16.26 20.56
CA GLU D 646 57.99 16.74 19.70
C GLU D 646 59.30 16.90 20.46
N LEU D 647 59.52 16.12 21.52
CA LEU D 647 60.77 16.17 22.26
C LEU D 647 61.78 15.23 21.63
N GLU D 648 63.05 15.62 21.69
CA GLU D 648 64.12 14.75 21.22
C GLU D 648 64.37 13.59 22.17
N ARG D 649 63.95 13.71 23.43
CA ARG D 649 64.20 12.71 24.46
C ARG D 649 62.94 12.61 25.33
N ILE D 650 63.06 11.97 26.49
CA ILE D 650 61.97 11.86 27.45
C ILE D 650 61.90 13.19 28.21
N PRO D 651 60.71 13.64 28.65
CA PRO D 651 60.67 14.74 29.62
C PRO D 651 61.33 14.35 30.94
N HIS D 652 62.47 14.96 31.27
CA HIS D 652 63.23 14.53 32.42
C HIS D 652 62.65 15.02 33.74
N ALA D 653 61.67 15.93 33.71
CA ALA D 653 61.09 16.49 34.92
C ALA D 653 59.98 15.63 35.52
N ILE D 654 59.76 14.42 34.99
CA ILE D 654 58.70 13.55 35.49
C ILE D 654 59.13 12.78 36.73
N PHE D 655 60.37 13.00 37.21
CA PHE D 655 60.87 12.37 38.43
C PHE D 655 60.16 12.88 39.67
N SER D 656 59.47 14.03 39.59
CA SER D 656 58.90 14.74 40.73
C SER D 656 57.67 14.06 41.34
N LEU D 657 57.30 12.86 40.90
CA LEU D 657 56.13 12.19 41.42
C LEU D 657 56.46 10.71 41.57
N SER D 658 56.14 10.15 42.74
CA SER D 658 56.60 8.82 43.10
C SER D 658 55.58 7.72 42.79
N ASN D 659 54.72 7.93 41.79
CA ASN D 659 53.86 6.85 41.31
C ASN D 659 53.61 7.07 39.81
N LEU D 660 54.48 6.50 38.99
CA LEU D 660 54.29 6.37 37.55
C LEU D 660 54.24 4.87 37.29
N GLN D 661 53.04 4.31 37.17
CA GLN D 661 52.98 2.89 36.83
C GLN D 661 53.35 2.63 35.39
N GLU D 662 53.17 3.59 34.49
CA GLU D 662 53.63 3.44 33.12
C GLU D 662 53.88 4.83 32.53
N LEU D 663 54.43 4.84 31.32
CA LEU D 663 54.62 6.08 30.57
C LEU D 663 54.69 5.71 29.09
N ASP D 664 54.14 6.58 28.24
CA ASP D 664 54.09 6.33 26.81
C ASP D 664 54.43 7.60 26.06
N LEU D 665 55.38 7.51 25.13
CA LEU D 665 55.80 8.63 24.30
C LEU D 665 55.88 8.21 22.83
N LYS D 666 54.77 7.63 22.36
CA LYS D 666 54.63 7.19 20.98
C LYS D 666 54.74 8.35 20.00
N SER D 667 55.31 8.07 18.81
CA SER D 667 55.40 8.99 17.67
C SER D 667 56.21 10.24 18.03
N ASN D 668 57.36 10.01 18.64
CA ASN D 668 58.28 11.07 19.01
C ASN D 668 59.67 10.62 18.62
N ASN D 669 60.47 11.54 18.07
CA ASN D 669 61.84 11.24 17.69
C ASN D 669 62.72 11.06 18.92
N ILE D 670 62.86 9.81 19.36
CA ILE D 670 63.48 9.47 20.65
C ILE D 670 64.65 8.55 20.38
N ARG D 671 65.88 9.07 20.56
CA ARG D 671 67.04 8.26 20.19
C ARG D 671 67.47 7.30 21.30
N THR D 672 67.46 7.73 22.57
CA THR D 672 67.71 6.86 23.73
C THR D 672 66.74 7.28 24.82
N ILE D 673 66.91 6.70 26.01
CA ILE D 673 66.04 6.99 27.12
C ILE D 673 66.77 7.91 28.10
N GLU D 674 66.04 8.39 29.11
CA GLU D 674 66.45 9.54 29.88
C GLU D 674 67.43 9.10 30.97
N GLU D 675 67.70 9.97 31.94
CA GLU D 675 68.68 9.73 32.98
C GLU D 675 68.11 8.74 33.98
N ILE D 676 68.76 7.58 34.12
CA ILE D 676 68.16 6.45 34.83
C ILE D 676 68.40 6.52 36.33
N ILE D 677 69.21 7.46 36.80
CA ILE D 677 69.28 7.71 38.24
C ILE D 677 67.97 8.37 38.69
N SER D 678 67.33 9.14 37.82
CA SER D 678 65.96 9.57 38.09
C SER D 678 64.99 8.40 38.04
N PHE D 679 65.23 7.42 37.17
CA PHE D 679 64.44 6.20 37.15
C PHE D 679 64.68 5.31 38.35
N GLN D 680 65.77 5.52 39.09
CA GLN D 680 65.94 4.82 40.37
C GLN D 680 64.94 5.32 41.39
N HIS D 681 64.59 6.61 41.32
CA HIS D 681 63.50 7.12 42.13
C HIS D 681 62.14 6.91 41.45
N LEU D 682 62.13 6.70 40.14
CA LEU D 682 60.93 6.29 39.41
C LEU D 682 60.92 4.77 39.23
N LYS D 683 61.07 4.01 40.31
CA LYS D 683 61.28 2.57 40.17
C LYS D 683 59.99 1.79 39.96
N ARG D 684 58.84 2.46 39.87
CA ARG D 684 57.55 1.80 39.76
C ARG D 684 56.98 1.83 38.35
N LEU D 685 57.79 2.16 37.34
CA LEU D 685 57.33 2.05 35.95
C LEU D 685 57.13 0.60 35.59
N THR D 686 55.88 0.14 35.63
CA THR D 686 55.51 -1.27 35.56
C THR D 686 55.40 -1.78 34.13
N CYS D 687 54.78 -1.00 33.24
CA CYS D 687 54.67 -1.35 31.83
C CYS D 687 55.16 -0.18 30.98
N LEU D 688 56.48 -0.08 30.80
CA LEU D 688 57.01 0.99 29.97
C LEU D 688 56.82 0.63 28.50
N LYS D 689 56.34 1.58 27.72
CA LYS D 689 56.12 1.41 26.30
C LYS D 689 56.46 2.70 25.58
N LEU D 690 57.19 2.58 24.48
CA LEU D 690 57.54 3.71 23.63
C LEU D 690 58.00 3.19 22.28
N TRP D 691 57.41 3.73 21.22
CA TRP D 691 57.73 3.28 19.87
C TRP D 691 57.54 4.46 18.92
N HIS D 692 57.72 4.16 17.62
CA HIS D 692 57.75 5.14 16.53
C HIS D 692 58.78 6.24 16.83
N ASN D 693 60.03 5.81 16.85
CA ASN D 693 61.10 6.57 17.47
C ASN D 693 62.43 6.21 16.83
N LYS D 694 63.52 6.62 17.46
CA LYS D 694 64.87 6.55 16.90
C LYS D 694 65.80 5.69 17.73
N ILE D 695 65.31 4.58 18.29
CA ILE D 695 66.05 3.83 19.30
C ILE D 695 67.27 3.17 18.70
N VAL D 696 68.45 3.61 19.13
CA VAL D 696 69.71 3.00 18.72
C VAL D 696 70.01 1.77 19.57
N THR D 697 69.94 1.90 20.88
CA THR D 697 70.19 0.81 21.81
C THR D 697 69.52 1.14 23.13
N ILE D 698 69.57 0.17 24.06
CA ILE D 698 69.03 0.36 25.41
C ILE D 698 70.21 0.44 26.38
N PRO D 699 70.14 1.30 27.39
CA PRO D 699 71.27 1.46 28.31
C PRO D 699 71.34 0.32 29.31
N PRO D 700 72.50 0.07 29.92
CA PRO D 700 72.60 -1.03 30.89
C PRO D 700 71.94 -0.76 32.23
N SER D 701 71.54 0.48 32.52
CA SER D 701 71.05 0.84 33.86
C SER D 701 69.58 0.49 34.08
N ILE D 702 68.98 -0.36 33.24
CA ILE D 702 67.57 -0.73 33.34
C ILE D 702 67.31 -1.67 34.53
N THR D 703 68.36 -1.96 35.31
CA THR D 703 68.22 -2.50 36.66
C THR D 703 67.38 -1.60 37.54
N HIS D 704 67.39 -0.28 37.29
CA HIS D 704 66.80 0.72 38.17
C HIS D 704 65.27 0.72 38.19
N VAL D 705 64.60 -0.19 37.50
CA VAL D 705 63.14 -0.29 37.52
C VAL D 705 62.76 -1.72 37.88
N LYS D 706 62.51 -1.97 39.17
CA LYS D 706 62.21 -3.33 39.63
C LYS D 706 60.75 -3.70 39.42
N ASN D 707 59.82 -2.75 39.54
CA ASN D 707 58.41 -3.04 39.37
C ASN D 707 58.00 -3.23 37.91
N LEU D 708 58.93 -3.03 36.97
CA LEU D 708 58.71 -3.27 35.55
C LEU D 708 58.37 -4.72 35.28
N GLU D 709 57.19 -4.97 34.69
CA GLU D 709 56.80 -6.33 34.37
C GLU D 709 56.55 -6.57 32.89
N SER D 710 56.63 -5.53 32.04
CA SER D 710 56.44 -5.71 30.60
C SER D 710 57.02 -4.51 29.87
N LEU D 711 57.83 -4.76 28.85
CA LEU D 711 58.36 -3.71 27.99
C LEU D 711 58.20 -4.14 26.55
N TYR D 712 57.68 -3.25 25.71
CA TYR D 712 57.64 -3.55 24.28
C TYR D 712 57.78 -2.26 23.49
N PHE D 713 58.59 -2.32 22.44
CA PHE D 713 58.88 -1.21 21.56
C PHE D 713 58.40 -1.58 20.15
N SER D 714 58.71 -0.69 19.21
CA SER D 714 58.76 -0.94 17.78
C SER D 714 59.47 0.26 17.17
N ASN D 715 59.78 0.15 15.88
CA ASN D 715 60.50 1.17 15.09
C ASN D 715 61.85 1.50 15.73
N ASN D 716 62.65 0.46 15.94
CA ASN D 716 63.99 0.60 16.50
C ASN D 716 65.01 -0.04 15.56
N LYS D 717 66.19 0.58 15.47
CA LYS D 717 67.28 0.03 14.68
C LYS D 717 68.36 -0.48 15.64
N LEU D 718 68.71 -1.75 15.50
CA LEU D 718 69.73 -2.37 16.32
C LEU D 718 70.41 -3.46 15.52
N GLU D 719 71.52 -3.95 16.06
CA GLU D 719 71.94 -5.33 15.84
C GLU D 719 72.44 -6.02 17.11
N SER D 720 72.97 -5.28 18.07
CA SER D 720 73.48 -5.85 19.30
C SER D 720 72.34 -6.31 20.20
N LEU D 721 72.66 -7.22 21.10
CA LEU D 721 71.66 -7.84 21.94
C LEU D 721 71.44 -7.01 23.21
N PRO D 722 70.20 -6.89 23.69
CA PRO D 722 69.97 -6.28 25.00
C PRO D 722 70.49 -7.17 26.12
N VAL D 723 71.60 -6.79 26.74
CA VAL D 723 72.30 -7.67 27.66
C VAL D 723 71.94 -7.42 29.13
N ALA D 724 71.33 -6.29 29.46
CA ALA D 724 71.00 -5.95 30.84
C ALA D 724 69.60 -6.39 31.24
N VAL D 725 69.08 -7.43 30.58
CA VAL D 725 67.71 -7.85 30.83
C VAL D 725 67.61 -8.84 31.99
N PHE D 726 68.64 -9.64 32.23
CA PHE D 726 68.62 -10.64 33.30
C PHE D 726 68.62 -10.03 34.70
N SER D 727 68.95 -8.75 34.84
CA SER D 727 68.85 -8.12 36.15
C SER D 727 67.39 -7.95 36.55
N LEU D 728 66.54 -7.61 35.60
CA LEU D 728 65.12 -7.50 35.87
C LEU D 728 64.44 -8.85 35.65
N GLN D 729 63.87 -9.40 36.72
CA GLN D 729 63.32 -10.75 36.73
C GLN D 729 61.84 -10.79 36.37
N LYS D 730 61.20 -9.64 36.22
CA LYS D 730 59.76 -9.54 36.29
C LYS D 730 59.11 -9.38 34.91
N LEU D 731 59.90 -9.13 33.86
CA LEU D 731 59.35 -8.72 32.57
C LEU D 731 58.58 -9.84 31.90
N ARG D 732 57.53 -9.46 31.17
CA ARG D 732 56.66 -10.41 30.49
C ARG D 732 56.52 -10.14 29.01
N CYS D 733 57.00 -9.00 28.51
CA CYS D 733 57.00 -8.67 27.10
C CYS D 733 58.41 -8.30 26.69
N LEU D 734 58.70 -8.43 25.40
CA LEU D 734 60.00 -8.07 24.85
C LEU D 734 59.84 -6.96 23.82
N ASP D 735 60.86 -6.12 23.69
CA ASP D 735 60.79 -4.90 22.88
C ASP D 735 61.39 -5.09 21.50
N VAL D 736 60.90 -6.08 20.77
CA VAL D 736 61.65 -6.62 19.63
C VAL D 736 60.87 -6.65 18.33
N SER D 737 59.96 -5.71 18.12
CA SER D 737 59.34 -5.56 16.81
C SER D 737 60.03 -4.46 16.01
N TYR D 738 59.97 -4.61 14.68
CA TYR D 738 60.52 -3.69 13.68
C TYR D 738 62.03 -3.51 13.84
N ASN D 739 62.73 -4.58 14.23
CA ASN D 739 64.15 -4.46 14.56
C ASN D 739 65.01 -5.27 13.59
N ASN D 740 66.28 -5.39 13.92
CA ASN D 740 67.22 -6.31 13.28
C ASN D 740 68.01 -6.97 14.38
N ILE D 741 67.79 -8.27 14.61
CA ILE D 741 68.45 -8.99 15.68
C ILE D 741 68.85 -10.35 15.14
N SER D 742 69.80 -11.00 15.81
CA SER D 742 70.35 -12.26 15.34
C SER D 742 70.28 -13.38 16.37
N MET D 743 69.68 -13.14 17.54
CA MET D 743 69.72 -14.07 18.66
C MET D 743 68.73 -13.56 19.69
N ILE D 744 68.44 -14.40 20.68
CA ILE D 744 67.94 -13.91 21.97
C ILE D 744 69.07 -14.12 22.97
N PRO D 745 69.34 -13.13 23.84
CA PRO D 745 70.61 -13.14 24.59
C PRO D 745 70.66 -14.13 25.75
N ILE D 746 71.71 -14.01 26.57
CA ILE D 746 72.00 -14.99 27.62
C ILE D 746 71.13 -14.76 28.87
N GLU D 747 70.25 -13.76 28.84
CA GLU D 747 69.30 -13.52 29.91
C GLU D 747 68.18 -14.55 29.98
N ILE D 748 68.17 -15.51 29.04
CA ILE D 748 67.16 -16.56 28.96
C ILE D 748 67.11 -17.47 30.18
N GLY D 749 68.21 -17.57 30.94
CA GLY D 749 68.22 -18.48 32.08
C GLY D 749 67.40 -18.00 33.25
N LEU D 750 67.11 -16.71 33.32
CA LEU D 750 66.47 -16.13 34.50
C LEU D 750 65.01 -15.77 34.27
N LEU D 751 64.56 -15.68 33.01
CA LEU D 751 63.15 -15.43 32.72
C LEU D 751 62.33 -16.66 33.05
N GLN D 752 61.41 -16.49 34.00
CA GLN D 752 60.45 -17.55 34.33
C GLN D 752 59.00 -17.09 34.21
N ASN D 753 58.69 -15.88 34.68
CA ASN D 753 57.32 -15.41 34.74
C ASN D 753 56.88 -14.66 33.48
N LEU D 754 57.68 -14.72 32.41
CA LEU D 754 57.44 -13.90 31.23
C LEU D 754 56.28 -14.45 30.42
N GLN D 755 55.72 -13.60 29.54
CA GLN D 755 54.61 -14.11 28.74
C GLN D 755 54.71 -13.86 27.24
N HIS D 756 55.25 -12.73 26.81
CA HIS D 756 55.12 -12.30 25.42
C HIS D 756 56.47 -12.21 24.72
N LEU D 757 56.56 -12.81 23.54
CA LEU D 757 57.75 -12.78 22.67
C LEU D 757 57.30 -12.42 21.26
N HIS D 758 57.32 -11.13 20.92
CA HIS D 758 57.10 -10.74 19.53
C HIS D 758 58.45 -10.51 18.85
N ILE D 759 59.22 -11.59 18.80
CA ILE D 759 60.61 -11.53 18.32
C ILE D 759 60.54 -11.61 16.79
N THR D 760 60.32 -10.45 16.18
CA THR D 760 59.88 -10.34 14.81
C THR D 760 60.77 -9.34 14.08
N GLY D 761 61.17 -9.67 12.86
CA GLY D 761 62.14 -8.88 12.14
C GLY D 761 63.57 -9.30 12.41
N ASN D 762 63.90 -10.53 12.05
CA ASN D 762 65.22 -11.08 12.33
C ASN D 762 65.58 -12.06 11.22
N LYS D 763 66.58 -12.91 11.48
CA LYS D 763 67.05 -13.83 10.45
C LYS D 763 67.47 -15.19 10.99
N VAL D 764 67.31 -15.44 12.29
CA VAL D 764 68.02 -16.54 12.93
C VAL D 764 67.30 -17.86 12.68
N ASP D 765 68.08 -18.93 12.50
CA ASP D 765 67.61 -20.31 12.46
C ASP D 765 67.68 -20.99 13.82
N ILE D 766 68.77 -20.78 14.56
CA ILE D 766 68.92 -21.41 15.86
C ILE D 766 68.01 -20.70 16.87
N LEU D 767 67.63 -21.42 17.92
CA LEU D 767 66.91 -20.82 19.02
C LEU D 767 67.37 -21.65 20.22
N PRO D 768 67.78 -21.02 21.31
CA PRO D 768 68.37 -21.77 22.43
C PRO D 768 67.36 -22.64 23.14
N LYS D 769 67.86 -23.76 23.66
CA LYS D 769 67.05 -24.85 24.22
C LYS D 769 66.67 -24.59 25.67
N GLN D 770 66.14 -23.39 25.91
CA GLN D 770 65.98 -22.87 27.26
C GLN D 770 64.54 -22.77 27.73
N LEU D 771 63.57 -22.71 26.82
CA LEU D 771 62.20 -22.38 27.18
C LEU D 771 61.34 -23.61 27.47
N PHE D 772 61.95 -24.68 27.98
CA PHE D 772 61.21 -25.68 28.74
C PHE D 772 61.21 -25.37 30.23
N LYS D 773 62.18 -24.56 30.69
CA LYS D 773 62.21 -24.11 32.07
C LYS D 773 61.09 -23.13 32.36
N CYS D 774 61.00 -22.05 31.58
CA CYS D 774 59.90 -21.11 31.70
C CYS D 774 58.66 -21.67 31.01
N ILE D 775 57.52 -21.53 31.68
CA ILE D 775 56.29 -22.15 31.23
C ILE D 775 55.18 -21.13 30.99
N LYS D 776 55.24 -19.96 31.61
CA LYS D 776 54.14 -18.99 31.57
C LYS D 776 54.08 -18.24 30.24
N LEU D 777 55.11 -18.35 29.40
CA LEU D 777 55.11 -17.65 28.13
C LEU D 777 54.11 -18.27 27.17
N ARG D 778 53.35 -17.42 26.49
CA ARG D 778 52.19 -17.87 25.72
C ARG D 778 52.20 -17.44 24.25
N THR D 779 52.96 -16.40 23.88
CA THR D 779 52.97 -15.91 22.50
C THR D 779 54.41 -15.85 22.02
N LEU D 780 54.77 -16.73 21.12
CA LEU D 780 56.02 -16.64 20.35
C LEU D 780 55.64 -16.06 19.00
N ASN D 781 55.54 -14.75 18.93
CA ASN D 781 55.12 -14.05 17.73
C ASN D 781 56.38 -13.77 16.93
N LEU D 782 56.92 -14.81 16.31
CA LEU D 782 58.25 -14.76 15.71
C LEU D 782 58.13 -14.89 14.19
N GLY D 783 58.19 -13.74 13.52
CA GLY D 783 58.31 -13.77 12.08
C GLY D 783 59.75 -13.94 11.67
N GLN D 784 59.95 -14.05 10.35
CA GLN D 784 61.25 -13.87 9.69
C GLN D 784 62.28 -14.94 10.05
N ASN D 785 61.88 -16.01 10.75
CA ASN D 785 62.83 -17.03 11.22
C ASN D 785 62.52 -18.35 10.53
N CYS D 786 63.34 -18.71 9.56
CA CYS D 786 63.28 -20.04 8.96
C CYS D 786 64.00 -21.03 9.88
N ILE D 787 63.34 -21.31 11.01
CA ILE D 787 63.85 -22.22 12.03
C ILE D 787 63.86 -23.65 11.49
N THR D 788 64.72 -24.48 12.07
CA THR D 788 64.80 -25.89 11.70
C THR D 788 64.27 -26.81 12.80
N SER D 789 64.80 -26.70 14.01
CA SER D 789 64.49 -27.63 15.09
C SER D 789 63.66 -26.96 16.17
N LEU D 790 62.76 -27.74 16.77
CA LEU D 790 61.95 -27.29 17.91
C LEU D 790 61.96 -28.40 18.96
N PRO D 791 62.93 -28.38 19.89
CA PRO D 791 63.06 -29.45 20.89
C PRO D 791 61.98 -29.42 21.98
N GLU D 792 62.22 -30.19 23.06
CA GLU D 792 61.37 -30.31 24.25
C GLU D 792 60.87 -28.98 24.82
N LYS D 793 61.59 -27.87 24.56
CA LYS D 793 61.13 -26.54 24.94
C LYS D 793 59.79 -26.17 24.30
N VAL D 794 59.46 -26.71 23.12
CA VAL D 794 58.17 -26.39 22.52
C VAL D 794 57.08 -27.37 22.97
N GLY D 795 57.45 -28.55 23.44
CA GLY D 795 56.45 -29.49 23.94
C GLY D 795 56.24 -29.44 25.43
N GLN D 796 57.00 -28.61 26.14
CA GLN D 796 56.92 -28.55 27.59
C GLN D 796 55.91 -27.51 28.08
N LEU D 797 55.82 -26.38 27.39
CA LEU D 797 54.94 -25.29 27.79
C LEU D 797 53.46 -25.58 27.61
N SER D 798 52.80 -26.01 28.68
CA SER D 798 51.35 -26.23 28.62
C SER D 798 50.58 -24.93 28.71
N GLN D 799 51.12 -23.93 29.43
CA GLN D 799 50.43 -22.66 29.59
C GLN D 799 50.38 -21.84 28.31
N LEU D 800 51.23 -22.14 27.34
CA LEU D 800 51.17 -21.48 26.05
C LEU D 800 49.95 -21.97 25.25
N THR D 801 49.51 -21.12 24.32
CA THR D 801 48.52 -21.52 23.33
C THR D 801 48.82 -21.02 21.92
N GLN D 802 49.83 -20.16 21.72
CA GLN D 802 50.05 -19.52 20.44
C GLN D 802 51.53 -19.50 20.12
N LEU D 803 51.88 -19.75 18.86
CA LEU D 803 53.26 -19.66 18.40
C LEU D 803 53.23 -19.26 16.92
N GLU D 804 53.42 -17.97 16.65
CA GLU D 804 53.40 -17.48 15.28
C GLU D 804 54.74 -17.72 14.59
N LEU D 805 54.68 -18.16 13.34
CA LEU D 805 55.83 -18.15 12.46
C LEU D 805 55.35 -18.09 11.02
N LYS D 806 56.01 -17.25 10.23
CA LYS D 806 55.90 -17.27 8.78
C LYS D 806 57.29 -17.15 8.19
N GLY D 807 57.55 -17.97 7.17
CA GLY D 807 58.87 -18.05 6.58
C GLY D 807 59.65 -19.14 7.28
N ASN D 808 59.77 -20.31 6.65
CA ASN D 808 60.26 -21.48 7.35
C ASN D 808 60.62 -22.54 6.32
N CYS D 809 61.48 -23.47 6.74
CA CYS D 809 61.56 -24.76 6.07
C CYS D 809 60.22 -25.49 6.18
N PHE D 810 59.62 -25.45 7.39
CA PHE D 810 58.38 -26.14 7.81
C PHE D 810 58.31 -27.62 7.42
N ASP D 811 59.47 -28.25 7.24
CA ASP D 811 59.55 -29.60 6.70
C ASP D 811 60.60 -30.41 7.45
N ARG D 812 60.74 -30.15 8.74
CA ARG D 812 61.49 -30.99 9.66
C ARG D 812 60.57 -31.59 10.72
N LEU D 813 59.73 -30.74 11.35
CA LEU D 813 58.49 -31.09 12.04
C LEU D 813 58.71 -32.08 13.17
N PRO D 814 59.28 -31.63 14.29
CA PRO D 814 59.79 -32.57 15.29
C PRO D 814 58.66 -33.23 16.10
N ALA D 815 59.04 -34.27 16.82
CA ALA D 815 58.08 -35.10 17.55
C ALA D 815 57.53 -34.41 18.78
N GLN D 816 58.20 -33.38 19.28
CA GLN D 816 57.73 -32.67 20.47
C GLN D 816 56.45 -31.90 20.21
N LEU D 817 56.13 -31.59 18.94
CA LEU D 817 54.83 -31.04 18.59
C LEU D 817 53.70 -32.02 18.84
N GLY D 818 54.00 -33.33 18.93
CA GLY D 818 53.00 -34.27 19.41
C GLY D 818 52.64 -34.05 20.87
N GLN D 819 53.58 -33.55 21.66
CA GLN D 819 53.32 -33.20 23.06
C GLN D 819 52.88 -31.75 23.19
N CYS D 820 51.87 -31.36 22.41
CA CYS D 820 51.40 -29.98 22.39
C CYS D 820 49.88 -29.93 22.33
N ARG D 821 49.19 -30.91 22.93
CA ARG D 821 47.74 -30.92 22.86
C ARG D 821 47.11 -29.93 23.84
N MET D 822 47.86 -29.47 24.84
CA MET D 822 47.32 -28.44 25.73
C MET D 822 47.23 -27.10 25.01
N LEU D 823 48.24 -26.77 24.22
CA LEU D 823 48.15 -25.61 23.36
C LEU D 823 47.34 -25.96 22.12
N LYS D 824 46.90 -24.92 21.40
CA LYS D 824 45.90 -25.11 20.36
C LYS D 824 46.43 -24.80 18.96
N LYS D 825 46.96 -23.61 18.71
CA LYS D 825 47.13 -23.12 17.35
C LYS D 825 48.49 -22.44 17.18
N SER D 826 49.14 -22.73 16.06
CA SER D 826 50.36 -22.06 15.65
C SER D 826 50.04 -21.02 14.57
N GLY D 827 51.08 -20.43 13.97
CA GLY D 827 50.89 -19.40 12.99
C GLY D 827 50.55 -19.87 11.59
N LEU D 828 51.35 -20.80 11.06
CA LEU D 828 51.25 -21.22 9.65
C LEU D 828 51.32 -22.72 9.46
N VAL D 829 51.71 -23.49 10.48
CA VAL D 829 52.16 -24.87 10.32
C VAL D 829 51.03 -25.83 9.95
N VAL D 830 49.77 -25.44 10.13
CA VAL D 830 48.67 -26.38 9.98
C VAL D 830 48.38 -26.58 8.50
N GLU D 831 49.07 -27.55 7.91
CA GLU D 831 48.79 -28.07 6.57
C GLU D 831 49.01 -29.58 6.65
N ASP D 832 49.08 -30.23 5.49
CA ASP D 832 49.35 -31.66 5.45
C ASP D 832 50.84 -32.00 5.44
N HIS D 833 51.73 -31.01 5.57
CA HIS D 833 53.13 -31.36 5.75
C HIS D 833 53.37 -31.90 7.15
N LEU D 834 52.76 -31.29 8.17
CA LEU D 834 52.78 -31.85 9.51
C LEU D 834 51.70 -32.90 9.70
N PHE D 835 50.63 -32.87 8.91
CA PHE D 835 49.54 -33.82 9.05
C PHE D 835 49.77 -35.11 8.27
N ASP D 836 50.96 -35.31 7.71
CA ASP D 836 51.34 -36.59 7.13
C ASP D 836 52.55 -37.20 7.82
N THR D 837 53.45 -36.37 8.34
CA THR D 837 54.46 -36.85 9.28
C THR D 837 53.79 -37.15 10.62
N LEU D 838 54.15 -38.31 11.20
CA LEU D 838 53.76 -38.75 12.53
C LEU D 838 52.24 -38.82 12.71
N PRO D 839 51.55 -39.80 12.13
CA PRO D 839 50.08 -39.86 12.28
C PRO D 839 49.60 -40.27 13.65
N LEU D 840 50.49 -40.62 14.58
CA LEU D 840 50.08 -40.98 15.94
C LEU D 840 50.29 -39.85 16.94
N GLU D 841 51.33 -39.03 16.77
CA GLU D 841 51.57 -37.93 17.70
C GLU D 841 50.79 -36.67 17.31
N VAL D 842 51.14 -36.09 16.17
CA VAL D 842 50.61 -34.75 15.88
C VAL D 842 49.22 -34.83 15.26
N LYS D 843 48.91 -35.90 14.53
CA LYS D 843 47.56 -36.06 13.99
C LYS D 843 46.54 -36.29 15.08
N GLU D 844 46.84 -37.20 16.01
CA GLU D 844 45.97 -37.41 17.16
C GLU D 844 45.93 -36.17 18.05
N ALA D 845 47.05 -35.45 18.18
CA ALA D 845 47.07 -34.21 18.96
C ALA D 845 46.13 -33.16 18.37
N LEU D 846 46.40 -32.72 17.15
CA LEU D 846 45.61 -31.67 16.51
C LEU D 846 44.30 -32.18 15.90
N ASN D 847 43.92 -33.44 16.14
CA ASN D 847 42.59 -33.90 15.81
C ASN D 847 41.72 -34.12 17.05
N GLN D 848 42.32 -34.52 18.17
CA GLN D 848 41.58 -34.51 19.43
C GLN D 848 41.42 -33.10 19.99
N ASP D 849 42.29 -32.16 19.59
CA ASP D 849 42.08 -30.78 19.99
C ASP D 849 40.88 -30.14 19.30
N ILE D 850 40.56 -30.62 18.09
CA ILE D 850 39.37 -30.15 17.39
C ILE D 850 38.66 -31.32 16.70
N PHE E 2 -17.23 31.74 -46.95
CA PHE E 2 -16.42 32.93 -47.16
C PHE E 2 -15.29 33.03 -46.15
N THR E 3 -14.95 31.88 -45.54
CA THR E 3 -13.88 31.71 -44.56
C THR E 3 -14.11 32.65 -43.36
N LEU E 4 -15.16 32.31 -42.61
CA LEU E 4 -15.63 33.05 -41.46
C LEU E 4 -14.56 33.18 -40.38
N ALA E 5 -14.79 34.11 -39.45
CA ALA E 5 -13.73 34.55 -38.56
C ALA E 5 -13.50 33.60 -37.39
N GLU E 6 -14.42 32.66 -37.16
CA GLU E 6 -14.35 31.80 -35.98
C GLU E 6 -13.19 30.83 -36.09
N VAL E 7 -13.20 29.98 -37.11
CA VAL E 7 -12.14 28.98 -37.25
C VAL E 7 -10.83 29.62 -37.72
N ALA E 8 -10.91 30.73 -38.46
CA ALA E 8 -9.69 31.43 -38.86
C ALA E 8 -9.02 32.10 -37.67
N SER E 9 -9.81 32.51 -36.68
CA SER E 9 -9.22 33.00 -35.43
C SER E 9 -8.64 31.84 -34.62
N LEU E 10 -9.44 30.79 -34.41
CA LEU E 10 -9.05 29.72 -33.49
C LEU E 10 -8.09 28.71 -34.09
N ASN E 11 -7.70 28.85 -35.36
CA ASN E 11 -6.79 27.89 -35.96
C ASN E 11 -5.33 28.22 -35.68
N ASP E 12 -5.03 28.94 -34.61
CA ASP E 12 -3.67 29.31 -34.28
C ASP E 12 -3.25 28.93 -32.87
N ILE E 13 -4.13 28.30 -32.10
CA ILE E 13 -3.91 28.11 -30.67
C ILE E 13 -2.87 27.01 -30.45
N GLN E 14 -2.08 27.18 -29.38
CA GLN E 14 -1.18 26.16 -28.88
C GLN E 14 -1.44 25.92 -27.39
N PRO E 15 -1.45 24.65 -26.96
CA PRO E 15 -1.99 24.34 -25.62
C PRO E 15 -1.18 24.79 -24.41
N THR E 16 0.11 24.46 -24.36
CA THR E 16 0.89 24.59 -23.14
C THR E 16 2.12 25.46 -23.30
N TYR E 17 2.23 26.19 -24.40
CA TYR E 17 3.48 26.85 -24.73
C TYR E 17 3.48 28.26 -24.14
N ARG E 18 3.48 28.29 -22.82
CA ARG E 18 3.87 29.51 -22.14
C ARG E 18 5.36 29.73 -22.32
N ILE E 19 6.12 28.64 -22.48
CA ILE E 19 7.51 28.67 -22.90
C ILE E 19 7.45 28.77 -24.42
N LEU E 20 8.60 29.06 -25.06
CA LEU E 20 8.79 29.06 -26.51
C LEU E 20 7.99 30.15 -27.21
N LYS E 21 7.76 31.25 -26.53
CA LYS E 21 7.35 32.42 -27.29
C LYS E 21 8.06 33.65 -26.73
N PRO E 22 8.79 34.36 -27.56
CA PRO E 22 9.33 35.67 -27.14
C PRO E 22 8.26 36.74 -27.13
N TRP E 23 8.61 38.01 -26.89
CA TRP E 23 7.58 39.05 -26.88
C TRP E 23 7.00 39.24 -28.27
N TRP E 24 7.85 39.16 -29.29
CA TRP E 24 7.37 39.44 -30.63
C TRP E 24 6.54 38.32 -31.21
N ASP E 25 6.64 37.10 -30.68
CA ASP E 25 5.67 36.08 -31.07
C ASP E 25 4.27 36.50 -30.65
N VAL E 26 4.13 37.07 -29.46
CA VAL E 26 2.83 37.51 -28.98
C VAL E 26 2.37 38.75 -29.74
N PHE E 27 3.28 39.69 -30.01
CA PHE E 27 2.90 40.90 -30.74
C PHE E 27 2.48 40.57 -32.17
N MET E 28 3.26 39.75 -32.87
CA MET E 28 2.91 39.32 -34.22
C MET E 28 1.62 38.52 -34.23
N ASP E 29 1.38 37.70 -33.21
CA ASP E 29 0.19 36.86 -33.16
C ASP E 29 -1.07 37.71 -32.98
N TYR E 30 -1.11 38.52 -31.92
CA TYR E 30 -2.31 39.32 -31.67
C TYR E 30 -2.49 40.40 -32.75
N LEU E 31 -1.40 40.95 -33.27
CA LEU E 31 -1.49 41.97 -34.30
C LEU E 31 -2.04 41.38 -35.59
N ALA E 32 -1.65 40.15 -35.92
CA ALA E 32 -2.23 39.48 -37.07
C ALA E 32 -3.69 39.12 -36.83
N VAL E 33 -4.08 38.87 -35.58
CA VAL E 33 -5.51 38.63 -35.29
C VAL E 33 -6.32 39.90 -35.56
N VAL E 34 -5.80 41.06 -35.17
CA VAL E 34 -6.50 42.31 -35.42
C VAL E 34 -6.58 42.60 -36.92
N MET E 35 -5.50 42.31 -37.64
CA MET E 35 -5.52 42.49 -39.08
C MET E 35 -6.50 41.51 -39.76
N LEU E 36 -6.66 40.32 -39.18
CA LEU E 36 -7.68 39.39 -39.66
C LEU E 36 -9.07 39.93 -39.41
N MET E 37 -9.27 40.60 -38.28
CA MET E 37 -10.58 41.20 -38.00
C MET E 37 -10.90 42.29 -39.00
N VAL E 38 -9.89 43.08 -39.37
CA VAL E 38 -10.03 44.08 -40.43
C VAL E 38 -10.40 43.42 -41.76
N ALA E 39 -9.76 42.29 -42.07
CA ALA E 39 -10.03 41.64 -43.36
C ALA E 39 -11.42 41.01 -43.39
N ILE E 40 -11.87 40.42 -42.28
CA ILE E 40 -13.20 39.80 -42.25
C ILE E 40 -14.28 40.86 -42.34
N PHE E 41 -14.10 41.96 -41.60
CA PHE E 41 -15.03 43.07 -41.72
C PHE E 41 -15.01 43.68 -43.12
N ALA E 42 -13.83 43.70 -43.76
CA ALA E 42 -13.73 44.14 -45.14
C ALA E 42 -14.53 43.26 -46.07
N GLY E 43 -14.45 41.93 -45.88
CA GLY E 43 -15.19 41.02 -46.73
C GLY E 43 -16.69 41.14 -46.55
N THR E 44 -17.14 41.27 -45.30
CA THR E 44 -18.58 41.44 -45.03
C THR E 44 -19.11 42.73 -45.63
N MET E 45 -18.41 43.84 -45.39
CA MET E 45 -18.84 45.12 -45.92
C MET E 45 -18.75 45.14 -47.43
N GLN E 46 -17.80 44.42 -48.02
CA GLN E 46 -17.68 44.39 -49.47
C GLN E 46 -18.82 43.60 -50.09
N LEU E 47 -19.24 42.52 -49.42
CA LEU E 47 -20.36 41.76 -49.94
C LEU E 47 -21.68 42.48 -49.71
N THR E 48 -21.73 43.43 -48.77
CA THR E 48 -23.00 44.04 -48.39
C THR E 48 -23.53 44.99 -49.47
N LYS E 49 -22.82 46.09 -49.73
CA LYS E 49 -23.32 47.14 -50.61
C LYS E 49 -22.27 47.52 -51.65
N ASP E 50 -22.13 46.68 -52.66
CA ASP E 50 -21.01 46.78 -53.59
C ASP E 50 -21.30 47.68 -54.77
N GLN E 51 -22.58 47.87 -55.11
CA GLN E 51 -23.02 48.27 -56.44
C GLN E 51 -22.54 49.67 -56.80
N VAL E 52 -22.43 49.89 -58.10
CA VAL E 52 -22.13 51.19 -58.64
C VAL E 52 -23.39 51.74 -59.27
N VAL E 53 -23.33 53.00 -59.68
CA VAL E 53 -24.44 53.53 -60.46
C VAL E 53 -23.93 54.52 -61.49
N CYS E 54 -24.22 54.24 -62.76
CA CYS E 54 -23.93 55.15 -63.86
C CYS E 54 -25.16 55.91 -64.29
N LEU E 55 -24.90 56.96 -65.07
CA LEU E 55 -25.92 57.62 -65.87
C LEU E 55 -25.22 58.37 -67.01
N PRO E 56 -25.96 58.70 -68.07
CA PRO E 56 -25.38 59.46 -69.17
C PRO E 56 -25.15 60.92 -68.88
N VAL E 57 -24.24 61.49 -69.67
CA VAL E 57 -24.12 62.93 -69.75
C VAL E 57 -25.36 63.52 -70.41
N LEU E 58 -25.54 64.84 -70.22
CA LEU E 58 -26.74 65.50 -70.72
C LEU E 58 -26.78 65.60 -72.24
N PRO E 59 -25.70 65.99 -72.96
CA PRO E 59 -25.89 65.90 -74.41
C PRO E 59 -25.77 64.48 -74.94
N THR E 135 -35.65 71.72 -65.59
CA THR E 135 -36.23 70.64 -64.80
C THR E 135 -35.46 69.33 -65.01
N GLY E 136 -36.16 68.22 -64.86
CA GLY E 136 -35.52 66.92 -64.97
C GLY E 136 -35.31 66.45 -66.39
N ARG E 137 -34.06 66.25 -66.78
CA ARG E 137 -33.75 65.75 -68.10
C ARG E 137 -34.08 64.27 -68.18
N LYS E 138 -34.99 63.91 -69.09
CA LYS E 138 -35.52 62.56 -69.11
C LYS E 138 -34.54 61.56 -69.73
N THR E 139 -34.07 61.85 -70.95
CA THR E 139 -33.10 61.12 -71.78
C THR E 139 -33.63 59.80 -72.34
N ASN E 140 -34.81 59.39 -71.89
CA ASN E 140 -35.64 58.34 -72.49
C ASN E 140 -34.90 57.01 -72.58
N LEU E 141 -34.62 56.45 -71.40
CA LEU E 141 -34.14 55.08 -71.28
C LEU E 141 -35.12 54.28 -70.44
N ASP E 142 -34.75 53.04 -70.14
CA ASP E 142 -35.53 52.18 -69.27
C ASP E 142 -34.58 51.49 -68.30
N PHE E 143 -35.16 51.05 -67.17
CA PHE E 143 -34.42 50.60 -66.00
C PHE E 143 -33.42 49.49 -66.30
N GLN E 144 -33.78 48.56 -67.17
CA GLN E 144 -32.88 47.44 -67.35
C GLN E 144 -31.67 47.81 -68.21
N GLN E 145 -31.78 48.84 -69.06
CA GLN E 145 -30.57 49.31 -69.70
C GLN E 145 -29.65 49.97 -68.68
N TYR E 146 -30.21 50.53 -67.61
CA TYR E 146 -29.35 51.07 -66.57
C TYR E 146 -28.63 49.95 -65.82
N VAL E 147 -29.32 48.83 -65.56
CA VAL E 147 -28.60 47.79 -64.82
C VAL E 147 -27.58 47.11 -65.74
N PHE E 148 -27.86 47.05 -67.05
CA PHE E 148 -26.84 46.58 -67.97
C PHE E 148 -25.68 47.55 -68.05
N ILE E 149 -25.96 48.84 -67.96
CA ILE E 149 -24.92 49.80 -68.24
C ILE E 149 -23.99 49.93 -67.04
N ASN E 150 -24.49 49.79 -65.82
CA ASN E 150 -23.55 49.80 -64.71
C ASN E 150 -22.97 48.42 -64.43
N GLN E 151 -23.61 47.35 -64.90
CA GLN E 151 -22.93 46.05 -65.01
C GLN E 151 -21.67 46.16 -65.87
N MET E 152 -21.84 46.71 -67.08
CA MET E 152 -20.72 46.85 -68.01
C MET E 152 -19.66 47.79 -67.47
N CYS E 153 -20.07 48.88 -66.84
CA CYS E 153 -19.09 49.81 -66.30
C CYS E 153 -18.35 49.22 -65.11
N TYR E 154 -19.06 48.53 -64.22
CA TYR E 154 -18.43 47.91 -63.06
C TYR E 154 -17.46 46.82 -63.45
N HIS E 155 -17.68 46.16 -64.58
CA HIS E 155 -16.63 45.26 -65.03
C HIS E 155 -15.66 45.87 -66.03
N LEU E 156 -15.82 47.13 -66.42
CA LEU E 156 -14.84 47.72 -67.30
C LEU E 156 -14.13 48.95 -66.76
N ALA E 157 -14.78 49.78 -65.94
CA ALA E 157 -14.14 51.01 -65.49
C ALA E 157 -13.85 50.99 -63.99
N LEU E 158 -13.76 49.85 -63.45
CA LEU E 158 -13.10 49.84 -62.16
C LEU E 158 -11.64 49.47 -62.35
N PRO E 159 -10.76 49.93 -61.47
CA PRO E 159 -9.38 49.45 -61.52
C PRO E 159 -9.30 47.97 -61.18
N TRP E 160 -8.33 47.30 -61.79
CA TRP E 160 -8.06 45.91 -61.45
C TRP E 160 -7.56 45.77 -60.03
N TYR E 161 -6.90 46.80 -59.52
CA TYR E 161 -6.44 46.74 -58.15
C TYR E 161 -7.56 46.97 -57.15
N SER E 162 -8.55 47.81 -57.46
CA SER E 162 -9.37 48.38 -56.42
C SER E 162 -10.51 47.50 -55.95
N LYS E 163 -11.09 46.66 -56.80
CA LYS E 163 -12.28 45.92 -56.41
C LYS E 163 -12.00 44.53 -55.88
N TYR E 164 -10.75 44.07 -55.93
CA TYR E 164 -10.40 42.73 -55.47
C TYR E 164 -9.62 42.78 -54.17
N PHE E 165 -9.70 43.88 -53.43
CA PHE E 165 -8.83 44.06 -52.28
C PHE E 165 -9.14 43.18 -51.07
N PRO E 166 -10.39 43.05 -50.56
CA PRO E 166 -10.56 42.35 -49.28
C PRO E 166 -10.25 40.87 -49.34
N TYR E 167 -10.50 40.22 -50.48
CA TYR E 167 -10.08 38.84 -50.63
C TYR E 167 -8.57 38.72 -50.61
N LEU E 168 -7.87 39.68 -51.23
CA LEU E 168 -6.42 39.70 -51.24
C LEU E 168 -5.88 39.87 -49.83
N ALA E 169 -6.51 40.74 -49.04
CA ALA E 169 -6.05 40.97 -47.68
C ALA E 169 -6.31 39.76 -46.80
N LEU E 170 -7.42 39.07 -47.02
CA LEU E 170 -7.70 37.86 -46.23
C LEU E 170 -6.71 36.75 -46.55
N ILE E 171 -6.40 36.55 -47.84
CA ILE E 171 -5.42 35.56 -48.25
C ILE E 171 -4.05 35.88 -47.66
N HIS E 172 -3.67 37.16 -47.66
CA HIS E 172 -2.36 37.51 -47.15
C HIS E 172 -2.30 37.39 -45.63
N THR E 173 -3.43 37.62 -44.95
CA THR E 173 -3.51 37.41 -43.51
C THR E 173 -3.29 35.95 -43.16
N ILE E 174 -3.98 35.05 -43.87
CA ILE E 174 -3.83 33.62 -43.63
C ILE E 174 -2.40 33.17 -43.87
N ILE E 175 -1.78 33.68 -44.93
CA ILE E 175 -0.37 33.36 -45.23
C ILE E 175 0.54 33.79 -44.09
N LEU E 176 0.35 35.02 -43.59
CA LEU E 176 1.21 35.54 -42.52
C LEU E 176 1.08 34.74 -41.24
N MET E 177 -0.15 34.48 -40.81
CA MET E 177 -0.40 33.82 -39.53
C MET E 177 0.04 32.35 -39.57
N VAL E 178 -0.29 31.65 -40.65
CA VAL E 178 0.08 30.25 -40.74
C VAL E 178 1.58 30.10 -40.98
N SER E 179 2.25 31.11 -41.55
CA SER E 179 3.71 31.07 -41.62
C SER E 179 4.32 31.21 -40.23
N SER E 180 3.78 32.13 -39.43
CA SER E 180 4.24 32.32 -38.06
C SER E 180 4.10 31.07 -37.21
N ASN E 181 3.20 30.15 -37.56
CA ASN E 181 3.23 28.89 -36.83
C ASN E 181 3.60 27.62 -37.60
N PHE E 182 3.91 27.66 -38.91
CA PHE E 182 4.60 26.49 -39.43
C PHE E 182 6.10 26.72 -39.46
N TRP E 183 6.56 27.80 -38.81
CA TRP E 183 7.85 27.67 -38.12
C TRP E 183 7.89 26.41 -37.26
N PHE E 184 6.85 26.20 -36.48
CA PHE E 184 6.85 25.19 -35.43
C PHE E 184 6.17 23.89 -35.83
N LYS E 185 4.95 23.98 -36.36
CA LYS E 185 4.04 22.84 -36.32
C LYS E 185 4.27 21.80 -37.41
N TYR E 186 5.25 21.99 -38.37
CA TYR E 186 5.15 20.96 -39.40
C TYR E 186 5.94 19.73 -38.97
N PRO E 187 5.37 18.55 -39.11
CA PRO E 187 5.74 17.43 -38.23
C PRO E 187 6.99 16.67 -38.61
N LYS E 188 7.86 17.23 -39.46
CA LYS E 188 9.21 16.68 -39.54
C LYS E 188 9.98 16.90 -38.24
N THR E 189 9.67 17.99 -37.52
CA THR E 189 10.43 18.35 -36.34
C THR E 189 9.51 18.67 -35.17
N CYS E 190 8.25 18.21 -35.22
CA CYS E 190 7.32 18.51 -34.13
C CYS E 190 7.66 17.73 -32.87
N SER E 191 8.01 16.44 -33.02
CA SER E 191 8.01 15.54 -31.88
C SER E 191 9.20 15.77 -30.97
N LYS E 192 10.36 16.13 -31.53
CA LYS E 192 11.52 16.37 -30.67
C LYS E 192 11.37 17.65 -29.85
N VAL E 193 10.65 18.64 -30.36
CA VAL E 193 10.48 19.87 -29.61
C VAL E 193 9.33 19.76 -28.62
N GLU E 194 8.27 19.01 -28.97
CA GLU E 194 7.31 18.51 -27.99
C GLU E 194 8.01 17.81 -26.84
N HIS E 195 8.97 16.97 -27.19
CA HIS E 195 9.73 16.24 -26.20
C HIS E 195 10.60 17.19 -25.39
N PHE E 196 11.08 18.27 -26.02
CA PHE E 196 11.92 19.24 -25.33
C PHE E 196 11.16 20.03 -24.28
N VAL E 197 9.93 20.44 -24.62
CA VAL E 197 9.07 21.08 -23.64
C VAL E 197 8.74 20.10 -22.53
N SER E 198 8.62 18.81 -22.86
CA SER E 198 8.45 17.79 -21.82
C SER E 198 9.68 17.69 -20.92
N ILE E 199 10.89 17.83 -21.49
CA ILE E 199 12.13 17.79 -20.71
C ILE E 199 12.10 18.87 -19.65
N LEU E 200 11.84 20.10 -20.08
CA LEU E 200 11.97 21.22 -19.16
C LEU E 200 10.82 21.26 -18.17
N GLY E 201 9.60 20.96 -18.64
CA GLY E 201 8.44 20.90 -17.77
C GLY E 201 8.48 19.79 -16.75
N LYS E 202 9.26 18.73 -17.01
CA LYS E 202 9.57 17.78 -15.95
C LYS E 202 10.81 18.17 -15.16
N CYS E 203 11.69 18.98 -15.75
CA CYS E 203 12.92 19.37 -15.08
C CYS E 203 12.65 20.31 -13.92
N PHE E 204 11.60 21.13 -14.02
CA PHE E 204 11.42 22.23 -13.08
C PHE E 204 11.06 21.78 -11.67
N GLU E 205 10.34 20.68 -11.50
CA GLU E 205 9.75 20.37 -10.20
C GLU E 205 10.58 19.42 -9.36
N SER E 206 11.80 19.12 -9.74
CA SER E 206 12.61 18.14 -9.01
C SER E 206 13.18 18.75 -7.74
N PRO E 207 12.80 18.24 -6.55
CA PRO E 207 13.29 18.85 -5.30
C PRO E 207 14.75 18.61 -5.04
N TRP E 208 15.34 17.59 -5.67
CA TRP E 208 16.77 17.37 -5.53
C TRP E 208 17.58 18.51 -6.10
N THR E 209 17.05 19.19 -7.13
CA THR E 209 17.76 20.31 -7.74
C THR E 209 17.96 21.45 -6.75
N THR E 210 16.90 21.84 -6.06
CA THR E 210 17.09 22.88 -5.05
C THR E 210 17.79 22.34 -3.81
N LYS E 211 17.72 21.03 -3.55
CA LYS E 211 18.50 20.48 -2.44
C LYS E 211 19.99 20.55 -2.73
N ALA E 212 20.38 20.40 -4.00
CA ALA E 212 21.78 20.51 -4.40
C ALA E 212 22.19 21.95 -4.70
N LEU E 213 21.24 22.84 -4.93
CA LEU E 213 21.58 24.24 -5.12
C LEU E 213 21.65 25.03 -3.82
N SER E 214 20.92 24.60 -2.80
CA SER E 214 21.12 25.12 -1.45
C SER E 214 22.28 24.44 -0.73
N GLU E 215 22.93 23.46 -1.38
CA GLU E 215 24.02 22.72 -0.76
C GLU E 215 25.38 23.32 -1.11
N THR E 216 25.57 23.70 -2.37
CA THR E 216 26.84 24.27 -2.81
C THR E 216 26.60 25.38 -3.83
N ASP E 277 12.95 11.40 1.34
CA ASP E 277 13.79 11.12 0.18
C ASP E 277 13.55 9.70 -0.34
N LYS E 278 14.61 9.08 -0.86
CA LYS E 278 14.68 7.73 -1.43
C LYS E 278 13.83 7.54 -2.67
N LYS E 279 13.27 8.60 -3.25
CA LYS E 279 12.55 8.56 -4.52
C LYS E 279 13.19 9.46 -5.56
N ASP E 280 13.60 10.66 -5.10
CA ASP E 280 14.22 11.66 -5.96
C ASP E 280 15.49 11.15 -6.62
N GLY E 281 16.23 10.28 -5.93
CA GLY E 281 17.44 9.68 -6.46
C GLY E 281 17.23 8.91 -7.74
N GLU E 282 16.33 7.93 -7.73
CA GLU E 282 16.10 7.15 -8.95
C GLU E 282 15.33 7.95 -10.00
N GLN E 283 14.44 8.85 -9.58
CA GLN E 283 13.72 9.68 -10.55
C GLN E 283 14.68 10.59 -11.32
N ALA E 284 15.51 11.34 -10.59
CA ALA E 284 16.48 12.20 -11.25
C ALA E 284 17.61 11.42 -11.89
N LYS E 285 17.87 10.18 -11.48
CA LYS E 285 18.87 9.38 -12.18
C LYS E 285 18.37 8.96 -13.55
N ALA E 286 17.10 8.53 -13.62
CA ALA E 286 16.46 8.30 -14.91
C ALA E 286 16.45 9.56 -15.75
N LEU E 287 16.23 10.71 -15.10
CA LEU E 287 16.24 11.97 -15.82
C LEU E 287 17.66 12.32 -16.30
N PHE E 288 18.68 11.93 -15.53
CA PHE E 288 20.07 12.14 -15.93
C PHE E 288 20.39 11.40 -17.21
N GLU E 289 20.07 10.09 -17.23
CA GLU E 289 20.32 9.30 -18.44
C GLU E 289 19.46 9.78 -19.60
N LYS E 290 18.30 10.34 -19.28
CA LYS E 290 17.45 10.94 -20.30
C LYS E 290 18.12 12.16 -20.93
N VAL E 291 18.71 13.03 -20.09
CA VAL E 291 19.46 14.20 -20.56
C VAL E 291 20.69 13.78 -21.37
N ARG E 292 21.35 12.68 -20.97
CA ARG E 292 22.39 12.08 -21.80
C ARG E 292 21.88 11.72 -23.19
N LYS E 293 20.69 11.10 -23.25
CA LYS E 293 20.10 10.76 -24.54
C LYS E 293 19.76 11.99 -25.36
N PHE E 294 19.42 13.10 -24.69
CA PHE E 294 19.09 14.33 -25.41
C PHE E 294 20.32 14.99 -26.00
N ARG E 295 21.39 15.08 -25.22
CA ARG E 295 22.65 15.60 -25.74
C ARG E 295 23.22 14.68 -26.82
N ALA E 296 22.88 13.40 -26.80
CA ALA E 296 23.21 12.55 -27.93
C ALA E 296 22.36 12.88 -29.15
N HIS E 297 21.05 13.09 -28.96
CA HIS E 297 20.09 13.08 -30.04
C HIS E 297 19.89 14.44 -30.71
N VAL E 298 19.41 15.44 -29.94
CA VAL E 298 18.98 16.68 -30.57
C VAL E 298 20.12 17.63 -30.88
N GLU E 299 21.34 17.34 -30.41
CA GLU E 299 22.38 18.34 -30.38
C GLU E 299 23.05 18.57 -31.73
N ASP E 300 22.86 17.65 -32.69
CA ASP E 300 23.46 17.76 -34.01
C ASP E 300 22.43 18.00 -35.11
N SER E 301 21.47 18.90 -34.87
CA SER E 301 20.24 18.96 -35.65
C SER E 301 19.94 20.34 -36.20
N ASP E 302 20.83 20.94 -37.00
CA ASP E 302 20.62 22.28 -37.52
C ASP E 302 19.48 22.37 -38.52
N LEU E 303 18.25 22.16 -38.04
CA LEU E 303 17.04 22.43 -38.80
C LEU E 303 16.28 23.61 -38.22
N ILE E 304 16.31 23.75 -36.90
CA ILE E 304 15.47 24.73 -36.21
C ILE E 304 15.97 26.15 -36.46
N TYR E 305 17.29 26.35 -36.38
CA TYR E 305 17.87 27.68 -36.54
C TYR E 305 17.69 28.20 -37.96
N LYS E 306 18.05 27.40 -38.95
CA LYS E 306 17.85 27.77 -40.35
C LYS E 306 16.36 27.91 -40.67
N LEU E 307 15.51 27.10 -40.03
CA LEU E 307 14.07 27.18 -40.27
C LEU E 307 13.49 28.48 -39.75
N TYR E 308 13.91 28.92 -38.56
CA TYR E 308 13.40 30.16 -38.00
C TYR E 308 13.90 31.36 -38.78
N VAL E 309 15.14 31.28 -39.30
CA VAL E 309 15.63 32.33 -40.19
C VAL E 309 14.81 32.38 -41.48
N VAL E 310 14.43 31.21 -42.01
CA VAL E 310 13.58 31.16 -43.20
C VAL E 310 12.21 31.77 -42.93
N GLN E 311 11.67 31.55 -41.73
CA GLN E 311 10.37 32.11 -41.42
C GLN E 311 10.43 33.63 -41.26
N THR E 312 11.51 34.12 -40.65
CA THR E 312 11.72 35.56 -40.57
C THR E 312 11.85 36.20 -41.94
N VAL E 313 12.61 35.58 -42.84
CA VAL E 313 12.80 36.24 -44.13
C VAL E 313 11.58 36.08 -45.02
N ILE E 314 10.76 35.04 -44.84
CA ILE E 314 9.54 34.98 -45.65
C ILE E 314 8.51 35.95 -45.11
N LYS E 315 8.51 36.22 -43.80
CA LYS E 315 7.73 37.30 -43.22
C LYS E 315 8.12 38.64 -43.83
N THR E 316 9.41 38.93 -43.82
CA THR E 316 9.91 40.22 -44.30
C THR E 316 9.66 40.38 -45.80
N ALA E 317 9.74 39.27 -46.55
CA ALA E 317 9.50 39.32 -47.98
C ALA E 317 8.03 39.63 -48.27
N LYS E 318 7.11 38.96 -47.56
CA LYS E 318 5.69 39.23 -47.75
C LYS E 318 5.34 40.65 -47.32
N PHE E 319 5.97 41.12 -46.25
CA PHE E 319 5.76 42.49 -45.76
C PHE E 319 6.20 43.53 -46.79
N ILE E 320 7.45 43.44 -47.25
CA ILE E 320 7.98 44.40 -48.23
C ILE E 320 7.19 44.31 -49.53
N PHE E 321 6.75 43.11 -49.91
CA PHE E 321 5.99 42.93 -51.14
C PHE E 321 4.64 43.64 -51.09
N ILE E 322 3.87 43.44 -50.02
CA ILE E 322 2.58 44.11 -50.00
C ILE E 322 2.71 45.59 -49.68
N LEU E 323 3.78 46.03 -49.01
CA LEU E 323 3.90 47.46 -48.78
C LEU E 323 4.31 48.17 -50.07
N CYS E 324 5.14 47.53 -50.89
CA CYS E 324 5.45 48.05 -52.22
C CYS E 324 4.23 48.06 -53.12
N TYR E 325 3.35 47.07 -52.97
CA TYR E 325 2.09 47.08 -53.71
C TYR E 325 1.19 48.24 -53.26
N THR E 326 1.08 48.44 -51.96
CA THR E 326 0.12 49.43 -51.49
C THR E 326 0.62 50.85 -51.56
N ALA E 327 1.94 51.06 -51.70
CA ALA E 327 2.49 52.41 -51.81
C ALA E 327 1.96 53.19 -53.02
N ASN E 328 1.59 52.48 -54.09
CA ASN E 328 0.85 53.12 -55.16
C ASN E 328 -0.58 52.59 -55.31
N PHE E 329 -0.96 51.57 -54.54
CA PHE E 329 -2.38 51.23 -54.48
C PHE E 329 -3.20 52.28 -53.72
N VAL E 330 -2.58 53.05 -52.81
CA VAL E 330 -3.36 53.95 -51.96
C VAL E 330 -3.90 55.14 -52.75
N ASN E 331 -3.01 55.94 -53.33
CA ASN E 331 -3.34 57.32 -53.66
C ASN E 331 -4.02 57.47 -55.02
N ALA E 332 -4.64 56.40 -55.53
CA ALA E 332 -5.34 56.48 -56.80
C ALA E 332 -6.78 55.99 -56.73
N ILE E 333 -7.30 55.74 -55.53
CA ILE E 333 -8.68 55.33 -55.37
C ILE E 333 -9.58 56.54 -55.56
N SER E 334 -10.44 56.49 -56.56
CA SER E 334 -11.33 57.60 -56.88
C SER E 334 -12.76 57.25 -56.51
N PHE E 335 -13.64 58.23 -56.68
CA PHE E 335 -15.03 58.11 -56.31
C PHE E 335 -15.99 58.27 -57.47
N GLU E 336 -15.74 59.21 -58.36
CA GLU E 336 -16.41 59.26 -59.65
C GLU E 336 -15.52 58.64 -60.70
N HIS E 337 -16.14 58.00 -61.69
CA HIS E 337 -15.38 57.32 -62.73
C HIS E 337 -16.09 57.53 -64.05
N VAL E 338 -15.42 58.22 -64.96
CA VAL E 338 -15.91 58.40 -66.31
C VAL E 338 -15.57 57.16 -67.12
N CYS E 339 -16.57 56.56 -67.74
CA CYS E 339 -16.39 55.37 -68.54
C CYS E 339 -16.76 55.63 -69.98
N LYS E 340 -16.05 54.92 -70.87
CA LYS E 340 -16.30 54.92 -72.30
C LYS E 340 -16.41 53.46 -72.75
N PRO E 341 -17.53 52.81 -72.52
CA PRO E 341 -17.70 51.44 -73.00
C PRO E 341 -17.99 51.43 -74.49
N LYS E 342 -17.83 50.25 -75.07
CA LYS E 342 -18.05 50.05 -76.49
C LYS E 342 -19.49 49.74 -76.84
N VAL E 343 -20.42 49.88 -75.89
CA VAL E 343 -21.82 49.53 -76.15
C VAL E 343 -22.49 50.79 -76.70
N GLU E 344 -22.32 50.99 -78.00
CA GLU E 344 -22.88 52.16 -78.66
C GLU E 344 -24.12 51.85 -79.47
N HIS E 345 -24.17 50.69 -80.11
CA HIS E 345 -25.31 50.22 -80.87
C HIS E 345 -26.36 49.55 -80.00
N LEU E 346 -26.34 49.83 -78.71
CA LEU E 346 -27.24 49.25 -77.73
C LEU E 346 -28.10 50.29 -77.05
N ILE E 347 -27.52 51.45 -76.74
CA ILE E 347 -28.25 52.54 -76.11
C ILE E 347 -28.07 53.80 -76.95
N GLY E 348 -26.82 54.16 -77.21
CA GLY E 348 -26.54 55.30 -78.06
C GLY E 348 -25.63 56.32 -77.42
N TYR E 349 -25.00 55.95 -76.31
CA TYR E 349 -24.19 56.87 -75.52
C TYR E 349 -22.78 56.33 -75.44
N GLU E 350 -21.79 57.21 -75.50
CA GLU E 350 -20.39 56.78 -75.53
C GLU E 350 -19.59 57.18 -74.31
N VAL E 351 -19.80 58.36 -73.74
CA VAL E 351 -18.99 58.86 -72.64
C VAL E 351 -19.94 59.26 -71.53
N PHE E 352 -19.80 58.62 -70.37
CA PHE E 352 -20.73 58.89 -69.27
C PHE E 352 -20.09 58.42 -67.98
N GLU E 353 -20.84 58.42 -66.86
CA GLU E 353 -20.07 58.12 -65.65
C GLU E 353 -20.87 57.41 -64.59
N CYS E 354 -20.13 56.66 -63.77
CA CYS E 354 -20.60 56.02 -62.55
C CYS E 354 -20.00 56.69 -61.33
N THR E 355 -20.65 56.46 -60.21
CA THR E 355 -20.01 56.54 -58.92
C THR E 355 -20.02 55.16 -58.27
N HIS E 356 -19.12 55.01 -57.30
CA HIS E 356 -18.73 53.73 -56.71
C HIS E 356 -18.95 53.83 -55.22
N ASN E 357 -19.76 52.93 -54.68
CA ASN E 357 -20.21 53.02 -53.30
C ASN E 357 -19.13 52.71 -52.29
N MET E 358 -18.01 52.13 -52.68
CA MET E 358 -17.06 51.62 -51.72
C MET E 358 -15.97 52.60 -51.32
N ALA E 359 -15.83 53.72 -52.04
CA ALA E 359 -14.54 54.38 -52.18
C ALA E 359 -14.01 54.92 -50.86
N TYR E 360 -14.86 55.62 -50.10
CA TYR E 360 -14.38 56.26 -48.88
C TYR E 360 -14.12 55.25 -47.79
N MET E 361 -15.05 54.30 -47.61
CA MET E 361 -14.89 53.27 -46.60
C MET E 361 -13.71 52.38 -46.90
N LEU E 362 -13.53 52.01 -48.16
CA LEU E 362 -12.42 51.13 -48.51
C LEU E 362 -11.09 51.85 -48.41
N LYS E 363 -11.05 53.16 -48.69
CA LYS E 363 -9.79 53.87 -48.59
C LYS E 363 -9.39 54.08 -47.12
N LYS E 364 -10.36 54.32 -46.25
CA LYS E 364 -10.03 54.47 -44.84
C LYS E 364 -9.66 53.12 -44.22
N LEU E 365 -10.35 52.06 -44.63
CA LEU E 365 -10.00 50.72 -44.20
C LEU E 365 -8.61 50.32 -44.70
N LEU E 366 -8.26 50.78 -45.90
CA LEU E 366 -6.94 50.53 -46.47
C LEU E 366 -5.85 51.20 -45.66
N ILE E 367 -6.04 52.47 -45.28
CA ILE E 367 -4.96 53.12 -44.54
C ILE E 367 -4.85 52.56 -43.12
N SER E 368 -5.96 52.06 -42.55
CA SER E 368 -5.86 51.37 -41.27
C SER E 368 -5.07 50.07 -41.38
N TYR E 369 -5.39 49.29 -42.42
CA TYR E 369 -4.65 48.06 -42.73
C TYR E 369 -3.16 48.32 -42.94
N ILE E 370 -2.83 49.41 -43.64
CA ILE E 370 -1.42 49.67 -43.93
C ILE E 370 -0.69 50.19 -42.71
N SER E 371 -1.36 50.93 -41.83
CA SER E 371 -0.74 51.32 -40.57
C SER E 371 -0.44 50.08 -39.71
N ILE E 372 -1.38 49.13 -39.69
CA ILE E 372 -1.19 47.88 -38.95
C ILE E 372 0.00 47.10 -39.50
N ILE E 373 0.08 46.98 -40.83
CA ILE E 373 1.16 46.17 -41.40
C ILE E 373 2.52 46.88 -41.34
N CYS E 374 2.53 48.20 -41.40
CA CYS E 374 3.78 48.95 -41.20
C CYS E 374 4.32 48.74 -39.79
N VAL E 375 3.43 48.75 -38.79
CA VAL E 375 3.82 48.46 -37.40
C VAL E 375 4.37 47.04 -37.30
N TYR E 376 3.66 46.08 -37.90
CA TYR E 376 4.05 44.67 -37.90
C TYR E 376 5.45 44.48 -38.46
N GLY E 377 5.65 44.91 -39.71
CA GLY E 377 6.91 44.72 -40.37
C GLY E 377 8.06 45.46 -39.74
N PHE E 378 7.81 46.68 -39.22
CA PHE E 378 8.89 47.43 -38.59
C PHE E 378 9.36 46.76 -37.31
N ILE E 379 8.41 46.39 -36.44
CA ILE E 379 8.75 45.72 -35.18
C ILE E 379 9.47 44.40 -35.45
N CYS E 380 8.88 43.56 -36.31
CA CYS E 380 9.41 42.22 -36.45
C CYS E 380 10.70 42.22 -37.24
N LEU E 381 10.84 43.12 -38.23
CA LEU E 381 12.08 43.27 -38.97
C LEU E 381 13.22 43.70 -38.07
N TYR E 382 13.01 44.76 -37.28
CA TYR E 382 14.10 45.32 -36.49
C TYR E 382 14.53 44.37 -35.39
N THR E 383 13.56 43.77 -34.68
CA THR E 383 13.95 42.93 -33.57
C THR E 383 14.42 41.56 -34.07
N LEU E 384 13.97 41.12 -35.25
CA LEU E 384 14.47 39.85 -35.75
C LEU E 384 15.83 40.01 -36.41
N PHE E 385 16.12 41.20 -36.94
CA PHE E 385 17.48 41.54 -37.31
C PHE E 385 18.41 41.47 -36.12
N TRP E 386 17.97 42.04 -34.98
CA TRP E 386 18.85 42.05 -33.82
C TRP E 386 19.02 40.68 -33.18
N LEU E 387 18.01 39.82 -33.22
CA LEU E 387 18.23 38.46 -32.72
C LEU E 387 18.60 37.51 -33.86
N PHE E 388 18.89 38.04 -35.04
CA PHE E 388 19.55 37.26 -36.07
C PHE E 388 21.06 37.45 -36.01
N ARG E 389 21.51 38.70 -35.96
CA ARG E 389 22.94 38.96 -36.13
C ARG E 389 23.72 38.69 -34.84
N ILE E 390 23.23 39.13 -33.70
CA ILE E 390 24.08 39.36 -32.53
C ILE E 390 24.49 38.09 -31.78
N PRO E 391 23.60 37.18 -31.34
CA PRO E 391 24.10 36.09 -30.47
C PRO E 391 24.76 34.96 -31.23
N LEU E 392 24.48 34.84 -32.54
CA LEU E 392 25.05 33.87 -33.49
C LEU E 392 24.89 32.40 -33.07
N LYS E 393 23.96 32.10 -32.16
CA LYS E 393 23.40 30.76 -31.92
C LYS E 393 24.44 29.72 -31.46
N GLU E 394 25.57 30.17 -30.92
CA GLU E 394 26.56 29.24 -30.40
C GLU E 394 27.15 29.70 -29.08
N TYR E 395 26.71 30.84 -28.56
CA TYR E 395 27.22 31.38 -27.30
C TYR E 395 26.54 30.79 -26.08
N SER E 396 25.60 29.87 -26.26
CA SER E 396 24.92 29.26 -25.12
C SER E 396 25.86 28.39 -24.29
N PHE E 397 26.96 27.92 -24.88
CA PHE E 397 27.97 27.17 -24.13
C PHE E 397 28.61 28.05 -23.06
N GLU E 398 29.14 29.20 -23.45
CA GLU E 398 29.69 30.12 -22.48
C GLU E 398 28.60 30.75 -21.61
N LYS E 399 27.36 30.79 -22.10
CA LYS E 399 26.25 31.25 -21.26
C LYS E 399 26.01 30.29 -20.10
N VAL E 400 26.03 28.98 -20.38
CA VAL E 400 25.89 28.00 -19.31
C VAL E 400 27.16 27.98 -18.46
N ARG E 401 28.31 28.36 -19.05
CA ARG E 401 29.53 28.51 -18.25
C ARG E 401 29.42 29.68 -17.27
N GLU E 402 28.79 30.77 -17.70
CA GLU E 402 28.57 31.92 -16.82
C GLU E 402 27.53 31.60 -15.77
N GLU E 403 26.48 30.86 -16.17
CA GLU E 403 25.54 30.25 -15.24
C GLU E 403 26.24 29.45 -14.15
N SER E 404 27.21 28.62 -14.54
CA SER E 404 27.95 27.83 -13.58
C SER E 404 28.94 28.66 -12.78
N SER E 405 29.32 29.83 -13.31
CA SER E 405 30.39 30.62 -12.71
C SER E 405 29.98 31.25 -11.38
N PHE E 406 28.69 31.41 -11.11
CA PHE E 406 28.24 31.87 -9.81
C PHE E 406 27.27 30.89 -9.16
N SER E 407 27.26 29.65 -9.61
CA SER E 407 26.52 28.59 -8.94
C SER E 407 27.43 27.57 -8.29
N ASP E 408 28.76 27.73 -8.43
CA ASP E 408 29.79 26.86 -7.85
C ASP E 408 29.67 25.43 -8.36
N ILE E 409 29.67 25.29 -9.67
CA ILE E 409 29.69 24.02 -10.39
C ILE E 409 30.65 24.19 -11.57
N PRO E 410 31.45 23.17 -11.92
CA PRO E 410 32.33 23.29 -13.09
C PRO E 410 31.54 23.42 -14.39
N ASP E 411 32.07 24.25 -15.29
CA ASP E 411 31.32 24.66 -16.47
C ASP E 411 31.24 23.55 -17.50
N VAL E 412 30.20 23.62 -18.34
CA VAL E 412 29.95 22.66 -19.40
C VAL E 412 29.64 23.41 -20.70
N LYS E 413 30.21 22.91 -21.79
CA LYS E 413 29.94 23.46 -23.12
C LYS E 413 28.64 22.87 -23.68
N ASN E 414 27.66 23.76 -23.87
CA ASN E 414 26.28 23.34 -24.06
C ASN E 414 26.01 22.69 -25.42
N ASP E 415 26.23 23.41 -26.51
CA ASP E 415 25.43 23.12 -27.70
C ASP E 415 26.25 23.19 -28.98
N PHE E 416 25.61 22.71 -30.05
CA PHE E 416 25.93 23.03 -31.44
C PHE E 416 24.66 23.57 -32.09
N ALA E 417 23.52 22.96 -31.76
CA ALA E 417 22.20 23.37 -32.24
C ALA E 417 21.21 23.34 -31.07
N PHE E 418 21.09 24.46 -30.36
CA PHE E 418 20.08 24.59 -29.32
C PHE E 418 19.24 25.84 -29.49
N LEU E 419 17.97 25.66 -29.17
CA LEU E 419 16.95 26.67 -29.00
C LEU E 419 16.99 27.30 -27.61
N LEU E 420 18.03 27.03 -26.83
CA LEU E 420 18.01 27.40 -25.42
C LEU E 420 18.19 28.90 -25.25
N HIS E 421 18.70 29.60 -26.26
CA HIS E 421 18.63 31.06 -26.30
C HIS E 421 17.19 31.54 -26.19
N MET E 422 16.30 30.95 -26.98
CA MET E 422 14.96 31.50 -27.14
C MET E 422 14.11 31.23 -25.91
N VAL E 423 14.29 30.07 -25.28
CA VAL E 423 13.71 29.80 -23.97
C VAL E 423 14.25 30.79 -22.96
N ASP E 424 15.52 31.19 -23.12
CA ASP E 424 16.14 32.23 -22.32
C ASP E 424 15.38 33.55 -22.42
N GLN E 425 14.76 33.84 -23.56
CA GLN E 425 14.02 35.08 -23.67
C GLN E 425 12.71 35.06 -22.92
N TYR E 426 12.22 33.87 -22.55
CA TYR E 426 11.10 33.83 -21.62
C TYR E 426 11.58 34.12 -20.20
N ASP E 427 12.59 33.38 -19.74
CA ASP E 427 13.17 33.56 -18.42
C ASP E 427 14.66 33.27 -18.43
N GLN E 428 15.38 33.96 -17.56
CA GLN E 428 16.71 33.52 -17.17
C GLN E 428 16.63 32.34 -16.20
N LEU E 429 15.46 32.17 -15.56
CA LEU E 429 15.28 31.18 -14.51
C LEU E 429 15.42 29.76 -15.05
N TYR E 430 14.78 29.46 -16.18
CA TYR E 430 14.84 28.10 -16.68
C TYR E 430 16.19 27.77 -17.30
N SER E 431 16.91 28.77 -17.81
CA SER E 431 18.26 28.52 -18.28
C SER E 431 19.20 28.24 -17.10
N LYS E 432 19.02 28.95 -15.99
CA LYS E 432 19.75 28.65 -14.77
C LYS E 432 19.38 27.28 -14.20
N ARG E 433 18.12 26.90 -14.33
CA ARG E 433 17.58 25.79 -13.57
C ARG E 433 17.54 24.50 -14.38
N PHE E 434 17.84 24.56 -15.66
CA PHE E 434 17.97 23.36 -16.49
C PHE E 434 19.41 22.94 -16.68
N GLY E 435 20.36 23.87 -16.63
CA GLY E 435 21.77 23.56 -16.82
C GLY E 435 22.43 22.79 -15.69
N VAL E 436 21.69 22.50 -14.62
CA VAL E 436 22.19 21.65 -13.55
C VAL E 436 22.42 20.24 -14.04
N PHE E 437 21.47 19.70 -14.81
CA PHE E 437 21.46 18.28 -15.13
C PHE E 437 22.49 17.88 -16.18
N LEU E 438 23.24 18.82 -16.73
CA LEU E 438 24.32 18.46 -17.64
C LEU E 438 25.62 18.18 -16.91
N SER E 439 25.81 18.76 -15.72
CA SER E 439 27.09 18.71 -15.02
C SER E 439 27.22 17.36 -14.31
N GLU E 440 28.29 16.64 -14.65
CA GLU E 440 28.41 15.23 -14.29
C GLU E 440 28.76 15.04 -12.82
N VAL E 441 29.39 16.04 -12.19
CA VAL E 441 29.72 15.93 -10.77
C VAL E 441 28.44 16.01 -9.94
N SER E 442 27.44 16.73 -10.44
CA SER E 442 26.17 16.80 -9.74
C SER E 442 25.40 15.49 -9.87
N GLU E 443 25.65 14.72 -10.93
CA GLU E 443 25.08 13.39 -11.04
C GLU E 443 25.85 12.38 -10.21
N ASN E 444 27.16 12.60 -10.08
CA ASN E 444 27.98 11.79 -9.19
C ASN E 444 27.54 11.94 -7.75
N LYS E 445 27.03 13.12 -7.40
CA LYS E 445 26.39 13.34 -6.10
C LYS E 445 25.23 12.37 -5.87
N LEU E 446 24.33 12.24 -6.84
CA LEU E 446 23.20 11.33 -6.62
C LEU E 446 23.60 9.87 -6.64
N ARG E 447 24.58 9.48 -7.46
CA ARG E 447 24.98 8.08 -7.41
C ARG E 447 25.69 7.77 -6.10
N GLU E 448 26.40 8.74 -5.52
CA GLU E 448 27.06 8.52 -4.24
C GLU E 448 26.05 8.46 -3.10
N ILE E 449 25.05 9.36 -3.10
CA ILE E 449 23.99 9.30 -2.10
C ILE E 449 23.16 8.02 -2.23
N SER E 450 22.90 7.57 -3.47
CA SER E 450 22.13 6.35 -3.66
C SER E 450 22.89 5.11 -3.18
N LEU E 451 24.17 5.01 -3.54
CA LEU E 451 24.95 3.86 -3.11
C LEU E 451 25.29 3.91 -1.63
N ASN E 452 25.20 5.08 -0.99
CA ASN E 452 25.17 5.10 0.47
C ASN E 452 23.80 4.71 1.00
N HIS E 453 22.75 4.92 0.20
CA HIS E 453 21.40 4.69 0.69
C HIS E 453 21.06 3.20 0.76
N GLU E 454 21.08 2.50 -0.38
CA GLU E 454 20.47 1.17 -0.33
C GLU E 454 21.36 0.09 0.29
N TRP E 455 22.60 0.41 0.65
CA TRP E 455 23.43 -0.57 1.36
C TRP E 455 23.35 -0.31 2.86
N THR E 456 22.19 -0.65 3.41
CA THR E 456 21.97 -0.55 4.84
C THR E 456 22.68 -1.69 5.57
N PHE E 457 22.64 -1.62 6.91
CA PHE E 457 23.24 -2.69 7.72
C PHE E 457 22.46 -3.98 7.58
N GLU E 458 21.15 -3.91 7.35
CA GLU E 458 20.35 -5.13 7.22
C GLU E 458 20.67 -5.85 5.91
N LYS E 459 20.94 -5.09 4.85
CA LYS E 459 21.26 -5.70 3.56
C LYS E 459 22.72 -6.12 3.47
N LEU E 460 23.64 -5.29 3.98
CA LEU E 460 25.05 -5.55 3.73
C LEU E 460 25.60 -6.64 4.64
N ARG E 461 25.16 -6.67 5.90
CA ARG E 461 25.77 -7.58 6.86
C ARG E 461 25.26 -9.02 6.69
N GLN E 462 24.17 -9.24 5.96
CA GLN E 462 23.77 -10.60 5.65
C GLN E 462 24.53 -11.18 4.47
N HIS E 463 25.35 -10.38 3.79
CA HIS E 463 26.00 -10.82 2.57
C HIS E 463 27.34 -11.51 2.82
N ILE E 464 27.92 -11.35 4.02
CA ILE E 464 29.25 -11.89 4.32
C ILE E 464 29.17 -13.41 4.45
N SER E 465 30.02 -14.11 3.68
CA SER E 465 30.10 -15.57 3.73
C SER E 465 31.38 -16.10 3.09
N ARG E 466 32.21 -16.77 3.88
CA ARG E 466 33.33 -17.60 3.43
C ARG E 466 33.80 -18.38 4.65
N ASN E 467 34.66 -19.39 4.41
CA ASN E 467 35.00 -20.40 5.40
C ASN E 467 36.26 -20.05 6.23
N ALA E 468 37.40 -19.87 5.57
CA ALA E 468 38.65 -19.69 6.31
C ALA E 468 38.78 -18.27 6.82
N GLN E 469 38.72 -17.30 5.94
CA GLN E 469 38.63 -15.89 6.30
C GLN E 469 37.35 -15.34 5.71
N ASP E 470 36.75 -14.37 6.40
CA ASP E 470 35.43 -13.87 6.01
C ASP E 470 35.59 -12.72 5.01
N LYS E 471 35.68 -13.10 3.74
CA LYS E 471 35.86 -12.15 2.64
C LYS E 471 34.54 -11.48 2.31
N GLN E 472 34.48 -10.15 2.43
CA GLN E 472 33.30 -9.45 1.96
C GLN E 472 33.38 -9.31 0.45
N GLU E 473 32.78 -10.27 -0.24
CA GLU E 473 32.45 -10.09 -1.64
C GLU E 473 31.46 -8.95 -1.76
N LEU E 474 31.59 -8.16 -2.81
CA LEU E 474 30.54 -7.24 -3.19
C LEU E 474 30.71 -6.97 -4.68
N HIS E 475 29.60 -6.72 -5.36
CA HIS E 475 29.62 -6.52 -6.81
C HIS E 475 30.20 -5.15 -7.13
N LEU E 476 31.51 -5.01 -6.93
CA LEU E 476 32.14 -3.69 -6.90
C LEU E 476 32.39 -3.17 -8.30
N PHE E 477 32.36 -4.06 -9.30
CA PHE E 477 32.30 -3.61 -10.69
C PHE E 477 31.00 -2.87 -10.96
N MET E 478 29.91 -3.27 -10.31
CA MET E 478 28.65 -2.56 -10.40
C MET E 478 28.58 -1.38 -9.44
N LEU E 479 29.29 -1.46 -8.32
CA LEU E 479 29.30 -0.39 -7.32
C LEU E 479 30.25 0.70 -7.80
N SER E 480 29.69 1.80 -8.29
CA SER E 480 30.51 2.88 -8.82
C SER E 480 31.20 3.66 -7.70
N GLY E 481 30.43 4.02 -6.67
CA GLY E 481 31.00 4.53 -5.44
C GLY E 481 30.81 3.48 -4.36
N VAL E 482 31.74 3.44 -3.41
CA VAL E 482 31.69 2.40 -2.38
C VAL E 482 30.62 2.78 -1.37
N PRO E 483 30.07 1.83 -0.64
CA PRO E 483 29.26 2.17 0.52
C PRO E 483 30.14 2.50 1.72
N ASP E 484 29.49 2.95 2.79
CA ASP E 484 30.18 3.33 4.01
C ASP E 484 29.72 2.57 5.24
N ALA E 485 28.48 2.07 5.23
CA ALA E 485 27.98 1.18 6.29
C ALA E 485 28.73 -0.14 6.34
N VAL E 486 29.44 -0.51 5.27
CA VAL E 486 30.38 -1.62 5.25
C VAL E 486 31.51 -1.42 6.26
N PHE E 487 31.78 -0.18 6.67
CA PHE E 487 32.77 0.06 7.71
C PHE E 487 32.22 -0.20 9.10
N ASP E 488 30.92 -0.48 9.23
CA ASP E 488 30.27 -0.74 10.51
C ASP E 488 30.15 -2.23 10.79
N LEU E 489 31.10 -3.03 10.29
CA LEU E 489 31.09 -4.48 10.47
C LEU E 489 32.42 -4.88 11.10
N THR E 490 32.34 -5.65 12.19
CA THR E 490 33.47 -5.83 13.09
C THR E 490 34.18 -7.18 12.96
N ASP E 491 33.58 -8.15 12.26
CA ASP E 491 34.23 -9.45 12.04
C ASP E 491 34.80 -9.57 10.64
N LEU E 492 35.04 -8.45 9.98
CA LEU E 492 35.55 -8.43 8.61
C LEU E 492 37.04 -8.17 8.65
N ASP E 493 37.82 -9.19 8.33
CA ASP E 493 39.27 -9.11 8.35
C ASP E 493 39.90 -9.09 6.96
N VAL E 494 39.19 -9.58 5.94
CA VAL E 494 39.59 -9.44 4.54
C VAL E 494 38.34 -9.06 3.75
N LEU E 495 38.56 -8.35 2.65
CA LEU E 495 37.49 -8.01 1.71
C LEU E 495 38.13 -7.61 0.39
N LYS E 496 37.32 -7.55 -0.66
CA LYS E 496 37.86 -7.40 -2.00
C LYS E 496 37.23 -6.22 -2.73
N LEU E 497 38.05 -5.55 -3.54
CA LEU E 497 37.62 -4.42 -4.36
C LEU E 497 38.00 -4.70 -5.80
N GLU E 498 37.00 -4.76 -6.68
CA GLU E 498 37.20 -5.11 -8.08
C GLU E 498 36.47 -4.12 -8.98
N LEU E 499 37.24 -3.39 -9.81
CA LEU E 499 36.74 -2.41 -10.78
C LEU E 499 35.97 -1.27 -10.11
N ILE E 500 36.70 -0.47 -9.34
CA ILE E 500 36.14 0.78 -8.82
C ILE E 500 36.48 1.91 -9.80
N PRO E 501 35.57 2.84 -10.02
CA PRO E 501 35.97 4.13 -10.60
C PRO E 501 36.51 5.07 -9.53
N GLU E 502 35.86 5.04 -8.38
CA GLU E 502 36.05 6.01 -7.32
C GLU E 502 37.22 5.61 -6.41
N ALA E 503 37.32 6.25 -5.25
CA ALA E 503 38.51 6.11 -4.42
C ALA E 503 38.26 6.03 -2.92
N LYS E 504 37.01 5.98 -2.46
CA LYS E 504 36.68 6.35 -1.09
C LYS E 504 37.05 5.26 -0.09
N ILE E 505 37.94 5.59 0.84
CA ILE E 505 38.14 4.91 2.12
C ILE E 505 38.66 5.91 3.15
N PRO E 506 37.80 6.46 4.00
CA PRO E 506 38.28 7.34 5.07
C PRO E 506 38.93 6.60 6.22
N ALA E 507 39.22 7.31 7.31
CA ALA E 507 39.74 6.71 8.54
C ALA E 507 38.66 6.05 9.38
N LYS E 508 37.43 5.95 8.85
CA LYS E 508 36.32 5.30 9.55
C LYS E 508 36.60 3.84 9.84
N ILE E 509 37.44 3.19 9.05
CA ILE E 509 37.74 1.77 9.21
C ILE E 509 38.98 1.62 10.12
N SER E 510 39.35 2.72 10.79
CA SER E 510 40.32 2.60 11.88
C SER E 510 39.75 1.81 13.04
N GLN E 511 38.44 1.86 13.26
CA GLN E 511 37.83 1.19 14.39
C GLN E 511 37.77 -0.33 14.20
N MET E 512 37.56 -0.80 12.97
CA MET E 512 37.46 -2.23 12.71
C MET E 512 38.81 -2.76 12.25
N THR E 513 39.81 -2.62 13.13
CA THR E 513 41.20 -2.82 12.76
C THR E 513 41.64 -4.28 12.88
N ASN E 514 40.70 -5.22 12.80
CA ASN E 514 41.00 -6.64 12.61
C ASN E 514 41.39 -6.97 11.17
N LEU E 515 41.29 -6.00 10.27
CA LEU E 515 41.72 -6.15 8.88
C LEU E 515 43.21 -6.42 8.80
N GLN E 516 43.60 -7.38 7.97
CA GLN E 516 45.01 -7.58 7.69
C GLN E 516 45.36 -7.60 6.21
N GLU E 517 44.41 -7.87 5.31
CA GLU E 517 44.68 -7.68 3.89
C GLU E 517 43.41 -7.29 3.15
N LEU E 518 43.61 -6.71 1.97
CA LEU E 518 42.57 -6.10 1.16
C LEU E 518 42.88 -6.34 -0.30
N HIS E 519 41.90 -6.83 -1.05
CA HIS E 519 42.09 -7.07 -2.48
C HIS E 519 41.70 -5.81 -3.22
N LEU E 520 42.57 -5.38 -4.13
CA LEU E 520 42.25 -4.27 -5.01
C LEU E 520 42.75 -4.61 -6.40
N CYS E 521 41.86 -4.52 -7.38
CA CYS E 521 42.19 -4.98 -8.73
C CYS E 521 41.38 -4.19 -9.75
N HIS E 522 42.10 -3.53 -10.66
CA HIS E 522 41.59 -2.41 -11.45
C HIS E 522 40.90 -1.39 -10.55
N CYS E 523 41.64 -0.97 -9.52
CA CYS E 523 41.06 -0.17 -8.45
C CYS E 523 42.05 0.83 -7.87
N PRO E 524 41.81 2.12 -8.02
CA PRO E 524 42.52 3.11 -7.22
C PRO E 524 41.73 3.52 -5.99
N ALA E 525 42.47 3.90 -4.93
CA ALA E 525 41.85 4.57 -3.79
C ALA E 525 42.79 5.67 -3.30
N LYS E 526 42.70 6.84 -3.92
CA LYS E 526 43.61 7.94 -3.61
C LYS E 526 42.91 8.97 -2.73
N VAL E 527 42.68 8.57 -1.47
CA VAL E 527 42.05 9.42 -0.47
C VAL E 527 42.84 9.38 0.83
N GLU E 528 43.97 8.69 0.81
CA GLU E 528 44.54 8.09 2.01
C GLU E 528 45.61 8.99 2.60
N GLN E 529 45.21 9.91 3.47
CA GLN E 529 46.16 10.65 4.30
C GLN E 529 45.89 10.48 5.78
N THR E 530 44.65 10.67 6.22
CA THR E 530 44.32 10.51 7.64
C THR E 530 44.25 9.05 8.07
N ALA E 531 44.12 8.14 7.13
CA ALA E 531 43.93 6.73 7.45
C ALA E 531 45.21 5.92 7.33
N PHE E 532 46.34 6.57 7.05
CA PHE E 532 47.55 5.85 6.65
C PHE E 532 48.18 5.06 7.79
N SER E 533 47.92 5.43 9.05
CA SER E 533 48.74 4.89 10.13
C SER E 533 48.27 3.52 10.61
N PHE E 534 46.96 3.32 10.76
CA PHE E 534 46.51 2.01 11.23
C PHE E 534 46.67 0.94 10.15
N LEU E 535 46.57 1.33 8.88
CA LEU E 535 46.97 0.43 7.82
C LEU E 535 48.48 0.31 7.71
N ARG E 536 49.23 1.32 8.14
CA ARG E 536 50.67 1.21 8.12
C ARG E 536 51.14 0.19 9.14
N ASP E 537 50.52 0.17 10.31
CA ASP E 537 50.89 -0.80 11.34
C ASP E 537 50.21 -2.15 11.13
N HIS E 538 48.88 -2.19 11.25
CA HIS E 538 48.21 -3.48 11.43
C HIS E 538 48.07 -4.23 10.12
N LEU E 539 47.76 -3.54 9.04
CA LEU E 539 47.68 -4.17 7.73
C LEU E 539 49.08 -4.58 7.30
N ARG E 540 49.25 -5.85 6.93
CA ARG E 540 50.57 -6.35 6.58
C ARG E 540 50.60 -7.07 5.25
N CYS E 541 49.49 -7.15 4.54
CA CYS E 541 49.40 -7.96 3.33
C CYS E 541 48.29 -7.41 2.45
N LEU E 542 48.23 -7.89 1.21
CA LEU E 542 47.36 -7.32 0.18
C LEU E 542 47.27 -8.21 -1.05
N HIS E 543 46.29 -7.89 -1.88
CA HIS E 543 46.12 -8.38 -3.25
C HIS E 543 45.96 -7.14 -4.13
N VAL E 544 47.07 -6.65 -4.69
CA VAL E 544 47.01 -5.39 -5.44
C VAL E 544 47.09 -5.66 -6.93
N LYS E 545 46.63 -6.83 -7.35
CA LYS E 545 46.88 -7.32 -8.70
C LYS E 545 46.01 -6.59 -9.72
N PHE E 546 46.15 -7.01 -10.98
CA PHE E 546 45.23 -6.69 -12.07
C PHE E 546 45.09 -5.18 -12.30
N THR E 547 46.20 -4.58 -12.73
CA THR E 547 46.18 -3.22 -13.21
C THR E 547 46.92 -3.11 -14.53
N ASP E 548 47.08 -1.91 -15.03
CA ASP E 548 48.07 -1.59 -16.04
C ASP E 548 49.34 -1.12 -15.34
N VAL E 549 50.28 -0.54 -16.07
CA VAL E 549 51.49 -0.01 -15.46
C VAL E 549 51.42 1.49 -15.22
N ALA E 550 50.28 2.12 -15.50
CA ALA E 550 50.06 3.53 -15.20
C ALA E 550 49.24 3.71 -13.93
N GLU E 551 48.03 3.15 -13.91
CA GLU E 551 47.19 3.18 -12.72
C GLU E 551 47.75 2.14 -11.76
N ILE E 552 48.77 2.54 -11.00
CA ILE E 552 49.33 1.72 -9.95
C ILE E 552 49.20 2.49 -8.65
N PRO E 553 48.60 1.91 -7.62
CA PRO E 553 48.62 2.52 -6.30
C PRO E 553 50.05 2.68 -5.77
N ALA E 554 50.31 3.82 -5.15
CA ALA E 554 51.67 4.17 -4.73
C ALA E 554 51.90 4.02 -3.24
N TRP E 555 50.86 4.20 -2.41
CA TRP E 555 51.01 4.15 -0.96
C TRP E 555 51.45 2.78 -0.49
N VAL E 556 51.10 1.74 -1.24
CA VAL E 556 51.52 0.37 -0.95
C VAL E 556 53.02 0.20 -1.03
N TYR E 557 53.72 1.14 -1.69
CA TYR E 557 55.16 1.11 -1.71
C TYR E 557 55.77 1.45 -0.36
N LEU E 558 55.08 2.23 0.46
CA LEU E 558 55.77 2.97 1.51
C LEU E 558 55.06 2.91 2.87
N LEU E 559 54.68 1.71 3.31
CA LEU E 559 54.06 1.55 4.61
C LEU E 559 54.77 0.57 5.53
N LYS E 560 55.93 0.03 5.13
CA LYS E 560 57.01 -0.41 6.01
C LYS E 560 56.73 -1.70 6.78
N ASN E 561 55.50 -2.20 6.77
CA ASN E 561 55.16 -3.39 7.55
C ASN E 561 54.44 -4.44 6.69
N LEU E 562 54.70 -4.46 5.40
CA LEU E 562 54.07 -5.45 4.53
C LEU E 562 54.75 -6.80 4.63
N ARG E 563 53.97 -7.87 4.50
CA ARG E 563 54.54 -9.20 4.42
C ARG E 563 54.36 -9.89 3.08
N GLU E 564 53.18 -9.94 2.47
CA GLU E 564 53.11 -10.64 1.20
C GLU E 564 52.49 -9.76 0.13
N LEU E 565 53.14 -9.75 -1.03
CA LEU E 565 52.76 -8.93 -2.17
C LEU E 565 52.15 -9.81 -3.27
N TYR E 566 51.05 -9.35 -3.84
CA TYR E 566 50.39 -10.03 -4.94
C TYR E 566 50.20 -9.01 -6.05
N LEU E 567 51.19 -8.94 -6.94
CA LEU E 567 51.27 -7.94 -7.99
C LEU E 567 51.36 -8.69 -9.30
N ILE E 568 50.22 -9.10 -9.84
CA ILE E 568 50.21 -9.89 -11.07
C ILE E 568 49.36 -9.18 -12.12
N GLY E 569 49.57 -9.58 -13.36
CA GLY E 569 48.87 -8.96 -14.48
C GLY E 569 49.29 -7.56 -14.77
N ASN E 570 50.54 -7.21 -14.48
CA ASN E 570 51.02 -5.83 -14.53
C ASN E 570 52.26 -5.80 -15.41
N LEU E 571 52.08 -5.37 -16.66
CA LEU E 571 53.02 -5.66 -17.75
C LEU E 571 54.30 -4.84 -17.58
N ASN E 572 55.13 -5.28 -16.63
CA ASN E 572 56.28 -4.51 -16.17
C ASN E 572 57.40 -4.59 -17.20
N SER E 573 57.59 -3.51 -17.95
CA SER E 573 58.72 -3.38 -18.87
C SER E 573 59.95 -2.94 -18.08
N GLU E 574 61.02 -2.58 -18.78
CA GLU E 574 62.23 -2.15 -18.11
C GLU E 574 62.21 -0.68 -17.72
N ASN E 575 61.33 0.13 -18.32
CA ASN E 575 61.00 1.42 -17.75
C ASN E 575 60.04 1.31 -16.58
N ASN E 576 59.39 0.16 -16.43
CA ASN E 576 58.53 -0.13 -15.30
C ASN E 576 59.27 -0.88 -14.19
N LYS E 577 60.54 -1.24 -14.41
CA LYS E 577 61.40 -1.71 -13.33
C LYS E 577 61.71 -0.59 -12.35
N MET E 578 61.67 0.66 -12.83
CA MET E 578 62.01 1.83 -12.03
C MET E 578 61.03 2.08 -10.90
N ILE E 579 59.82 1.52 -10.96
CA ILE E 579 58.82 1.77 -9.93
C ILE E 579 59.08 0.99 -8.65
N GLY E 580 59.99 0.01 -8.69
CA GLY E 580 60.45 -0.62 -7.48
C GLY E 580 61.48 0.25 -6.80
N LEU E 581 61.09 0.87 -5.70
CA LEU E 581 61.88 1.91 -5.05
C LEU E 581 62.29 1.49 -3.64
N GLU E 582 62.83 2.46 -2.89
CA GLU E 582 63.62 2.20 -1.69
C GLU E 582 62.80 1.66 -0.54
N SER E 583 61.52 2.00 -0.43
CA SER E 583 60.79 1.60 0.77
C SER E 583 60.39 0.14 0.72
N LEU E 584 59.87 -0.35 -0.42
CA LEU E 584 59.67 -1.78 -0.55
C LEU E 584 60.97 -2.53 -0.77
N ARG E 585 62.04 -1.83 -1.15
CA ARG E 585 63.38 -2.39 -1.06
C ARG E 585 63.78 -2.64 0.39
N GLU E 586 63.34 -1.77 1.30
CA GLU E 586 63.87 -1.69 2.64
C GLU E 586 63.04 -2.43 3.67
N LEU E 587 61.73 -2.56 3.46
CA LEU E 587 60.81 -2.75 4.58
C LEU E 587 60.90 -4.15 5.17
N ARG E 588 60.25 -4.29 6.32
CA ARG E 588 60.61 -5.31 7.32
C ARG E 588 60.15 -6.69 6.93
N HIS E 589 58.83 -6.88 6.86
CA HIS E 589 58.25 -8.21 7.08
C HIS E 589 58.05 -8.98 5.79
N LEU E 590 58.60 -8.52 4.67
CA LEU E 590 58.11 -8.89 3.34
C LEU E 590 58.44 -10.35 3.04
N LYS E 591 57.45 -11.21 3.25
CA LYS E 591 57.56 -12.65 3.02
C LYS E 591 57.80 -12.96 1.55
N ILE E 592 56.77 -12.71 0.74
CA ILE E 592 56.74 -13.17 -0.64
C ILE E 592 56.37 -11.99 -1.52
N LEU E 593 56.63 -12.14 -2.81
CA LEU E 593 55.96 -11.35 -3.83
C LEU E 593 55.67 -12.29 -4.99
N HIS E 594 54.78 -11.86 -5.89
CA HIS E 594 54.28 -12.78 -6.90
C HIS E 594 53.86 -12.00 -8.13
N VAL E 595 54.42 -12.37 -9.28
CA VAL E 595 54.26 -11.64 -10.54
C VAL E 595 53.87 -12.65 -11.63
N LYS E 596 52.89 -12.30 -12.46
CA LYS E 596 52.41 -13.24 -13.47
C LYS E 596 52.14 -12.54 -14.80
N SER E 597 52.47 -13.25 -15.89
CA SER E 597 51.98 -12.99 -17.26
C SER E 597 52.48 -11.66 -17.81
N ASN E 598 53.79 -11.44 -17.71
CA ASN E 598 54.37 -10.18 -18.13
C ASN E 598 55.61 -10.46 -18.95
N LEU E 599 56.26 -9.40 -19.42
CA LEU E 599 57.54 -9.48 -20.10
C LEU E 599 58.72 -9.46 -19.14
N THR E 600 58.47 -9.61 -17.85
CA THR E 600 59.49 -9.36 -16.84
C THR E 600 60.51 -10.48 -16.80
N LYS E 601 61.76 -10.09 -16.54
CA LYS E 601 62.84 -11.01 -16.25
C LYS E 601 63.56 -10.68 -14.96
N VAL E 602 63.50 -9.42 -14.50
CA VAL E 602 63.97 -8.98 -13.19
C VAL E 602 63.10 -7.79 -12.78
N PRO E 603 62.02 -8.04 -12.02
CA PRO E 603 61.16 -6.92 -11.59
C PRO E 603 61.84 -5.95 -10.64
N SER E 604 62.28 -6.45 -9.48
CA SER E 604 63.25 -5.73 -8.64
C SER E 604 63.94 -6.79 -7.79
N ASN E 605 65.11 -7.24 -8.24
CA ASN E 605 65.88 -8.24 -7.51
C ASN E 605 67.08 -7.63 -6.81
N ILE E 606 67.25 -6.32 -6.91
CA ILE E 606 68.16 -5.57 -6.04
C ILE E 606 67.47 -5.20 -4.74
N THR E 607 66.19 -5.56 -4.59
CA THR E 607 65.45 -5.51 -3.33
C THR E 607 66.02 -6.45 -2.28
N ASP E 608 66.81 -7.44 -2.69
CA ASP E 608 67.16 -8.65 -1.96
C ASP E 608 67.84 -8.45 -0.60
N VAL E 609 68.18 -7.23 -0.22
CA VAL E 609 68.69 -6.96 1.12
C VAL E 609 67.57 -7.05 2.17
N ALA E 610 66.31 -7.06 1.72
CA ALA E 610 65.17 -7.17 2.62
C ALA E 610 65.18 -8.52 3.34
N PRO E 611 64.87 -8.54 4.63
CA PRO E 611 65.21 -9.69 5.48
C PRO E 611 64.20 -10.82 5.50
N HIS E 612 63.16 -10.82 4.67
CA HIS E 612 62.23 -11.94 4.76
C HIS E 612 61.88 -12.52 3.39
N LEU E 613 62.73 -12.31 2.38
CA LEU E 613 62.49 -12.99 1.11
C LEU E 613 62.64 -14.49 1.31
N THR E 614 61.50 -15.18 1.27
CA THR E 614 61.45 -16.60 1.57
C THR E 614 60.71 -17.41 0.53
N LYS E 615 59.91 -16.78 -0.34
CA LYS E 615 59.25 -17.45 -1.44
C LYS E 615 59.10 -16.45 -2.56
N LEU E 616 59.92 -16.55 -3.60
CA LEU E 616 59.83 -15.66 -4.74
C LEU E 616 59.28 -16.43 -5.92
N VAL E 617 58.11 -16.02 -6.40
CA VAL E 617 57.39 -16.77 -7.41
C VAL E 617 57.05 -15.82 -8.56
N ILE E 618 57.45 -16.20 -9.77
CA ILE E 618 57.30 -15.35 -10.94
C ILE E 618 56.82 -16.24 -12.09
N HIS E 619 56.09 -15.66 -13.03
CA HIS E 619 55.47 -16.38 -14.13
C HIS E 619 55.75 -15.67 -15.45
N ASN E 620 55.75 -16.45 -16.53
CA ASN E 620 55.90 -16.00 -17.92
C ASN E 620 57.24 -15.28 -18.12
N ASP E 621 58.29 -16.07 -17.97
CA ASP E 621 59.57 -15.67 -18.52
C ASP E 621 59.50 -15.78 -20.05
N GLY E 622 60.41 -15.06 -20.71
CA GLY E 622 60.49 -15.13 -22.15
C GLY E 622 61.86 -15.58 -22.62
N THR E 623 62.86 -15.40 -21.76
CA THR E 623 64.25 -15.64 -22.13
C THR E 623 64.96 -16.47 -21.08
N LYS E 624 66.29 -16.53 -21.17
CA LYS E 624 67.11 -17.23 -20.19
C LYS E 624 68.12 -16.28 -19.56
N LEU E 625 67.67 -15.08 -19.18
CA LEU E 625 68.55 -14.10 -18.56
C LEU E 625 68.11 -13.86 -17.12
N LEU E 626 69.08 -13.65 -16.24
CA LEU E 626 68.83 -13.50 -14.82
C LEU E 626 70.02 -12.77 -14.21
N VAL E 627 69.77 -12.09 -13.09
CA VAL E 627 70.72 -11.15 -12.50
C VAL E 627 71.45 -11.83 -11.33
N LEU E 628 72.76 -11.58 -11.25
CA LEU E 628 73.63 -12.31 -10.34
C LEU E 628 73.67 -11.75 -8.92
N ASN E 629 73.05 -10.59 -8.69
CA ASN E 629 73.07 -9.99 -7.35
C ASN E 629 72.19 -10.73 -6.36
N SER E 630 71.19 -11.48 -6.86
CA SER E 630 70.13 -12.04 -6.03
C SER E 630 70.67 -13.07 -5.05
N LEU E 631 71.26 -14.14 -5.60
CA LEU E 631 71.60 -15.34 -4.84
C LEU E 631 72.60 -15.11 -3.71
N LYS E 632 73.48 -14.12 -3.84
CA LYS E 632 74.49 -13.87 -2.81
C LYS E 632 74.04 -12.87 -1.77
N LYS E 633 72.94 -12.15 -2.01
CA LYS E 633 72.40 -11.21 -1.03
C LYS E 633 71.03 -11.60 -0.50
N MET E 634 70.24 -12.33 -1.28
CA MET E 634 68.97 -12.89 -0.81
C MET E 634 69.28 -14.21 -0.12
N MET E 635 69.81 -14.11 1.10
CA MET E 635 70.38 -15.22 1.82
C MET E 635 69.35 -16.07 2.54
N ASN E 636 68.07 -15.94 2.19
CA ASN E 636 67.02 -16.45 3.06
C ASN E 636 65.83 -17.09 2.37
N VAL E 637 65.87 -17.35 1.06
CA VAL E 637 64.70 -17.91 0.39
C VAL E 637 64.55 -19.39 0.73
N ALA E 638 63.40 -19.73 1.29
CA ALA E 638 63.02 -21.11 1.55
C ALA E 638 62.24 -21.72 0.39
N GLU E 639 61.69 -20.90 -0.50
CA GLU E 639 61.00 -21.37 -1.69
C GLU E 639 61.29 -20.42 -2.85
N LEU E 640 61.06 -20.92 -4.06
CA LEU E 640 61.20 -20.19 -5.32
C LEU E 640 60.38 -20.95 -6.35
N GLU E 641 59.48 -20.27 -7.05
CA GLU E 641 58.65 -20.90 -8.08
C GLU E 641 58.72 -20.08 -9.36
N LEU E 642 59.73 -20.35 -10.18
CA LEU E 642 59.89 -19.67 -11.47
C LEU E 642 59.10 -20.46 -12.50
N GLN E 643 57.78 -20.33 -12.43
CA GLN E 643 56.91 -21.05 -13.34
C GLN E 643 56.88 -20.40 -14.71
N ASN E 644 56.59 -21.22 -15.73
CA ASN E 644 56.41 -20.80 -17.13
C ASN E 644 57.66 -20.14 -17.69
N CYS E 645 58.79 -20.80 -17.55
CA CYS E 645 60.06 -20.34 -18.11
C CYS E 645 60.45 -21.17 -19.32
N GLU E 646 61.43 -20.68 -20.07
CA GLU E 646 61.99 -21.39 -21.21
C GLU E 646 63.45 -21.76 -20.98
N LEU E 647 63.90 -21.77 -19.73
CA LEU E 647 65.27 -22.11 -19.41
C LEU E 647 65.49 -23.62 -19.47
N GLU E 648 66.77 -23.98 -19.47
CA GLU E 648 67.24 -25.24 -18.96
C GLU E 648 68.19 -25.02 -17.80
N ARG E 649 68.40 -23.77 -17.40
CA ARG E 649 69.39 -23.38 -16.42
C ARG E 649 68.80 -23.32 -15.02
N ILE E 650 69.64 -23.62 -14.04
CA ILE E 650 69.38 -23.43 -12.62
C ILE E 650 70.53 -22.58 -12.14
N PRO E 651 70.31 -21.57 -11.25
CA PRO E 651 71.45 -20.79 -10.74
C PRO E 651 72.40 -21.65 -9.94
N HIS E 652 73.60 -21.86 -10.47
CA HIS E 652 74.59 -22.69 -9.79
C HIS E 652 75.17 -21.99 -8.57
N ALA E 653 75.13 -20.66 -8.53
CA ALA E 653 75.64 -19.89 -7.41
C ALA E 653 74.60 -19.64 -6.34
N ILE E 654 73.60 -20.53 -6.22
CA ILE E 654 72.52 -20.37 -5.25
C ILE E 654 72.91 -20.89 -3.87
N PHE E 655 74.19 -21.21 -3.66
CA PHE E 655 74.70 -21.80 -2.43
C PHE E 655 74.74 -20.83 -1.24
N SER E 656 74.65 -19.52 -1.49
CA SER E 656 74.84 -18.55 -0.42
C SER E 656 73.66 -18.56 0.55
N LEU E 657 72.45 -18.59 0.01
CA LEU E 657 71.25 -18.79 0.83
C LEU E 657 71.23 -20.20 1.39
N SER E 658 71.19 -20.31 2.71
CA SER E 658 71.55 -21.55 3.40
C SER E 658 70.36 -22.37 3.85
N ASN E 659 69.14 -21.86 3.73
CA ASN E 659 67.94 -22.59 4.12
C ASN E 659 66.91 -22.51 2.98
N LEU E 660 67.04 -23.43 2.02
CA LEU E 660 66.19 -23.45 0.83
C LEU E 660 65.62 -24.84 0.63
N GLN E 661 64.37 -24.88 0.16
CA GLN E 661 63.60 -26.11 0.01
C GLN E 661 62.89 -26.12 -1.32
N GLU E 662 63.60 -25.84 -2.41
CA GLU E 662 62.97 -25.65 -3.70
C GLU E 662 63.97 -25.86 -4.82
N LEU E 663 63.44 -26.14 -6.02
CA LEU E 663 64.13 -25.80 -7.26
C LEU E 663 63.16 -25.39 -8.36
N ASP E 664 61.96 -24.93 -8.03
CA ASP E 664 60.79 -25.11 -8.89
C ASP E 664 60.86 -24.26 -10.15
N LEU E 665 60.84 -24.92 -11.30
CA LEU E 665 60.76 -24.28 -12.61
C LEU E 665 59.71 -25.01 -13.44
N LYS E 666 58.49 -25.09 -12.87
CA LYS E 666 57.30 -25.59 -13.55
C LYS E 666 57.09 -24.94 -14.91
N SER E 667 56.60 -25.75 -15.87
CA SER E 667 56.32 -25.37 -17.26
C SER E 667 57.58 -24.86 -17.95
N ASN E 668 58.52 -25.79 -18.11
CA ASN E 668 59.83 -25.48 -18.65
C ASN E 668 60.38 -26.76 -19.26
N ASN E 669 61.00 -26.65 -20.43
CA ASN E 669 61.69 -27.77 -21.06
C ASN E 669 63.07 -27.94 -20.44
N ILE E 670 63.09 -28.56 -19.26
CA ILE E 670 64.35 -28.90 -18.59
C ILE E 670 64.94 -30.08 -19.36
N ARG E 671 65.90 -29.82 -20.23
CA ARG E 671 66.45 -30.89 -21.06
C ARG E 671 67.41 -31.77 -20.27
N THR E 672 68.50 -31.20 -19.78
CA THR E 672 69.45 -31.87 -18.89
C THR E 672 69.69 -30.95 -17.71
N ILE E 673 69.69 -31.51 -16.51
CA ILE E 673 69.77 -30.70 -15.30
C ILE E 673 71.21 -30.26 -15.07
N GLU E 674 71.38 -29.30 -14.16
CA GLU E 674 72.64 -28.59 -13.99
C GLU E 674 73.63 -29.31 -13.08
N GLU E 675 74.64 -28.57 -12.64
CA GLU E 675 75.74 -29.07 -11.82
C GLU E 675 75.24 -29.34 -10.41
N ILE E 676 75.32 -30.61 -9.96
CA ILE E 676 74.65 -31.03 -8.72
C ILE E 676 75.61 -31.04 -7.52
N ILE E 677 76.88 -30.71 -7.72
CA ILE E 677 77.76 -30.69 -6.54
C ILE E 677 77.53 -29.40 -5.73
N SER E 678 77.00 -28.36 -6.38
CA SER E 678 76.44 -27.24 -5.63
C SER E 678 75.21 -27.65 -4.84
N PHE E 679 74.49 -28.68 -5.31
CA PHE E 679 73.41 -29.27 -4.53
C PHE E 679 73.91 -30.30 -3.51
N GLN E 680 75.18 -30.71 -3.62
CA GLN E 680 75.83 -31.42 -2.52
C GLN E 680 76.22 -30.44 -1.43
N HIS E 681 76.64 -29.24 -1.82
CA HIS E 681 76.82 -28.15 -0.86
C HIS E 681 75.49 -27.78 -0.23
N LEU E 682 74.43 -27.75 -1.03
CA LEU E 682 73.08 -27.48 -0.54
C LEU E 682 72.34 -28.79 -0.34
N LYS E 683 72.80 -29.56 0.64
CA LYS E 683 72.14 -30.80 1.04
C LYS E 683 70.81 -30.56 1.74
N ARG E 684 70.51 -29.31 2.12
CA ARG E 684 69.26 -28.94 2.79
C ARG E 684 68.09 -28.78 1.83
N LEU E 685 68.26 -29.08 0.54
CA LEU E 685 67.11 -29.22 -0.35
C LEU E 685 66.20 -30.33 0.15
N THR E 686 64.99 -29.96 0.52
CA THR E 686 64.03 -30.84 1.17
C THR E 686 62.77 -31.03 0.34
N CYS E 687 62.35 -30.01 -0.40
CA CYS E 687 61.21 -30.11 -1.31
C CYS E 687 61.65 -29.72 -2.72
N LEU E 688 62.21 -30.66 -3.46
CA LEU E 688 62.56 -30.41 -4.85
C LEU E 688 61.48 -31.04 -5.74
N LYS E 689 60.94 -30.23 -6.66
CA LYS E 689 59.84 -30.67 -7.49
C LYS E 689 59.87 -29.87 -8.80
N LEU E 690 59.81 -30.57 -9.92
CA LEU E 690 59.77 -29.93 -11.22
C LEU E 690 59.07 -30.88 -12.19
N TRP E 691 58.26 -30.31 -13.08
CA TRP E 691 57.49 -31.12 -14.00
C TRP E 691 57.20 -30.28 -15.24
N HIS E 692 56.38 -30.83 -16.14
CA HIS E 692 56.12 -30.31 -17.49
C HIS E 692 57.44 -30.16 -18.24
N ASN E 693 58.28 -31.17 -18.12
CA ASN E 693 59.71 -31.08 -18.39
C ASN E 693 60.16 -32.15 -19.37
N LYS E 694 61.46 -32.27 -19.52
CA LYS E 694 62.10 -33.18 -20.48
C LYS E 694 63.23 -33.94 -19.81
N ILE E 695 62.96 -34.49 -18.63
CA ILE E 695 63.97 -35.25 -17.91
C ILE E 695 64.21 -36.58 -18.62
N VAL E 696 65.47 -36.84 -18.97
CA VAL E 696 65.86 -38.13 -19.52
C VAL E 696 66.20 -39.06 -18.38
N THR E 697 67.20 -38.69 -17.59
CA THR E 697 67.55 -39.39 -16.37
C THR E 697 68.19 -38.40 -15.41
N ILE E 698 68.33 -38.82 -14.16
CA ILE E 698 69.00 -38.02 -13.15
C ILE E 698 70.36 -38.65 -12.83
N PRO E 699 71.41 -37.85 -12.67
CA PRO E 699 72.69 -38.38 -12.22
C PRO E 699 72.61 -38.88 -10.78
N PRO E 700 73.50 -39.77 -10.36
CA PRO E 700 73.40 -40.35 -9.01
C PRO E 700 73.83 -39.43 -7.87
N SER E 701 73.97 -38.13 -8.11
CA SER E 701 74.27 -37.17 -7.05
C SER E 701 73.04 -36.83 -6.19
N ILE E 702 71.88 -37.44 -6.45
CA ILE E 702 70.70 -37.24 -5.62
C ILE E 702 70.86 -37.85 -4.23
N THR E 703 71.87 -38.69 -4.02
CA THR E 703 72.24 -39.13 -2.68
C THR E 703 72.73 -37.96 -1.83
N HIS E 704 73.23 -36.91 -2.48
CA HIS E 704 73.93 -35.83 -1.79
C HIS E 704 73.00 -34.98 -0.94
N VAL E 705 71.72 -34.89 -1.32
CA VAL E 705 70.72 -34.20 -0.51
C VAL E 705 70.15 -35.22 0.46
N LYS E 706 70.84 -35.38 1.60
CA LYS E 706 70.42 -36.33 2.61
C LYS E 706 69.16 -35.87 3.35
N ASN E 707 68.88 -34.57 3.33
CA ASN E 707 67.75 -33.99 4.04
C ASN E 707 66.55 -33.77 3.14
N LEU E 708 66.35 -34.69 2.19
CA LEU E 708 65.32 -34.57 1.17
C LEU E 708 64.16 -35.50 1.52
N GLU E 709 63.05 -34.94 1.97
CA GLU E 709 61.91 -35.77 2.36
C GLU E 709 60.75 -35.75 1.36
N SER E 710 60.48 -34.65 0.69
CA SER E 710 59.33 -34.56 -0.20
C SER E 710 59.81 -34.25 -1.60
N LEU E 711 59.35 -35.03 -2.57
CA LEU E 711 59.86 -34.95 -3.92
C LEU E 711 58.84 -35.55 -4.86
N TYR E 712 58.34 -34.76 -5.80
CA TYR E 712 57.37 -35.28 -6.76
C TYR E 712 57.54 -34.59 -8.09
N PHE E 713 57.67 -35.39 -9.14
CA PHE E 713 57.82 -34.94 -10.51
C PHE E 713 56.57 -35.36 -11.27
N SER E 714 56.50 -34.98 -12.54
CA SER E 714 55.61 -35.58 -13.52
C SER E 714 56.08 -35.14 -14.90
N ASN E 715 55.41 -35.69 -15.92
CA ASN E 715 55.43 -35.17 -17.30
C ASN E 715 56.83 -35.23 -17.90
N ASN E 716 57.52 -36.34 -17.68
CA ASN E 716 58.87 -36.54 -18.16
C ASN E 716 58.99 -37.94 -18.76
N LYS E 717 59.85 -38.09 -19.77
CA LYS E 717 59.95 -39.33 -20.51
C LYS E 717 61.01 -40.21 -19.82
N LEU E 718 60.56 -41.31 -19.25
CA LEU E 718 61.46 -42.27 -18.62
C LEU E 718 60.87 -43.67 -18.78
N GLU E 719 61.72 -44.61 -19.14
CA GLU E 719 61.45 -46.03 -19.03
C GLU E 719 62.51 -46.76 -18.20
N SER E 720 63.72 -46.22 -18.14
CA SER E 720 64.83 -46.82 -17.43
C SER E 720 64.57 -46.81 -15.91
N LEU E 721 65.26 -47.70 -15.23
CA LEU E 721 65.14 -47.82 -13.79
C LEU E 721 66.07 -46.81 -13.12
N PRO E 722 65.55 -45.85 -12.35
CA PRO E 722 66.42 -44.85 -11.74
C PRO E 722 67.26 -45.44 -10.62
N VAL E 723 68.51 -45.00 -10.55
CA VAL E 723 69.56 -45.75 -9.88
C VAL E 723 69.69 -45.42 -8.39
N ALA E 724 70.01 -44.16 -8.08
CA ALA E 724 70.42 -43.81 -6.73
C ALA E 724 69.26 -43.53 -5.79
N VAL E 725 68.01 -43.76 -6.23
CA VAL E 725 66.80 -43.36 -5.53
C VAL E 725 66.71 -44.03 -4.15
N PHE E 726 67.24 -45.24 -4.02
CA PHE E 726 67.19 -45.95 -2.73
C PHE E 726 68.22 -45.44 -1.72
N SER E 727 68.83 -44.26 -1.93
CA SER E 727 69.63 -43.67 -0.87
C SER E 727 68.88 -42.61 -0.08
N LEU E 728 67.78 -42.08 -0.61
CA LEU E 728 67.03 -41.03 0.05
C LEU E 728 66.20 -41.58 1.21
N GLN E 729 66.81 -41.67 2.39
CA GLN E 729 66.14 -42.33 3.51
C GLN E 729 65.01 -41.50 4.11
N LYS E 730 64.97 -40.20 3.85
CA LYS E 730 64.04 -39.31 4.49
C LYS E 730 62.72 -39.21 3.72
N LEU E 731 62.60 -39.92 2.60
CA LEU E 731 61.63 -39.63 1.55
C LEU E 731 60.19 -39.83 2.03
N ARG E 732 59.27 -39.15 1.33
CA ARG E 732 57.83 -39.23 1.60
C ARG E 732 57.00 -39.42 0.34
N CYS E 733 57.54 -39.12 -0.85
CA CYS E 733 56.83 -39.26 -2.10
C CYS E 733 57.77 -39.84 -3.15
N LEU E 734 57.20 -40.55 -4.13
CA LEU E 734 57.96 -41.22 -5.18
C LEU E 734 57.73 -40.51 -6.51
N ASP E 735 58.74 -39.80 -6.99
CA ASP E 735 58.58 -38.86 -8.10
C ASP E 735 58.55 -39.52 -9.48
N VAL E 736 57.67 -40.51 -9.66
CA VAL E 736 57.70 -41.33 -10.86
C VAL E 736 56.33 -41.16 -11.53
N SER E 737 55.74 -39.97 -11.42
CA SER E 737 54.51 -39.72 -12.16
C SER E 737 54.78 -39.52 -13.64
N TYR E 738 53.90 -40.10 -14.45
CA TYR E 738 53.78 -39.84 -15.89
C TYR E 738 55.04 -40.25 -16.65
N ASN E 739 55.42 -41.50 -16.46
CA ASN E 739 56.43 -42.17 -17.26
C ASN E 739 56.20 -43.67 -17.17
N ASN E 740 56.35 -44.36 -18.29
CA ASN E 740 56.08 -45.78 -18.33
C ASN E 740 57.18 -46.57 -17.64
N ILE E 741 56.80 -47.69 -17.04
CA ILE E 741 57.77 -48.59 -16.43
C ILE E 741 57.26 -50.01 -16.59
N SER E 742 58.14 -50.89 -17.06
CA SER E 742 57.82 -52.30 -17.26
C SER E 742 58.18 -53.15 -16.06
N MET E 743 59.17 -52.73 -15.28
CA MET E 743 59.62 -53.46 -14.10
C MET E 743 60.12 -52.44 -13.10
N ILE E 744 59.43 -52.31 -11.97
CA ILE E 744 59.88 -51.38 -10.93
C ILE E 744 61.12 -51.93 -10.26
N PRO E 745 62.09 -51.08 -9.89
CA PRO E 745 63.34 -51.59 -9.32
C PRO E 745 63.14 -52.15 -7.92
N ILE E 746 64.09 -52.98 -7.51
CA ILE E 746 64.07 -53.55 -6.15
C ILE E 746 64.73 -52.51 -5.26
N GLU E 747 63.92 -51.51 -4.87
CA GLU E 747 64.38 -50.41 -4.03
C GLU E 747 63.37 -50.06 -2.97
N ILE E 748 62.45 -50.96 -2.64
CA ILE E 748 61.44 -50.65 -1.63
C ILE E 748 61.92 -51.12 -0.26
N GLY E 749 63.20 -51.49 -0.17
CA GLY E 749 63.88 -51.56 1.11
C GLY E 749 64.37 -50.22 1.60
N LEU E 750 64.34 -49.21 0.74
CA LEU E 750 64.55 -47.84 1.18
C LEU E 750 63.42 -47.38 2.08
N LEU E 751 62.17 -47.60 1.66
CA LEU E 751 61.01 -46.89 2.19
C LEU E 751 60.63 -47.42 3.57
N GLN E 752 61.35 -46.93 4.57
CA GLN E 752 60.90 -47.05 5.95
C GLN E 752 59.74 -46.09 6.22
N ASN E 753 59.94 -44.82 5.91
CA ASN E 753 59.04 -43.76 6.31
C ASN E 753 58.54 -42.95 5.11
N LEU E 754 58.26 -43.61 3.99
CA LEU E 754 57.59 -42.90 2.91
C LEU E 754 56.13 -42.67 3.31
N GLN E 755 55.52 -41.65 2.73
CA GLN E 755 54.18 -41.31 3.13
C GLN E 755 53.18 -41.31 1.99
N HIS E 756 53.59 -40.95 0.78
CA HIS E 756 52.69 -40.95 -0.36
C HIS E 756 53.31 -41.73 -1.52
N LEU E 757 52.53 -42.65 -2.07
CA LEU E 757 52.77 -43.09 -3.44
C LEU E 757 52.28 -42.03 -4.40
N HIS E 758 52.89 -42.01 -5.58
CA HIS E 758 52.23 -41.55 -6.82
C HIS E 758 53.01 -42.15 -7.98
N ILE E 759 52.34 -43.00 -8.74
CA ILE E 759 52.93 -43.68 -9.88
C ILE E 759 51.82 -43.85 -10.92
N THR E 760 52.04 -43.31 -12.11
CA THR E 760 50.97 -42.99 -13.04
C THR E 760 51.47 -43.23 -14.45
N GLY E 761 50.62 -43.83 -15.29
CA GLY E 761 50.97 -44.02 -16.68
C GLY E 761 52.03 -45.08 -16.90
N ASN E 762 51.67 -46.33 -16.68
CA ASN E 762 52.54 -47.48 -16.88
C ASN E 762 51.67 -48.70 -17.14
N LYS E 763 52.26 -49.90 -17.03
CA LYS E 763 51.55 -51.13 -17.38
C LYS E 763 51.83 -52.29 -16.44
N VAL E 764 52.59 -52.08 -15.36
CA VAL E 764 53.23 -53.17 -14.63
C VAL E 764 52.19 -53.99 -13.88
N ASP E 765 52.53 -55.28 -13.64
CA ASP E 765 51.67 -56.22 -12.95
C ASP E 765 52.35 -56.81 -11.71
N ILE E 766 53.60 -56.46 -11.44
CA ILE E 766 54.40 -57.10 -10.40
C ILE E 766 54.94 -56.06 -9.44
N LEU E 767 55.08 -56.44 -8.17
CA LEU E 767 55.58 -55.55 -7.12
C LEU E 767 56.20 -56.43 -6.05
N PRO E 768 57.42 -56.16 -5.61
CA PRO E 768 58.11 -57.04 -4.66
C PRO E 768 57.54 -56.94 -3.25
N LYS E 769 58.12 -57.74 -2.35
CA LYS E 769 57.43 -58.09 -1.10
C LYS E 769 57.59 -57.04 -0.01
N GLN E 770 58.71 -56.28 -0.01
CA GLN E 770 59.18 -55.50 1.13
C GLN E 770 58.27 -54.32 1.53
N LEU E 771 57.11 -54.14 0.89
CA LEU E 771 56.17 -53.09 1.25
C LEU E 771 55.54 -53.29 2.64
N PHE E 772 55.66 -54.48 3.24
CA PHE E 772 55.25 -54.59 4.64
C PHE E 772 56.27 -54.00 5.59
N LYS E 773 57.43 -53.56 5.10
CA LYS E 773 58.38 -52.81 5.91
C LYS E 773 57.77 -51.50 6.40
N CYS E 774 57.06 -50.81 5.51
CA CYS E 774 56.53 -49.49 5.81
C CYS E 774 55.12 -49.59 6.39
N ILE E 775 54.88 -48.88 7.50
CA ILE E 775 53.54 -48.60 7.98
C ILE E 775 53.21 -47.12 7.83
N LYS E 776 54.16 -46.33 7.32
CA LYS E 776 54.08 -44.87 7.35
C LYS E 776 53.24 -44.31 6.23
N LEU E 777 53.14 -45.02 5.10
CA LEU E 777 52.42 -44.53 3.93
C LEU E 777 50.92 -44.46 4.20
N ARG E 778 50.26 -43.51 3.54
CA ARG E 778 48.83 -43.33 3.71
C ARG E 778 48.05 -43.36 2.40
N THR E 779 48.74 -43.41 1.25
CA THR E 779 48.08 -43.42 -0.05
C THR E 779 48.63 -44.57 -0.89
N LEU E 780 47.83 -45.60 -1.11
CA LEU E 780 48.09 -46.48 -2.23
C LEU E 780 47.70 -45.75 -3.51
N ASN E 781 48.65 -45.05 -4.12
CA ASN E 781 48.38 -44.19 -5.27
C ASN E 781 49.15 -44.77 -6.44
N LEU E 782 48.53 -45.72 -7.14
CA LEU E 782 49.12 -46.35 -8.32
C LEU E 782 48.07 -46.38 -9.43
N GLY E 783 48.05 -45.30 -10.21
CA GLY E 783 47.13 -45.23 -11.32
C GLY E 783 47.66 -46.01 -12.50
N GLN E 784 46.73 -46.59 -13.27
CA GLN E 784 46.98 -47.22 -14.57
C GLN E 784 47.91 -48.41 -14.44
N ASN E 785 47.51 -49.35 -13.59
CA ASN E 785 48.18 -50.64 -13.48
C ASN E 785 47.13 -51.71 -13.21
N CYS E 786 46.84 -52.54 -14.21
CA CYS E 786 45.92 -53.67 -14.05
C CYS E 786 46.66 -54.81 -13.36
N ILE E 787 46.95 -54.60 -12.07
CA ILE E 787 47.75 -55.53 -11.30
C ILE E 787 46.91 -56.76 -10.97
N THR E 788 47.57 -57.85 -10.60
CA THR E 788 46.86 -59.10 -10.36
C THR E 788 46.14 -59.07 -9.02
N SER E 789 46.88 -58.98 -7.92
CA SER E 789 46.32 -58.97 -6.56
C SER E 789 47.40 -58.46 -5.61
N LEU E 790 47.12 -58.54 -4.32
CA LEU E 790 48.03 -58.05 -3.31
C LEU E 790 48.42 -59.17 -2.34
N PRO E 791 49.70 -59.22 -1.96
CA PRO E 791 50.14 -60.18 -0.92
C PRO E 791 49.71 -59.79 0.49
N GLU E 792 50.30 -60.48 1.48
CA GLU E 792 50.03 -60.23 2.89
C GLU E 792 50.45 -58.82 3.33
N LYS E 793 51.37 -58.19 2.56
CA LYS E 793 51.98 -56.92 2.94
C LYS E 793 50.97 -55.77 3.04
N VAL E 794 49.85 -55.86 2.31
CA VAL E 794 48.84 -54.81 2.40
C VAL E 794 48.10 -54.87 3.74
N GLY E 795 48.05 -56.05 4.36
CA GLY E 795 47.59 -56.16 5.74
C GLY E 795 48.49 -55.45 6.75
N GLN E 796 49.70 -55.06 6.34
CA GLN E 796 50.53 -54.15 7.13
C GLN E 796 49.82 -52.81 7.35
N LEU E 797 49.21 -52.27 6.31
CA LEU E 797 48.79 -50.85 6.34
C LEU E 797 47.32 -50.70 6.76
N SER E 798 47.06 -51.08 8.02
CA SER E 798 45.69 -51.10 8.52
C SER E 798 45.15 -49.69 8.75
N GLN E 799 46.01 -48.76 9.18
CA GLN E 799 45.58 -47.38 9.43
C GLN E 799 45.47 -46.55 8.17
N LEU E 800 45.88 -47.10 7.03
CA LEU E 800 45.77 -46.39 5.76
C LEU E 800 44.31 -46.25 5.35
N THR E 801 43.99 -45.11 4.72
CA THR E 801 42.62 -44.80 4.39
C THR E 801 42.39 -44.36 2.94
N GLN E 802 43.43 -44.12 2.16
CA GLN E 802 43.27 -43.68 0.78
C GLN E 802 43.91 -44.72 -0.13
N LEU E 803 43.08 -45.38 -0.95
CA LEU E 803 43.57 -46.29 -1.96
C LEU E 803 43.20 -45.73 -3.33
N GLU E 804 44.09 -45.87 -4.29
CA GLU E 804 43.87 -45.36 -5.63
C GLU E 804 44.45 -46.35 -6.63
N LEU E 805 43.61 -46.76 -7.57
CA LEU E 805 44.04 -47.41 -8.80
C LEU E 805 42.91 -47.23 -9.80
N LYS E 806 43.21 -47.53 -11.06
CA LYS E 806 42.21 -47.71 -12.10
C LYS E 806 42.66 -48.87 -12.94
N GLY E 807 41.75 -49.82 -13.19
CA GLY E 807 42.14 -51.01 -13.91
C GLY E 807 42.80 -52.03 -13.02
N ASN E 808 42.35 -53.29 -13.11
CA ASN E 808 42.77 -54.34 -12.20
C ASN E 808 42.35 -55.66 -12.85
N CYS E 809 42.75 -56.76 -12.23
CA CYS E 809 42.00 -58.00 -12.43
C CYS E 809 40.69 -57.94 -11.65
N PHE E 810 40.72 -57.27 -10.49
CA PHE E 810 39.64 -57.03 -9.53
C PHE E 810 38.69 -58.20 -9.30
N ASP E 811 39.24 -59.41 -9.22
CA ASP E 811 38.44 -60.59 -9.00
C ASP E 811 38.83 -61.38 -7.76
N ARG E 812 40.12 -61.37 -7.40
CA ARG E 812 40.52 -61.99 -6.14
C ARG E 812 40.10 -61.07 -4.99
N LEU E 813 40.71 -59.88 -4.93
CA LEU E 813 40.51 -58.82 -3.94
C LEU E 813 40.61 -59.38 -2.53
N PRO E 814 41.82 -59.74 -2.07
CA PRO E 814 41.95 -60.65 -0.93
C PRO E 814 41.60 -60.06 0.43
N ALA E 815 41.68 -60.91 1.46
CA ALA E 815 41.31 -60.54 2.82
C ALA E 815 42.37 -59.74 3.54
N GLN E 816 43.56 -59.59 2.97
CA GLN E 816 44.55 -58.70 3.55
C GLN E 816 44.26 -57.25 3.21
N LEU E 817 43.51 -57.01 2.14
CA LEU E 817 42.83 -55.73 1.99
C LEU E 817 41.79 -55.55 3.08
N GLY E 818 41.09 -56.64 3.43
CA GLY E 818 40.12 -56.63 4.51
C GLY E 818 40.69 -56.63 5.91
N GLN E 819 42.02 -56.68 6.05
CA GLN E 819 42.70 -56.48 7.31
C GLN E 819 42.64 -55.03 7.77
N CYS E 820 42.41 -54.10 6.84
CA CYS E 820 42.54 -52.67 7.07
C CYS E 820 41.13 -52.11 7.27
N ARG E 821 40.64 -52.16 8.51
CA ARG E 821 39.27 -51.76 8.81
C ARG E 821 39.15 -50.27 9.15
N MET E 822 40.10 -49.45 8.72
CA MET E 822 40.03 -48.00 8.89
C MET E 822 39.63 -47.28 7.61
N LEU E 823 40.00 -47.83 6.44
CA LEU E 823 39.78 -47.16 5.17
C LEU E 823 38.30 -47.07 4.83
N LYS E 824 37.97 -46.06 4.03
CA LYS E 824 36.59 -45.69 3.75
C LYS E 824 36.23 -45.70 2.27
N LYS E 825 37.16 -45.37 1.39
CA LYS E 825 36.86 -45.23 -0.03
C LYS E 825 38.13 -45.43 -0.83
N SER E 826 38.02 -46.13 -1.96
CA SER E 826 39.13 -46.36 -2.86
C SER E 826 38.83 -45.78 -4.24
N GLY E 827 39.84 -45.84 -5.11
CA GLY E 827 39.74 -45.25 -6.44
C GLY E 827 38.83 -45.99 -7.39
N LEU E 828 39.23 -47.18 -7.83
CA LEU E 828 38.38 -48.03 -8.66
C LEU E 828 37.89 -49.25 -7.90
N VAL E 829 38.45 -49.52 -6.72
CA VAL E 829 38.22 -50.79 -6.05
C VAL E 829 36.82 -50.84 -5.44
N VAL E 830 36.39 -49.77 -4.78
CA VAL E 830 35.07 -49.80 -4.16
C VAL E 830 34.03 -49.54 -5.25
N GLU E 831 33.59 -50.63 -5.87
CA GLU E 831 32.54 -50.68 -6.89
C GLU E 831 31.84 -52.02 -6.72
N ASP E 832 31.14 -52.46 -7.76
CA ASP E 832 30.39 -53.71 -7.69
C ASP E 832 31.26 -54.95 -7.84
N HIS E 833 32.58 -54.86 -7.78
CA HIS E 833 33.44 -56.03 -7.71
C HIS E 833 34.08 -56.24 -6.35
N LEU E 834 34.27 -55.18 -5.56
CA LEU E 834 34.56 -55.36 -4.13
C LEU E 834 33.28 -55.39 -3.31
N PHE E 835 32.18 -54.87 -3.84
CA PHE E 835 30.88 -55.22 -3.28
C PHE E 835 30.52 -56.66 -3.60
N ASP E 836 31.14 -57.23 -4.64
CA ASP E 836 30.95 -58.63 -4.99
C ASP E 836 31.77 -59.53 -4.07
N THR E 837 33.09 -59.38 -4.10
CA THR E 837 33.98 -60.19 -3.30
C THR E 837 33.93 -59.77 -1.84
N LEU E 838 34.04 -60.76 -0.94
CA LEU E 838 34.26 -60.58 0.49
C LEU E 838 33.17 -59.77 1.21
N PRO E 839 31.97 -60.31 1.40
CA PRO E 839 30.95 -59.56 2.15
C PRO E 839 31.12 -59.62 3.67
N LEU E 840 32.14 -60.30 4.17
CA LEU E 840 32.39 -60.39 5.60
C LEU E 840 33.71 -59.78 6.02
N GLU E 841 34.47 -59.18 5.11
CA GLU E 841 35.78 -58.61 5.41
C GLU E 841 35.87 -57.12 5.12
N VAL E 842 35.41 -56.69 3.95
CA VAL E 842 35.50 -55.27 3.59
C VAL E 842 34.14 -54.61 3.77
N LYS E 843 33.06 -55.38 3.59
CA LYS E 843 31.73 -54.89 3.96
C LYS E 843 31.63 -54.69 5.47
N GLU E 844 32.15 -55.65 6.24
CA GLU E 844 32.18 -55.51 7.69
C GLU E 844 33.13 -54.38 8.11
N ALA E 845 34.18 -54.13 7.34
CA ALA E 845 35.07 -53.01 7.64
C ALA E 845 34.37 -51.67 7.45
N LEU E 846 33.70 -51.50 6.30
CA LEU E 846 32.95 -50.27 6.03
C LEU E 846 31.70 -50.15 6.87
N ASN E 847 31.22 -51.24 7.48
CA ASN E 847 30.06 -51.20 8.36
C ASN E 847 30.47 -50.91 9.81
N GLN E 848 31.61 -51.43 10.25
CA GLN E 848 32.13 -51.07 11.57
C GLN E 848 32.69 -49.66 11.59
N ASP E 849 33.14 -49.15 10.43
CA ASP E 849 33.44 -47.72 10.33
C ASP E 849 32.18 -46.89 10.36
N ILE E 850 31.18 -47.26 9.57
CA ILE E 850 29.89 -46.56 9.58
C ILE E 850 28.76 -47.53 9.28
N PHE F 2 -24.64 21.72 -44.59
CA PHE F 2 -23.62 22.71 -44.93
C PHE F 2 -22.22 22.10 -44.86
N THR F 3 -21.39 22.45 -45.82
CA THR F 3 -20.03 21.91 -45.91
C THR F 3 -19.07 22.82 -45.16
N LEU F 4 -18.49 22.30 -44.09
CA LEU F 4 -17.58 23.06 -43.24
C LEU F 4 -16.14 22.72 -43.62
N ALA F 5 -15.29 23.75 -43.70
CA ALA F 5 -13.94 23.55 -44.21
C ALA F 5 -13.08 22.71 -43.28
N GLU F 6 -13.22 22.93 -41.98
CA GLU F 6 -12.42 22.19 -41.00
C GLU F 6 -12.84 20.74 -40.89
N VAL F 7 -14.07 20.41 -41.33
CA VAL F 7 -14.49 19.01 -41.40
C VAL F 7 -13.65 18.26 -42.42
N ALA F 8 -13.53 18.83 -43.63
CA ALA F 8 -12.70 18.22 -44.67
C ALA F 8 -11.22 18.22 -44.28
N SER F 9 -10.79 19.30 -43.60
CA SER F 9 -9.39 19.39 -43.19
C SER F 9 -9.05 18.34 -42.14
N LEU F 10 -9.90 18.17 -41.14
CA LEU F 10 -9.69 17.17 -40.11
C LEU F 10 -9.91 15.76 -40.65
N ASN F 11 -10.71 15.62 -41.71
CA ASN F 11 -10.95 14.30 -42.25
C ASN F 11 -9.76 13.82 -43.08
N ASP F 12 -9.13 14.74 -43.82
CA ASP F 12 -7.97 14.36 -44.63
C ASP F 12 -6.72 14.42 -43.76
N ILE F 13 -6.38 13.28 -43.16
CA ILE F 13 -5.27 13.17 -42.23
C ILE F 13 -4.88 11.70 -42.13
N GLN F 14 -3.61 11.44 -41.80
CA GLN F 14 -3.18 10.13 -41.30
C GLN F 14 -2.99 10.21 -39.77
N PRO F 15 -3.48 9.18 -39.03
CA PRO F 15 -3.77 9.37 -37.60
C PRO F 15 -2.59 9.66 -36.68
N THR F 16 -1.60 8.79 -36.63
CA THR F 16 -0.51 8.97 -35.66
C THR F 16 0.85 8.57 -36.20
N TYR F 17 0.96 8.28 -37.50
CA TYR F 17 2.25 7.93 -38.10
C TYR F 17 3.08 9.19 -38.22
N ARG F 18 3.72 9.56 -37.12
CA ARG F 18 4.66 10.69 -37.16
C ARG F 18 5.90 10.30 -37.95
N ILE F 19 6.36 9.06 -37.78
CA ILE F 19 7.36 8.45 -38.64
C ILE F 19 6.55 7.90 -39.82
N LEU F 20 7.21 7.52 -40.91
CA LEU F 20 6.68 6.86 -42.10
C LEU F 20 5.75 7.74 -42.93
N LYS F 21 5.53 8.99 -42.53
CA LYS F 21 5.05 9.91 -43.53
C LYS F 21 6.20 10.77 -44.02
N PRO F 22 6.27 11.08 -45.28
CA PRO F 22 7.40 11.89 -45.74
C PRO F 22 7.14 13.38 -45.74
N TRP F 23 8.17 14.12 -46.16
CA TRP F 23 8.10 15.52 -46.52
C TRP F 23 6.95 15.84 -47.48
N TRP F 24 6.99 15.19 -48.64
CA TRP F 24 6.12 15.60 -49.73
C TRP F 24 4.67 15.26 -49.49
N ASP F 25 4.37 14.19 -48.75
CA ASP F 25 2.98 13.88 -48.44
C ASP F 25 2.35 14.94 -47.55
N VAL F 26 3.13 15.50 -46.64
CA VAL F 26 2.62 16.60 -45.82
C VAL F 26 2.36 17.82 -46.67
N PHE F 27 3.28 18.12 -47.61
CA PHE F 27 3.04 19.22 -48.55
C PHE F 27 1.78 19.00 -49.39
N MET F 28 1.50 17.77 -49.78
CA MET F 28 0.40 17.57 -50.70
C MET F 28 -0.94 17.49 -50.00
N ASP F 29 -0.99 17.05 -48.74
CA ASP F 29 -2.24 17.14 -47.99
C ASP F 29 -2.55 18.61 -47.64
N TYR F 30 -1.51 19.34 -47.21
CA TYR F 30 -1.54 20.79 -47.06
C TYR F 30 -2.11 21.48 -48.30
N LEU F 31 -1.60 21.09 -49.47
CA LEU F 31 -1.97 21.75 -50.72
C LEU F 31 -3.36 21.35 -51.18
N ALA F 32 -3.76 20.10 -50.93
CA ALA F 32 -5.11 19.70 -51.30
C ALA F 32 -6.16 20.37 -50.44
N VAL F 33 -5.83 20.68 -49.18
CA VAL F 33 -6.76 21.47 -48.38
C VAL F 33 -6.85 22.90 -48.90
N VAL F 34 -5.73 23.47 -49.36
CA VAL F 34 -5.76 24.77 -50.02
C VAL F 34 -6.65 24.76 -51.26
N MET F 35 -6.57 23.68 -52.04
CA MET F 35 -7.33 23.58 -53.28
C MET F 35 -8.82 23.41 -53.00
N LEU F 36 -9.17 22.65 -51.95
CA LEU F 36 -10.57 22.56 -51.53
C LEU F 36 -11.10 23.92 -51.06
N MET F 37 -10.25 24.69 -50.38
CA MET F 37 -10.65 26.03 -49.95
C MET F 37 -11.00 26.91 -51.14
N VAL F 38 -10.15 26.88 -52.17
CA VAL F 38 -10.42 27.64 -53.41
C VAL F 38 -11.72 27.20 -54.05
N ALA F 39 -11.96 25.88 -54.11
CA ALA F 39 -13.14 25.38 -54.80
C ALA F 39 -14.43 25.74 -54.06
N ILE F 40 -14.44 25.59 -52.73
CA ILE F 40 -15.69 25.85 -52.00
C ILE F 40 -15.97 27.35 -51.91
N PHE F 41 -14.92 28.17 -51.81
CA PHE F 41 -15.13 29.62 -51.89
C PHE F 41 -15.65 30.03 -53.26
N ALA F 42 -15.18 29.36 -54.32
CA ALA F 42 -15.69 29.61 -55.66
C ALA F 42 -17.16 29.26 -55.77
N GLY F 43 -17.56 28.14 -55.18
CA GLY F 43 -18.95 27.74 -55.22
C GLY F 43 -19.87 28.70 -54.48
N THR F 44 -19.47 29.12 -53.28
CA THR F 44 -20.29 30.04 -52.49
C THR F 44 -20.40 31.41 -53.15
N MET F 45 -19.25 32.00 -53.50
CA MET F 45 -19.26 33.33 -54.09
C MET F 45 -19.81 33.33 -55.52
N GLN F 46 -19.87 32.17 -56.17
CA GLN F 46 -20.58 32.11 -57.43
C GLN F 46 -22.07 31.97 -57.22
N LEU F 47 -22.49 31.35 -56.12
CA LEU F 47 -23.92 31.29 -55.85
C LEU F 47 -24.46 32.63 -55.41
N THR F 48 -23.63 33.47 -54.77
CA THR F 48 -24.14 34.71 -54.18
C THR F 48 -24.53 35.72 -55.24
N LYS F 49 -23.57 36.16 -56.05
CA LYS F 49 -23.86 37.01 -57.20
C LYS F 49 -23.69 36.18 -58.46
N ASP F 50 -24.77 36.04 -59.21
CA ASP F 50 -24.76 35.16 -60.38
C ASP F 50 -25.44 35.75 -61.60
N GLN F 51 -26.34 36.72 -61.44
CA GLN F 51 -27.35 37.05 -62.44
C GLN F 51 -26.75 37.61 -63.72
N VAL F 52 -27.49 37.43 -64.81
CA VAL F 52 -27.11 37.94 -66.11
C VAL F 52 -28.02 39.11 -66.45
N VAL F 53 -27.69 39.82 -67.51
CA VAL F 53 -28.56 40.90 -67.97
C VAL F 53 -28.44 41.02 -69.48
N CYS F 54 -29.59 40.96 -70.16
CA CYS F 54 -29.69 41.09 -71.60
C CYS F 54 -30.35 42.40 -71.99
N LEU F 55 -30.21 42.73 -73.27
CA LEU F 55 -31.06 43.73 -73.91
C LEU F 55 -31.08 43.56 -75.42
N PRO F 56 -32.18 43.90 -76.08
CA PRO F 56 -32.26 43.71 -77.53
C PRO F 56 -31.45 44.71 -78.33
N VAL F 57 -31.36 44.43 -79.61
CA VAL F 57 -30.85 45.38 -80.59
C VAL F 57 -32.03 45.88 -81.42
N LEU F 58 -31.77 46.86 -82.30
CA LEU F 58 -32.81 47.46 -83.12
C LEU F 58 -33.39 46.49 -84.14
N THR F 135 -30.58 61.28 -78.12
CA THR F 135 -31.29 60.54 -77.08
C THR F 135 -31.07 59.04 -77.24
N GLY F 136 -31.34 58.28 -76.19
CA GLY F 136 -31.15 56.85 -76.23
C GLY F 136 -32.29 56.14 -76.95
N ARG F 137 -32.01 54.90 -77.35
CA ARG F 137 -32.98 54.11 -78.12
C ARG F 137 -34.08 53.61 -77.20
N LYS F 138 -35.29 54.13 -77.37
CA LYS F 138 -36.43 53.75 -76.53
C LYS F 138 -36.91 52.37 -76.94
N THR F 139 -36.44 51.35 -76.25
CA THR F 139 -36.89 49.99 -76.50
C THR F 139 -38.33 49.84 -76.01
N ASN F 140 -39.15 49.14 -76.78
CA ASN F 140 -40.59 49.13 -76.54
C ASN F 140 -41.02 48.17 -75.45
N LEU F 141 -40.11 47.47 -74.78
CA LEU F 141 -40.51 46.34 -73.97
C LEU F 141 -40.89 46.76 -72.56
N ASP F 142 -41.19 45.76 -71.74
CA ASP F 142 -41.60 45.96 -70.35
C ASP F 142 -40.66 45.15 -69.46
N PHE F 143 -40.69 45.45 -68.16
CA PHE F 143 -39.67 44.96 -67.24
C PHE F 143 -39.74 43.45 -67.05
N GLN F 144 -40.94 42.91 -66.86
CA GLN F 144 -41.02 41.48 -66.59
C GLN F 144 -40.71 40.68 -67.84
N GLN F 145 -40.93 41.29 -69.01
CA GLN F 145 -40.44 40.72 -70.26
C GLN F 145 -38.93 40.61 -70.23
N TYR F 146 -38.25 41.60 -69.63
CA TYR F 146 -36.80 41.53 -69.55
C TYR F 146 -36.35 40.46 -68.57
N VAL F 147 -37.09 40.25 -67.47
CA VAL F 147 -36.59 39.23 -66.56
C VAL F 147 -36.90 37.84 -67.10
N PHE F 148 -37.98 37.69 -67.87
CA PHE F 148 -38.21 36.46 -68.61
C PHE F 148 -37.10 36.22 -69.62
N ILE F 149 -36.66 37.29 -70.27
CA ILE F 149 -35.78 37.07 -71.39
C ILE F 149 -34.35 36.81 -70.92
N ASN F 150 -33.93 37.38 -69.78
CA ASN F 150 -32.61 36.99 -69.33
C ASN F 150 -32.65 35.72 -68.50
N GLN F 151 -33.82 35.31 -68.00
CA GLN F 151 -33.98 33.94 -67.53
C GLN F 151 -33.74 32.94 -68.65
N MET F 152 -34.39 33.17 -69.80
CA MET F 152 -34.25 32.30 -70.96
C MET F 152 -32.81 32.30 -71.47
N CYS F 153 -32.16 33.45 -71.45
CA CYS F 153 -30.78 33.48 -71.91
C CYS F 153 -29.82 32.83 -70.93
N TYR F 154 -30.10 32.93 -69.62
CA TYR F 154 -29.24 32.26 -68.66
C TYR F 154 -29.36 30.75 -68.74
N HIS F 155 -30.52 30.24 -69.13
CA HIS F 155 -30.62 28.79 -69.20
C HIS F 155 -30.42 28.21 -70.59
N LEU F 156 -30.42 29.01 -71.66
CA LEU F 156 -30.21 28.44 -72.98
C LEU F 156 -29.07 29.11 -73.76
N ALA F 157 -28.18 29.83 -73.09
CA ALA F 157 -27.03 30.37 -73.80
C ALA F 157 -25.75 30.35 -72.99
N LEU F 158 -25.73 29.72 -71.84
CA LEU F 158 -24.47 29.69 -71.15
C LEU F 158 -23.95 28.26 -71.08
N PRO F 159 -22.67 28.05 -71.32
CA PRO F 159 -22.14 26.68 -71.36
C PRO F 159 -22.09 26.04 -69.98
N TRP F 160 -21.94 24.72 -69.98
CA TRP F 160 -21.91 23.99 -68.71
C TRP F 160 -20.64 24.28 -67.93
N TYR F 161 -19.54 24.60 -68.61
CA TYR F 161 -18.34 24.99 -67.89
C TYR F 161 -18.41 26.40 -67.34
N SER F 162 -19.41 27.19 -67.74
CA SER F 162 -19.48 28.57 -67.32
C SER F 162 -20.11 28.75 -65.94
N LYS F 163 -20.89 27.79 -65.47
CA LYS F 163 -21.52 27.98 -64.17
C LYS F 163 -21.53 26.75 -63.26
N TYR F 164 -21.13 25.57 -63.73
CA TYR F 164 -21.12 24.38 -62.89
C TYR F 164 -19.72 23.91 -62.56
N PHE F 165 -18.73 24.77 -62.69
CA PHE F 165 -17.33 24.38 -62.51
C PHE F 165 -16.87 24.02 -61.07
N PRO F 166 -17.30 24.72 -60.00
CA PRO F 166 -16.84 24.30 -58.66
C PRO F 166 -17.26 22.90 -58.24
N TYR F 167 -18.30 22.34 -58.86
CA TYR F 167 -18.70 20.99 -58.51
C TYR F 167 -17.72 19.98 -59.07
N LEU F 168 -17.22 20.24 -60.28
CA LEU F 168 -16.15 19.42 -60.85
C LEU F 168 -14.87 19.55 -60.03
N ALA F 169 -14.57 20.75 -59.54
CA ALA F 169 -13.39 20.92 -58.70
C ALA F 169 -13.54 20.14 -57.37
N LEU F 170 -14.75 20.12 -56.82
CA LEU F 170 -15.05 19.31 -55.64
C LEU F 170 -14.81 17.83 -55.89
N ILE F 171 -15.26 17.34 -57.05
CA ILE F 171 -15.07 15.93 -57.41
C ILE F 171 -13.59 15.59 -57.51
N HIS F 172 -12.80 16.47 -58.14
CA HIS F 172 -11.36 16.25 -58.20
C HIS F 172 -10.71 16.27 -56.83
N THR F 173 -11.21 17.11 -55.93
CA THR F 173 -10.64 17.17 -54.58
C THR F 173 -10.89 15.88 -53.81
N ILE F 174 -12.09 15.31 -53.96
CA ILE F 174 -12.41 14.06 -53.29
C ILE F 174 -11.55 12.91 -53.82
N ILE F 175 -11.36 12.87 -55.15
CA ILE F 175 -10.47 11.88 -55.77
C ILE F 175 -9.05 12.03 -55.24
N LEU F 176 -8.59 13.28 -55.07
CA LEU F 176 -7.22 13.47 -54.62
C LEU F 176 -7.04 13.10 -53.14
N MET F 177 -8.08 13.30 -52.33
CA MET F 177 -8.04 12.88 -50.93
C MET F 177 -7.93 11.35 -50.81
N VAL F 178 -8.75 10.63 -51.59
CA VAL F 178 -8.72 9.17 -51.54
C VAL F 178 -7.39 8.63 -52.08
N SER F 179 -6.85 9.28 -53.12
CA SER F 179 -5.57 8.85 -53.67
C SER F 179 -4.42 9.16 -52.71
N SER F 180 -4.58 10.19 -51.87
CA SER F 180 -3.56 10.46 -50.87
C SER F 180 -3.59 9.44 -49.74
N ASN F 181 -4.77 8.94 -49.37
CA ASN F 181 -4.83 8.08 -48.19
C ASN F 181 -4.79 6.58 -48.45
N PHE F 182 -5.02 6.11 -49.69
CA PHE F 182 -5.15 4.65 -49.82
C PHE F 182 -3.80 3.91 -49.80
N TRP F 183 -2.68 4.61 -49.67
CA TRP F 183 -1.37 3.95 -49.66
C TRP F 183 -1.21 3.06 -48.43
N PHE F 184 -1.87 3.39 -47.33
CA PHE F 184 -1.95 2.44 -46.23
C PHE F 184 -3.28 2.41 -45.51
N LYS F 185 -4.29 3.21 -45.89
CA LYS F 185 -5.49 3.18 -45.06
C LYS F 185 -6.45 2.04 -45.38
N TYR F 186 -6.01 0.97 -46.07
CA TYR F 186 -6.83 -0.23 -46.15
C TYR F 186 -6.14 -1.40 -45.45
N PRO F 187 -6.86 -2.22 -44.68
CA PRO F 187 -6.21 -3.11 -43.71
C PRO F 187 -5.62 -4.40 -44.28
N LYS F 188 -5.47 -4.50 -45.59
CA LYS F 188 -4.74 -5.62 -46.15
C LYS F 188 -3.23 -5.46 -45.93
N THR F 189 -2.76 -4.22 -45.82
CA THR F 189 -1.35 -3.93 -45.67
C THR F 189 -1.07 -3.14 -44.38
N CYS F 190 -2.13 -2.77 -43.64
CA CYS F 190 -1.97 -1.94 -42.45
C CYS F 190 -1.30 -2.68 -41.30
N SER F 191 -1.44 -4.01 -41.26
CA SER F 191 -0.96 -4.80 -40.14
C SER F 191 0.56 -4.77 -40.04
N LYS F 192 1.25 -4.98 -41.17
CA LYS F 192 2.71 -4.96 -41.17
C LYS F 192 3.25 -3.56 -40.92
N VAL F 193 2.49 -2.53 -41.25
CA VAL F 193 2.95 -1.17 -41.02
C VAL F 193 2.84 -0.82 -39.54
N GLU F 194 1.72 -1.17 -38.91
CA GLU F 194 1.59 -1.05 -37.45
C GLU F 194 2.63 -1.89 -36.73
N HIS F 195 2.95 -3.05 -37.30
CA HIS F 195 3.97 -3.92 -36.74
C HIS F 195 5.34 -3.26 -36.76
N PHE F 196 5.69 -2.61 -37.88
CA PHE F 196 6.95 -1.88 -37.97
C PHE F 196 6.98 -0.69 -37.02
N VAL F 197 5.84 -0.02 -36.86
CA VAL F 197 5.78 1.14 -35.97
C VAL F 197 6.03 0.72 -34.52
N SER F 198 5.39 -0.36 -34.09
CA SER F 198 5.60 -0.87 -32.73
C SER F 198 7.03 -1.35 -32.54
N ILE F 199 7.61 -2.01 -33.56
CA ILE F 199 8.99 -2.45 -33.50
C ILE F 199 9.94 -1.27 -33.33
N LEU F 200 9.77 -0.23 -34.14
CA LEU F 200 10.74 0.85 -34.08
C LEU F 200 10.56 1.70 -32.83
N GLY F 201 9.32 1.81 -32.33
CA GLY F 201 9.11 2.50 -31.07
C GLY F 201 9.78 1.81 -29.90
N LYS F 202 9.53 0.51 -29.74
CA LYS F 202 10.19 -0.24 -28.69
C LYS F 202 11.69 -0.40 -28.96
N CYS F 203 12.10 -0.32 -30.21
CA CYS F 203 13.49 -0.53 -30.58
C CYS F 203 14.32 0.72 -30.33
N PHE F 204 13.69 1.88 -30.33
CA PHE F 204 14.41 3.07 -29.91
C PHE F 204 14.30 3.33 -28.42
N GLU F 205 13.21 2.94 -27.78
CA GLU F 205 13.05 3.23 -26.36
C GLU F 205 13.83 2.28 -25.43
N SER F 206 14.71 1.42 -25.95
CA SER F 206 15.34 0.46 -25.05
C SER F 206 16.65 1.01 -24.50
N PRO F 207 16.89 0.88 -23.19
CA PRO F 207 18.16 1.35 -22.63
C PRO F 207 19.33 0.45 -22.96
N TRP F 208 19.08 -0.83 -23.28
CA TRP F 208 20.18 -1.69 -23.67
C TRP F 208 20.75 -1.29 -25.03
N THR F 209 19.91 -0.74 -25.90
CA THR F 209 20.40 -0.27 -27.20
C THR F 209 21.39 0.86 -27.03
N THR F 210 21.07 1.84 -26.19
CA THR F 210 22.03 2.92 -25.98
C THR F 210 23.20 2.48 -25.10
N LYS F 211 23.06 1.40 -24.31
CA LYS F 211 24.22 0.90 -23.59
C LYS F 211 25.19 0.20 -24.55
N ALA F 212 24.66 -0.57 -25.50
CA ALA F 212 25.51 -1.20 -26.51
C ALA F 212 26.11 -0.17 -27.45
N LEU F 213 25.41 0.93 -27.70
CA LEU F 213 26.04 2.05 -28.40
C LEU F 213 27.05 2.78 -27.53
N SER F 214 26.91 2.71 -26.20
CA SER F 214 27.92 3.31 -25.32
C SER F 214 29.18 2.47 -25.29
N GLU F 215 29.07 1.16 -25.52
CA GLU F 215 30.27 0.34 -25.66
C GLU F 215 31.04 0.70 -26.93
N THR F 216 30.33 0.97 -28.02
CA THR F 216 30.97 1.32 -29.28
C THR F 216 30.32 2.53 -29.93
N ASP F 277 20.40 -3.42 -13.85
CA ASP F 277 19.63 -3.60 -15.07
C ASP F 277 18.40 -4.44 -14.80
N LYS F 278 18.51 -5.75 -15.07
CA LYS F 278 17.59 -6.83 -14.68
C LYS F 278 16.26 -6.82 -15.42
N LYS F 279 16.02 -5.82 -16.27
CA LYS F 279 14.82 -5.75 -17.09
C LYS F 279 15.14 -5.69 -18.58
N ASP F 280 16.30 -5.08 -18.90
CA ASP F 280 16.74 -4.92 -20.28
C ASP F 280 16.92 -6.27 -20.96
N GLY F 281 17.37 -7.28 -20.22
CA GLY F 281 17.56 -8.63 -20.71
C GLY F 281 16.32 -9.25 -21.31
N GLU F 282 15.27 -9.42 -20.51
CA GLU F 282 14.06 -10.05 -21.01
C GLU F 282 13.28 -9.13 -21.95
N GLN F 283 13.38 -7.81 -21.76
CA GLN F 283 12.68 -6.89 -22.66
C GLN F 283 13.29 -6.91 -24.06
N ALA F 284 14.60 -6.76 -24.15
CA ALA F 284 15.24 -6.83 -25.45
C ALA F 284 15.27 -8.25 -26.01
N LYS F 285 15.14 -9.28 -25.17
CA LYS F 285 15.02 -10.63 -25.70
C LYS F 285 13.67 -10.85 -26.36
N ALA F 286 12.59 -10.35 -25.73
CA ALA F 286 11.29 -10.37 -26.38
C ALA F 286 11.28 -9.49 -27.63
N LEU F 287 12.06 -8.41 -27.62
CA LEU F 287 12.16 -7.58 -28.80
C LEU F 287 12.93 -8.30 -29.90
N PHE F 288 13.96 -9.07 -29.53
CA PHE F 288 14.68 -9.94 -30.45
C PHE F 288 13.74 -10.94 -31.10
N GLU F 289 12.89 -11.56 -30.29
CA GLU F 289 11.94 -12.54 -30.82
C GLU F 289 10.92 -11.89 -31.73
N LYS F 290 10.55 -10.64 -31.45
CA LYS F 290 9.71 -9.89 -32.37
C LYS F 290 10.45 -9.57 -33.67
N VAL F 291 11.76 -9.33 -33.60
CA VAL F 291 12.55 -9.12 -34.81
C VAL F 291 12.62 -10.40 -35.66
N ARG F 292 12.77 -11.55 -34.99
CA ARG F 292 12.68 -12.85 -35.68
C ARG F 292 11.32 -13.05 -36.33
N LYS F 293 10.25 -12.66 -35.64
CA LYS F 293 8.91 -12.82 -36.19
C LYS F 293 8.66 -11.87 -37.35
N PHE F 294 9.30 -10.70 -37.34
CA PHE F 294 9.16 -9.76 -38.44
C PHE F 294 10.01 -10.14 -39.64
N ARG F 295 11.18 -10.74 -39.42
CA ARG F 295 12.23 -10.74 -40.42
C ARG F 295 11.86 -11.61 -41.62
N ALA F 296 11.63 -12.90 -41.39
CA ALA F 296 11.23 -13.78 -42.48
C ALA F 296 9.76 -13.64 -42.83
N HIS F 297 9.01 -12.78 -42.14
CA HIS F 297 7.62 -12.52 -42.52
C HIS F 297 7.55 -11.74 -43.82
N VAL F 298 8.32 -10.67 -43.95
CA VAL F 298 8.31 -9.82 -45.14
C VAL F 298 9.75 -9.48 -45.52
N GLU F 299 10.26 -10.18 -46.54
CA GLU F 299 11.45 -9.76 -47.28
C GLU F 299 11.10 -9.88 -48.76
N ASP F 300 10.45 -8.83 -49.28
CA ASP F 300 9.93 -8.82 -50.63
C ASP F 300 9.93 -7.38 -51.14
N SER F 301 9.41 -7.21 -52.35
CA SER F 301 9.30 -5.90 -52.99
C SER F 301 8.00 -5.69 -53.72
N ASP F 302 7.03 -6.61 -53.59
CA ASP F 302 5.79 -6.46 -54.35
C ASP F 302 4.91 -5.34 -53.80
N LEU F 303 4.46 -5.49 -52.54
CA LEU F 303 3.30 -4.72 -52.09
C LEU F 303 3.66 -3.26 -51.82
N ILE F 304 4.66 -3.01 -50.97
CA ILE F 304 4.95 -1.64 -50.57
C ILE F 304 5.53 -0.83 -51.73
N TYR F 305 6.40 -1.44 -52.53
CA TYR F 305 6.97 -0.74 -53.67
C TYR F 305 5.93 -0.52 -54.76
N LYS F 306 5.04 -1.49 -54.98
CA LYS F 306 4.02 -1.32 -55.99
C LYS F 306 2.95 -0.31 -55.55
N LEU F 307 2.67 -0.23 -54.25
CA LEU F 307 1.76 0.81 -53.77
C LEU F 307 2.40 2.19 -53.85
N TYR F 308 3.70 2.30 -53.64
CA TYR F 308 4.41 3.55 -53.87
C TYR F 308 4.32 3.98 -55.34
N VAL F 309 4.53 3.03 -56.26
CA VAL F 309 4.45 3.34 -57.68
C VAL F 309 3.02 3.70 -58.08
N VAL F 310 2.03 3.06 -57.46
CA VAL F 310 0.66 3.37 -57.86
C VAL F 310 0.22 4.70 -57.25
N GLN F 311 0.80 5.10 -56.12
CA GLN F 311 0.61 6.47 -55.62
C GLN F 311 1.16 7.49 -56.60
N THR F 312 2.36 7.24 -57.13
CA THR F 312 2.95 8.18 -58.07
C THR F 312 2.15 8.27 -59.37
N VAL F 313 1.66 7.13 -59.88
CA VAL F 313 0.93 7.24 -61.13
C VAL F 313 -0.50 7.72 -60.91
N ILE F 314 -1.09 7.49 -59.73
CA ILE F 314 -2.42 8.03 -59.49
C ILE F 314 -2.34 9.51 -59.19
N LYS F 315 -1.15 10.02 -58.82
CA LYS F 315 -0.90 11.45 -58.95
C LYS F 315 -0.94 11.84 -60.42
N THR F 316 -0.05 11.24 -61.21
CA THR F 316 0.31 11.77 -62.54
C THR F 316 -0.87 11.76 -63.49
N ALA F 317 -1.69 10.71 -63.43
CA ALA F 317 -2.85 10.60 -64.31
C ALA F 317 -3.88 11.69 -64.03
N LYS F 318 -4.24 11.87 -62.75
CA LYS F 318 -5.19 12.91 -62.38
C LYS F 318 -4.63 14.30 -62.66
N PHE F 319 -3.33 14.48 -62.46
CA PHE F 319 -2.67 15.76 -62.70
C PHE F 319 -2.73 16.15 -64.17
N ILE F 320 -2.25 15.29 -65.06
CA ILE F 320 -2.25 15.59 -66.49
C ILE F 320 -3.68 15.68 -67.02
N PHE F 321 -4.58 14.86 -66.47
CA PHE F 321 -5.97 14.85 -66.88
C PHE F 321 -6.65 16.19 -66.61
N ILE F 322 -6.63 16.63 -65.35
CA ILE F 322 -7.31 17.88 -65.05
C ILE F 322 -6.55 19.08 -65.57
N LEU F 323 -5.22 18.95 -65.81
CA LEU F 323 -4.49 20.09 -66.35
C LEU F 323 -4.87 20.33 -67.80
N CYS F 324 -4.95 19.27 -68.61
CA CYS F 324 -5.39 19.45 -69.99
C CYS F 324 -6.86 19.84 -70.07
N TYR F 325 -7.68 19.28 -69.15
CA TYR F 325 -9.12 19.54 -69.13
C TYR F 325 -9.40 21.00 -68.80
N THR F 326 -8.93 21.46 -67.65
CA THR F 326 -9.07 22.86 -67.31
C THR F 326 -8.26 23.78 -68.22
N ALA F 327 -7.21 23.28 -68.87
CA ALA F 327 -6.41 24.10 -69.77
C ALA F 327 -7.20 24.48 -71.01
N ASN F 328 -7.86 23.51 -71.65
CA ASN F 328 -8.74 23.91 -72.75
C ASN F 328 -10.14 24.30 -72.26
N PHE F 329 -10.34 24.44 -70.94
CA PHE F 329 -11.41 25.31 -70.45
C PHE F 329 -10.90 26.63 -69.86
N VAL F 330 -9.66 27.05 -70.14
CA VAL F 330 -9.24 28.38 -69.65
C VAL F 330 -9.92 29.49 -70.44
N ASN F 331 -9.62 29.56 -71.73
CA ASN F 331 -9.98 30.77 -72.47
C ASN F 331 -11.37 30.69 -73.06
N ALA F 332 -12.09 29.60 -72.84
CA ALA F 332 -13.46 29.51 -73.31
C ALA F 332 -14.43 30.30 -72.45
N ILE F 333 -13.98 30.79 -71.30
CA ILE F 333 -14.77 31.72 -70.50
C ILE F 333 -14.76 33.08 -71.19
N SER F 334 -15.94 33.57 -71.54
CA SER F 334 -16.10 34.87 -72.16
C SER F 334 -16.96 35.75 -71.28
N PHE F 335 -17.14 37.01 -71.69
CA PHE F 335 -17.85 37.99 -70.90
C PHE F 335 -19.16 38.44 -71.52
N GLU F 336 -19.19 38.64 -72.83
CA GLU F 336 -20.42 39.00 -73.54
C GLU F 336 -20.91 37.79 -74.31
N HIS F 337 -22.21 37.54 -74.26
CA HIS F 337 -22.76 36.33 -74.87
C HIS F 337 -24.00 36.66 -75.68
N VAL F 338 -23.96 36.31 -76.95
CA VAL F 338 -25.04 36.58 -77.89
C VAL F 338 -25.93 35.35 -77.94
N CYS F 339 -27.23 35.56 -77.85
CA CYS F 339 -28.20 34.48 -77.86
C CYS F 339 -29.31 34.75 -78.86
N LYS F 340 -29.93 33.64 -79.25
CA LYS F 340 -31.11 33.63 -80.11
C LYS F 340 -32.09 32.64 -79.49
N PRO F 341 -32.93 33.09 -78.57
CA PRO F 341 -33.98 32.21 -78.04
C PRO F 341 -35.07 32.00 -79.07
N LYS F 342 -35.92 31.01 -78.79
CA LYS F 342 -37.02 30.67 -79.69
C LYS F 342 -38.26 31.52 -79.45
N VAL F 343 -38.24 32.40 -78.46
CA VAL F 343 -39.44 33.13 -78.06
C VAL F 343 -39.51 34.36 -78.95
N GLU F 344 -40.04 34.16 -80.15
CA GLU F 344 -40.10 35.24 -81.13
C GLU F 344 -41.41 35.99 -81.09
N HIS F 345 -42.54 35.27 -81.12
CA HIS F 345 -43.83 35.94 -81.07
C HIS F 345 -44.14 36.53 -79.71
N LEU F 346 -43.43 36.08 -78.66
CA LEU F 346 -43.61 36.65 -77.33
C LEU F 346 -43.04 38.05 -77.25
N ILE F 347 -42.03 38.36 -78.06
CA ILE F 347 -41.31 39.62 -77.96
C ILE F 347 -41.31 40.33 -79.31
N GLY F 348 -40.82 39.64 -80.33
CA GLY F 348 -40.54 40.26 -81.62
C GLY F 348 -39.07 40.38 -81.92
N TYR F 349 -38.21 39.78 -81.12
CA TYR F 349 -36.77 39.90 -81.24
C TYR F 349 -36.14 38.51 -81.17
N GLU F 350 -35.07 38.29 -81.93
CA GLU F 350 -34.35 37.03 -81.83
C GLU F 350 -32.90 37.21 -81.39
N VAL F 351 -32.12 38.00 -82.10
CA VAL F 351 -30.68 38.05 -81.86
C VAL F 351 -30.34 39.23 -80.95
N PHE F 352 -29.76 38.92 -79.78
CA PHE F 352 -29.42 39.94 -78.80
C PHE F 352 -28.52 39.33 -77.75
N GLU F 353 -27.92 40.18 -76.92
CA GLU F 353 -26.91 39.70 -75.99
C GLU F 353 -27.25 39.98 -74.53
N CYS F 354 -26.73 39.10 -73.70
CA CYS F 354 -26.51 39.29 -72.28
C CYS F 354 -25.03 39.50 -72.00
N THR F 355 -24.78 40.02 -70.81
CA THR F 355 -23.52 39.79 -70.15
C THR F 355 -23.77 39.11 -68.82
N HIS F 356 -22.68 38.64 -68.23
CA HIS F 356 -22.67 37.69 -67.14
C HIS F 356 -21.79 38.24 -66.02
N ASN F 357 -22.30 38.21 -64.80
CA ASN F 357 -21.64 38.87 -63.68
C ASN F 357 -20.42 38.12 -63.17
N MET F 358 -20.19 36.90 -63.60
CA MET F 358 -19.12 36.09 -63.00
C MET F 358 -18.06 35.71 -64.01
N ALA F 359 -17.64 36.66 -64.84
CA ALA F 359 -16.56 36.35 -65.76
C ALA F 359 -15.20 36.51 -65.11
N TYR F 360 -14.87 37.73 -64.70
CA TYR F 360 -13.49 38.06 -64.39
C TYR F 360 -13.04 37.46 -63.07
N MET F 361 -13.90 37.51 -62.05
CA MET F 361 -13.58 36.92 -60.76
C MET F 361 -13.39 35.41 -60.87
N LEU F 362 -14.27 34.75 -61.61
CA LEU F 362 -14.17 33.31 -61.75
C LEU F 362 -12.95 32.92 -62.58
N LYS F 363 -12.60 33.73 -63.57
CA LYS F 363 -11.45 33.37 -64.40
C LYS F 363 -10.15 33.60 -63.64
N LYS F 364 -10.08 34.65 -62.81
CA LYS F 364 -8.87 34.85 -62.02
C LYS F 364 -8.75 33.80 -60.92
N LEU F 365 -9.87 33.36 -60.36
CA LEU F 365 -9.80 32.31 -59.37
C LEU F 365 -9.42 30.98 -60.02
N LEU F 366 -9.85 30.79 -61.27
CA LEU F 366 -9.45 29.62 -62.03
C LEU F 366 -7.96 29.61 -62.32
N ILE F 367 -7.38 30.77 -62.66
CA ILE F 367 -5.95 30.71 -62.97
C ILE F 367 -5.12 30.61 -61.69
N SER F 368 -5.63 31.07 -60.56
CA SER F 368 -4.93 30.79 -59.29
C SER F 368 -4.98 29.30 -58.96
N TYR F 369 -6.14 28.67 -59.17
CA TYR F 369 -6.29 27.23 -59.08
C TYR F 369 -5.30 26.47 -59.95
N ILE F 370 -5.13 26.92 -61.20
CA ILE F 370 -4.25 26.23 -62.13
C ILE F 370 -2.79 26.40 -61.74
N SER F 371 -2.43 27.57 -61.23
CA SER F 371 -1.05 27.76 -60.77
C SER F 371 -0.74 26.87 -59.57
N ILE F 372 -1.70 26.71 -58.65
CA ILE F 372 -1.50 25.82 -57.50
C ILE F 372 -1.35 24.37 -57.94
N ILE F 373 -2.19 23.91 -58.85
CA ILE F 373 -2.09 22.52 -59.30
C ILE F 373 -0.84 22.30 -60.16
N CYS F 374 -0.36 23.34 -60.83
CA CYS F 374 0.88 23.23 -61.58
C CYS F 374 2.09 23.05 -60.65
N VAL F 375 2.13 23.83 -59.57
CA VAL F 375 3.18 23.66 -58.56
C VAL F 375 3.08 22.27 -57.93
N TYR F 376 1.85 21.82 -57.67
CA TYR F 376 1.59 20.48 -57.13
C TYR F 376 2.20 19.39 -57.98
N GLY F 377 1.86 19.37 -59.26
CA GLY F 377 2.36 18.34 -60.16
C GLY F 377 3.84 18.44 -60.42
N PHE F 378 4.39 19.66 -60.46
CA PHE F 378 5.82 19.84 -60.64
C PHE F 378 6.61 19.24 -59.48
N ILE F 379 6.20 19.59 -58.25
CA ILE F 379 6.86 19.07 -57.05
C ILE F 379 6.72 17.56 -56.98
N CYS F 380 5.53 17.03 -57.26
CA CYS F 380 5.34 15.60 -57.04
C CYS F 380 6.05 14.79 -58.12
N LEU F 381 6.04 15.28 -59.37
CA LEU F 381 6.80 14.63 -60.44
C LEU F 381 8.28 14.63 -60.14
N TYR F 382 8.82 15.78 -59.70
CA TYR F 382 10.24 15.92 -59.38
C TYR F 382 10.68 14.95 -58.30
N THR F 383 10.10 15.06 -57.11
CA THR F 383 10.59 14.27 -55.99
C THR F 383 10.20 12.80 -56.13
N LEU F 384 9.00 12.51 -56.65
CA LEU F 384 8.58 11.13 -56.72
C LEU F 384 9.27 10.37 -57.84
N PHE F 385 9.52 11.03 -58.98
CA PHE F 385 10.28 10.36 -60.02
C PHE F 385 11.74 10.21 -59.64
N TRP F 386 12.33 11.21 -58.97
CA TRP F 386 13.73 11.04 -58.61
C TRP F 386 13.95 10.19 -57.37
N LEU F 387 12.90 9.83 -56.64
CA LEU F 387 13.06 8.77 -55.65
C LEU F 387 12.56 7.43 -56.17
N PHE F 388 11.84 7.44 -57.29
CA PHE F 388 11.63 6.21 -58.05
C PHE F 388 12.94 5.72 -58.67
N ARG F 389 13.69 6.62 -59.28
CA ARG F 389 14.79 6.20 -60.15
C ARG F 389 15.99 5.71 -59.36
N ILE F 390 16.41 6.44 -58.34
CA ILE F 390 17.76 6.29 -57.80
C ILE F 390 17.97 5.08 -56.89
N PRO F 391 17.17 4.78 -55.85
CA PRO F 391 17.55 3.66 -54.97
C PRO F 391 17.33 2.28 -55.57
N LEU F 392 16.23 2.10 -56.31
CA LEU F 392 15.80 0.85 -56.95
C LEU F 392 15.76 -0.35 -56.00
N LYS F 393 15.21 -0.09 -54.80
CA LYS F 393 14.63 -1.07 -53.88
C LYS F 393 15.63 -2.04 -53.24
N GLU F 394 16.91 -1.98 -53.57
CA GLU F 394 17.88 -2.88 -52.99
C GLU F 394 18.97 -2.18 -52.19
N TYR F 395 19.03 -0.86 -52.24
CA TYR F 395 20.04 -0.10 -51.52
C TYR F 395 19.75 0.06 -50.04
N SER F 396 18.61 -0.44 -49.56
CA SER F 396 18.34 -0.45 -48.12
C SER F 396 19.32 -1.37 -47.40
N PHE F 397 19.47 -2.59 -47.91
CA PHE F 397 20.46 -3.52 -47.39
C PHE F 397 21.87 -2.99 -47.56
N GLU F 398 22.11 -2.27 -48.67
CA GLU F 398 23.43 -1.70 -48.93
C GLU F 398 23.77 -0.58 -47.95
N LYS F 399 22.78 0.23 -47.58
CA LYS F 399 23.06 1.30 -46.63
C LYS F 399 23.12 0.77 -45.21
N VAL F 400 22.43 -0.33 -44.91
CA VAL F 400 22.66 -0.99 -43.62
C VAL F 400 24.06 -1.60 -43.58
N ARG F 401 24.56 -2.08 -44.73
CA ARG F 401 25.94 -2.55 -44.81
C ARG F 401 26.93 -1.41 -44.62
N GLU F 402 26.60 -0.22 -45.14
CA GLU F 402 27.47 0.94 -44.92
C GLU F 402 27.43 1.41 -43.47
N GLU F 403 26.23 1.36 -42.87
CA GLU F 403 26.05 1.58 -41.44
C GLU F 403 26.92 0.64 -40.61
N SER F 404 27.00 -0.62 -41.02
CA SER F 404 27.96 -1.55 -40.42
C SER F 404 29.39 -1.10 -40.68
N SER F 405 29.65 -0.55 -41.86
CA SER F 405 31.00 -0.15 -42.24
C SER F 405 31.50 1.08 -41.49
N PHE F 406 30.64 1.84 -40.80
CA PHE F 406 31.17 2.83 -39.87
C PHE F 406 30.51 2.78 -38.50
N SER F 407 30.09 1.61 -38.03
CA SER F 407 29.69 1.48 -36.62
C SER F 407 30.34 0.30 -35.91
N ASP F 408 31.11 -0.53 -36.61
CA ASP F 408 31.94 -1.61 -36.04
C ASP F 408 31.09 -2.69 -35.35
N ILE F 409 29.85 -2.84 -35.77
CA ILE F 409 29.03 -4.02 -35.45
C ILE F 409 28.41 -4.47 -36.77
N PRO F 410 28.86 -5.58 -37.36
CA PRO F 410 28.38 -5.97 -38.69
C PRO F 410 26.96 -6.50 -38.71
N ASP F 411 26.03 -5.69 -39.23
CA ASP F 411 24.63 -6.06 -39.27
C ASP F 411 24.38 -7.10 -40.37
N VAL F 412 23.13 -7.59 -40.42
CA VAL F 412 22.77 -8.62 -41.38
C VAL F 412 22.80 -8.06 -42.80
N LYS F 413 22.35 -6.81 -42.96
CA LYS F 413 22.41 -6.05 -44.20
C LYS F 413 21.68 -6.75 -45.34
N ASN F 414 20.44 -7.17 -45.06
CA ASN F 414 19.64 -7.86 -46.07
C ASN F 414 18.18 -7.43 -46.03
N ASP F 415 17.90 -6.23 -45.54
CA ASP F 415 16.53 -5.71 -45.56
C ASP F 415 16.22 -5.33 -47.01
N PHE F 416 15.59 -6.27 -47.72
CA PHE F 416 15.27 -6.09 -49.13
C PHE F 416 14.08 -5.15 -49.34
N ALA F 417 13.32 -4.85 -48.30
CA ALA F 417 12.22 -3.90 -48.40
C ALA F 417 12.74 -2.48 -48.59
N PHE F 418 11.95 -1.68 -49.29
CA PHE F 418 12.26 -0.30 -49.61
C PHE F 418 11.87 0.65 -48.47
N LEU F 419 11.22 0.11 -47.43
CA LEU F 419 10.59 0.89 -46.37
C LEU F 419 11.60 1.72 -45.58
N LEU F 420 12.83 1.22 -45.43
CA LEU F 420 13.76 1.85 -44.51
C LEU F 420 14.36 3.13 -45.08
N HIS F 421 14.46 3.26 -46.41
CA HIS F 421 14.81 4.54 -47.01
C HIS F 421 13.78 5.61 -46.66
N MET F 422 12.49 5.26 -46.73
CA MET F 422 11.45 6.23 -46.46
C MET F 422 11.40 6.56 -44.96
N VAL F 423 11.75 5.61 -44.10
CA VAL F 423 11.87 5.93 -42.69
C VAL F 423 13.08 6.82 -42.44
N ASP F 424 14.17 6.61 -43.20
CA ASP F 424 15.37 7.43 -43.06
C ASP F 424 15.14 8.86 -43.51
N GLN F 425 14.26 9.06 -44.49
CA GLN F 425 14.00 10.42 -44.94
C GLN F 425 13.26 11.26 -43.90
N TYR F 426 12.58 10.64 -42.94
CA TYR F 426 12.00 11.40 -41.84
C TYR F 426 13.04 11.76 -40.80
N ASP F 427 13.64 10.75 -40.15
CA ASP F 427 14.71 10.96 -39.19
C ASP F 427 15.87 10.01 -39.51
N GLN F 428 17.04 10.32 -38.94
CA GLN F 428 18.28 9.61 -39.22
C GLN F 428 18.68 8.65 -38.10
N LEU F 429 18.47 9.04 -36.84
CA LEU F 429 18.88 8.20 -35.73
C LEU F 429 18.03 6.95 -35.65
N TYR F 430 16.80 6.99 -36.16
CA TYR F 430 15.98 5.79 -36.21
C TYR F 430 16.49 4.78 -37.23
N SER F 431 17.33 5.20 -38.16
CA SER F 431 18.07 4.26 -39.00
C SER F 431 19.37 3.83 -38.33
N LYS F 432 20.13 4.80 -37.79
CA LYS F 432 21.46 4.53 -37.25
C LYS F 432 21.43 3.65 -36.01
N ARG F 433 20.39 3.76 -35.20
CA ARG F 433 20.28 2.95 -34.01
C ARG F 433 19.80 1.53 -34.31
N PHE F 434 19.12 1.33 -35.43
CA PHE F 434 18.49 0.05 -35.72
C PHE F 434 19.50 -1.02 -36.13
N GLY F 435 20.57 -0.63 -36.81
CA GLY F 435 21.49 -1.60 -37.38
C GLY F 435 22.38 -2.28 -36.37
N VAL F 436 22.65 -1.62 -35.24
CA VAL F 436 23.32 -2.29 -34.13
C VAL F 436 22.40 -3.34 -33.54
N PHE F 437 21.11 -3.02 -33.41
CA PHE F 437 20.14 -3.96 -32.87
C PHE F 437 19.87 -5.11 -33.82
N LEU F 438 20.16 -4.93 -35.12
CA LEU F 438 19.93 -5.99 -36.09
C LEU F 438 20.90 -7.16 -35.90
N SER F 439 22.16 -6.88 -35.63
CA SER F 439 23.22 -7.87 -35.76
C SER F 439 23.20 -8.91 -34.65
N GLU F 440 23.70 -10.10 -34.97
CA GLU F 440 23.71 -11.21 -34.02
C GLU F 440 24.80 -11.06 -32.96
N VAL F 441 25.87 -10.33 -33.24
CA VAL F 441 26.93 -10.19 -32.25
C VAL F 441 26.47 -9.26 -31.12
N SER F 442 25.65 -8.27 -31.44
CA SER F 442 25.00 -7.49 -30.39
C SER F 442 23.90 -8.32 -29.73
N GLU F 443 23.18 -9.11 -30.52
CA GLU F 443 22.07 -9.92 -30.02
C GLU F 443 22.55 -11.05 -29.11
N ASN F 444 23.83 -11.39 -29.17
CA ASN F 444 24.42 -12.48 -28.42
C ASN F 444 24.79 -12.08 -27.00
N LYS F 445 24.57 -10.81 -26.62
CA LYS F 445 25.09 -10.34 -25.34
C LYS F 445 24.12 -10.63 -24.20
N LEU F 446 22.89 -10.11 -24.29
CA LEU F 446 21.96 -10.20 -23.16
C LEU F 446 21.53 -11.63 -22.89
N ARG F 447 21.55 -12.48 -23.90
CA ARG F 447 21.32 -13.90 -23.69
C ARG F 447 22.43 -14.56 -22.88
N GLU F 448 23.55 -13.89 -22.66
CA GLU F 448 24.60 -14.33 -21.73
C GLU F 448 24.60 -13.55 -20.43
N ILE F 449 24.33 -12.24 -20.50
CA ILE F 449 24.31 -11.40 -19.31
C ILE F 449 23.14 -11.76 -18.41
N SER F 450 21.99 -12.11 -18.98
CA SER F 450 20.87 -12.56 -18.15
C SER F 450 21.16 -13.90 -17.50
N LEU F 451 21.87 -14.80 -18.20
CA LEU F 451 22.23 -16.08 -17.60
C LEU F 451 23.23 -15.89 -16.47
N ASN F 452 24.13 -14.91 -16.58
CA ASN F 452 24.93 -14.54 -15.43
C ASN F 452 24.08 -13.92 -14.34
N HIS F 453 22.99 -13.25 -14.71
CA HIS F 453 22.20 -12.48 -13.75
C HIS F 453 21.39 -13.39 -12.83
N GLU F 454 20.51 -14.22 -13.40
CA GLU F 454 19.64 -14.99 -12.52
C GLU F 454 20.33 -16.22 -11.91
N TRP F 455 21.29 -16.82 -12.61
CA TRP F 455 21.95 -18.01 -12.07
C TRP F 455 23.01 -17.57 -11.06
N THR F 456 22.55 -17.31 -9.85
CA THR F 456 23.42 -16.84 -8.79
C THR F 456 24.04 -18.02 -8.05
N PHE F 457 24.66 -17.74 -6.90
CA PHE F 457 25.32 -18.79 -6.13
C PHE F 457 24.31 -19.73 -5.47
N GLU F 458 23.12 -19.24 -5.13
CA GLU F 458 22.24 -19.97 -4.23
C GLU F 458 21.41 -21.03 -4.95
N LYS F 459 20.56 -20.62 -5.89
CA LYS F 459 19.51 -21.51 -6.36
C LYS F 459 20.01 -22.61 -7.27
N LEU F 460 21.24 -22.54 -7.77
CA LEU F 460 21.77 -23.70 -8.47
C LEU F 460 22.29 -24.77 -7.52
N ARG F 461 22.56 -24.42 -6.26
CA ARG F 461 23.02 -25.42 -5.29
C ARG F 461 21.93 -26.45 -4.98
N GLN F 462 20.72 -25.98 -4.70
CA GLN F 462 19.60 -26.89 -4.50
C GLN F 462 19.17 -27.55 -5.79
N HIS F 463 19.52 -26.95 -6.93
CA HIS F 463 19.17 -27.53 -8.23
C HIS F 463 19.89 -28.84 -8.47
N ILE F 464 21.17 -28.93 -8.13
CA ILE F 464 21.98 -30.10 -8.40
C ILE F 464 22.91 -30.43 -7.24
N SER F 465 22.54 -31.44 -6.45
CA SER F 465 23.33 -31.95 -5.34
C SER F 465 22.74 -33.30 -4.95
N ARG F 466 23.24 -33.86 -3.84
CA ARG F 466 22.66 -35.00 -3.13
C ARG F 466 22.63 -36.29 -3.95
N ASN F 467 23.67 -36.54 -4.75
CA ASN F 467 23.81 -37.82 -5.40
C ASN F 467 24.92 -38.61 -4.69
N ALA F 468 25.32 -39.75 -5.27
CA ALA F 468 26.47 -40.49 -4.75
C ALA F 468 27.76 -39.71 -4.95
N GLN F 469 27.80 -38.86 -5.98
CA GLN F 469 28.84 -37.85 -6.14
C GLN F 469 28.15 -36.53 -6.42
N ASP F 470 28.63 -35.47 -5.76
CA ASP F 470 27.99 -34.16 -5.87
C ASP F 470 28.24 -33.53 -7.24
N LYS F 471 27.17 -33.01 -7.83
CA LYS F 471 27.04 -32.94 -9.29
C LYS F 471 26.54 -31.59 -9.77
N GLN F 472 26.82 -31.30 -11.06
CA GLN F 472 26.14 -30.24 -11.81
C GLN F 472 25.57 -30.86 -13.09
N GLU F 473 24.43 -31.53 -12.98
CA GLU F 473 23.73 -32.05 -14.16
C GLU F 473 22.40 -31.32 -14.25
N LEU F 474 22.45 -30.13 -14.81
CA LEU F 474 21.32 -29.21 -14.82
C LEU F 474 20.68 -29.20 -16.19
N HIS F 475 19.45 -28.70 -16.23
CA HIS F 475 18.74 -28.58 -17.51
C HIS F 475 19.39 -27.47 -18.31
N LEU F 476 20.33 -27.86 -19.17
CA LEU F 476 21.33 -26.96 -19.71
C LEU F 476 21.05 -26.61 -21.16
N PHE F 477 20.02 -27.21 -21.76
CA PHE F 477 19.56 -26.77 -23.07
C PHE F 477 18.96 -25.38 -23.00
N MET F 478 18.28 -25.05 -21.89
CA MET F 478 17.76 -23.71 -21.67
C MET F 478 18.89 -22.70 -21.55
N LEU F 479 20.00 -23.13 -20.96
CA LEU F 479 21.21 -22.33 -20.95
C LEU F 479 21.75 -22.23 -22.37
N SER F 480 22.16 -21.03 -22.76
CA SER F 480 22.74 -20.77 -24.07
C SER F 480 24.22 -20.45 -23.98
N GLY F 481 24.60 -19.57 -23.05
CA GLY F 481 25.97 -19.44 -22.63
C GLY F 481 26.15 -20.10 -21.27
N VAL F 482 27.41 -20.26 -20.88
CA VAL F 482 27.69 -20.89 -19.59
C VAL F 482 27.44 -19.86 -18.49
N PRO F 483 27.08 -20.28 -17.29
CA PRO F 483 27.06 -19.33 -16.16
C PRO F 483 28.47 -19.06 -15.66
N ASP F 484 28.55 -18.17 -14.69
CA ASP F 484 29.82 -17.93 -14.01
C ASP F 484 29.78 -18.31 -12.54
N ALA F 485 28.59 -18.51 -11.99
CA ALA F 485 28.45 -19.13 -10.68
C ALA F 485 28.59 -20.64 -10.74
N VAL F 486 28.63 -21.22 -11.94
CA VAL F 486 28.87 -22.65 -12.05
C VAL F 486 30.35 -22.95 -11.83
N PHE F 487 31.23 -22.03 -12.22
CA PHE F 487 32.66 -22.17 -11.96
C PHE F 487 33.06 -21.52 -10.66
N ASP F 488 32.11 -21.29 -9.75
CA ASP F 488 32.38 -20.63 -8.49
C ASP F 488 32.87 -21.60 -7.43
N LEU F 489 32.46 -22.86 -7.50
CA LEU F 489 32.74 -23.81 -6.43
C LEU F 489 33.89 -24.73 -6.82
N THR F 490 34.72 -25.04 -5.84
CA THR F 490 35.87 -25.91 -6.01
C THR F 490 35.68 -27.27 -5.37
N ASP F 491 34.50 -27.55 -4.81
CA ASP F 491 34.28 -28.74 -4.00
C ASP F 491 33.33 -29.74 -4.65
N LEU F 492 33.13 -29.66 -5.96
CA LEU F 492 32.30 -30.61 -6.68
C LEU F 492 33.04 -31.14 -7.89
N ASP F 493 32.90 -32.44 -8.14
CA ASP F 493 33.75 -33.14 -9.09
C ASP F 493 33.07 -33.45 -10.42
N VAL F 494 31.76 -33.64 -10.44
CA VAL F 494 31.11 -34.16 -11.64
C VAL F 494 30.06 -33.17 -12.15
N LEU F 495 29.82 -33.21 -13.47
CA LEU F 495 28.90 -32.30 -14.13
C LEU F 495 28.56 -32.80 -15.52
N LYS F 496 27.47 -32.30 -16.08
CA LYS F 496 27.22 -32.53 -17.50
C LYS F 496 26.88 -31.22 -18.19
N LEU F 497 27.28 -31.13 -19.46
CA LEU F 497 26.91 -30.06 -20.36
C LEU F 497 26.06 -30.64 -21.48
N GLU F 498 24.88 -30.09 -21.70
CA GLU F 498 24.02 -30.57 -22.77
C GLU F 498 23.42 -29.41 -23.54
N LEU F 499 23.60 -29.45 -24.87
CA LEU F 499 22.94 -28.55 -25.81
C LEU F 499 23.29 -27.08 -25.58
N ILE F 500 24.59 -26.81 -25.42
CA ILE F 500 25.03 -25.42 -25.31
C ILE F 500 25.44 -25.02 -26.73
N PRO F 501 25.18 -23.79 -27.13
CA PRO F 501 25.84 -23.28 -28.34
C PRO F 501 27.18 -22.61 -28.09
N GLU F 502 27.34 -22.03 -26.90
CA GLU F 502 28.43 -21.09 -26.66
C GLU F 502 29.70 -21.79 -26.19
N ALA F 503 30.78 -21.02 -26.21
CA ALA F 503 32.13 -21.55 -26.17
C ALA F 503 32.88 -21.31 -24.86
N LYS F 504 32.35 -20.48 -23.98
CA LYS F 504 33.16 -19.87 -22.94
C LYS F 504 33.49 -20.85 -21.83
N ILE F 505 34.76 -20.88 -21.43
CA ILE F 505 35.14 -21.14 -20.04
C ILE F 505 36.08 -20.00 -19.65
N PRO F 506 35.99 -19.49 -18.44
CA PRO F 506 37.05 -18.60 -17.95
C PRO F 506 38.19 -19.37 -17.33
N ALA F 507 39.21 -18.65 -16.86
CA ALA F 507 40.28 -19.25 -16.07
C ALA F 507 39.90 -19.41 -14.62
N LYS F 508 38.67 -19.05 -14.24
CA LYS F 508 38.17 -19.24 -12.89
C LYS F 508 38.13 -20.72 -12.51
N ILE F 509 37.98 -21.60 -13.51
CA ILE F 509 38.01 -23.04 -13.29
C ILE F 509 39.42 -23.53 -12.92
N SER F 510 40.45 -22.71 -13.15
CA SER F 510 41.83 -23.09 -12.87
C SER F 510 42.10 -23.32 -11.39
N GLN F 511 41.26 -22.78 -10.51
CA GLN F 511 41.37 -23.02 -9.08
C GLN F 511 40.17 -23.78 -8.53
N MET F 512 39.30 -24.29 -9.39
CA MET F 512 38.20 -25.16 -8.99
C MET F 512 38.60 -26.61 -9.26
N THR F 513 39.61 -27.06 -8.52
CA THR F 513 40.54 -28.09 -9.02
C THR F 513 40.30 -29.49 -8.45
N ASN F 514 39.05 -29.90 -8.23
CA ASN F 514 38.77 -31.32 -8.09
C ASN F 514 37.97 -31.86 -9.28
N LEU F 515 38.22 -31.32 -10.47
CA LEU F 515 37.51 -31.70 -11.67
C LEU F 515 38.33 -32.72 -12.45
N GLN F 516 37.89 -33.97 -12.45
CA GLN F 516 38.52 -35.00 -13.26
C GLN F 516 37.65 -35.45 -14.42
N GLU F 517 36.44 -34.90 -14.56
CA GLU F 517 35.48 -35.42 -15.51
C GLU F 517 34.78 -34.25 -16.19
N LEU F 518 34.14 -34.53 -17.33
CA LEU F 518 33.44 -33.50 -18.10
C LEU F 518 32.49 -34.16 -19.10
N HIS F 519 31.19 -33.92 -18.96
CA HIS F 519 30.22 -34.56 -19.86
C HIS F 519 29.60 -33.50 -20.77
N LEU F 520 30.26 -33.23 -21.88
CA LEU F 520 29.68 -32.35 -22.89
C LEU F 520 28.94 -33.19 -23.91
N CYS F 521 27.81 -32.68 -24.40
CA CYS F 521 27.06 -33.34 -25.46
C CYS F 521 26.23 -32.32 -26.20
N HIS F 522 26.40 -32.28 -27.53
CA HIS F 522 25.92 -31.21 -28.40
C HIS F 522 26.38 -29.85 -27.88
N CYS F 523 27.65 -29.76 -27.54
CA CYS F 523 28.22 -28.59 -26.87
C CYS F 523 29.53 -28.19 -27.51
N PRO F 524 29.49 -27.33 -28.53
CA PRO F 524 30.75 -26.71 -28.99
C PRO F 524 31.25 -25.66 -28.01
N ALA F 525 32.28 -25.99 -27.24
CA ALA F 525 32.84 -25.08 -26.24
C ALA F 525 34.32 -24.87 -26.55
N LYS F 526 34.61 -23.93 -27.47
CA LYS F 526 35.96 -23.79 -28.02
C LYS F 526 36.42 -22.33 -27.98
N VAL F 527 36.88 -21.86 -26.81
CA VAL F 527 37.75 -20.69 -26.70
C VAL F 527 38.84 -21.00 -25.69
N GLU F 528 38.99 -22.29 -25.34
CA GLU F 528 39.55 -22.70 -24.06
C GLU F 528 41.07 -22.65 -24.08
N GLN F 529 41.61 -21.43 -24.07
CA GLN F 529 43.05 -21.24 -24.20
C GLN F 529 43.80 -21.24 -22.87
N THR F 530 43.50 -20.27 -22.00
CA THR F 530 44.26 -20.13 -20.76
C THR F 530 43.92 -21.17 -19.71
N ALA F 531 42.69 -21.68 -19.71
CA ALA F 531 42.25 -22.64 -18.72
C ALA F 531 42.36 -24.07 -19.22
N PHE F 532 43.23 -24.31 -20.20
CA PHE F 532 43.43 -25.67 -20.70
C PHE F 532 44.55 -26.40 -19.99
N SER F 533 45.64 -25.68 -19.69
CA SER F 533 46.91 -26.29 -19.32
C SER F 533 46.87 -26.98 -17.97
N PHE F 534 45.86 -26.73 -17.13
CA PHE F 534 45.71 -27.53 -15.94
C PHE F 534 44.81 -28.73 -16.17
N LEU F 535 43.78 -28.58 -17.01
CA LEU F 535 42.95 -29.72 -17.37
C LEU F 535 43.50 -30.45 -18.59
N ARG F 536 44.62 -29.97 -19.13
CA ARG F 536 45.52 -30.85 -19.86
C ARG F 536 46.13 -31.87 -18.92
N ASP F 537 46.19 -31.59 -17.62
CA ASP F 537 46.71 -32.50 -16.62
C ASP F 537 45.64 -33.08 -15.72
N HIS F 538 44.78 -32.24 -15.13
CA HIS F 538 43.90 -32.67 -14.06
C HIS F 538 42.68 -33.44 -14.54
N LEU F 539 42.34 -33.34 -15.82
CA LEU F 539 41.17 -33.99 -16.38
C LEU F 539 41.54 -35.36 -16.91
N ARG F 540 40.73 -36.37 -16.60
CA ARG F 540 41.11 -37.75 -16.94
C ARG F 540 40.01 -38.57 -17.59
N CYS F 541 38.75 -38.14 -17.56
CA CYS F 541 37.70 -38.88 -18.23
C CYS F 541 36.66 -37.89 -18.72
N LEU F 542 35.95 -38.26 -19.77
CA LEU F 542 34.97 -37.33 -20.34
C LEU F 542 33.92 -38.06 -21.15
N HIS F 543 32.77 -37.42 -21.26
CA HIS F 543 31.77 -37.74 -22.27
C HIS F 543 31.76 -36.67 -23.35
N VAL F 544 31.82 -37.12 -24.61
CA VAL F 544 31.57 -36.27 -25.76
C VAL F 544 30.43 -36.89 -26.55
N LYS F 545 29.47 -37.45 -25.82
CA LYS F 545 28.44 -38.31 -26.38
C LYS F 545 27.49 -37.53 -27.28
N PHE F 546 26.78 -38.27 -28.12
CA PHE F 546 25.61 -37.86 -28.90
C PHE F 546 25.91 -36.80 -29.96
N THR F 547 27.16 -36.38 -30.13
CA THR F 547 27.48 -35.32 -31.07
C THR F 547 27.58 -35.88 -32.48
N ASP F 548 27.62 -34.98 -33.46
CA ASP F 548 27.90 -35.35 -34.83
C ASP F 548 29.42 -35.32 -35.06
N VAL F 549 29.85 -35.89 -36.19
CA VAL F 549 31.27 -36.09 -36.46
C VAL F 549 32.02 -34.80 -36.78
N ALA F 550 31.31 -33.69 -36.98
CA ALA F 550 31.98 -32.43 -37.24
C ALA F 550 32.29 -31.67 -35.95
N GLU F 551 31.34 -31.62 -35.02
CA GLU F 551 31.55 -30.93 -33.75
C GLU F 551 32.28 -31.87 -32.82
N ILE F 552 33.61 -31.90 -32.95
CA ILE F 552 34.51 -32.58 -32.03
C ILE F 552 35.65 -31.60 -31.75
N PRO F 553 36.04 -31.40 -30.50
CA PRO F 553 37.14 -30.47 -30.20
C PRO F 553 38.48 -30.94 -30.74
N ALA F 554 39.43 -30.00 -30.77
CA ALA F 554 40.77 -30.31 -31.25
C ALA F 554 41.66 -30.82 -30.12
N TRP F 555 41.53 -30.24 -28.94
CA TRP F 555 42.42 -30.60 -27.84
C TRP F 555 42.09 -31.98 -27.30
N VAL F 556 40.85 -32.44 -27.46
CA VAL F 556 40.46 -33.74 -26.94
C VAL F 556 41.13 -34.86 -27.72
N TYR F 557 41.64 -34.59 -28.92
CA TYR F 557 42.50 -35.53 -29.59
C TYR F 557 43.94 -35.45 -29.09
N LEU F 558 44.28 -34.45 -28.26
CA LEU F 558 45.68 -34.26 -27.88
C LEU F 558 45.87 -33.75 -26.44
N LEU F 559 44.96 -34.05 -25.52
CA LEU F 559 45.04 -33.43 -24.21
C LEU F 559 45.86 -34.23 -23.20
N LYS F 560 46.36 -35.41 -23.58
CA LYS F 560 47.50 -36.12 -23.02
C LYS F 560 47.21 -36.80 -21.67
N ASN F 561 46.08 -36.51 -21.00
CA ASN F 561 45.93 -37.10 -19.68
C ASN F 561 44.52 -37.66 -19.45
N LEU F 562 43.79 -37.96 -20.52
CA LEU F 562 42.61 -38.80 -20.39
C LEU F 562 43.00 -40.19 -19.93
N ARG F 563 42.33 -40.70 -18.89
CA ARG F 563 42.55 -42.09 -18.57
C ARG F 563 41.53 -43.00 -19.25
N GLU F 564 40.28 -42.55 -19.38
CA GLU F 564 39.25 -43.41 -19.93
C GLU F 564 38.26 -42.57 -20.72
N LEU F 565 38.05 -42.94 -21.97
CA LEU F 565 37.36 -42.12 -22.95
C LEU F 565 35.96 -42.67 -23.22
N TYR F 566 35.03 -41.76 -23.44
CA TYR F 566 33.70 -42.10 -23.93
C TYR F 566 33.49 -41.35 -25.24
N LEU F 567 33.84 -42.00 -26.35
CA LEU F 567 33.66 -41.42 -27.68
C LEU F 567 32.51 -42.18 -28.33
N ILE F 568 31.28 -41.78 -27.99
CA ILE F 568 30.09 -42.41 -28.53
C ILE F 568 29.25 -41.32 -29.18
N GLY F 569 28.28 -41.74 -29.98
CA GLY F 569 27.38 -40.82 -30.65
C GLY F 569 27.92 -40.27 -31.96
N ASN F 570 29.22 -40.05 -32.06
CA ASN F 570 29.82 -39.56 -33.30
C ASN F 570 29.77 -40.67 -34.34
N LEU F 571 28.86 -40.52 -35.30
CA LEU F 571 28.49 -41.58 -36.24
C LEU F 571 29.62 -41.75 -37.24
N ASN F 572 30.67 -42.44 -36.80
CA ASN F 572 31.97 -42.45 -37.48
C ASN F 572 31.99 -43.56 -38.53
N SER F 573 32.05 -43.17 -39.80
CA SER F 573 32.23 -44.12 -40.89
C SER F 573 33.72 -44.24 -41.20
N GLU F 574 34.04 -44.88 -42.33
CA GLU F 574 35.43 -44.95 -42.76
C GLU F 574 35.94 -43.62 -43.29
N ASN F 575 35.04 -42.76 -43.78
CA ASN F 575 35.44 -41.39 -44.10
C ASN F 575 35.66 -40.57 -42.83
N ASN F 576 34.97 -40.94 -41.75
CA ASN F 576 35.19 -40.34 -40.45
C ASN F 576 36.16 -41.15 -39.60
N LYS F 577 36.92 -42.06 -40.21
CA LYS F 577 38.00 -42.73 -39.50
C LYS F 577 39.15 -41.77 -39.22
N MET F 578 39.35 -40.79 -40.10
CA MET F 578 40.53 -39.92 -40.05
C MET F 578 40.53 -39.04 -38.80
N ILE F 579 39.35 -38.62 -38.35
CA ILE F 579 39.29 -37.87 -37.09
C ILE F 579 39.48 -38.81 -35.91
N GLY F 580 39.08 -40.07 -36.03
CA GLY F 580 39.40 -41.04 -35.00
C GLY F 580 40.86 -41.43 -34.99
N LEU F 581 41.55 -41.26 -36.12
CA LEU F 581 42.98 -41.57 -36.20
C LEU F 581 43.86 -40.47 -35.64
N GLU F 582 43.29 -39.37 -35.16
CA GLU F 582 44.07 -38.17 -34.87
C GLU F 582 44.71 -38.25 -33.49
N SER F 583 46.03 -38.46 -33.48
CA SER F 583 46.90 -38.26 -32.31
C SER F 583 46.52 -39.17 -31.13
N LEU F 584 46.18 -40.41 -31.44
CA LEU F 584 46.12 -41.44 -30.41
C LEU F 584 47.46 -42.14 -30.26
N ARG F 585 48.45 -41.77 -31.08
CA ARG F 585 49.80 -42.27 -30.93
C ARG F 585 50.55 -41.56 -29.81
N GLU F 586 50.38 -40.24 -29.69
CA GLU F 586 51.21 -39.45 -28.79
C GLU F 586 50.66 -39.41 -27.36
N LEU F 587 49.36 -39.23 -27.18
CA LEU F 587 48.83 -39.13 -25.82
C LEU F 587 48.80 -40.52 -25.20
N ARG F 588 49.50 -40.66 -24.08
CA ARG F 588 49.83 -41.97 -23.55
C ARG F 588 48.75 -42.49 -22.60
N HIS F 589 48.14 -41.62 -21.83
CA HIS F 589 47.52 -41.95 -20.54
C HIS F 589 46.25 -42.79 -20.66
N LEU F 590 45.74 -43.06 -21.85
CA LEU F 590 44.41 -43.65 -21.99
C LEU F 590 44.41 -45.12 -21.61
N LYS F 591 43.30 -45.57 -21.03
CA LYS F 591 43.10 -46.98 -20.73
C LYS F 591 42.00 -47.58 -21.59
N ILE F 592 40.79 -47.04 -21.52
CA ILE F 592 39.67 -47.53 -22.31
C ILE F 592 39.29 -46.39 -23.25
N LEU F 593 38.57 -46.73 -24.30
CA LEU F 593 37.84 -45.73 -25.08
C LEU F 593 36.53 -46.35 -25.49
N HIS F 594 35.44 -45.76 -25.02
CA HIS F 594 34.13 -46.36 -25.16
C HIS F 594 33.51 -45.88 -26.46
N VAL F 595 33.09 -46.81 -27.31
CA VAL F 595 32.45 -46.51 -28.58
C VAL F 595 31.12 -47.23 -28.62
N LYS F 596 30.05 -46.50 -28.92
CA LYS F 596 28.70 -47.04 -28.90
C LYS F 596 27.88 -46.38 -30.01
N SER F 597 27.04 -47.19 -30.66
CA SER F 597 25.92 -46.72 -31.48
C SER F 597 26.38 -45.93 -32.70
N ASN F 598 27.26 -46.54 -33.48
CA ASN F 598 27.76 -45.94 -34.70
C ASN F 598 27.55 -46.89 -35.86
N LEU F 599 27.84 -46.43 -37.07
CA LEU F 599 27.74 -47.28 -38.24
C LEU F 599 29.03 -48.01 -38.53
N THR F 600 30.02 -47.92 -37.65
CA THR F 600 31.37 -48.37 -37.97
C THR F 600 31.48 -49.88 -38.04
N LYS F 601 32.41 -50.34 -38.87
CA LYS F 601 32.74 -51.74 -39.01
C LYS F 601 34.20 -52.00 -38.69
N VAL F 602 35.07 -51.01 -38.90
CA VAL F 602 36.47 -51.08 -38.54
C VAL F 602 36.76 -49.85 -37.68
N PRO F 603 37.34 -50.00 -36.50
CA PRO F 603 37.62 -48.86 -35.63
C PRO F 603 38.88 -48.13 -36.05
N SER F 604 39.22 -47.09 -35.30
CA SER F 604 40.47 -46.37 -35.48
C SER F 604 41.64 -47.20 -35.01
N ASN F 605 42.33 -47.85 -35.94
CA ASN F 605 43.41 -48.79 -35.64
C ASN F 605 44.73 -48.12 -35.32
N ILE F 606 44.75 -46.79 -35.15
CA ILE F 606 45.95 -46.06 -34.76
C ILE F 606 46.25 -46.19 -33.27
N THR F 607 45.35 -46.82 -32.52
CA THR F 607 45.33 -46.69 -31.07
C THR F 607 46.41 -47.54 -30.41
N ASP F 608 46.84 -48.61 -31.08
CA ASP F 608 47.48 -49.76 -30.44
C ASP F 608 48.77 -49.46 -29.72
N VAL F 609 49.44 -48.34 -30.01
CA VAL F 609 50.68 -48.02 -29.29
C VAL F 609 50.40 -47.45 -27.91
N ALA F 610 49.14 -47.10 -27.60
CA ALA F 610 48.76 -46.64 -26.27
C ALA F 610 49.00 -47.79 -25.30
N PRO F 611 50.01 -47.64 -24.42
CA PRO F 611 50.63 -48.83 -23.83
C PRO F 611 49.79 -49.53 -22.79
N HIS F 612 48.85 -48.85 -22.15
CA HIS F 612 47.96 -49.52 -21.22
C HIS F 612 46.51 -49.41 -21.68
N LEU F 613 46.28 -49.65 -22.97
CA LEU F 613 44.98 -50.03 -23.47
C LEU F 613 44.46 -51.23 -22.73
N THR F 614 43.38 -51.08 -21.99
CA THR F 614 42.87 -52.19 -21.20
C THR F 614 41.46 -52.62 -21.59
N LYS F 615 40.77 -51.83 -22.40
CA LYS F 615 39.38 -52.14 -22.74
C LYS F 615 39.02 -51.40 -24.01
N LEU F 616 38.20 -52.03 -24.84
CA LEU F 616 37.74 -51.44 -26.09
C LEU F 616 36.41 -52.07 -26.45
N VAL F 617 35.35 -51.26 -26.50
CA VAL F 617 34.04 -51.70 -26.95
C VAL F 617 33.82 -51.18 -28.37
N ILE F 618 33.28 -52.03 -29.22
CA ILE F 618 32.98 -51.72 -30.61
C ILE F 618 31.49 -51.94 -30.86
N HIS F 619 30.67 -51.59 -29.87
CA HIS F 619 29.21 -51.69 -29.88
C HIS F 619 28.59 -51.16 -31.16
N ASN F 620 27.55 -51.86 -31.63
CA ASN F 620 26.80 -51.59 -32.85
C ASN F 620 27.74 -51.59 -34.07
N ASP F 621 28.29 -52.77 -34.34
CA ASP F 621 29.11 -52.95 -35.52
C ASP F 621 28.20 -53.32 -36.69
N GLY F 622 28.79 -53.53 -37.87
CA GLY F 622 28.02 -53.89 -39.04
C GLY F 622 28.42 -55.22 -39.66
N THR F 623 29.68 -55.60 -39.50
CA THR F 623 30.24 -56.79 -40.15
C THR F 623 31.12 -57.52 -39.13
N LYS F 624 31.94 -58.44 -39.62
CA LYS F 624 33.00 -59.03 -38.81
C LYS F 624 34.39 -58.55 -39.20
N LEU F 625 34.52 -57.82 -40.30
CA LEU F 625 35.83 -57.55 -40.87
C LEU F 625 36.58 -56.50 -40.08
N LEU F 626 37.84 -56.81 -39.75
CA LEU F 626 38.70 -55.94 -38.98
C LEU F 626 40.14 -56.35 -39.28
N VAL F 627 40.94 -55.40 -39.73
CA VAL F 627 42.30 -55.70 -40.18
C VAL F 627 43.20 -55.94 -38.97
N LEU F 628 44.19 -56.81 -39.15
CA LEU F 628 45.11 -57.39 -38.16
C LEU F 628 46.21 -56.41 -37.68
N ASN F 629 46.15 -55.11 -37.95
CA ASN F 629 47.25 -54.22 -37.58
C ASN F 629 47.26 -53.87 -36.10
N SER F 630 46.11 -53.91 -35.44
CA SER F 630 46.02 -53.42 -34.07
C SER F 630 46.56 -54.42 -33.07
N LEU F 631 46.11 -55.67 -33.15
CA LEU F 631 46.31 -56.65 -32.08
C LEU F 631 47.73 -57.17 -31.97
N LYS F 632 48.63 -56.82 -32.90
CA LYS F 632 49.99 -57.32 -32.83
C LYS F 632 50.84 -56.59 -31.79
N LYS F 633 50.54 -55.31 -31.51
CA LYS F 633 51.17 -54.59 -30.42
C LYS F 633 50.22 -54.34 -29.27
N MET F 634 48.91 -54.36 -29.52
CA MET F 634 47.90 -54.17 -28.47
C MET F 634 47.73 -55.48 -27.69
N MET F 635 48.82 -55.88 -27.02
CA MET F 635 48.87 -57.10 -26.22
C MET F 635 48.43 -56.86 -24.79
N ASN F 636 47.69 -55.78 -24.55
CA ASN F 636 47.39 -55.29 -23.23
C ASN F 636 45.91 -55.25 -22.90
N VAL F 637 45.04 -55.30 -23.90
CA VAL F 637 43.61 -55.15 -23.68
C VAL F 637 43.05 -56.38 -22.98
N ALA F 638 42.68 -56.20 -21.72
CA ALA F 638 42.23 -57.30 -20.87
C ALA F 638 40.74 -57.57 -20.95
N GLU F 639 39.97 -56.68 -21.56
CA GLU F 639 38.52 -56.77 -21.64
C GLU F 639 38.10 -56.30 -23.02
N LEU F 640 37.33 -57.11 -23.74
CA LEU F 640 36.75 -56.68 -25.00
C LEU F 640 35.28 -57.01 -25.03
N GLU F 641 34.52 -56.21 -25.78
CA GLU F 641 33.07 -56.30 -25.82
C GLU F 641 32.63 -56.51 -27.27
N LEU F 642 32.22 -57.73 -27.57
CA LEU F 642 31.68 -58.11 -28.89
C LEU F 642 30.16 -58.03 -28.89
N GLN F 643 29.60 -56.88 -28.52
CA GLN F 643 28.18 -56.78 -28.27
C GLN F 643 27.42 -56.10 -29.40
N ASN F 644 26.23 -56.63 -29.70
CA ASN F 644 25.31 -56.15 -30.74
C ASN F 644 26.00 -56.06 -32.09
N CYS F 645 26.76 -57.09 -32.39
CA CYS F 645 27.53 -57.20 -33.61
C CYS F 645 26.91 -58.26 -34.51
N GLU F 646 27.59 -58.56 -35.60
CA GLU F 646 27.15 -59.52 -36.59
C GLU F 646 28.13 -60.67 -36.68
N LEU F 647 28.66 -61.04 -35.52
CA LEU F 647 29.71 -62.03 -35.40
C LEU F 647 29.06 -63.36 -35.00
N GLU F 648 28.83 -64.20 -36.00
CA GLU F 648 28.16 -65.48 -35.76
C GLU F 648 29.03 -66.44 -34.96
N ARG F 649 30.35 -66.24 -34.97
CA ARG F 649 31.27 -67.05 -34.18
C ARG F 649 32.15 -66.11 -33.37
N ILE F 650 33.20 -66.64 -32.76
CA ILE F 650 34.16 -65.82 -32.02
C ILE F 650 35.40 -65.70 -32.90
N PRO F 651 36.04 -64.53 -33.02
CA PRO F 651 37.19 -64.40 -33.91
C PRO F 651 38.40 -65.19 -33.43
N HIS F 652 39.08 -65.80 -34.39
CA HIS F 652 40.27 -66.59 -34.14
C HIS F 652 41.53 -65.73 -34.00
N ALA F 653 41.52 -64.52 -34.54
CA ALA F 653 42.68 -63.64 -34.57
C ALA F 653 42.99 -63.00 -33.23
N ILE F 654 42.17 -63.22 -32.20
CA ILE F 654 42.33 -62.54 -30.92
C ILE F 654 43.43 -63.13 -30.06
N PHE F 655 44.00 -64.28 -30.46
CA PHE F 655 44.89 -65.01 -29.58
C PHE F 655 46.27 -64.38 -29.45
N SER F 656 46.62 -63.42 -30.32
CA SER F 656 47.98 -62.88 -30.33
C SER F 656 48.25 -61.92 -29.18
N LEU F 657 47.22 -61.21 -28.70
CA LEU F 657 47.40 -60.29 -27.60
C LEU F 657 47.61 -61.05 -26.30
N SER F 658 48.44 -60.48 -25.42
CA SER F 658 49.02 -61.27 -24.32
C SER F 658 47.99 -61.61 -23.25
N ASN F 659 47.39 -60.59 -22.62
CA ASN F 659 46.43 -60.86 -21.57
C ASN F 659 45.03 -60.39 -21.92
N LEU F 660 44.05 -61.22 -21.62
CA LEU F 660 42.63 -60.88 -21.70
C LEU F 660 41.81 -61.86 -20.87
N GLN F 661 40.83 -61.35 -20.13
CA GLN F 661 40.06 -62.16 -19.20
C GLN F 661 38.56 -62.02 -19.45
N GLU F 662 38.16 -61.91 -20.71
CA GLU F 662 36.75 -61.73 -21.01
C GLU F 662 36.44 -62.23 -22.40
N LEU F 663 35.30 -62.90 -22.54
CA LEU F 663 34.79 -63.40 -23.83
C LEU F 663 33.29 -63.09 -23.86
N ASP F 664 32.93 -62.01 -24.54
CA ASP F 664 31.55 -61.54 -24.62
C ASP F 664 30.94 -61.87 -25.97
N LEU F 665 29.66 -62.22 -25.96
CA LEU F 665 28.87 -62.54 -27.13
C LEU F 665 27.44 -62.03 -26.97
N LYS F 666 27.32 -60.81 -26.42
CA LYS F 666 26.03 -60.20 -26.14
C LYS F 666 25.29 -59.87 -27.43
N SER F 667 24.08 -60.43 -27.58
CA SER F 667 23.12 -60.12 -28.62
C SER F 667 23.70 -60.36 -30.02
N ASN F 668 23.97 -61.63 -30.29
CA ASN F 668 24.52 -62.02 -31.57
C ASN F 668 24.03 -63.43 -31.86
N ASN F 669 24.05 -63.81 -33.14
CA ASN F 669 23.66 -65.15 -33.58
C ASN F 669 24.72 -66.15 -33.13
N ILE F 670 24.34 -67.05 -32.22
CA ILE F 670 25.30 -67.92 -31.54
C ILE F 670 24.88 -69.37 -31.72
N ARG F 671 25.63 -70.10 -32.56
CA ARG F 671 25.57 -71.55 -32.61
C ARG F 671 26.63 -72.12 -31.66
N THR F 672 26.95 -73.41 -31.81
CA THR F 672 27.95 -74.08 -30.98
C THR F 672 29.33 -73.43 -31.10
N ILE F 673 30.17 -73.70 -30.12
CA ILE F 673 31.32 -72.87 -29.79
C ILE F 673 32.43 -72.97 -30.83
N GLU F 674 33.41 -72.07 -30.73
CA GLU F 674 34.51 -71.91 -31.66
C GLU F 674 35.62 -72.90 -31.29
N GLU F 675 36.67 -72.96 -32.11
CA GLU F 675 37.77 -73.91 -31.94
C GLU F 675 38.52 -73.65 -30.64
N ILE F 676 38.97 -74.74 -30.02
CA ILE F 676 39.29 -74.74 -28.60
C ILE F 676 40.80 -74.77 -28.32
N ILE F 677 41.62 -75.27 -29.26
CA ILE F 677 43.06 -75.36 -29.01
C ILE F 677 43.73 -73.98 -29.13
N SER F 678 43.25 -73.16 -30.07
CA SER F 678 43.71 -71.77 -30.15
C SER F 678 43.31 -70.97 -28.92
N PHE F 679 42.19 -71.35 -28.28
CA PHE F 679 41.82 -70.79 -26.99
C PHE F 679 42.51 -71.51 -25.83
N GLN F 680 43.21 -72.62 -26.09
CA GLN F 680 44.06 -73.24 -25.09
C GLN F 680 45.42 -72.57 -25.07
N HIS F 681 45.85 -72.02 -26.21
CA HIS F 681 46.88 -70.98 -26.17
C HIS F 681 46.43 -69.80 -25.32
N LEU F 682 45.14 -69.46 -25.36
CA LEU F 682 44.58 -68.41 -24.51
C LEU F 682 44.18 -68.99 -23.15
N LYS F 683 45.20 -69.41 -22.40
CA LYS F 683 45.00 -69.93 -21.06
C LYS F 683 44.63 -68.84 -20.05
N ARG F 684 44.81 -67.57 -20.41
CA ARG F 684 44.52 -66.43 -19.55
C ARG F 684 43.05 -66.02 -19.58
N LEU F 685 42.22 -66.65 -20.39
CA LEU F 685 40.78 -66.41 -20.33
C LEU F 685 40.21 -66.91 -19.02
N THR F 686 39.30 -66.13 -18.44
CA THR F 686 38.85 -66.35 -17.08
C THR F 686 37.33 -66.29 -17.08
N CYS F 687 36.76 -65.63 -18.08
CA CYS F 687 35.31 -65.36 -18.13
C CYS F 687 34.80 -65.57 -19.55
N LEU F 688 34.16 -66.71 -19.79
CA LEU F 688 33.33 -66.88 -20.97
C LEU F 688 31.88 -66.86 -20.49
N LYS F 689 31.27 -65.69 -20.57
CA LYS F 689 29.86 -65.51 -20.29
C LYS F 689 29.12 -65.45 -21.63
N LEU F 690 28.01 -66.17 -21.73
CA LEU F 690 27.52 -66.58 -23.04
C LEU F 690 26.00 -66.78 -23.00
N TRP F 691 25.28 -65.95 -23.74
CA TRP F 691 23.82 -65.97 -23.77
C TRP F 691 23.36 -65.30 -25.06
N HIS F 692 22.04 -65.11 -25.17
CA HIS F 692 21.37 -64.66 -26.39
C HIS F 692 21.76 -65.54 -27.58
N ASN F 693 21.39 -66.81 -27.47
CA ASN F 693 22.09 -67.86 -28.20
C ASN F 693 21.13 -68.95 -28.67
N LYS F 694 21.66 -69.83 -29.51
CA LYS F 694 20.92 -71.01 -29.96
C LYS F 694 21.70 -72.26 -29.61
N ILE F 695 22.20 -72.32 -28.38
CA ILE F 695 23.06 -73.42 -27.96
C ILE F 695 22.23 -74.68 -27.79
N VAL F 696 22.60 -75.75 -28.49
CA VAL F 696 22.05 -77.06 -28.23
C VAL F 696 22.70 -77.67 -26.99
N THR F 697 24.03 -77.69 -26.99
CA THR F 697 24.85 -78.13 -25.85
C THR F 697 26.26 -77.58 -26.09
N ILE F 698 27.16 -77.90 -25.16
CA ILE F 698 28.56 -77.50 -25.32
C ILE F 698 29.43 -78.74 -25.53
N PRO F 699 30.46 -78.65 -26.36
CA PRO F 699 31.50 -79.68 -26.37
C PRO F 699 32.24 -79.70 -25.05
N PRO F 700 32.52 -80.89 -24.51
CA PRO F 700 33.07 -80.99 -23.15
C PRO F 700 34.55 -80.67 -23.02
N SER F 701 35.17 -80.06 -24.04
CA SER F 701 36.59 -79.72 -24.02
C SER F 701 36.89 -78.39 -23.35
N ILE F 702 36.02 -77.94 -22.43
CA ILE F 702 36.24 -76.72 -21.66
C ILE F 702 37.23 -76.91 -20.53
N THR F 703 37.88 -78.07 -20.42
CA THR F 703 38.90 -78.42 -19.44
C THR F 703 40.28 -77.85 -19.77
N HIS F 704 40.37 -76.86 -20.66
CA HIS F 704 41.65 -76.23 -20.98
C HIS F 704 41.94 -75.06 -20.04
N VAL F 705 41.05 -74.08 -20.01
CA VAL F 705 41.18 -72.95 -19.08
C VAL F 705 40.64 -73.38 -17.72
N LYS F 706 41.54 -73.79 -16.83
CA LYS F 706 41.14 -74.14 -15.48
C LYS F 706 40.84 -72.92 -14.63
N ASN F 707 41.34 -71.74 -15.03
CA ASN F 707 41.04 -70.50 -14.34
C ASN F 707 39.72 -69.89 -14.76
N LEU F 708 39.00 -70.52 -15.69
CA LEU F 708 37.68 -70.07 -16.12
C LEU F 708 36.72 -70.06 -14.95
N GLU F 709 36.11 -68.91 -14.69
CA GLU F 709 35.35 -68.78 -13.45
C GLU F 709 33.88 -68.46 -13.63
N SER F 710 33.51 -67.67 -14.63
CA SER F 710 32.13 -67.22 -14.77
C SER F 710 31.56 -67.75 -16.08
N LEU F 711 30.43 -68.42 -15.98
CA LEU F 711 29.72 -68.98 -17.12
C LEU F 711 28.25 -69.08 -16.79
N TYR F 712 27.41 -68.38 -17.55
CA TYR F 712 25.97 -68.40 -17.33
C TYR F 712 25.25 -68.38 -18.67
N PHE F 713 24.46 -69.42 -18.92
CA PHE F 713 23.57 -69.44 -20.07
C PHE F 713 22.23 -68.82 -19.74
N SER F 714 21.57 -68.32 -20.78
CA SER F 714 20.16 -67.97 -20.76
C SER F 714 19.70 -67.94 -22.21
N ASN F 715 18.38 -68.01 -22.39
CA ASN F 715 17.71 -67.90 -23.69
C ASN F 715 18.20 -68.99 -24.65
N ASN F 716 18.27 -70.21 -24.14
CA ASN F 716 18.84 -71.35 -24.84
C ASN F 716 17.88 -72.52 -24.92
N LYS F 717 18.38 -73.69 -25.34
CA LYS F 717 17.65 -74.95 -25.17
C LYS F 717 18.64 -76.04 -24.81
N LEU F 718 18.59 -76.49 -23.56
CA LEU F 718 19.47 -77.54 -23.09
C LEU F 718 18.73 -78.45 -22.12
N GLU F 719 19.06 -79.72 -22.20
CA GLU F 719 18.75 -80.73 -21.19
C GLU F 719 19.97 -81.54 -20.80
N SER F 720 20.84 -81.86 -21.77
CA SER F 720 22.03 -82.65 -21.52
C SER F 720 23.23 -81.73 -21.36
N LEU F 721 23.94 -81.87 -20.24
CA LEU F 721 25.19 -81.17 -19.98
C LEU F 721 26.04 -82.09 -19.12
N PRO F 722 27.31 -82.28 -19.48
CA PRO F 722 28.13 -83.28 -18.78
C PRO F 722 28.56 -82.83 -17.39
N VAL F 723 28.91 -83.83 -16.58
CA VAL F 723 29.28 -83.63 -15.18
C VAL F 723 30.81 -83.53 -15.10
N ALA F 724 31.46 -83.51 -16.26
CA ALA F 724 32.91 -83.63 -16.37
C ALA F 724 33.62 -82.28 -16.32
N VAL F 725 33.04 -81.32 -15.59
CA VAL F 725 33.60 -79.98 -15.49
C VAL F 725 34.54 -79.84 -14.29
N PHE F 726 35.00 -80.96 -13.74
CA PHE F 726 35.77 -80.96 -12.49
C PHE F 726 37.18 -80.42 -12.65
N SER F 727 37.61 -80.10 -13.86
CA SER F 727 38.93 -79.51 -14.07
C SER F 727 39.00 -78.10 -13.49
N LEU F 728 38.17 -77.19 -13.99
CA LEU F 728 38.11 -75.83 -13.47
C LEU F 728 37.29 -75.86 -12.17
N GLN F 729 38.01 -76.01 -11.07
CA GLN F 729 37.38 -75.98 -9.75
C GLN F 729 36.97 -74.57 -9.34
N LYS F 730 37.48 -73.55 -10.03
CA LYS F 730 37.04 -72.18 -9.85
C LYS F 730 35.68 -71.99 -10.54
N LEU F 731 34.64 -72.48 -9.88
CA LEU F 731 33.30 -72.43 -10.46
C LEU F 731 32.50 -71.35 -9.72
N ARG F 732 32.54 -70.14 -10.27
CA ARG F 732 31.86 -69.02 -9.62
C ARG F 732 30.42 -68.89 -10.11
N CYS F 733 30.17 -69.17 -11.38
CA CYS F 733 28.85 -69.02 -11.96
C CYS F 733 28.37 -70.34 -12.53
N LEU F 734 27.05 -70.53 -12.50
CA LEU F 734 26.41 -71.71 -13.07
C LEU F 734 25.64 -71.26 -14.30
N ASP F 735 25.41 -72.20 -15.22
CA ASP F 735 25.00 -71.83 -16.57
C ASP F 735 23.67 -72.46 -17.01
N VAL F 736 22.66 -72.49 -16.16
CA VAL F 736 21.44 -73.24 -16.47
C VAL F 736 20.15 -72.43 -16.41
N SER F 737 20.19 -71.15 -16.76
CA SER F 737 18.94 -70.37 -16.79
C SER F 737 18.22 -70.48 -18.12
N TYR F 738 16.89 -70.33 -18.06
CA TYR F 738 15.98 -70.20 -19.20
C TYR F 738 16.02 -71.44 -20.11
N ASN F 739 15.94 -72.60 -19.48
CA ASN F 739 15.86 -73.88 -20.19
C ASN F 739 15.18 -74.90 -19.27
N ASN F 740 15.30 -76.17 -19.62
CA ASN F 740 14.61 -77.24 -18.92
C ASN F 740 15.60 -78.16 -18.24
N ILE F 741 15.23 -78.64 -17.05
CA ILE F 741 15.94 -79.73 -16.39
C ILE F 741 14.95 -80.39 -15.43
N SER F 742 15.20 -81.66 -15.12
CA SER F 742 14.50 -82.33 -14.04
C SER F 742 15.44 -83.16 -13.18
N MET F 743 16.64 -83.48 -13.68
CA MET F 743 17.64 -84.21 -12.92
C MET F 743 18.97 -83.49 -13.08
N ILE F 744 19.51 -83.00 -11.97
CA ILE F 744 20.76 -82.25 -12.01
C ILE F 744 21.93 -83.17 -11.71
N PRO F 745 23.06 -83.03 -12.38
CA PRO F 745 24.23 -83.86 -12.10
C PRO F 745 24.99 -83.32 -10.90
N ILE F 746 25.98 -84.08 -10.45
CA ILE F 746 26.70 -83.77 -9.21
C ILE F 746 27.85 -82.84 -9.59
N GLU F 747 27.52 -81.55 -9.71
CA GLU F 747 28.52 -80.52 -9.91
C GLU F 747 28.66 -79.60 -8.70
N ILE F 748 28.01 -79.92 -7.58
CA ILE F 748 27.92 -78.99 -6.47
C ILE F 748 29.00 -79.18 -5.42
N GLY F 749 29.88 -80.16 -5.57
CA GLY F 749 31.05 -80.28 -4.72
C GLY F 749 32.27 -79.68 -5.37
N LEU F 750 32.03 -78.75 -6.29
CA LEU F 750 33.07 -78.19 -7.14
C LEU F 750 33.05 -76.67 -7.06
N LEU F 751 31.88 -76.13 -6.76
CA LEU F 751 31.64 -74.69 -6.72
C LEU F 751 31.95 -74.13 -5.34
N GLN F 752 33.26 -74.07 -5.06
CA GLN F 752 33.74 -73.65 -3.74
C GLN F 752 33.40 -72.19 -3.44
N ASN F 753 33.61 -71.30 -4.41
CA ASN F 753 33.33 -69.88 -4.24
C ASN F 753 32.29 -69.38 -5.23
N LEU F 754 31.21 -70.13 -5.42
CA LEU F 754 30.20 -69.70 -6.37
C LEU F 754 29.32 -68.63 -5.74
N GLN F 755 28.58 -67.93 -6.60
CA GLN F 755 27.59 -66.97 -6.16
C GLN F 755 26.19 -67.28 -6.66
N HIS F 756 26.05 -68.06 -7.73
CA HIS F 756 24.80 -68.21 -8.46
C HIS F 756 24.45 -69.68 -8.61
N LEU F 757 23.41 -70.12 -7.91
CA LEU F 757 22.75 -71.38 -8.23
C LEU F 757 21.53 -71.12 -9.11
N HIS F 758 21.72 -70.37 -10.21
CA HIS F 758 20.58 -69.80 -10.92
C HIS F 758 20.04 -70.83 -11.91
N ILE F 759 18.81 -71.29 -11.65
CA ILE F 759 18.12 -72.29 -12.46
C ILE F 759 16.65 -71.89 -12.57
N THR F 760 16.26 -71.31 -13.70
CA THR F 760 14.99 -70.59 -13.80
C THR F 760 14.25 -70.99 -15.07
N GLY F 761 12.96 -71.29 -14.92
CA GLY F 761 12.11 -71.58 -16.05
C GLY F 761 11.79 -73.06 -16.21
N ASN F 762 11.54 -73.72 -15.09
CA ASN F 762 11.39 -75.17 -15.07
C ASN F 762 10.60 -75.59 -13.83
N LYS F 763 10.74 -76.87 -13.46
CA LYS F 763 9.86 -77.52 -12.49
C LYS F 763 10.62 -78.36 -11.46
N VAL F 764 11.96 -78.26 -11.41
CA VAL F 764 12.80 -79.27 -10.76
C VAL F 764 12.65 -79.22 -9.23
N ASP F 765 12.93 -80.36 -8.59
CA ASP F 765 12.82 -80.57 -7.15
C ASP F 765 14.10 -81.08 -6.49
N ILE F 766 14.82 -81.97 -7.14
CA ILE F 766 15.90 -82.72 -6.48
C ILE F 766 17.18 -81.90 -6.47
N LEU F 767 17.91 -81.97 -5.35
CA LEU F 767 19.22 -81.34 -5.25
C LEU F 767 20.05 -82.07 -4.19
N PRO F 768 21.20 -82.64 -4.57
CA PRO F 768 22.00 -83.40 -3.60
C PRO F 768 22.77 -82.56 -2.58
N LYS F 769 23.67 -83.20 -1.83
CA LYS F 769 24.18 -82.65 -0.58
C LYS F 769 25.34 -81.68 -0.76
N GLN F 770 26.24 -81.95 -1.72
CA GLN F 770 27.60 -81.38 -1.73
C GLN F 770 27.65 -79.86 -1.88
N LEU F 771 26.50 -79.18 -2.02
CA LEU F 771 26.39 -77.73 -1.87
C LEU F 771 26.80 -77.23 -0.48
N PHE F 772 26.94 -78.11 0.52
CA PHE F 772 27.58 -77.67 1.76
C PHE F 772 29.06 -77.33 1.61
N LYS F 773 29.68 -77.65 0.47
CA LYS F 773 31.09 -77.38 0.26
C LYS F 773 31.38 -75.88 0.18
N CYS F 774 30.45 -75.10 -0.35
CA CYS F 774 30.74 -73.73 -0.75
C CYS F 774 30.81 -72.77 0.45
N ILE F 775 31.47 -71.64 0.23
CA ILE F 775 31.71 -70.67 1.27
C ILE F 775 31.31 -69.24 0.88
N LYS F 776 31.13 -68.94 -0.40
CA LYS F 776 30.85 -67.57 -0.82
C LYS F 776 29.51 -67.48 -1.55
N LEU F 777 28.60 -68.41 -1.26
CA LEU F 777 27.31 -68.40 -1.92
C LEU F 777 26.41 -67.32 -1.31
N ARG F 778 25.53 -66.78 -2.16
CA ARG F 778 24.46 -65.90 -1.69
C ARG F 778 23.12 -66.17 -2.34
N THR F 779 23.03 -66.95 -3.42
CA THR F 779 21.77 -67.17 -4.12
C THR F 779 21.61 -68.65 -4.42
N LEU F 780 20.55 -69.25 -3.88
CA LEU F 780 19.98 -70.49 -4.43
C LEU F 780 18.89 -70.12 -5.43
N ASN F 781 19.32 -69.49 -6.53
CA ASN F 781 18.40 -68.76 -7.41
C ASN F 781 17.60 -69.71 -8.31
N LEU F 782 16.78 -70.54 -7.68
CA LEU F 782 15.96 -71.52 -8.38
C LEU F 782 14.57 -70.96 -8.60
N GLY F 783 14.15 -70.91 -9.87
CA GLY F 783 12.91 -70.26 -10.24
C GLY F 783 11.85 -71.26 -10.64
N GLN F 784 10.61 -70.99 -10.17
CA GLN F 784 9.40 -71.75 -10.50
C GLN F 784 9.49 -73.19 -10.02
N ASN F 785 10.20 -73.44 -8.92
CA ASN F 785 10.59 -74.78 -8.50
C ASN F 785 10.04 -75.05 -7.10
N CYS F 786 9.13 -76.01 -7.00
CA CYS F 786 8.59 -76.43 -5.70
C CYS F 786 9.53 -77.47 -5.09
N ILE F 787 10.59 -76.97 -4.45
CA ILE F 787 11.59 -77.86 -3.84
C ILE F 787 11.01 -78.46 -2.56
N THR F 788 11.38 -79.71 -2.28
CA THR F 788 10.77 -80.43 -1.16
C THR F 788 11.34 -79.97 0.18
N SER F 789 12.64 -80.20 0.40
CA SER F 789 13.23 -79.93 1.70
C SER F 789 14.72 -79.72 1.54
N LEU F 790 15.36 -79.35 2.65
CA LEU F 790 16.77 -79.00 2.67
C LEU F 790 17.53 -79.85 3.68
N PRO F 791 18.73 -80.32 3.33
CA PRO F 791 19.59 -81.00 4.30
C PRO F 791 20.24 -80.05 5.30
N GLU F 792 21.23 -80.56 6.06
CA GLU F 792 22.04 -79.75 6.97
C GLU F 792 22.76 -78.58 6.27
N LYS F 793 22.95 -78.65 4.94
CA LYS F 793 23.63 -77.62 4.17
C LYS F 793 22.91 -76.28 4.19
N VAL F 794 21.60 -76.24 4.49
CA VAL F 794 20.92 -74.96 4.61
C VAL F 794 21.34 -74.23 5.89
N GLY F 795 21.83 -74.98 6.89
CA GLY F 795 22.53 -74.35 8.00
C GLY F 795 23.96 -73.98 7.67
N GLN F 796 24.51 -74.55 6.60
CA GLN F 796 25.83 -74.19 6.11
C GLN F 796 25.83 -72.89 5.34
N LEU F 797 24.73 -72.56 4.67
CA LEU F 797 24.63 -71.29 3.94
C LEU F 797 24.16 -70.13 4.83
N SER F 798 24.81 -70.00 5.99
CA SER F 798 24.77 -68.74 6.71
C SER F 798 25.55 -67.66 5.97
N GLN F 799 26.51 -68.05 5.13
CA GLN F 799 27.16 -67.13 4.22
C GLN F 799 26.17 -66.57 3.20
N LEU F 800 25.16 -67.36 2.85
CA LEU F 800 24.04 -66.87 2.06
C LEU F 800 23.12 -65.99 2.91
N THR F 801 22.55 -64.98 2.27
CA THR F 801 21.54 -64.13 2.89
C THR F 801 20.31 -63.96 2.01
N GLN F 802 20.22 -64.71 0.90
CA GLN F 802 19.11 -64.55 -0.03
C GLN F 802 18.76 -65.94 -0.55
N LEU F 803 17.81 -66.60 0.11
CA LEU F 803 17.42 -67.97 -0.25
C LEU F 803 16.21 -67.86 -1.17
N GLU F 804 16.44 -68.09 -2.46
CA GLU F 804 15.51 -67.69 -3.50
C GLU F 804 14.67 -68.87 -3.95
N LEU F 805 13.37 -68.62 -4.17
CA LEU F 805 12.48 -69.58 -4.83
C LEU F 805 11.22 -68.84 -5.29
N LYS F 806 10.49 -69.49 -6.20
CA LYS F 806 9.12 -69.09 -6.53
C LYS F 806 8.25 -70.33 -6.52
N GLY F 807 7.32 -70.40 -5.58
CA GLY F 807 6.35 -71.48 -5.55
C GLY F 807 6.91 -72.71 -4.87
N ASN F 808 6.19 -73.22 -3.87
CA ASN F 808 6.65 -74.37 -3.10
C ASN F 808 5.43 -74.91 -2.37
N CYS F 809 5.63 -76.00 -1.62
CA CYS F 809 4.75 -76.28 -0.50
C CYS F 809 5.06 -75.34 0.65
N PHE F 810 6.37 -75.04 0.83
CA PHE F 810 6.96 -74.12 1.82
C PHE F 810 6.39 -74.28 3.23
N ASP F 811 6.04 -75.51 3.62
CA ASP F 811 5.47 -75.76 4.93
C ASP F 811 6.14 -76.93 5.65
N ARG F 812 7.27 -77.43 5.12
CA ARG F 812 7.98 -78.51 5.79
C ARG F 812 8.78 -77.98 6.97
N LEU F 813 9.77 -77.11 6.68
CA LEU F 813 10.59 -76.36 7.63
C LEU F 813 11.26 -77.22 8.69
N PRO F 814 12.34 -77.95 8.34
CA PRO F 814 13.08 -78.68 9.39
C PRO F 814 13.85 -77.77 10.32
N ALA F 815 14.50 -78.35 11.33
CA ALA F 815 15.24 -77.57 12.32
C ALA F 815 16.50 -76.93 11.74
N GLN F 816 16.98 -77.40 10.59
CA GLN F 816 18.10 -76.74 9.93
C GLN F 816 17.66 -75.45 9.26
N LEU F 817 16.39 -75.36 8.87
CA LEU F 817 15.81 -74.06 8.52
C LEU F 817 15.61 -73.19 9.75
N GLY F 818 15.54 -73.79 10.94
CA GLY F 818 15.53 -72.99 12.16
C GLY F 818 16.84 -72.30 12.44
N GLN F 819 17.94 -72.86 11.92
CA GLN F 819 19.26 -72.23 12.03
C GLN F 819 19.55 -71.34 10.82
N CYS F 820 18.60 -70.46 10.50
CA CYS F 820 18.76 -69.46 9.45
C CYS F 820 18.75 -68.05 10.03
N ARG F 821 19.30 -67.89 11.23
CA ARG F 821 19.35 -66.59 11.89
C ARG F 821 20.31 -65.63 11.23
N MET F 822 21.26 -66.12 10.43
CA MET F 822 22.22 -65.26 9.78
C MET F 822 21.69 -64.69 8.46
N LEU F 823 20.89 -65.46 7.72
CA LEU F 823 20.24 -64.91 6.54
C LEU F 823 19.03 -64.07 6.97
N LYS F 824 18.97 -62.84 6.48
CA LYS F 824 17.96 -61.89 6.95
C LYS F 824 16.66 -62.02 6.16
N LYS F 825 16.72 -61.80 4.85
CA LYS F 825 15.54 -61.87 4.00
C LYS F 825 15.79 -62.87 2.87
N SER F 826 15.08 -63.98 2.94
CA SER F 826 15.05 -64.97 1.87
C SER F 826 14.25 -64.44 0.68
N GLY F 827 14.39 -65.13 -0.45
CA GLY F 827 13.67 -64.72 -1.64
C GLY F 827 12.17 -64.96 -1.53
N LEU F 828 11.78 -66.07 -0.92
CA LEU F 828 10.37 -66.36 -0.68
C LEU F 828 10.09 -66.95 0.71
N VAL F 829 11.10 -67.43 1.43
CA VAL F 829 10.86 -68.26 2.62
C VAL F 829 10.43 -67.40 3.80
N VAL F 830 10.98 -66.19 3.93
CA VAL F 830 10.62 -65.36 5.08
C VAL F 830 9.25 -64.74 4.79
N GLU F 831 8.21 -65.45 5.19
CA GLU F 831 6.80 -65.08 4.97
C GLU F 831 5.98 -65.62 6.14
N ASP F 832 4.67 -65.73 5.94
CA ASP F 832 3.77 -66.20 7.00
C ASP F 832 3.94 -67.68 7.31
N HIS F 833 4.45 -68.45 6.35
CA HIS F 833 4.58 -69.89 6.57
C HIS F 833 5.72 -70.22 7.53
N LEU F 834 6.75 -69.37 7.56
CA LEU F 834 7.76 -69.49 8.61
C LEU F 834 7.22 -68.97 9.93
N PHE F 835 6.27 -68.02 9.88
CA PHE F 835 5.63 -67.51 11.08
C PHE F 835 4.66 -68.52 11.69
N ASP F 836 4.20 -69.51 10.91
CA ASP F 836 3.22 -70.44 11.43
C ASP F 836 3.87 -71.50 12.33
N THR F 837 4.78 -72.30 11.78
CA THR F 837 5.43 -73.35 12.54
C THR F 837 6.68 -72.81 13.23
N LEU F 838 7.39 -73.71 13.94
CA LEU F 838 8.63 -73.47 14.69
C LEU F 838 8.49 -72.33 15.68
N PRO F 839 7.79 -72.54 16.81
CA PRO F 839 7.51 -71.41 17.72
C PRO F 839 8.71 -70.94 18.53
N LEU F 840 9.88 -71.57 18.42
CA LEU F 840 11.04 -71.15 19.19
C LEU F 840 12.19 -70.62 18.33
N GLU F 841 12.72 -71.41 17.40
CA GLU F 841 13.99 -71.11 16.74
C GLU F 841 13.95 -69.86 15.85
N VAL F 842 13.15 -69.90 14.78
CA VAL F 842 13.07 -68.74 13.90
C VAL F 842 12.35 -67.57 14.56
N LYS F 843 11.52 -67.84 15.56
CA LYS F 843 10.87 -66.76 16.30
C LYS F 843 11.87 -65.97 17.13
N GLU F 844 12.74 -66.66 17.88
CA GLU F 844 13.80 -65.98 18.61
C GLU F 844 14.81 -65.33 17.68
N ALA F 845 15.06 -65.95 16.52
CA ALA F 845 15.96 -65.36 15.53
C ALA F 845 15.42 -64.03 15.01
N LEU F 846 14.22 -64.04 14.41
CA LEU F 846 13.60 -62.84 13.87
C LEU F 846 13.14 -61.87 14.96
N ASN F 847 13.15 -62.26 16.23
CA ASN F 847 12.75 -61.37 17.32
C ASN F 847 13.95 -60.67 17.96
N GLN F 848 15.08 -61.37 18.12
CA GLN F 848 16.23 -60.76 18.79
C GLN F 848 17.33 -60.32 17.84
N ASP F 849 17.33 -60.75 16.57
CA ASP F 849 18.26 -60.17 15.60
C ASP F 849 17.91 -58.72 15.32
N ILE F 850 16.68 -58.46 14.92
CA ILE F 850 16.18 -57.09 14.76
C ILE F 850 14.68 -57.05 15.01
#